data_6Y41
#
_entry.id   6Y41
#
_cell.length_a   153.940
_cell.length_b   154.860
_cell.length_c   172.340
_cell.angle_alpha   90.000
_cell.angle_beta   90.000
_cell.angle_gamma   90.000
#
_symmetry.space_group_name_H-M   'P 21 2 21'
#
loop_
_entity.id
_entity.type
_entity.pdbx_description
1 polymer 'Angiopoietin-related protein 2'
2 non-polymer 'CALCIUM ION'
3 non-polymer 1,2-ETHANEDIOL
4 non-polymer 2-AMINO-2-HYDROXYMETHYL-PROPANE-1,3-DIOL
5 water water
#
_entity_poly.entity_id   1
_entity_poly.type   'polypeptide(L)'
_entity_poly.pdbx_seq_one_letter_code
;SMDKPSGPWRDCLQALEDGHDTSSIYLVKPENTNRLMQVWCDQRHDPGGWTVIQRRLDGSVNFFRNWETYKQGFGNIDGE
YWLGLENIYWLTNQGNYKLLVTMEDWSGRKVFAEYASFRLEPESEYYKLRLGRYHGNAGDSFTWHNGKQFTTLDRDHDVY
TGNCAHYQKGGWWYNACAHSNLNGVWYRGGHYRSRYQDGVYWAEFRGGSYSLKKVVMMIRPNPNTFH
;
_entity_poly.pdbx_strand_id   A,B,C,D,E,F,G,H,I,J,K,L,M,N,O,P
#
loop_
_chem_comp.id
_chem_comp.type
_chem_comp.name
_chem_comp.formula
CA non-polymer 'CALCIUM ION' 'Ca 2'
EDO non-polymer 1,2-ETHANEDIOL 'C2 H6 O2'
TRS non-polymer 2-AMINO-2-HYDROXYMETHYL-PROPANE-1,3-DIOL 'C4 H12 N O3 1'
#
# COMPACT_ATOMS: atom_id res chain seq x y z
N SER A 6 -14.79 24.50 7.74
CA SER A 6 -13.70 25.18 8.44
C SER A 6 -14.01 25.37 9.93
N GLY A 7 -13.07 24.92 10.75
CA GLY A 7 -13.32 24.67 12.15
C GLY A 7 -13.44 23.18 12.29
N PRO A 8 -12.58 22.53 13.08
CA PRO A 8 -12.43 21.08 12.92
C PRO A 8 -13.74 20.34 13.08
N TRP A 9 -13.84 19.22 12.35
CA TRP A 9 -14.99 18.35 12.34
C TRP A 9 -14.55 16.96 12.79
N ARG A 10 -15.51 16.18 13.31
CA ARG A 10 -15.18 14.81 13.67
C ARG A 10 -14.84 13.96 12.45
N ASP A 11 -15.41 14.33 11.30
CA ASP A 11 -15.14 13.70 10.01
C ASP A 11 -15.84 14.54 8.95
N CYS A 12 -15.74 14.10 7.71
CA CYS A 12 -16.30 14.85 6.58
C CYS A 12 -17.83 14.87 6.60
N LEU A 13 -18.45 13.86 7.21
CA LEU A 13 -19.91 13.86 7.30
C LEU A 13 -20.42 14.98 8.19
N GLN A 14 -19.77 15.20 9.35
CA GLN A 14 -20.18 16.30 10.22
C GLN A 14 -20.05 17.64 9.50
N ALA A 15 -19.01 17.82 8.69
CA ALA A 15 -18.87 19.04 7.92
C ALA A 15 -20.03 19.19 6.94
N LEU A 16 -20.36 18.10 6.23
CA LEU A 16 -21.48 18.13 5.31
C LEU A 16 -22.78 18.48 6.03
N GLU A 17 -22.99 17.91 7.21
CA GLU A 17 -24.25 18.14 7.91
C GLU A 17 -24.42 19.59 8.33
N ASP A 18 -23.34 20.35 8.44
CA ASP A 18 -23.43 21.77 8.75
C ASP A 18 -23.30 22.66 7.51
N GLY A 19 -23.37 22.07 6.31
CA GLY A 19 -23.58 22.84 5.10
C GLY A 19 -22.42 22.90 4.13
N HIS A 20 -21.29 22.29 4.44
CA HIS A 20 -20.11 22.35 3.56
C HIS A 20 -20.14 21.16 2.62
N ASP A 21 -20.80 21.36 1.48
CA ASP A 21 -20.98 20.31 0.48
C ASP A 21 -20.05 20.48 -0.71
N THR A 22 -18.96 21.22 -0.54
CA THR A 22 -17.93 21.36 -1.55
C THR A 22 -16.80 20.38 -1.23
N SER A 23 -16.43 19.56 -2.21
CA SER A 23 -15.28 18.66 -2.05
C SER A 23 -14.01 19.48 -1.96
N SER A 24 -13.26 19.34 -0.88
CA SER A 24 -12.10 20.21 -0.65
C SER A 24 -11.32 19.73 0.58
N ILE A 25 -10.41 20.58 1.04
CA ILE A 25 -9.56 20.27 2.19
C ILE A 25 -10.24 20.78 3.45
N TYR A 26 -10.35 19.90 4.44
CA TYR A 26 -11.00 20.20 5.70
C TYR A 26 -10.13 19.77 6.86
N LEU A 27 -10.37 20.38 8.01
CA LEU A 27 -9.68 20.02 9.23
C LEU A 27 -10.56 19.07 10.02
N VAL A 28 -9.98 17.95 10.45
CA VAL A 28 -10.68 16.89 11.16
C VAL A 28 -9.97 16.61 12.47
N LYS A 29 -10.75 16.46 13.53
CA LYS A 29 -10.24 16.08 14.84
C LYS A 29 -11.17 15.04 15.44
N PRO A 30 -10.77 13.76 15.51
CA PRO A 30 -11.69 12.73 16.00
C PRO A 30 -12.10 12.98 17.44
N GLU A 31 -13.28 12.48 17.79
CA GLU A 31 -13.75 12.54 19.16
C GLU A 31 -12.81 11.77 20.07
N ASN A 32 -12.71 12.24 21.32
CA ASN A 32 -11.90 11.60 22.36
C ASN A 32 -10.40 11.66 22.03
N THR A 33 -10.00 12.64 21.23
CA THR A 33 -8.58 12.80 20.94
C THR A 33 -8.30 14.27 20.68
N ASN A 34 -7.04 14.65 20.78
CA ASN A 34 -6.56 15.95 20.33
C ASN A 34 -5.73 15.82 19.06
N ARG A 35 -6.01 14.79 18.27
CA ARG A 35 -5.28 14.54 17.03
C ARG A 35 -5.96 15.33 15.92
N LEU A 36 -5.27 16.35 15.42
CA LEU A 36 -5.77 17.15 14.32
C LEU A 36 -5.12 16.70 13.03
N MET A 37 -5.87 16.73 11.94
CA MET A 37 -5.39 16.31 10.65
C MET A 37 -6.10 17.11 9.57
N GLN A 38 -5.45 17.26 8.43
CA GLN A 38 -6.12 17.73 7.23
C GLN A 38 -6.55 16.53 6.40
N VAL A 39 -7.72 16.63 5.77
CA VAL A 39 -8.23 15.58 4.89
C VAL A 39 -8.86 16.21 3.66
N TRP A 40 -8.95 15.41 2.60
CA TRP A 40 -9.83 15.73 1.49
C TRP A 40 -11.18 15.09 1.73
N CYS A 41 -12.22 15.90 1.68
CA CYS A 41 -13.60 15.42 1.80
C CYS A 41 -14.21 15.30 0.41
N ASP A 42 -14.67 14.11 0.06
CA ASP A 42 -15.45 13.94 -1.16
C ASP A 42 -16.91 14.12 -0.77
N GLN A 43 -17.45 15.31 -1.02
CA GLN A 43 -18.83 15.61 -0.63
C GLN A 43 -19.82 15.40 -1.77
N ARG A 44 -19.36 14.88 -2.91
CA ARG A 44 -20.20 14.64 -4.07
C ARG A 44 -20.56 13.18 -4.29
N HIS A 45 -19.61 12.26 -4.10
CA HIS A 45 -19.93 10.84 -4.30
C HIS A 45 -21.00 10.42 -3.31
N ASP A 46 -22.03 9.73 -3.81
CA ASP A 46 -23.19 9.36 -3.02
C ASP A 46 -22.77 8.75 -1.69
N PRO A 47 -23.32 9.22 -0.54
CA PRO A 47 -24.26 10.35 -0.38
C PRO A 47 -23.61 11.60 0.17
N GLY A 48 -22.30 11.74 -0.05
CA GLY A 48 -21.53 12.79 0.57
C GLY A 48 -21.02 12.37 1.95
N GLY A 49 -20.10 13.19 2.46
CA GLY A 49 -19.55 12.96 3.78
C GLY A 49 -18.43 11.96 3.83
N TRP A 50 -17.74 11.72 2.71
CA TRP A 50 -16.66 10.77 2.64
C TRP A 50 -15.33 11.41 3.02
N THR A 51 -14.59 10.75 3.91
CA THR A 51 -13.24 11.16 4.28
C THR A 51 -12.24 10.30 3.51
N VAL A 52 -11.46 10.93 2.64
CA VAL A 52 -10.49 10.20 1.82
C VAL A 52 -9.29 9.84 2.68
N ILE A 53 -8.96 8.54 2.75
CA ILE A 53 -7.79 8.08 3.49
C ILE A 53 -6.63 7.67 2.59
N GLN A 54 -6.88 7.49 1.29
CA GLN A 54 -5.86 7.11 0.33
C GLN A 54 -6.35 7.50 -1.05
N ARG A 55 -5.42 7.92 -1.91
CA ARG A 55 -5.79 8.28 -3.28
C ARG A 55 -4.57 8.16 -4.19
N ARG A 56 -4.75 7.48 -5.32
CA ARG A 56 -3.77 7.40 -6.38
C ARG A 56 -4.38 8.06 -7.62
N LEU A 57 -3.55 8.77 -8.39
CA LEU A 57 -4.09 9.41 -9.57
C LEU A 57 -3.10 9.53 -10.72
N ASP A 58 -1.81 9.68 -10.43
CA ASP A 58 -0.90 10.15 -11.47
C ASP A 58 0.56 9.80 -11.25
N GLY A 59 0.86 8.97 -10.26
CA GLY A 59 2.23 8.55 -10.03
C GLY A 59 3.14 9.63 -9.48
N SER A 60 2.60 10.69 -8.90
CA SER A 60 3.43 11.79 -8.41
C SER A 60 4.07 11.51 -7.06
N VAL A 61 3.54 10.59 -6.27
CA VAL A 61 3.97 10.38 -4.89
C VAL A 61 4.53 8.97 -4.74
N ASN A 62 5.60 8.86 -3.96
CA ASN A 62 6.24 7.58 -3.71
C ASN A 62 5.55 6.88 -2.53
N PHE A 63 5.02 5.68 -2.78
CA PHE A 63 4.33 4.91 -1.75
C PHE A 63 5.19 3.78 -1.18
N PHE A 64 6.44 3.66 -1.61
CA PHE A 64 7.37 2.68 -1.06
C PHE A 64 8.05 3.34 0.13
N ARG A 65 7.34 3.38 1.26
CA ARG A 65 7.75 4.17 2.42
C ARG A 65 7.78 3.32 3.68
N ASN A 66 8.48 3.84 4.69
CA ASN A 66 8.71 3.10 5.92
C ASN A 66 7.56 3.29 6.91
N TRP A 67 7.69 2.62 8.07
CA TRP A 67 6.59 2.56 9.03
C TRP A 67 6.21 3.94 9.55
N GLU A 68 7.21 4.72 9.99
CA GLU A 68 6.89 6.01 10.58
C GLU A 68 6.16 6.89 9.57
N THR A 69 6.51 6.77 8.29
CA THR A 69 5.85 7.57 7.25
C THR A 69 4.42 7.10 7.01
N TYR A 70 4.20 5.78 6.99
CA TYR A 70 2.84 5.26 6.90
C TYR A 70 2.05 5.52 8.17
N LYS A 71 2.73 5.61 9.31
CA LYS A 71 2.01 5.94 10.54
C LYS A 71 1.46 7.36 10.51
N GLN A 72 2.29 8.32 10.10
CA GLN A 72 1.94 9.73 10.21
C GLN A 72 1.15 10.25 9.01
N GLY A 73 1.42 9.70 7.83
CA GLY A 73 0.79 10.15 6.60
C GLY A 73 1.78 10.84 5.68
N PHE A 74 1.47 10.80 4.39
CA PHE A 74 2.37 11.39 3.41
C PHE A 74 1.62 11.74 2.13
N GLY A 75 2.24 12.57 1.32
CA GLY A 75 1.74 12.92 0.01
C GLY A 75 1.20 14.34 -0.04
N ASN A 76 0.32 14.58 -1.02
CA ASN A 76 -0.31 15.87 -1.23
C ASN A 76 -1.82 15.76 -1.01
N ILE A 77 -2.34 16.60 -0.12
CA ILE A 77 -3.75 16.48 0.27
C ILE A 77 -4.68 16.83 -0.88
N ASP A 78 -4.23 17.65 -1.82
CA ASP A 78 -4.99 17.93 -3.03
C ASP A 78 -4.56 17.05 -4.20
N GLY A 79 -3.85 15.96 -3.93
CA GLY A 79 -3.45 15.01 -4.96
C GLY A 79 -3.39 13.59 -4.43
N GLU A 80 -2.27 12.91 -4.63
CA GLU A 80 -2.09 11.55 -4.12
C GLU A 80 -1.64 11.61 -2.66
N TYR A 81 -2.23 10.78 -1.82
CA TYR A 81 -1.78 10.78 -0.43
C TYR A 81 -2.25 9.55 0.31
N TRP A 82 -1.62 9.37 1.47
CA TRP A 82 -1.95 8.36 2.46
C TRP A 82 -2.16 9.11 3.77
N LEU A 83 -3.34 8.98 4.35
CA LEU A 83 -3.70 9.82 5.47
C LEU A 83 -2.91 9.51 6.74
N GLY A 84 -2.40 8.30 6.87
CA GLY A 84 -1.69 7.92 8.08
C GLY A 84 -2.44 6.93 8.94
N LEU A 85 -1.74 5.86 9.34
CA LEU A 85 -2.35 4.80 10.13
C LEU A 85 -2.92 5.34 11.44
N GLU A 86 -2.18 6.21 12.11
CA GLU A 86 -2.65 6.71 13.40
C GLU A 86 -3.91 7.57 13.23
N ASN A 87 -3.93 8.44 12.22
CA ASN A 87 -5.13 9.21 11.92
C ASN A 87 -6.31 8.30 11.60
N ILE A 88 -6.08 7.26 10.80
CA ILE A 88 -7.15 6.37 10.40
C ILE A 88 -7.66 5.60 11.61
N TYR A 89 -6.75 5.18 12.50
CA TYR A 89 -7.16 4.49 13.72
C TYR A 89 -8.18 5.32 14.50
N TRP A 90 -7.82 6.57 14.81
CA TRP A 90 -8.71 7.39 15.63
C TRP A 90 -10.04 7.65 14.94
N LEU A 91 -10.01 7.87 13.62
CA LEU A 91 -11.25 8.04 12.88
C LEU A 91 -12.14 6.81 12.98
N THR A 92 -11.58 5.62 12.71
CA THR A 92 -12.42 4.44 12.60
C THR A 92 -12.86 3.89 13.95
N ASN A 93 -12.30 4.39 15.05
CA ASN A 93 -12.67 3.90 16.36
C ASN A 93 -13.63 4.83 17.10
N GLN A 94 -14.10 5.90 16.46
CA GLN A 94 -15.10 6.76 17.08
C GLN A 94 -16.53 6.40 16.69
N GLY A 95 -16.69 5.45 15.79
CA GLY A 95 -18.01 4.98 15.39
C GLY A 95 -17.81 3.87 14.40
N ASN A 96 -18.92 3.31 13.91
CA ASN A 96 -18.81 2.30 12.86
C ASN A 96 -18.70 3.00 11.51
N TYR A 97 -17.60 2.77 10.81
CA TYR A 97 -17.34 3.37 9.51
C TYR A 97 -17.35 2.30 8.43
N LYS A 98 -17.95 2.65 7.30
CA LYS A 98 -17.82 1.85 6.09
C LYS A 98 -16.66 2.36 5.24
N LEU A 99 -16.10 1.45 4.45
CA LEU A 99 -15.01 1.76 3.52
C LEU A 99 -15.49 1.57 2.09
N LEU A 100 -15.30 2.60 1.27
CA LEU A 100 -15.59 2.56 -0.15
C LEU A 100 -14.29 2.69 -0.91
N VAL A 101 -14.00 1.73 -1.79
CA VAL A 101 -12.85 1.79 -2.69
C VAL A 101 -13.37 2.01 -4.10
N THR A 102 -13.03 3.14 -4.70
CA THR A 102 -13.37 3.42 -6.09
C THR A 102 -12.11 3.25 -6.94
N MET A 103 -12.29 2.73 -8.16
CA MET A 103 -11.18 2.39 -9.03
C MET A 103 -11.55 2.69 -10.48
N GLU A 104 -10.57 3.15 -11.24
CA GLU A 104 -10.73 3.46 -12.66
C GLU A 104 -9.55 2.89 -13.43
N ASP A 105 -9.84 2.13 -14.49
CA ASP A 105 -8.76 1.62 -15.33
C ASP A 105 -8.43 2.65 -16.42
N TRP A 106 -7.50 2.28 -17.29
CA TRP A 106 -6.96 3.19 -18.28
C TRP A 106 -7.87 3.33 -19.50
N SER A 107 -8.98 2.61 -19.52
CA SER A 107 -9.98 2.72 -20.58
C SER A 107 -11.20 3.49 -20.13
N GLY A 108 -11.19 4.04 -18.91
CA GLY A 108 -12.32 4.78 -18.40
C GLY A 108 -13.33 3.98 -17.61
N ARG A 109 -13.13 2.67 -17.46
CA ARG A 109 -14.06 1.86 -16.68
C ARG A 109 -13.89 2.16 -15.20
N LYS A 110 -15.00 2.38 -14.50
CA LYS A 110 -14.99 2.67 -13.08
C LYS A 110 -15.80 1.61 -12.33
N VAL A 111 -15.21 1.05 -11.27
CA VAL A 111 -15.85 0.04 -10.45
C VAL A 111 -15.61 0.40 -8.99
N PHE A 112 -16.28 -0.34 -8.10
CA PHE A 112 -16.17 -0.05 -6.68
C PHE A 112 -16.31 -1.33 -5.86
N ALA A 113 -15.74 -1.28 -4.67
CA ALA A 113 -15.89 -2.30 -3.65
C ALA A 113 -16.20 -1.57 -2.35
N GLU A 114 -17.27 -1.98 -1.66
CA GLU A 114 -17.63 -1.36 -0.39
C GLU A 114 -17.72 -2.39 0.72
N TYR A 115 -17.25 -1.98 1.91
CA TYR A 115 -17.19 -2.83 3.09
C TYR A 115 -17.97 -2.14 4.20
N ALA A 116 -18.98 -2.83 4.72
CA ALA A 116 -19.96 -2.19 5.61
C ALA A 116 -19.34 -1.79 6.95
N SER A 117 -18.18 -2.33 7.29
CA SER A 117 -17.45 -1.91 8.49
C SER A 117 -15.96 -1.96 8.18
N PHE A 118 -15.22 -1.02 8.75
CA PHE A 118 -13.80 -0.88 8.51
C PHE A 118 -13.20 -0.24 9.75
N ARG A 119 -12.34 -0.96 10.44
CA ARG A 119 -11.73 -0.45 11.66
C ARG A 119 -10.30 -0.96 11.72
N LEU A 120 -9.43 -0.15 12.27
CA LEU A 120 -8.06 -0.57 12.54
C LEU A 120 -7.86 -0.72 14.04
N GLU A 121 -7.15 -1.77 14.43
CA GLU A 121 -6.68 -1.91 15.80
C GLU A 121 -5.53 -0.93 16.04
N PRO A 122 -5.09 -0.76 17.28
CA PRO A 122 -4.08 0.26 17.58
C PRO A 122 -2.69 -0.14 17.11
N GLU A 123 -1.76 0.80 17.22
CA GLU A 123 -0.38 0.53 16.82
C GLU A 123 0.21 -0.60 17.64
N SER A 124 -0.19 -0.72 18.91
CA SER A 124 0.24 -1.83 19.75
C SER A 124 -0.14 -3.17 19.14
N GLU A 125 -1.16 -3.20 18.29
CA GLU A 125 -1.61 -4.40 17.59
C GLU A 125 -1.26 -4.33 16.10
N TYR A 126 -0.29 -3.48 15.75
CA TYR A 126 0.22 -3.33 14.39
C TYR A 126 -0.88 -2.95 13.40
N TYR A 127 -1.87 -2.20 13.88
CA TYR A 127 -2.92 -1.61 13.05
C TYR A 127 -3.68 -2.69 12.27
N LYS A 128 -3.93 -3.81 12.93
CA LYS A 128 -4.62 -4.92 12.29
C LYS A 128 -5.94 -4.48 11.66
N LEU A 129 -6.23 -5.04 10.49
CA LEU A 129 -7.40 -4.65 9.71
C LEU A 129 -8.61 -5.47 10.15
N ARG A 130 -9.74 -4.79 10.36
CA ARG A 130 -11.03 -5.42 10.65
C ARG A 130 -12.04 -4.96 9.61
N LEU A 131 -12.50 -5.89 8.78
CA LEU A 131 -13.35 -5.57 7.66
C LEU A 131 -14.68 -6.30 7.76
N GLY A 132 -15.76 -5.59 7.44
CA GLY A 132 -17.08 -6.15 7.38
C GLY A 132 -17.42 -6.59 5.97
N ARG A 133 -18.73 -6.79 5.75
CA ARG A 133 -19.17 -7.50 4.55
C ARG A 133 -19.10 -6.62 3.31
N TYR A 134 -18.89 -7.28 2.18
CA TYR A 134 -18.59 -6.67 0.90
C TYR A 134 -19.82 -6.63 0.01
N HIS A 135 -19.96 -5.55 -0.75
CA HIS A 135 -20.77 -5.51 -1.95
C HIS A 135 -20.06 -4.58 -2.92
N GLY A 136 -20.30 -4.79 -4.21
CA GLY A 136 -19.65 -3.99 -5.23
C GLY A 136 -19.69 -4.69 -6.57
N ASN A 137 -19.08 -4.04 -7.56
CA ASN A 137 -18.91 -4.62 -8.88
C ASN A 137 -17.46 -4.76 -9.29
N ALA A 138 -16.51 -4.42 -8.42
CA ALA A 138 -15.10 -4.64 -8.71
C ALA A 138 -14.63 -6.05 -8.38
N GLY A 139 -15.45 -6.84 -7.68
CA GLY A 139 -14.95 -8.05 -7.05
C GLY A 139 -14.29 -7.76 -5.72
N ASP A 140 -14.29 -8.75 -4.85
CA ASP A 140 -13.77 -8.58 -3.50
C ASP A 140 -12.32 -9.07 -3.43
N SER A 141 -11.39 -8.14 -3.56
CA SER A 141 -9.97 -8.46 -3.45
C SER A 141 -9.33 -7.95 -2.15
N PHE A 142 -10.16 -7.57 -1.17
CA PHE A 142 -9.66 -7.07 0.10
C PHE A 142 -9.88 -8.02 1.26
N THR A 143 -10.92 -8.85 1.21
CA THR A 143 -11.26 -9.68 2.35
C THR A 143 -10.17 -10.71 2.66
N TRP A 144 -9.40 -11.12 1.65
CA TRP A 144 -8.25 -11.99 1.92
C TRP A 144 -7.30 -11.35 2.92
N HIS A 145 -7.33 -10.03 3.02
CA HIS A 145 -6.44 -9.28 3.90
C HIS A 145 -7.06 -9.01 5.26
N ASN A 146 -8.32 -9.38 5.44
CA ASN A 146 -9.00 -9.18 6.71
C ASN A 146 -8.26 -9.89 7.84
N GLY A 147 -8.08 -9.18 8.95
CA GLY A 147 -7.41 -9.71 10.11
C GLY A 147 -5.90 -9.67 10.07
N LYS A 148 -5.31 -9.14 9.01
CA LYS A 148 -3.86 -9.07 8.88
C LYS A 148 -3.33 -7.76 9.44
N GLN A 149 -2.10 -7.82 9.97
CA GLN A 149 -1.42 -6.64 10.47
C GLN A 149 -0.83 -5.85 9.30
N PHE A 150 -0.43 -4.62 9.59
CA PHE A 150 0.17 -3.76 8.59
C PHE A 150 1.66 -4.04 8.48
N THR A 151 2.18 -4.00 7.26
CA THR A 151 3.57 -4.34 6.98
C THR A 151 4.19 -3.27 6.10
N THR A 152 5.42 -2.89 6.40
CA THR A 152 6.21 -1.99 5.58
C THR A 152 7.59 -2.58 5.32
N LEU A 153 8.36 -1.88 4.48
CA LEU A 153 9.69 -2.36 4.12
C LEU A 153 10.58 -2.55 5.34
N ASP A 154 10.36 -1.80 6.41
CA ASP A 154 11.18 -1.92 7.60
C ASP A 154 10.47 -2.63 8.76
N ARG A 155 9.20 -3.02 8.59
CA ARG A 155 8.48 -3.73 9.65
C ARG A 155 7.64 -4.85 9.04
N ASP A 156 8.15 -6.08 9.15
CA ASP A 156 7.47 -7.27 8.64
C ASP A 156 6.48 -7.78 9.69
N HIS A 157 5.18 -7.72 9.35
CA HIS A 157 4.14 -8.28 10.21
C HIS A 157 3.17 -9.18 9.44
N ASP A 158 3.60 -9.73 8.31
CA ASP A 158 2.74 -10.53 7.44
C ASP A 158 3.00 -12.01 7.71
N VAL A 159 2.22 -12.88 7.07
CA VAL A 159 2.35 -14.31 7.27
C VAL A 159 3.15 -14.98 6.14
N TYR A 160 3.91 -14.20 5.39
CA TYR A 160 4.89 -14.69 4.43
C TYR A 160 6.23 -14.82 5.13
N THR A 161 7.03 -15.83 4.74
CA THR A 161 8.30 -16.02 5.44
C THR A 161 9.30 -14.93 5.09
N GLY A 162 9.09 -14.21 3.99
CA GLY A 162 9.81 -13.00 3.71
C GLY A 162 9.03 -11.78 4.14
N ASN A 163 9.42 -10.62 3.63
CA ASN A 163 8.70 -9.38 3.85
C ASN A 163 8.01 -8.98 2.55
N CYS A 164 6.67 -9.06 2.54
CA CYS A 164 5.91 -8.79 1.32
C CYS A 164 6.16 -7.38 0.79
N ALA A 165 6.43 -6.42 1.65
CA ALA A 165 6.64 -5.05 1.19
C ALA A 165 7.86 -4.95 0.29
N HIS A 166 8.85 -5.84 0.47
CA HIS A 166 10.02 -5.80 -0.41
C HIS A 166 9.68 -6.19 -1.83
N TYR A 167 8.58 -6.91 -2.03
CA TYR A 167 8.20 -7.42 -3.34
C TYR A 167 7.05 -6.65 -3.95
N GLN A 168 6.04 -6.30 -3.16
CA GLN A 168 4.88 -5.56 -3.64
C GLN A 168 5.03 -4.06 -3.48
N LYS A 169 6.04 -3.60 -2.73
CA LYS A 169 6.57 -2.24 -2.73
C LYS A 169 5.63 -1.20 -2.10
N GLY A 170 4.62 -1.63 -1.34
CA GLY A 170 3.77 -0.72 -0.61
C GLY A 170 3.85 -0.94 0.89
N GLY A 171 3.04 -0.17 1.60
CA GLY A 171 2.65 -0.49 2.96
C GLY A 171 1.21 -0.96 2.92
N TRP A 172 0.96 -2.10 3.55
CA TRP A 172 -0.33 -2.77 3.37
C TRP A 172 -0.51 -3.85 4.42
N TRP A 173 -1.76 -4.26 4.57
CA TRP A 173 -2.12 -5.42 5.40
C TRP A 173 -1.86 -6.71 4.61
N TYR A 174 -0.59 -6.87 4.22
CA TYR A 174 -0.21 -8.00 3.36
C TYR A 174 -0.50 -9.32 4.05
N ASN A 175 -0.90 -10.31 3.25
CA ASN A 175 -1.07 -11.69 3.68
C ASN A 175 0.15 -12.47 3.19
N ALA A 176 0.09 -13.07 2.00
CA ALA A 176 1.25 -13.72 1.41
C ALA A 176 1.10 -13.86 -0.11
N CYS A 177 1.04 -12.74 -0.83
CA CYS A 177 1.25 -11.40 -0.30
C CYS A 177 0.01 -10.54 -0.50
N ALA A 178 -0.48 -10.40 -1.73
CA ALA A 178 -1.58 -9.47 -1.95
C ALA A 178 -2.51 -9.91 -3.07
N HIS A 179 -3.80 -9.78 -2.79
CA HIS A 179 -4.85 -9.78 -3.80
C HIS A 179 -5.25 -8.37 -4.22
N SER A 180 -4.98 -7.38 -3.37
CA SER A 180 -5.06 -5.96 -3.72
C SER A 180 -3.79 -5.30 -3.22
N ASN A 181 -3.28 -4.34 -3.98
CA ASN A 181 -2.00 -3.69 -3.69
C ASN A 181 -2.10 -2.20 -4.04
N LEU A 182 -3.04 -1.53 -3.39
CA LEU A 182 -3.39 -0.17 -3.80
C LEU A 182 -2.33 0.85 -3.42
N ASN A 183 -1.42 0.51 -2.51
CA ASN A 183 -0.29 1.35 -2.19
C ASN A 183 0.98 0.95 -2.96
N GLY A 184 0.82 0.20 -4.06
CA GLY A 184 1.94 -0.24 -4.86
C GLY A 184 2.41 0.81 -5.86
N VAL A 185 3.08 0.32 -6.91
CA VAL A 185 3.73 1.16 -7.91
C VAL A 185 2.73 1.51 -9.00
N TRP A 186 2.57 2.80 -9.27
CA TRP A 186 1.67 3.29 -10.31
C TRP A 186 2.36 3.18 -11.66
N TYR A 187 1.82 2.36 -12.54
CA TYR A 187 2.39 2.14 -13.87
C TYR A 187 1.53 2.83 -14.92
N ARG A 188 2.13 3.76 -15.65
CA ARG A 188 1.43 4.46 -16.73
C ARG A 188 0.89 3.47 -17.75
N GLY A 189 -0.38 3.65 -18.12
CA GLY A 189 -0.99 2.85 -19.16
C GLY A 189 -1.60 1.55 -18.69
N GLY A 190 -1.41 1.18 -17.42
CA GLY A 190 -2.05 0.00 -16.88
C GLY A 190 -1.24 -1.27 -17.00
N HIS A 191 -1.14 -1.80 -18.21
CA HIS A 191 -0.40 -3.04 -18.41
C HIS A 191 1.06 -2.84 -18.05
N TYR A 192 1.62 -3.80 -17.30
CA TYR A 192 3.02 -3.74 -16.94
C TYR A 192 3.53 -5.16 -16.74
N ARG A 193 4.85 -5.28 -16.75
CA ARG A 193 5.50 -6.54 -16.39
C ARG A 193 6.73 -6.23 -15.57
N SER A 194 6.84 -6.90 -14.42
CA SER A 194 7.92 -6.71 -13.47
C SER A 194 8.29 -8.08 -12.94
N ARG A 195 9.44 -8.17 -12.27
CA ARG A 195 9.81 -9.45 -11.66
C ARG A 195 8.72 -9.91 -10.70
N TYR A 196 8.11 -8.98 -9.98
CA TYR A 196 7.03 -9.26 -9.06
C TYR A 196 5.88 -8.32 -9.37
N GLN A 197 4.66 -8.78 -9.12
CA GLN A 197 3.48 -7.95 -9.32
C GLN A 197 3.43 -6.93 -8.20
N ASP A 198 3.93 -5.72 -8.48
CA ASP A 198 4.02 -4.66 -7.49
C ASP A 198 3.22 -3.43 -7.89
N GLY A 199 2.34 -3.56 -8.89
CA GLY A 199 1.53 -2.45 -9.36
C GLY A 199 0.36 -2.13 -8.45
N VAL A 200 -0.38 -1.10 -8.84
CA VAL A 200 -1.58 -0.67 -8.11
C VAL A 200 -2.74 -1.52 -8.59
N TYR A 201 -2.85 -2.75 -8.10
CA TYR A 201 -3.78 -3.70 -8.68
C TYR A 201 -4.86 -4.15 -7.69
N TRP A 202 -5.96 -4.60 -8.28
CA TRP A 202 -7.12 -5.15 -7.58
C TRP A 202 -7.45 -6.41 -8.38
N ALA A 203 -7.07 -7.56 -7.84
CA ALA A 203 -6.91 -8.75 -8.68
C ALA A 203 -8.22 -9.13 -9.37
N GLU A 204 -9.36 -8.98 -8.69
CA GLU A 204 -10.63 -9.41 -9.26
C GLU A 204 -11.11 -8.53 -10.41
N PHE A 205 -10.57 -7.32 -10.55
CA PHE A 205 -11.03 -6.37 -11.58
C PHE A 205 -10.22 -6.60 -12.86
N ARG A 206 -8.92 -6.32 -12.83
CA ARG A 206 -8.10 -6.51 -14.03
C ARG A 206 -6.91 -7.44 -13.81
N GLY A 207 -6.79 -8.09 -12.64
CA GLY A 207 -5.69 -8.99 -12.39
C GLY A 207 -4.47 -8.31 -11.79
N GLY A 208 -3.45 -9.13 -11.51
CA GLY A 208 -2.29 -8.63 -10.81
C GLY A 208 -1.30 -7.88 -11.65
N SER A 209 -1.38 -8.00 -12.99
CA SER A 209 -0.44 -7.36 -13.90
C SER A 209 -1.06 -6.14 -14.57
N TYR A 210 -2.03 -5.51 -13.93
CA TYR A 210 -2.66 -4.30 -14.44
C TYR A 210 -2.73 -3.27 -13.33
N SER A 211 -2.14 -2.11 -13.58
CA SER A 211 -2.07 -1.02 -12.60
C SER A 211 -3.21 -0.04 -12.86
N LEU A 212 -4.01 0.22 -11.84
CA LEU A 212 -5.17 1.09 -11.98
C LEU A 212 -4.76 2.56 -12.06
N LYS A 213 -5.47 3.32 -12.89
CA LYS A 213 -5.13 4.71 -13.13
C LYS A 213 -5.49 5.59 -11.94
N LYS A 214 -6.71 5.45 -11.43
CA LYS A 214 -7.17 6.23 -10.30
C LYS A 214 -7.79 5.32 -9.27
N VAL A 215 -7.44 5.56 -8.00
CA VAL A 215 -7.96 4.78 -6.88
C VAL A 215 -8.24 5.74 -5.75
N VAL A 216 -9.37 5.54 -5.06
CA VAL A 216 -9.66 6.26 -3.84
C VAL A 216 -10.15 5.28 -2.78
N MET A 217 -9.57 5.36 -1.59
CA MET A 217 -10.11 4.69 -0.42
C MET A 217 -10.72 5.78 0.47
N MET A 218 -12.01 5.65 0.75
CA MET A 218 -12.74 6.66 1.51
C MET A 218 -13.61 6.00 2.55
N ILE A 219 -13.86 6.71 3.66
CA ILE A 219 -14.65 6.18 4.76
C ILE A 219 -15.73 7.16 5.16
N ARG A 220 -16.79 6.61 5.74
CA ARG A 220 -17.95 7.39 6.15
C ARG A 220 -18.67 6.64 7.25
N PRO A 221 -19.26 7.35 8.23
CA PRO A 221 -20.08 6.67 9.23
C PRO A 221 -21.13 5.79 8.56
N ASN A 222 -21.36 4.63 9.15
CA ASN A 222 -22.38 3.70 8.70
C ASN A 222 -23.17 3.27 9.93
N PRO A 223 -23.91 4.18 10.55
CA PRO A 223 -24.63 3.83 11.77
C PRO A 223 -25.86 3.00 11.47
N ASN A 224 -26.07 1.97 12.30
CA ASN A 224 -27.24 1.11 12.15
C ASN A 224 -27.74 0.64 13.51
N SER B 6 -50.08 -40.92 24.69
CA SER B 6 -50.15 -39.53 25.15
C SER B 6 -50.68 -38.64 24.03
N GLY B 7 -51.70 -37.83 24.33
CA GLY B 7 -52.37 -36.98 23.36
C GLY B 7 -51.33 -36.29 22.53
N PRO B 8 -51.56 -36.19 21.21
CA PRO B 8 -50.43 -35.88 20.32
C PRO B 8 -49.73 -34.60 20.74
N TRP B 9 -48.44 -34.56 20.48
CA TRP B 9 -47.56 -33.47 20.85
C TRP B 9 -47.15 -32.71 19.60
N ARG B 10 -46.90 -31.41 19.78
CA ARG B 10 -46.37 -30.62 18.67
C ARG B 10 -44.96 -31.05 18.30
N ASP B 11 -44.25 -31.63 19.27
CA ASP B 11 -42.91 -32.16 19.08
C ASP B 11 -42.49 -32.82 20.40
N CYS B 12 -41.32 -33.44 20.42
CA CYS B 12 -40.90 -34.20 21.59
C CYS B 12 -40.58 -33.32 22.77
N LEU B 13 -40.23 -32.05 22.55
CA LEU B 13 -39.98 -31.18 23.69
C LEU B 13 -41.26 -30.88 24.44
N GLN B 14 -42.37 -30.67 23.72
CA GLN B 14 -43.63 -30.47 24.41
C GLN B 14 -43.96 -31.69 25.27
N ALA B 15 -43.64 -32.89 24.78
CA ALA B 15 -43.89 -34.08 25.59
C ALA B 15 -43.00 -34.08 26.82
N LEU B 16 -41.71 -33.77 26.64
CA LEU B 16 -40.82 -33.68 27.79
C LEU B 16 -41.34 -32.69 28.82
N GLU B 17 -41.77 -31.51 28.37
CA GLU B 17 -42.26 -30.48 29.28
C GLU B 17 -43.42 -30.99 30.14
N ASP B 18 -44.17 -31.95 29.63
CA ASP B 18 -45.30 -32.50 30.36
C ASP B 18 -44.92 -33.71 31.19
N GLY B 19 -43.64 -34.05 31.28
CA GLY B 19 -43.17 -35.09 32.17
C GLY B 19 -42.79 -36.40 31.53
N HIS B 20 -42.78 -36.49 30.19
CA HIS B 20 -42.47 -37.74 29.51
C HIS B 20 -40.97 -37.76 29.25
N ASP B 21 -40.25 -38.37 30.20
CA ASP B 21 -38.79 -38.41 30.21
C ASP B 21 -38.22 -39.67 29.60
N THR B 22 -39.05 -40.61 29.17
CA THR B 22 -38.58 -41.87 28.64
C THR B 22 -38.46 -41.77 27.12
N SER B 23 -37.28 -42.09 26.61
CA SER B 23 -37.10 -42.18 25.16
C SER B 23 -37.92 -43.35 24.65
N SER B 24 -38.77 -43.08 23.66
CA SER B 24 -39.72 -44.08 23.20
C SER B 24 -40.39 -43.53 21.95
N ILE B 25 -41.46 -44.20 21.53
CA ILE B 25 -42.25 -43.78 20.38
C ILE B 25 -43.38 -42.89 20.87
N TYR B 26 -43.55 -41.74 20.23
CA TYR B 26 -44.56 -40.77 20.63
C TYR B 26 -45.38 -40.35 19.42
N LEU B 27 -46.61 -39.91 19.70
CA LEU B 27 -47.51 -39.40 18.67
C LEU B 27 -47.34 -37.90 18.56
N VAL B 28 -47.05 -37.42 17.35
CA VAL B 28 -46.78 -36.01 17.10
C VAL B 28 -47.76 -35.50 16.06
N LYS B 29 -48.29 -34.31 16.27
CA LYS B 29 -49.09 -33.67 15.25
C LYS B 29 -48.75 -32.17 15.21
N PRO B 30 -48.09 -31.71 14.15
CA PRO B 30 -47.69 -30.30 14.12
C PRO B 30 -48.87 -29.35 14.12
N GLU B 31 -48.66 -28.20 14.74
CA GLU B 31 -49.60 -27.09 14.58
C GLU B 31 -49.69 -26.73 13.11
N ASN B 32 -50.92 -26.53 12.63
CA ASN B 32 -51.17 -25.98 11.31
C ASN B 32 -51.36 -27.05 10.25
N THR B 33 -51.65 -28.28 10.66
CA THR B 33 -51.88 -29.36 9.71
C THR B 33 -52.68 -30.45 10.41
N ASN B 34 -53.25 -31.34 9.60
CA ASN B 34 -53.91 -32.53 10.11
C ASN B 34 -53.05 -33.77 9.95
N ARG B 35 -51.74 -33.59 9.89
CA ARG B 35 -50.80 -34.69 9.73
C ARG B 35 -50.47 -35.28 11.10
N LEU B 36 -50.71 -36.57 11.28
CA LEU B 36 -50.33 -37.30 12.46
C LEU B 36 -49.16 -38.21 12.13
N MET B 37 -48.20 -38.33 13.05
CA MET B 37 -47.05 -39.17 12.80
C MET B 37 -46.59 -39.81 14.10
N GLN B 38 -45.94 -40.96 13.97
CA GLN B 38 -45.12 -41.55 15.03
C GLN B 38 -43.70 -41.00 14.91
N VAL B 39 -43.08 -40.70 16.04
CA VAL B 39 -41.67 -40.32 16.08
C VAL B 39 -40.99 -41.00 17.24
N TRP B 40 -39.68 -41.17 17.14
CA TRP B 40 -38.87 -41.50 18.30
C TRP B 40 -38.44 -40.21 18.98
N CYS B 41 -38.67 -40.11 20.29
CA CYS B 41 -38.22 -38.99 21.09
C CYS B 41 -37.01 -39.42 21.89
N ASP B 42 -35.90 -38.71 21.72
CA ASP B 42 -34.71 -38.90 22.56
C ASP B 42 -34.84 -37.91 23.72
N GLN B 43 -35.33 -38.40 24.85
CA GLN B 43 -35.54 -37.57 26.02
C GLN B 43 -34.36 -37.61 26.99
N ARG B 44 -33.30 -38.35 26.68
CA ARG B 44 -32.17 -38.52 27.59
C ARG B 44 -30.92 -37.75 27.19
N HIS B 45 -30.64 -37.62 25.88
CA HIS B 45 -29.50 -36.85 25.40
C HIS B 45 -29.72 -35.36 25.71
N ASP B 46 -28.94 -34.82 26.63
CA ASP B 46 -29.01 -33.42 27.02
C ASP B 46 -29.11 -32.54 25.77
N PRO B 47 -30.06 -31.59 25.73
CA PRO B 47 -30.99 -31.27 26.80
C PRO B 47 -32.34 -32.01 26.77
N GLY B 48 -32.44 -33.09 26.01
CA GLY B 48 -33.67 -33.83 25.92
C GLY B 48 -34.69 -33.14 25.04
N GLY B 49 -35.79 -33.85 24.79
CA GLY B 49 -36.83 -33.32 23.93
C GLY B 49 -36.45 -33.27 22.48
N TRP B 50 -35.62 -34.20 22.03
CA TRP B 50 -35.21 -34.27 20.64
C TRP B 50 -36.21 -35.12 19.84
N THR B 51 -36.62 -34.60 18.69
CA THR B 51 -37.45 -35.35 17.75
C THR B 51 -36.54 -35.92 16.66
N VAL B 52 -36.42 -37.25 16.63
CA VAL B 52 -35.54 -37.92 15.67
C VAL B 52 -36.23 -37.91 14.30
N ILE B 53 -35.56 -37.33 13.30
CA ILE B 53 -36.08 -37.35 11.94
C ILE B 53 -35.39 -38.38 11.05
N GLN B 54 -34.26 -38.92 11.46
CA GLN B 54 -33.49 -39.86 10.67
C GLN B 54 -32.57 -40.60 11.62
N ARG B 55 -32.37 -41.90 11.38
CA ARG B 55 -31.48 -42.69 12.22
C ARG B 55 -30.94 -43.87 11.43
N ARG B 56 -29.62 -44.08 11.52
CA ARG B 56 -28.96 -45.24 10.95
C ARG B 56 -28.26 -45.98 12.08
N LEU B 57 -28.29 -47.31 12.02
CA LEU B 57 -27.68 -48.06 13.11
C LEU B 57 -27.12 -49.42 12.73
N ASP B 58 -27.73 -50.09 11.76
CA ASP B 58 -27.41 -51.52 11.59
C ASP B 58 -27.65 -52.07 10.20
N GLY B 59 -27.98 -51.21 9.23
CA GLY B 59 -28.14 -51.69 7.87
C GLY B 59 -29.39 -52.50 7.62
N SER B 60 -30.38 -52.41 8.50
CA SER B 60 -31.59 -53.20 8.39
C SER B 60 -32.60 -52.62 7.42
N VAL B 61 -32.47 -51.34 7.04
CA VAL B 61 -33.48 -50.65 6.24
C VAL B 61 -32.83 -50.11 4.97
N ASN B 62 -33.54 -50.23 3.85
CA ASN B 62 -33.07 -49.77 2.55
C ASN B 62 -33.41 -48.29 2.39
N PHE B 63 -32.39 -47.47 2.19
CA PHE B 63 -32.55 -46.03 2.02
C PHE B 63 -32.43 -45.58 0.56
N PHE B 64 -32.28 -46.51 -0.38
CA PHE B 64 -32.26 -46.16 -1.81
C PHE B 64 -33.70 -46.21 -2.31
N ARG B 65 -34.45 -45.14 -2.02
CA ARG B 65 -35.89 -45.14 -2.20
C ARG B 65 -36.33 -43.95 -3.05
N ASN B 66 -37.55 -44.04 -3.57
CA ASN B 66 -38.04 -43.04 -4.50
C ASN B 66 -38.69 -41.87 -3.77
N TRP B 67 -39.16 -40.90 -4.55
CA TRP B 67 -39.64 -39.64 -4.01
C TRP B 67 -40.83 -39.84 -3.08
N GLU B 68 -41.81 -40.62 -3.51
CA GLU B 68 -43.00 -40.81 -2.68
C GLU B 68 -42.64 -41.47 -1.35
N THR B 69 -41.69 -42.41 -1.38
CA THR B 69 -41.28 -43.06 -0.13
C THR B 69 -40.55 -42.07 0.78
N TYR B 70 -39.65 -41.26 0.22
CA TYR B 70 -39.01 -40.22 1.03
C TYR B 70 -39.99 -39.14 1.48
N LYS B 71 -41.03 -38.88 0.70
CA LYS B 71 -42.02 -37.89 1.12
C LYS B 71 -42.77 -38.35 2.35
N GLN B 72 -43.17 -39.62 2.37
CA GLN B 72 -44.07 -40.13 3.41
C GLN B 72 -43.32 -40.61 4.65
N GLY B 73 -42.13 -41.17 4.49
CA GLY B 73 -41.38 -41.78 5.56
C GLY B 73 -41.32 -43.29 5.40
N PHE B 74 -40.27 -43.87 5.97
CA PHE B 74 -40.08 -45.32 5.88
C PHE B 74 -39.13 -45.80 6.98
N GLY B 75 -39.10 -47.12 7.14
CA GLY B 75 -38.24 -47.75 8.13
C GLY B 75 -39.00 -48.21 9.36
N ASN B 76 -38.24 -48.39 10.43
CA ASN B 76 -38.76 -48.84 11.72
C ASN B 76 -38.55 -47.74 12.74
N ILE B 77 -39.64 -47.31 13.39
CA ILE B 77 -39.55 -46.15 14.28
C ILE B 77 -38.71 -46.45 15.51
N ASP B 78 -38.64 -47.72 15.91
CA ASP B 78 -37.75 -48.15 16.99
C ASP B 78 -36.41 -48.65 16.47
N GLY B 79 -36.09 -48.38 15.21
CA GLY B 79 -34.80 -48.73 14.65
C GLY B 79 -34.32 -47.69 13.66
N GLU B 80 -33.95 -48.12 12.46
CA GLU B 80 -33.55 -47.19 11.41
C GLU B 80 -34.78 -46.65 10.70
N TYR B 81 -34.82 -45.35 10.47
CA TYR B 81 -35.96 -44.80 9.75
C TYR B 81 -35.66 -43.41 9.20
N TRP B 82 -36.51 -43.00 8.28
CA TRP B 82 -36.57 -41.65 7.73
C TRP B 82 -37.98 -41.14 7.98
N LEU B 83 -38.09 -39.99 8.64
CA LEU B 83 -39.40 -39.61 9.17
C LEU B 83 -40.35 -39.19 8.06
N GLY B 84 -39.83 -38.70 6.94
CA GLY B 84 -40.66 -38.24 5.85
C GLY B 84 -40.55 -36.75 5.62
N LEU B 85 -40.33 -36.36 4.36
CA LEU B 85 -40.14 -34.95 4.03
C LEU B 85 -41.35 -34.11 4.40
N GLU B 86 -42.56 -34.61 4.12
CA GLU B 86 -43.76 -33.85 4.45
C GLU B 86 -43.89 -33.68 5.97
N ASN B 87 -43.66 -34.74 6.73
CA ASN B 87 -43.66 -34.62 8.19
C ASN B 87 -42.62 -33.61 8.66
N ILE B 88 -41.41 -33.71 8.14
CA ILE B 88 -40.34 -32.82 8.58
C ILE B 88 -40.67 -31.38 8.20
N TYR B 89 -41.27 -31.17 7.02
CA TYR B 89 -41.68 -29.83 6.63
C TYR B 89 -42.63 -29.22 7.67
N TRP B 90 -43.69 -29.94 8.04
CA TRP B 90 -44.64 -29.35 8.99
C TRP B 90 -43.99 -29.13 10.35
N LEU B 91 -43.18 -30.09 10.81
CA LEU B 91 -42.48 -29.93 12.07
C LEU B 91 -41.63 -28.66 12.06
N THR B 92 -40.82 -28.46 11.02
CA THR B 92 -39.83 -27.39 11.05
C THR B 92 -40.41 -26.01 10.70
N ASN B 93 -41.69 -25.94 10.33
CA ASN B 93 -42.27 -24.65 9.97
C ASN B 93 -43.29 -24.15 10.98
N GLN B 94 -43.40 -24.79 12.13
CA GLN B 94 -44.22 -24.28 13.21
C GLN B 94 -43.42 -23.41 14.18
N GLY B 95 -42.15 -23.19 13.89
CA GLY B 95 -41.25 -22.39 14.69
C GLY B 95 -39.83 -22.72 14.30
N ASN B 96 -38.88 -21.98 14.86
CA ASN B 96 -37.49 -22.26 14.53
C ASN B 96 -37.02 -23.51 15.29
N TYR B 97 -36.44 -24.47 14.55
CA TYR B 97 -35.83 -25.66 15.11
C TYR B 97 -34.34 -25.68 14.82
N LYS B 98 -33.56 -26.19 15.77
CA LYS B 98 -32.16 -26.51 15.54
C LYS B 98 -32.04 -27.98 15.17
N LEU B 99 -30.96 -28.32 14.48
CA LEU B 99 -30.65 -29.69 14.11
C LEU B 99 -29.37 -30.12 14.81
N LEU B 100 -29.42 -31.29 15.46
CA LEU B 100 -28.24 -31.97 15.96
C LEU B 100 -28.03 -33.24 15.16
N VAL B 101 -26.83 -33.39 14.59
CA VAL B 101 -26.41 -34.62 13.92
C VAL B 101 -25.37 -35.29 14.80
N THR B 102 -25.66 -36.48 15.30
CA THR B 102 -24.69 -37.26 16.06
C THR B 102 -24.21 -38.42 15.21
N MET B 103 -22.92 -38.70 15.28
CA MET B 103 -22.30 -39.74 14.45
C MET B 103 -21.33 -40.54 15.28
N GLU B 104 -21.27 -41.85 15.00
CA GLU B 104 -20.33 -42.75 15.64
C GLU B 104 -19.66 -43.60 14.58
N ASP B 105 -18.34 -43.70 14.64
CA ASP B 105 -17.63 -44.56 13.71
C ASP B 105 -17.50 -45.95 14.32
N TRP B 106 -16.76 -46.83 13.67
CA TRP B 106 -16.68 -48.22 14.09
C TRP B 106 -15.62 -48.44 15.16
N SER B 107 -14.90 -47.39 15.55
CA SER B 107 -13.96 -47.46 16.66
C SER B 107 -14.52 -46.87 17.94
N GLY B 108 -15.79 -46.49 17.95
CA GLY B 108 -16.39 -45.93 19.14
C GLY B 108 -16.22 -44.45 19.30
N ARG B 109 -15.65 -43.77 18.31
CA ARG B 109 -15.48 -42.32 18.35
C ARG B 109 -16.78 -41.63 17.95
N LYS B 110 -17.25 -40.72 18.81
CA LYS B 110 -18.51 -40.02 18.61
C LYS B 110 -18.24 -38.54 18.39
N VAL B 111 -18.87 -37.95 17.36
CA VAL B 111 -18.75 -36.53 17.06
C VAL B 111 -20.15 -36.00 16.75
N PHE B 112 -20.26 -34.68 16.69
CA PHE B 112 -21.55 -34.03 16.42
C PHE B 112 -21.35 -32.78 15.57
N ALA B 113 -22.43 -32.42 14.87
CA ALA B 113 -22.58 -31.17 14.14
C ALA B 113 -23.94 -30.61 14.50
N GLU B 114 -23.98 -29.36 14.96
CA GLU B 114 -25.23 -28.72 15.34
C GLU B 114 -25.44 -27.46 14.50
N TYR B 115 -26.68 -27.26 14.07
CA TYR B 115 -27.06 -26.13 13.22
C TYR B 115 -28.21 -25.41 13.90
N ALA B 116 -28.04 -24.09 14.10
CA ALA B 116 -28.94 -23.33 14.96
C ALA B 116 -30.32 -23.14 14.34
N SER B 117 -30.44 -23.28 13.03
CA SER B 117 -31.74 -23.30 12.37
C SER B 117 -31.72 -24.39 11.32
N PHE B 118 -32.87 -25.03 11.13
CA PHE B 118 -33.04 -26.12 10.18
C PHE B 118 -34.50 -26.12 9.78
N ARG B 119 -34.76 -25.91 8.49
CA ARG B 119 -36.13 -25.84 8.01
C ARG B 119 -36.14 -26.26 6.56
N LEU B 120 -37.25 -26.87 6.16
CA LEU B 120 -37.46 -27.27 4.77
C LEU B 120 -38.52 -26.38 4.17
N GLU B 121 -38.35 -26.00 2.92
CA GLU B 121 -39.41 -25.34 2.20
C GLU B 121 -40.46 -26.37 1.81
N PRO B 122 -41.61 -25.94 1.30
CA PRO B 122 -42.68 -26.88 0.97
C PRO B 122 -42.30 -27.77 -0.22
N GLU B 123 -43.13 -28.80 -0.44
CA GLU B 123 -42.94 -29.66 -1.60
C GLU B 123 -42.97 -28.87 -2.89
N SER B 124 -43.77 -27.80 -2.93
CA SER B 124 -43.77 -26.87 -4.05
C SER B 124 -42.36 -26.47 -4.47
N GLU B 125 -41.47 -26.30 -3.49
CA GLU B 125 -40.08 -25.93 -3.73
C GLU B 125 -39.14 -27.12 -3.49
N TYR B 126 -39.67 -28.33 -3.59
CA TYR B 126 -38.90 -29.57 -3.53
C TYR B 126 -38.15 -29.69 -2.21
N TYR B 127 -38.77 -29.19 -1.14
CA TYR B 127 -38.26 -29.35 0.23
C TYR B 127 -36.85 -28.78 0.36
N LYS B 128 -36.63 -27.62 -0.26
CA LYS B 128 -35.32 -26.99 -0.23
C LYS B 128 -34.83 -26.78 1.20
N LEU B 129 -33.54 -27.03 1.41
CA LEU B 129 -32.93 -26.99 2.74
C LEU B 129 -32.53 -25.57 3.11
N ARG B 130 -32.87 -25.17 4.32
CA ARG B 130 -32.48 -23.90 4.90
C ARG B 130 -31.75 -24.22 6.20
N LEU B 131 -30.45 -23.95 6.25
CA LEU B 131 -29.61 -24.28 7.37
C LEU B 131 -29.00 -23.03 7.97
N GLY B 132 -28.84 -23.03 9.30
CA GLY B 132 -28.23 -21.94 10.00
C GLY B 132 -26.82 -22.24 10.48
N ARG B 133 -26.39 -21.47 11.47
CA ARG B 133 -25.00 -21.45 11.92
C ARG B 133 -24.56 -22.79 12.52
N TYR B 134 -23.36 -23.21 12.15
CA TYR B 134 -22.79 -24.48 12.56
C TYR B 134 -21.89 -24.33 13.78
N HIS B 135 -21.90 -25.35 14.64
CA HIS B 135 -20.76 -25.60 15.51
C HIS B 135 -20.75 -27.09 15.82
N GLY B 136 -19.57 -27.61 16.10
CA GLY B 136 -19.43 -29.02 16.40
C GLY B 136 -17.97 -29.44 16.36
N ASN B 137 -17.77 -30.75 16.52
CA ASN B 137 -16.44 -31.34 16.38
C ASN B 137 -16.38 -32.36 15.27
N ALA B 138 -17.46 -32.56 14.52
CA ALA B 138 -17.43 -33.43 13.36
C ALA B 138 -16.88 -32.74 12.11
N GLY B 139 -16.76 -31.42 12.14
CA GLY B 139 -16.60 -30.66 10.92
C GLY B 139 -17.91 -30.42 10.20
N ASP B 140 -17.96 -29.36 9.41
CA ASP B 140 -19.21 -28.95 8.79
C ASP B 140 -19.28 -29.49 7.36
N SER B 141 -19.90 -30.66 7.22
CA SER B 141 -20.08 -31.27 5.91
C SER B 141 -21.54 -31.18 5.43
N PHE B 142 -22.33 -30.27 6.00
CA PHE B 142 -23.73 -30.09 5.61
C PHE B 142 -24.02 -28.72 5.01
N THR B 143 -23.23 -27.70 5.35
CA THR B 143 -23.54 -26.36 4.85
C THR B 143 -23.39 -26.28 3.33
N TRP B 144 -22.54 -27.11 2.72
CA TRP B 144 -22.44 -27.12 1.26
C TRP B 144 -23.76 -27.47 0.61
N HIS B 145 -24.68 -28.10 1.36
CA HIS B 145 -25.97 -28.49 0.85
C HIS B 145 -27.06 -27.46 1.10
N ASN B 146 -26.74 -26.39 1.84
CA ASN B 146 -27.72 -25.36 2.13
C ASN B 146 -28.28 -24.78 0.84
N GLY B 147 -29.59 -24.55 0.82
CA GLY B 147 -30.25 -23.98 -0.33
C GLY B 147 -30.51 -24.94 -1.47
N LYS B 148 -30.15 -26.21 -1.33
CA LYS B 148 -30.38 -27.18 -2.39
C LYS B 148 -31.72 -27.88 -2.19
N GLN B 149 -32.32 -28.27 -3.31
CA GLN B 149 -33.55 -29.06 -3.28
C GLN B 149 -33.22 -30.52 -2.94
N PHE B 150 -34.26 -31.28 -2.63
CA PHE B 150 -34.12 -32.70 -2.33
C PHE B 150 -34.20 -33.50 -3.62
N THR B 151 -33.36 -34.53 -3.71
CA THR B 151 -33.22 -35.33 -4.92
C THR B 151 -33.32 -36.81 -4.55
N THR B 152 -34.03 -37.56 -5.39
CA THR B 152 -34.11 -39.01 -5.26
C THR B 152 -33.83 -39.65 -6.62
N LEU B 153 -33.81 -40.98 -6.64
CA LEU B 153 -33.47 -41.71 -7.85
C LEU B 153 -34.41 -41.41 -9.00
N ASP B 154 -35.66 -41.05 -8.71
CA ASP B 154 -36.64 -40.76 -9.74
C ASP B 154 -36.95 -39.28 -9.87
N ARG B 155 -36.28 -38.43 -9.10
CA ARG B 155 -36.56 -37.00 -9.09
C ARG B 155 -35.24 -36.25 -8.99
N ASP B 156 -34.75 -35.79 -10.14
CA ASP B 156 -33.47 -35.10 -10.22
C ASP B 156 -33.71 -33.61 -10.05
N HIS B 157 -33.33 -33.09 -8.88
CA HIS B 157 -33.46 -31.67 -8.57
C HIS B 157 -32.13 -31.05 -8.16
N ASP B 158 -31.00 -31.73 -8.42
CA ASP B 158 -29.70 -31.21 -8.02
C ASP B 158 -29.06 -30.44 -9.17
N VAL B 159 -28.00 -29.69 -8.85
CA VAL B 159 -27.35 -28.86 -9.87
C VAL B 159 -26.33 -29.63 -10.68
N TYR B 160 -26.07 -30.89 -10.33
CA TYR B 160 -25.21 -31.75 -11.13
C TYR B 160 -25.92 -32.10 -12.44
N THR B 161 -25.14 -32.21 -13.51
CA THR B 161 -25.74 -32.48 -14.82
C THR B 161 -26.32 -33.89 -14.90
N GLY B 162 -25.91 -34.80 -14.02
CA GLY B 162 -26.59 -36.06 -13.84
C GLY B 162 -27.52 -36.04 -12.64
N ASN B 163 -27.91 -37.24 -12.20
CA ASN B 163 -28.72 -37.40 -10.99
C ASN B 163 -27.85 -37.98 -9.89
N CYS B 164 -27.53 -37.15 -8.89
CA CYS B 164 -26.63 -37.58 -7.82
C CYS B 164 -27.15 -38.81 -7.11
N ALA B 165 -28.48 -39.00 -7.04
CA ALA B 165 -29.01 -40.16 -6.31
C ALA B 165 -28.60 -41.46 -6.97
N HIS B 166 -28.31 -41.44 -8.28
CA HIS B 166 -27.91 -42.65 -8.98
C HIS B 166 -26.51 -43.10 -8.57
N TYR B 167 -25.69 -42.17 -8.09
CA TYR B 167 -24.32 -42.45 -7.69
C TYR B 167 -24.17 -42.61 -6.19
N GLN B 168 -24.75 -41.69 -5.42
CA GLN B 168 -24.66 -41.70 -3.97
C GLN B 168 -25.75 -42.54 -3.31
N LYS B 169 -26.82 -42.91 -4.04
CA LYS B 169 -27.74 -43.97 -3.66
C LYS B 169 -28.69 -43.60 -2.52
N GLY B 170 -28.85 -42.32 -2.20
CA GLY B 170 -29.76 -41.89 -1.17
C GLY B 170 -30.82 -40.94 -1.68
N GLY B 171 -31.65 -40.49 -0.74
CA GLY B 171 -32.43 -39.28 -0.92
C GLY B 171 -31.78 -38.19 -0.09
N TRP B 172 -31.49 -37.06 -0.73
CA TRP B 172 -30.71 -36.02 -0.06
C TRP B 172 -30.81 -34.71 -0.79
N TRP B 173 -30.41 -33.64 -0.09
CA TRP B 173 -30.29 -32.30 -0.69
C TRP B 173 -28.95 -32.19 -1.42
N TYR B 174 -28.77 -33.09 -2.39
CA TYR B 174 -27.50 -33.19 -3.10
C TYR B 174 -27.16 -31.89 -3.82
N ASN B 175 -25.86 -31.58 -3.88
CA ASN B 175 -25.32 -30.45 -4.60
C ASN B 175 -24.75 -30.99 -5.91
N ALA B 176 -23.46 -31.31 -5.91
CA ALA B 176 -22.83 -31.99 -7.04
C ALA B 176 -21.57 -32.73 -6.61
N CYS B 177 -21.67 -33.76 -5.76
CA CYS B 177 -22.94 -34.26 -5.26
C CYS B 177 -23.08 -34.16 -3.75
N ALA B 178 -22.12 -34.68 -2.97
CA ALA B 178 -22.31 -34.64 -1.53
C ALA B 178 -21.02 -34.58 -0.74
N HIS B 179 -21.04 -33.72 0.28
CA HIS B 179 -20.07 -33.75 1.37
C HIS B 179 -20.56 -34.61 2.53
N SER B 180 -21.88 -34.79 2.65
CA SER B 180 -22.49 -35.70 3.59
C SER B 180 -23.52 -36.55 2.85
N ASN B 181 -23.65 -37.80 3.25
CA ASN B 181 -24.53 -38.72 2.54
C ASN B 181 -25.19 -39.66 3.55
N LEU B 182 -25.83 -39.08 4.56
CA LEU B 182 -26.30 -39.86 5.71
C LEU B 182 -27.43 -40.81 5.35
N ASN B 183 -28.09 -40.61 4.21
CA ASN B 183 -29.09 -41.52 3.70
C ASN B 183 -28.54 -42.52 2.68
N GLY B 184 -27.22 -42.71 2.64
CA GLY B 184 -26.58 -43.61 1.71
C GLY B 184 -26.55 -45.06 2.18
N VAL B 185 -25.61 -45.82 1.62
CA VAL B 185 -25.54 -47.26 1.84
C VAL B 185 -24.72 -47.53 3.10
N TRP B 186 -25.28 -48.33 4.01
CA TRP B 186 -24.60 -48.68 5.25
C TRP B 186 -23.68 -49.86 5.00
N TYR B 187 -22.39 -49.68 5.29
CA TYR B 187 -21.38 -50.70 5.08
C TYR B 187 -20.83 -51.16 6.43
N ARG B 188 -20.90 -52.46 6.69
CA ARG B 188 -20.38 -53.01 7.93
C ARG B 188 -18.87 -52.73 8.03
N GLY B 189 -18.42 -52.36 9.23
CA GLY B 189 -17.00 -52.11 9.44
C GLY B 189 -16.49 -50.78 8.94
N GLY B 190 -17.31 -49.97 8.26
CA GLY B 190 -16.92 -48.63 7.89
C GLY B 190 -16.22 -48.52 6.56
N HIS B 191 -14.97 -48.98 6.50
CA HIS B 191 -14.22 -48.94 5.25
C HIS B 191 -14.92 -49.77 4.19
N TYR B 192 -15.01 -49.20 2.98
CA TYR B 192 -15.69 -49.85 1.88
C TYR B 192 -15.07 -49.38 0.57
N ARG B 193 -15.23 -50.20 -0.46
CA ARG B 193 -14.79 -49.87 -1.81
C ARG B 193 -15.98 -49.98 -2.75
N SER B 194 -16.17 -48.97 -3.58
CA SER B 194 -17.24 -49.00 -4.56
C SER B 194 -16.83 -48.10 -5.72
N ARG B 195 -17.49 -48.33 -6.86
CA ARG B 195 -17.30 -47.46 -8.02
C ARG B 195 -17.49 -46.00 -7.63
N TYR B 196 -18.50 -45.73 -6.81
CA TYR B 196 -18.84 -44.40 -6.33
C TYR B 196 -18.96 -44.43 -4.82
N GLN B 197 -18.63 -43.31 -4.20
CA GLN B 197 -18.73 -43.21 -2.75
C GLN B 197 -20.20 -42.99 -2.43
N ASP B 198 -20.85 -44.08 -2.05
CA ASP B 198 -22.28 -44.09 -1.78
C ASP B 198 -22.59 -44.51 -0.35
N GLY B 199 -21.59 -44.55 0.54
CA GLY B 199 -21.79 -44.95 1.91
C GLY B 199 -22.38 -43.83 2.76
N VAL B 200 -22.67 -44.17 4.02
CA VAL B 200 -23.21 -43.24 5.00
C VAL B 200 -22.06 -42.39 5.51
N TYR B 201 -21.66 -41.38 4.75
CA TYR B 201 -20.41 -40.67 5.05
C TYR B 201 -20.65 -39.21 5.42
N TRP B 202 -19.64 -38.66 6.10
CA TRP B 202 -19.57 -37.27 6.54
C TRP B 202 -18.12 -36.87 6.30
N ALA B 203 -17.89 -36.12 5.22
CA ALA B 203 -16.53 -36.05 4.66
C ALA B 203 -15.51 -35.53 5.66
N GLU B 204 -15.88 -34.51 6.46
CA GLU B 204 -14.91 -33.90 7.37
C GLU B 204 -14.60 -34.77 8.59
N PHE B 205 -15.39 -35.81 8.84
CA PHE B 205 -15.14 -36.70 9.99
C PHE B 205 -14.24 -37.86 9.55
N ARG B 206 -14.77 -38.77 8.73
CA ARG B 206 -13.99 -39.93 8.30
C ARG B 206 -13.84 -40.04 6.79
N GLY B 207 -14.19 -39.01 6.03
CA GLY B 207 -13.99 -39.03 4.60
C GLY B 207 -15.09 -39.74 3.82
N GLY B 208 -14.94 -39.71 2.50
CA GLY B 208 -15.99 -40.21 1.63
C GLY B 208 -16.06 -41.72 1.49
N SER B 209 -15.00 -42.43 1.88
CA SER B 209 -14.95 -43.89 1.71
C SER B 209 -15.10 -44.60 3.05
N TYR B 210 -15.80 -43.98 3.99
CA TYR B 210 -16.01 -44.56 5.32
C TYR B 210 -17.46 -44.37 5.71
N SER B 211 -18.14 -45.48 5.97
CA SER B 211 -19.56 -45.49 6.31
C SER B 211 -19.70 -45.51 7.82
N LEU B 212 -20.44 -44.55 8.36
CA LEU B 212 -20.58 -44.41 9.80
C LEU B 212 -21.51 -45.48 10.36
N LYS B 213 -21.17 -45.99 11.55
CA LYS B 213 -21.92 -47.09 12.14
C LYS B 213 -23.29 -46.62 12.63
N LYS B 214 -23.32 -45.49 13.34
CA LYS B 214 -24.56 -44.96 13.87
C LYS B 214 -24.63 -43.47 13.60
N VAL B 215 -25.79 -43.04 13.11
CA VAL B 215 -26.06 -41.64 12.80
C VAL B 215 -27.47 -41.33 13.27
N VAL B 216 -27.65 -40.17 13.90
CA VAL B 216 -28.97 -39.67 14.22
C VAL B 216 -29.05 -38.21 13.81
N MET B 217 -30.13 -37.86 13.11
CA MET B 217 -30.52 -36.48 12.85
C MET B 217 -31.74 -36.19 13.70
N MET B 218 -31.65 -35.17 14.57
CA MET B 218 -32.76 -34.85 15.44
C MET B 218 -32.86 -33.34 15.64
N ILE B 219 -34.08 -32.88 15.94
CA ILE B 219 -34.38 -31.47 15.95
C ILE B 219 -35.11 -31.11 17.24
N ARG B 220 -35.07 -29.82 17.55
CA ARG B 220 -35.53 -29.31 18.84
C ARG B 220 -35.86 -27.84 18.67
N PRO B 221 -36.95 -27.36 19.28
CA PRO B 221 -37.26 -25.92 19.17
C PRO B 221 -36.09 -25.07 19.65
N ASN B 222 -35.81 -24.01 18.91
CA ASN B 222 -34.73 -23.07 19.23
C ASN B 222 -35.19 -21.66 18.90
N PRO B 223 -36.21 -21.15 19.62
CA PRO B 223 -36.76 -19.82 19.31
C PRO B 223 -35.86 -18.67 19.74
N SER C 6 -8.06 12.57 -54.35
CA SER C 6 -6.78 11.91 -54.60
C SER C 6 -6.83 10.46 -54.14
N GLY C 7 -7.35 9.62 -55.03
CA GLY C 7 -7.71 8.26 -54.71
C GLY C 7 -9.23 8.16 -54.59
N PRO C 8 -9.92 7.63 -55.64
CA PRO C 8 -11.36 7.37 -55.49
C PRO C 8 -11.65 5.91 -55.15
N TRP C 9 -12.47 5.66 -54.14
CA TRP C 9 -12.58 4.33 -53.56
C TRP C 9 -13.99 3.79 -53.59
N ARG C 10 -14.07 2.45 -53.60
CA ARG C 10 -15.36 1.77 -53.49
C ARG C 10 -16.05 2.09 -52.18
N ASP C 11 -15.26 2.28 -51.12
CA ASP C 11 -15.75 2.64 -49.79
C ASP C 11 -14.52 2.88 -48.93
N CYS C 12 -14.75 3.24 -47.67
CA CYS C 12 -13.66 3.63 -46.79
C CYS C 12 -12.78 2.45 -46.42
N LEU C 13 -13.33 1.23 -46.44
CA LEU C 13 -12.50 0.06 -46.17
C LEU C 13 -11.45 -0.13 -47.26
N GLN C 14 -11.82 0.08 -48.53
CA GLN C 14 -10.84 -0.04 -49.60
C GLN C 14 -9.71 0.96 -49.42
N ALA C 15 -10.04 2.19 -49.03
CA ALA C 15 -9.00 3.19 -48.77
C ALA C 15 -8.10 2.71 -47.63
N LEU C 16 -8.71 2.22 -46.55
CA LEU C 16 -7.92 1.69 -45.43
C LEU C 16 -7.01 0.56 -45.88
N GLU C 17 -7.53 -0.34 -46.73
CA GLU C 17 -6.74 -1.47 -47.20
C GLU C 17 -5.59 -1.05 -48.10
N ASP C 18 -5.66 0.15 -48.69
CA ASP C 18 -4.58 0.71 -49.48
C ASP C 18 -3.61 1.54 -48.64
N GLY C 19 -3.80 1.59 -47.33
CA GLY C 19 -2.88 2.24 -46.43
C GLY C 19 -3.31 3.57 -45.86
N HIS C 20 -4.53 4.04 -46.16
CA HIS C 20 -4.97 5.36 -45.69
C HIS C 20 -5.75 5.16 -44.39
N ASP C 21 -5.08 5.38 -43.26
CA ASP C 21 -5.70 5.17 -41.95
C ASP C 21 -5.84 6.47 -41.16
N THR C 22 -5.78 7.61 -41.83
CA THR C 22 -6.15 8.89 -41.24
C THR C 22 -7.66 9.07 -41.42
N SER C 23 -8.36 9.40 -40.34
CA SER C 23 -9.77 9.76 -40.45
C SER C 23 -9.85 11.12 -41.15
N SER C 24 -10.53 11.18 -42.29
CA SER C 24 -10.60 12.44 -43.03
C SER C 24 -11.65 12.33 -44.14
N ILE C 25 -11.60 13.29 -45.06
CA ILE C 25 -12.50 13.35 -46.21
C ILE C 25 -11.88 12.58 -47.35
N TYR C 26 -12.64 11.65 -47.92
CA TYR C 26 -12.17 10.81 -49.01
C TYR C 26 -13.20 10.85 -50.14
N LEU C 27 -12.72 10.52 -51.34
CA LEU C 27 -13.56 10.43 -52.52
C LEU C 27 -14.00 8.98 -52.70
N VAL C 28 -15.31 8.76 -52.82
CA VAL C 28 -15.86 7.43 -52.99
C VAL C 28 -16.69 7.37 -54.26
N LYS C 29 -16.53 6.28 -54.99
CA LYS C 29 -17.30 6.01 -56.20
C LYS C 29 -17.71 4.54 -56.18
N PRO C 30 -18.98 4.23 -55.89
CA PRO C 30 -19.41 2.83 -55.91
C PRO C 30 -19.10 2.20 -57.27
N GLU C 31 -18.67 0.94 -57.24
CA GLU C 31 -18.18 0.32 -58.47
C GLU C 31 -19.28 0.13 -59.52
N ASN C 32 -20.55 0.21 -59.13
CA ASN C 32 -21.69 -0.14 -59.97
C ASN C 32 -22.45 1.09 -60.46
N THR C 33 -21.76 2.21 -60.61
CA THR C 33 -22.41 3.43 -61.03
C THR C 33 -21.35 4.46 -61.42
N ASN C 34 -21.83 5.61 -61.89
CA ASN C 34 -21.03 6.80 -62.09
C ASN C 34 -21.22 7.81 -60.97
N ARG C 35 -21.62 7.35 -59.79
CA ARG C 35 -21.87 8.22 -58.66
C ARG C 35 -20.55 8.51 -57.94
N LEU C 36 -20.16 9.78 -57.90
CA LEU C 36 -19.00 10.22 -57.15
C LEU C 36 -19.46 11.05 -55.95
N MET C 37 -18.83 10.83 -54.80
CA MET C 37 -19.21 11.54 -53.60
C MET C 37 -17.98 11.77 -52.72
N GLN C 38 -18.05 12.83 -51.91
CA GLN C 38 -17.18 12.99 -50.76
C GLN C 38 -17.80 12.30 -49.55
N VAL C 39 -16.96 11.68 -48.73
CA VAL C 39 -17.40 11.08 -47.48
C VAL C 39 -16.37 11.34 -46.41
N TRP C 40 -16.81 11.23 -45.16
CA TRP C 40 -15.88 11.12 -44.04
C TRP C 40 -15.64 9.65 -43.75
N CYS C 41 -14.36 9.25 -43.71
CA CYS C 41 -13.97 7.89 -43.34
C CYS C 41 -13.47 7.89 -41.90
N ASP C 42 -14.13 7.11 -41.03
CA ASP C 42 -13.61 6.88 -39.69
C ASP C 42 -12.66 5.69 -39.78
N GLN C 43 -11.36 5.97 -39.86
CA GLN C 43 -10.35 4.91 -39.96
C GLN C 43 -9.76 4.54 -38.60
N ARG C 44 -10.20 5.17 -37.52
CA ARG C 44 -9.63 4.98 -36.19
C ARG C 44 -10.46 4.10 -35.29
N HIS C 45 -11.79 4.14 -35.43
CA HIS C 45 -12.70 3.37 -34.59
C HIS C 45 -12.68 1.91 -35.04
N ASP C 46 -12.11 1.04 -34.21
CA ASP C 46 -12.00 -0.37 -34.54
C ASP C 46 -13.33 -0.89 -35.09
N PRO C 47 -13.33 -1.64 -36.21
CA PRO C 47 -12.12 -2.04 -36.94
C PRO C 47 -11.69 -1.14 -38.11
N GLY C 48 -12.08 0.13 -38.10
CA GLY C 48 -11.70 1.06 -39.13
C GLY C 48 -12.41 0.78 -40.44
N GLY C 49 -12.18 1.69 -41.39
CA GLY C 49 -12.80 1.53 -42.69
C GLY C 49 -14.28 1.84 -42.70
N TRP C 50 -14.73 2.70 -41.81
CA TRP C 50 -16.14 3.05 -41.70
C TRP C 50 -16.45 4.22 -42.62
N THR C 51 -17.49 4.07 -43.44
CA THR C 51 -18.00 5.14 -44.28
C THR C 51 -19.16 5.81 -43.54
N VAL C 52 -18.95 7.05 -43.11
CA VAL C 52 -19.98 7.79 -42.38
C VAL C 52 -21.08 8.23 -43.34
N ILE C 53 -22.33 7.84 -43.04
CA ILE C 53 -23.46 8.28 -43.85
C ILE C 53 -24.29 9.36 -43.16
N GLN C 54 -24.14 9.54 -41.84
CA GLN C 54 -24.85 10.56 -41.09
C GLN C 54 -24.06 10.86 -39.83
N ARG C 55 -24.11 12.12 -39.39
CA ARG C 55 -23.42 12.50 -38.15
C ARG C 55 -24.07 13.74 -37.54
N ARG C 56 -24.33 13.68 -36.24
CA ARG C 56 -24.80 14.80 -35.45
C ARG C 56 -23.78 15.08 -34.36
N LEU C 57 -23.56 16.36 -34.05
CA LEU C 57 -22.53 16.66 -33.07
C LEU C 57 -22.75 17.96 -32.32
N ASP C 58 -23.38 18.96 -32.95
CA ASP C 58 -23.33 20.29 -32.35
C ASP C 58 -24.44 21.23 -32.80
N GLY C 59 -25.46 20.73 -33.50
CA GLY C 59 -26.58 21.57 -33.87
C GLY C 59 -26.31 22.58 -34.96
N SER C 60 -25.22 22.43 -35.71
CA SER C 60 -24.84 23.41 -36.71
C SER C 60 -25.62 23.29 -38.01
N VAL C 61 -26.28 22.16 -38.26
CA VAL C 61 -26.87 21.88 -39.57
C VAL C 61 -28.35 21.59 -39.40
N ASN C 62 -29.15 22.15 -40.32
CA ASN C 62 -30.59 21.97 -40.32
C ASN C 62 -30.94 20.66 -41.01
N PHE C 63 -31.57 19.75 -40.28
CA PHE C 63 -31.97 18.46 -40.82
C PHE C 63 -33.46 18.39 -41.15
N PHE C 64 -34.20 19.48 -41.00
CA PHE C 64 -35.62 19.53 -41.40
C PHE C 64 -35.65 19.97 -42.86
N ARG C 65 -35.39 19.02 -43.77
CA ARG C 65 -35.15 19.32 -45.17
C ARG C 65 -36.04 18.48 -46.08
N ASN C 66 -36.16 18.93 -47.33
CA ASN C 66 -37.07 18.31 -48.28
C ASN C 66 -36.41 17.11 -48.95
N TRP C 67 -37.17 16.48 -49.84
CA TRP C 67 -36.76 15.22 -50.44
C TRP C 67 -35.52 15.37 -51.30
N GLU C 68 -35.51 16.37 -52.19
CA GLU C 68 -34.36 16.54 -53.07
C GLU C 68 -33.08 16.76 -52.25
N THR C 69 -33.20 17.46 -51.11
CA THR C 69 -32.03 17.67 -50.27
C THR C 69 -31.60 16.39 -49.58
N TYR C 70 -32.56 15.60 -49.07
CA TYR C 70 -32.21 14.31 -48.50
C TYR C 70 -31.69 13.35 -49.56
N LYS C 71 -32.15 13.50 -50.81
CA LYS C 71 -31.68 12.62 -51.88
C LYS C 71 -30.21 12.87 -52.20
N GLN C 72 -29.82 14.14 -52.33
CA GLN C 72 -28.47 14.50 -52.76
C GLN C 72 -27.47 14.55 -51.62
N GLY C 73 -27.90 14.85 -50.40
CA GLY C 73 -27.01 15.02 -49.27
C GLY C 73 -26.86 16.49 -48.89
N PHE C 74 -26.52 16.71 -47.62
CA PHE C 74 -26.38 18.08 -47.12
C PHE C 74 -25.50 18.08 -45.87
N GLY C 75 -25.06 19.29 -45.51
CA GLY C 75 -24.25 19.48 -44.32
C GLY C 75 -22.79 19.74 -44.65
N ASN C 76 -21.97 19.59 -43.61
CA ASN C 76 -20.52 19.74 -43.71
C ASN C 76 -19.84 18.40 -43.49
N ILE C 77 -19.03 17.99 -44.48
CA ILE C 77 -18.43 16.66 -44.44
C ILE C 77 -17.46 16.52 -43.27
N ASP C 78 -16.91 17.63 -42.78
CA ASP C 78 -16.07 17.60 -41.58
C ASP C 78 -16.85 17.97 -40.33
N GLY C 79 -18.17 17.93 -40.40
CA GLY C 79 -19.00 18.20 -39.25
C GLY C 79 -20.28 17.38 -39.31
N GLU C 80 -21.42 18.03 -39.15
CA GLU C 80 -22.69 17.35 -39.23
C GLU C 80 -23.10 17.20 -40.69
N TYR C 81 -23.57 16.02 -41.08
CA TYR C 81 -24.02 15.88 -42.45
C TYR C 81 -24.89 14.65 -42.64
N TRP C 82 -25.57 14.64 -43.79
CA TRP C 82 -26.34 13.53 -44.30
C TRP C 82 -25.80 13.22 -45.70
N LEU C 83 -25.35 11.98 -45.91
CA LEU C 83 -24.61 11.68 -47.12
C LEU C 83 -25.48 11.72 -48.37
N GLY C 84 -26.79 11.48 -48.25
CA GLY C 84 -27.66 11.47 -49.41
C GLY C 84 -28.22 10.09 -49.75
N LEU C 85 -29.54 10.02 -49.93
CA LEU C 85 -30.19 8.73 -50.17
C LEU C 85 -29.64 8.06 -51.41
N GLU C 86 -29.41 8.84 -52.47
CA GLU C 86 -28.94 8.24 -53.71
C GLU C 86 -27.53 7.70 -53.57
N ASN C 87 -26.66 8.45 -52.89
CA ASN C 87 -25.32 7.94 -52.58
C ASN C 87 -25.39 6.67 -51.74
N ILE C 88 -26.24 6.67 -50.70
CA ILE C 88 -26.31 5.53 -49.80
C ILE C 88 -26.84 4.30 -50.54
N TYR C 89 -27.82 4.51 -51.43
CA TYR C 89 -28.33 3.41 -52.23
C TYR C 89 -27.20 2.74 -53.02
N TRP C 90 -26.44 3.52 -53.79
CA TRP C 90 -25.42 2.90 -54.64
C TRP C 90 -24.35 2.22 -53.80
N LEU C 91 -23.96 2.85 -52.69
CA LEU C 91 -22.99 2.25 -51.78
C LEU C 91 -23.49 0.90 -51.24
N THR C 92 -24.74 0.84 -50.80
CA THR C 92 -25.18 -0.37 -50.10
C THR C 92 -25.66 -1.47 -51.03
N ASN C 93 -25.70 -1.23 -52.33
CA ASN C 93 -26.14 -2.26 -53.27
C ASN C 93 -25.00 -2.86 -54.09
N GLN C 94 -23.75 -2.53 -53.79
CA GLN C 94 -22.63 -3.20 -54.43
C GLN C 94 -22.20 -4.46 -53.70
N GLY C 95 -22.82 -4.74 -52.56
CA GLY C 95 -22.46 -5.85 -51.71
C GLY C 95 -23.13 -5.64 -50.37
N ASN C 96 -23.02 -6.64 -49.51
CA ASN C 96 -23.65 -6.51 -48.19
C ASN C 96 -22.80 -5.62 -47.30
N TYR C 97 -23.43 -4.61 -46.72
CA TYR C 97 -22.81 -3.72 -45.76
C TYR C 97 -23.51 -3.85 -44.42
N LYS C 98 -22.75 -3.72 -43.34
CA LYS C 98 -23.35 -3.58 -42.02
C LYS C 98 -23.41 -2.11 -41.62
N LEU C 99 -24.27 -1.82 -40.65
CA LEU C 99 -24.48 -0.48 -40.14
C LEU C 99 -24.14 -0.46 -38.65
N LEU C 100 -23.28 0.49 -38.27
CA LEU C 100 -23.01 0.77 -36.87
C LEU C 100 -23.55 2.15 -36.53
N VAL C 101 -24.38 2.22 -35.50
CA VAL C 101 -24.86 3.49 -34.96
C VAL C 101 -24.20 3.68 -33.60
N THR C 102 -23.39 4.73 -33.46
CA THR C 102 -22.77 5.09 -32.20
C THR C 102 -23.43 6.34 -31.66
N MET C 103 -23.64 6.37 -30.33
CA MET C 103 -24.40 7.45 -29.71
C MET C 103 -23.79 7.81 -28.37
N GLU C 104 -23.82 9.10 -28.05
CA GLU C 104 -23.30 9.61 -26.79
C GLU C 104 -24.28 10.61 -26.20
N ASP C 105 -24.62 10.43 -24.93
CA ASP C 105 -25.50 11.36 -24.26
C ASP C 105 -24.68 12.50 -23.66
N TRP C 106 -25.34 13.40 -22.95
CA TRP C 106 -24.72 14.60 -22.42
C TRP C 106 -23.99 14.35 -21.10
N SER C 107 -24.00 13.11 -20.61
CA SER C 107 -23.22 12.72 -19.45
C SER C 107 -21.97 11.92 -19.83
N GLY C 108 -21.70 11.77 -21.12
CA GLY C 108 -20.55 11.02 -21.57
C GLY C 108 -20.77 9.52 -21.72
N ARG C 109 -21.99 9.03 -21.56
CA ARG C 109 -22.25 7.61 -21.76
C ARG C 109 -22.28 7.32 -23.26
N LYS C 110 -21.50 6.34 -23.68
CA LYS C 110 -21.43 5.93 -25.08
C LYS C 110 -22.04 4.54 -25.24
N VAL C 111 -22.93 4.38 -26.23
CA VAL C 111 -23.56 3.11 -26.55
C VAL C 111 -23.57 2.94 -28.06
N PHE C 112 -23.92 1.73 -28.51
CA PHE C 112 -23.91 1.43 -29.94
C PHE C 112 -25.03 0.44 -30.25
N ALA C 113 -25.44 0.45 -31.52
CA ALA C 113 -26.35 -0.54 -32.09
C ALA C 113 -25.78 -0.93 -33.45
N GLU C 114 -25.58 -2.22 -33.69
CA GLU C 114 -25.04 -2.70 -34.95
C GLU C 114 -26.05 -3.61 -35.65
N TYR C 115 -26.12 -3.49 -36.97
CA TYR C 115 -27.02 -4.29 -37.81
C TYR C 115 -26.20 -4.96 -38.89
N ALA C 116 -26.30 -6.29 -38.95
CA ALA C 116 -25.42 -7.10 -39.78
C ALA C 116 -25.61 -6.83 -41.28
N SER C 117 -26.79 -6.35 -41.68
CA SER C 117 -27.02 -5.94 -43.06
C SER C 117 -27.82 -4.64 -43.04
N PHE C 118 -27.53 -3.79 -44.03
CA PHE C 118 -28.17 -2.48 -44.17
C PHE C 118 -28.13 -2.13 -45.65
N ARG C 119 -29.32 -1.96 -46.24
CA ARG C 119 -29.43 -1.68 -47.66
C ARG C 119 -30.70 -0.87 -47.89
N LEU C 120 -30.66 0.00 -48.89
CA LEU C 120 -31.83 0.75 -49.33
C LEU C 120 -32.28 0.24 -50.69
N GLU C 121 -33.60 0.15 -50.88
CA GLU C 121 -34.17 -0.06 -52.20
C GLU C 121 -34.02 1.22 -53.02
N PRO C 122 -34.32 1.18 -54.31
CA PRO C 122 -34.09 2.34 -55.18
C PRO C 122 -35.11 3.45 -54.91
N GLU C 123 -34.86 4.60 -55.56
CA GLU C 123 -35.79 5.72 -55.41
C GLU C 123 -37.19 5.35 -55.90
N SER C 124 -37.28 4.46 -56.89
CA SER C 124 -38.59 4.02 -57.35
C SER C 124 -39.39 3.35 -56.25
N GLU C 125 -38.70 2.78 -55.25
CA GLU C 125 -39.34 2.22 -54.08
C GLU C 125 -39.18 3.12 -52.86
N TYR C 126 -38.88 4.40 -53.10
CA TYR C 126 -38.76 5.41 -52.06
C TYR C 126 -37.70 5.05 -51.01
N TYR C 127 -36.63 4.39 -51.47
CA TYR C 127 -35.46 4.09 -50.64
C TYR C 127 -35.83 3.26 -49.42
N LYS C 128 -36.74 2.30 -49.61
CA LYS C 128 -37.20 1.46 -48.51
C LYS C 128 -36.03 0.82 -47.79
N LEU C 129 -36.12 0.77 -46.46
CA LEU C 129 -35.04 0.30 -45.60
C LEU C 129 -35.07 -1.22 -45.45
N ARG C 130 -33.92 -1.85 -45.65
CA ARG C 130 -33.72 -3.28 -45.41
C ARG C 130 -32.66 -3.44 -44.33
N LEU C 131 -33.05 -3.95 -43.18
CA LEU C 131 -32.16 -4.05 -42.03
C LEU C 131 -32.02 -5.49 -41.59
N GLY C 132 -30.81 -5.86 -41.15
CA GLY C 132 -30.53 -7.18 -40.69
C GLY C 132 -30.42 -7.28 -39.17
N ARG C 133 -29.70 -8.32 -38.74
CA ARG C 133 -29.69 -8.73 -37.34
C ARG C 133 -29.01 -7.72 -36.43
N TYR C 134 -29.63 -7.46 -35.28
CA TYR C 134 -29.18 -6.46 -34.32
C TYR C 134 -28.34 -7.08 -33.21
N HIS C 135 -27.28 -6.39 -32.82
CA HIS C 135 -26.76 -6.56 -31.47
C HIS C 135 -26.23 -5.21 -31.00
N GLY C 136 -26.23 -5.02 -29.68
CA GLY C 136 -25.70 -3.79 -29.14
C GLY C 136 -26.02 -3.64 -27.67
N ASN C 137 -25.65 -2.47 -27.14
CA ASN C 137 -25.95 -2.09 -25.77
C ASN C 137 -26.82 -0.84 -25.72
N ALA C 138 -27.17 -0.26 -26.86
CA ALA C 138 -28.09 0.88 -26.88
C ALA C 138 -29.56 0.47 -26.82
N GLY C 139 -29.86 -0.80 -27.06
CA GLY C 139 -31.23 -1.20 -27.34
C GLY C 139 -31.55 -1.05 -28.81
N ASP C 140 -32.46 -1.87 -29.29
CA ASP C 140 -32.79 -1.87 -30.72
C ASP C 140 -33.99 -0.96 -30.96
N SER C 141 -33.72 0.29 -31.32
CA SER C 141 -34.79 1.23 -31.64
C SER C 141 -34.85 1.55 -33.13
N PHE C 142 -34.28 0.69 -33.97
CA PHE C 142 -34.31 0.85 -35.43
C PHE C 142 -35.06 -0.26 -36.15
N THR C 143 -35.12 -1.46 -35.60
CA THR C 143 -35.75 -2.57 -36.32
C THR C 143 -37.22 -2.29 -36.59
N TRP C 144 -37.89 -1.52 -35.72
CA TRP C 144 -39.29 -1.15 -35.97
C TRP C 144 -39.46 -0.40 -37.27
N HIS C 145 -38.38 0.19 -37.81
CA HIS C 145 -38.43 0.93 -39.05
C HIS C 145 -38.07 0.09 -40.25
N ASN C 146 -37.69 -1.17 -40.03
CA ASN C 146 -37.38 -2.06 -41.12
C ASN C 146 -38.56 -2.16 -42.09
N GLY C 147 -38.26 -2.13 -43.38
CA GLY C 147 -39.27 -2.26 -44.39
C GLY C 147 -40.09 -1.01 -44.66
N LYS C 148 -39.75 0.10 -44.03
CA LYS C 148 -40.48 1.34 -44.24
C LYS C 148 -39.77 2.21 -45.28
N GLN C 149 -40.59 2.93 -46.04
CA GLN C 149 -40.11 3.89 -47.01
C GLN C 149 -39.60 5.14 -46.31
N PHE C 150 -38.85 5.95 -47.05
CA PHE C 150 -38.31 7.20 -46.52
C PHE C 150 -39.33 8.32 -46.70
N THR C 151 -39.45 9.16 -45.68
CA THR C 151 -40.44 10.23 -45.63
C THR C 151 -39.75 11.54 -45.30
N THR C 152 -40.14 12.61 -46.00
CA THR C 152 -39.70 13.97 -45.70
C THR C 152 -40.92 14.88 -45.61
N LEU C 153 -40.68 16.14 -45.21
CA LEU C 153 -41.77 17.08 -44.99
C LEU C 153 -42.62 17.32 -46.25
N ASP C 154 -42.07 17.08 -47.44
CA ASP C 154 -42.82 17.26 -48.68
C ASP C 154 -43.18 15.94 -49.36
N ARG C 155 -42.80 14.80 -48.79
CA ARG C 155 -43.10 13.50 -49.39
C ARG C 155 -43.44 12.50 -48.30
N ASP C 156 -44.74 12.28 -48.10
CA ASP C 156 -45.26 11.42 -47.06
C ASP C 156 -45.34 9.98 -47.59
N HIS C 157 -44.45 9.12 -47.09
CA HIS C 157 -44.47 7.70 -47.46
C HIS C 157 -44.51 6.79 -46.23
N ASP C 158 -44.98 7.29 -45.10
CA ASP C 158 -45.03 6.49 -43.88
C ASP C 158 -46.41 5.82 -43.76
N VAL C 159 -46.63 5.11 -42.65
CA VAL C 159 -47.90 4.41 -42.43
C VAL C 159 -48.73 5.11 -41.36
N TYR C 160 -48.42 6.37 -41.07
CA TYR C 160 -49.21 7.21 -40.21
C TYR C 160 -50.22 7.96 -41.07
N THR C 161 -51.37 8.28 -40.48
CA THR C 161 -52.37 9.01 -41.26
C THR C 161 -51.94 10.45 -41.52
N GLY C 162 -51.06 11.01 -40.70
CA GLY C 162 -50.42 12.28 -40.98
C GLY C 162 -49.08 12.08 -41.66
N ASN C 163 -48.29 13.15 -41.71
CA ASN C 163 -46.93 13.09 -42.23
C ASN C 163 -45.98 13.18 -41.03
N CYS C 164 -45.31 12.07 -40.71
CA CYS C 164 -44.49 12.03 -39.50
C CYS C 164 -43.41 13.12 -39.54
N ALA C 165 -42.90 13.43 -40.73
CA ALA C 165 -41.87 14.47 -40.83
C ALA C 165 -42.34 15.79 -40.27
N HIS C 166 -43.64 16.07 -40.35
CA HIS C 166 -44.15 17.34 -39.82
C HIS C 166 -44.05 17.40 -38.31
N TYR C 167 -44.08 16.24 -37.65
CA TYR C 167 -44.05 16.15 -36.20
C TYR C 167 -42.65 15.92 -35.66
N GLN C 168 -41.92 14.95 -36.24
CA GLN C 168 -40.60 14.58 -35.76
C GLN C 168 -39.47 15.34 -36.45
N LYS C 169 -39.77 16.07 -37.53
CA LYS C 169 -38.93 17.10 -38.13
C LYS C 169 -37.68 16.60 -38.84
N GLY C 170 -37.59 15.31 -39.15
CA GLY C 170 -36.49 14.80 -39.92
C GLY C 170 -36.92 14.29 -41.28
N GLY C 171 -35.93 13.78 -42.01
CA GLY C 171 -36.17 12.80 -43.05
C GLY C 171 -35.77 11.46 -42.49
N TRP C 172 -36.66 10.47 -42.64
CA TRP C 172 -36.43 9.19 -41.99
C TRP C 172 -37.37 8.14 -42.57
N TRP C 173 -37.04 6.87 -42.29
CA TRP C 173 -37.92 5.74 -42.59
C TRP C 173 -39.00 5.63 -41.51
N TYR C 174 -39.79 6.70 -41.40
CA TYR C 174 -40.79 6.77 -40.36
C TYR C 174 -41.81 5.65 -40.49
N ASN C 175 -42.22 5.11 -39.33
CA ASN C 175 -43.29 4.13 -39.23
C ASN C 175 -44.56 4.87 -38.79
N ALA C 176 -44.85 4.91 -37.49
CA ALA C 176 -45.92 5.77 -36.99
C ALA C 176 -45.71 6.16 -35.53
N CYS C 177 -44.67 6.94 -35.23
CA CYS C 177 -43.78 7.50 -36.23
C CYS C 177 -42.32 7.04 -36.02
N ALA C 178 -41.81 7.13 -34.79
CA ALA C 178 -40.41 6.77 -34.62
C ALA C 178 -40.04 6.27 -33.22
N HIS C 179 -39.29 5.17 -33.21
CA HIS C 179 -38.52 4.74 -32.04
C HIS C 179 -37.11 5.32 -32.03
N SER C 180 -36.59 5.68 -33.20
CA SER C 180 -35.36 6.44 -33.33
C SER C 180 -35.59 7.59 -34.30
N ASN C 181 -35.00 8.74 -34.01
CA ASN C 181 -35.22 9.95 -34.79
C ASN C 181 -33.91 10.71 -34.98
N LEU C 182 -32.90 10.04 -35.54
CA LEU C 182 -31.55 10.57 -35.51
C LEU C 182 -31.37 11.77 -36.44
N ASN C 183 -32.33 12.02 -37.34
CA ASN C 183 -32.31 13.19 -38.21
C ASN C 183 -33.22 14.30 -37.67
N GLY C 184 -33.57 14.24 -36.40
CA GLY C 184 -34.43 15.22 -35.77
C GLY C 184 -33.68 16.45 -35.30
N VAL C 185 -34.31 17.14 -34.34
CA VAL C 185 -33.85 18.43 -33.84
C VAL C 185 -32.84 18.19 -32.71
N TRP C 186 -31.65 18.76 -32.86
CA TRP C 186 -30.61 18.64 -31.84
C TRP C 186 -30.86 19.66 -30.74
N TYR C 187 -31.05 19.19 -29.51
CA TYR C 187 -31.34 20.05 -28.36
C TYR C 187 -30.14 20.05 -27.42
N ARG C 188 -29.61 21.23 -27.14
CA ARG C 188 -28.48 21.36 -26.22
C ARG C 188 -28.85 20.80 -24.85
N GLY C 189 -27.93 20.04 -24.25
CA GLY C 189 -28.14 19.52 -22.92
C GLY C 189 -29.02 18.30 -22.82
N GLY C 190 -29.60 17.83 -23.92
CA GLY C 190 -30.30 16.57 -23.91
C GLY C 190 -31.79 16.61 -23.61
N HIS C 191 -32.15 16.83 -22.34
CA HIS C 191 -33.55 16.92 -21.96
C HIS C 191 -34.22 18.07 -22.67
N TYR C 192 -35.41 17.82 -23.21
CA TYR C 192 -36.16 18.87 -23.88
C TYR C 192 -37.64 18.61 -23.70
N ARG C 193 -38.40 19.70 -23.82
CA ARG C 193 -39.85 19.71 -23.77
C ARG C 193 -40.31 20.42 -25.04
N SER C 194 -41.11 19.76 -25.85
CA SER C 194 -41.63 20.36 -27.07
C SER C 194 -43.04 19.86 -27.29
N ARG C 195 -43.73 20.52 -28.20
CA ARG C 195 -45.08 20.10 -28.60
C ARG C 195 -45.09 18.63 -29.01
N TYR C 196 -44.11 18.24 -29.83
CA TYR C 196 -43.93 16.87 -30.27
C TYR C 196 -42.53 16.42 -29.90
N GLN C 197 -42.37 15.11 -29.75
CA GLN C 197 -41.05 14.55 -29.50
C GLN C 197 -40.31 14.51 -30.83
N ASP C 198 -39.53 15.56 -31.07
CA ASP C 198 -38.86 15.75 -32.35
C ASP C 198 -37.35 15.80 -32.24
N GLY C 199 -36.78 15.42 -31.09
CA GLY C 199 -35.36 15.49 -30.87
C GLY C 199 -34.60 14.33 -31.50
N VAL C 200 -33.28 14.38 -31.36
CA VAL C 200 -32.39 13.35 -31.89
C VAL C 200 -32.39 12.19 -30.89
N TYR C 201 -33.44 11.37 -30.92
CA TYR C 201 -33.62 10.39 -29.85
C TYR C 201 -33.47 8.95 -30.33
N TRP C 202 -33.17 8.09 -29.36
CA TRP C 202 -33.06 6.65 -29.54
C TRP C 202 -33.78 6.08 -28.32
N ALA C 203 -35.01 5.60 -28.52
CA ALA C 203 -35.95 5.43 -27.41
C ALA C 203 -35.41 4.47 -26.36
N GLU C 204 -34.79 3.36 -26.79
CA GLU C 204 -34.30 2.36 -25.85
C GLU C 204 -33.08 2.84 -25.07
N PHE C 205 -32.44 3.94 -25.48
CA PHE C 205 -31.27 4.45 -24.76
C PHE C 205 -31.71 5.48 -23.72
N ARG C 206 -32.16 6.65 -24.17
CA ARG C 206 -32.56 7.71 -23.24
C ARG C 206 -33.99 8.18 -23.42
N GLY C 207 -34.81 7.44 -24.18
CA GLY C 207 -36.21 7.79 -24.32
C GLY C 207 -36.45 8.85 -25.38
N GLY C 208 -37.72 9.18 -25.57
CA GLY C 208 -38.10 10.08 -26.64
C GLY C 208 -37.96 11.56 -26.33
N SER C 209 -37.75 11.93 -25.07
CA SER C 209 -37.61 13.32 -24.67
C SER C 209 -36.17 13.66 -24.32
N TYR C 210 -35.22 12.95 -24.93
CA TYR C 210 -33.80 13.21 -24.72
C TYR C 210 -33.08 13.21 -26.07
N SER C 211 -32.40 14.31 -26.35
CA SER C 211 -31.68 14.51 -27.60
C SER C 211 -30.22 14.15 -27.38
N LEU C 212 -29.70 13.25 -28.21
CA LEU C 212 -28.34 12.77 -28.05
C LEU C 212 -27.33 13.80 -28.52
N LYS C 213 -26.22 13.90 -27.78
CA LYS C 213 -25.22 14.92 -28.06
C LYS C 213 -24.47 14.60 -29.36
N LYS C 214 -24.00 13.36 -29.51
CA LYS C 214 -23.27 12.95 -30.70
C LYS C 214 -23.82 11.64 -31.21
N VAL C 215 -24.06 11.58 -32.52
CA VAL C 215 -24.58 10.39 -33.17
C VAL C 215 -23.81 10.19 -34.46
N VAL C 216 -23.43 8.95 -34.75
CA VAL C 216 -22.80 8.62 -36.02
C VAL C 216 -23.45 7.36 -36.57
N MET C 217 -23.87 7.42 -37.83
CA MET C 217 -24.31 6.25 -38.59
C MET C 217 -23.23 5.96 -39.63
N MET C 218 -22.63 4.77 -39.58
CA MET C 218 -21.56 4.45 -40.51
C MET C 218 -21.67 3.00 -40.94
N ILE C 219 -21.16 2.71 -42.14
CA ILE C 219 -21.34 1.41 -42.77
C ILE C 219 -19.99 0.85 -43.20
N ARG C 220 -19.96 -0.47 -43.36
CA ARG C 220 -18.74 -1.19 -43.67
C ARG C 220 -19.08 -2.48 -44.37
N PRO C 221 -18.28 -2.90 -45.36
CA PRO C 221 -18.55 -4.19 -46.02
C PRO C 221 -18.61 -5.31 -45.00
N ASN C 222 -19.60 -6.18 -45.15
CA ASN C 222 -19.78 -7.33 -44.27
C ASN C 222 -20.24 -8.52 -45.12
N PRO C 223 -19.39 -8.99 -46.03
CA PRO C 223 -19.74 -10.18 -46.81
C PRO C 223 -19.78 -11.40 -45.90
N ASN C 224 -20.78 -12.24 -46.09
CA ASN C 224 -20.99 -13.38 -45.19
C ASN C 224 -21.81 -14.46 -45.87
N SER D 6 11.55 -60.71 2.89
CA SER D 6 11.76 -60.86 1.45
C SER D 6 10.57 -61.55 0.81
N GLY D 7 9.38 -61.09 1.19
CA GLY D 7 8.13 -61.54 0.62
C GLY D 7 7.11 -60.52 1.04
N PRO D 8 6.42 -59.88 0.08
CA PRO D 8 6.05 -58.47 0.27
C PRO D 8 5.34 -58.25 1.59
N TRP D 9 5.59 -57.06 2.17
CA TRP D 9 5.14 -56.69 3.48
C TRP D 9 4.18 -55.51 3.41
N ARG D 10 3.22 -55.49 4.32
CA ARG D 10 2.35 -54.33 4.51
C ARG D 10 3.16 -53.08 4.82
N ASP D 11 4.19 -53.22 5.65
CA ASP D 11 5.12 -52.17 6.01
C ASP D 11 6.28 -52.85 6.73
N CYS D 12 7.28 -52.06 7.12
CA CYS D 12 8.48 -52.62 7.71
C CYS D 12 8.21 -53.23 9.08
N LEU D 13 7.18 -52.77 9.77
CA LEU D 13 6.85 -53.35 11.07
C LEU D 13 6.38 -54.79 10.90
N GLN D 14 5.55 -55.06 9.89
CA GLN D 14 5.15 -56.45 9.64
C GLN D 14 6.37 -57.32 9.37
N ALA D 15 7.35 -56.79 8.65
CA ALA D 15 8.58 -57.55 8.42
C ALA D 15 9.33 -57.79 9.73
N LEU D 16 9.41 -56.76 10.58
CA LEU D 16 10.09 -56.94 11.86
C LEU D 16 9.40 -58.02 12.70
N GLU D 17 8.06 -58.01 12.71
CA GLU D 17 7.33 -58.95 13.55
C GLU D 17 7.59 -60.40 13.14
N ASP D 18 8.02 -60.63 11.90
CA ASP D 18 8.37 -61.97 11.46
C ASP D 18 9.87 -62.25 11.54
N GLY D 19 10.61 -61.44 12.29
CA GLY D 19 11.99 -61.74 12.62
C GLY D 19 13.04 -61.04 11.79
N HIS D 20 12.65 -60.14 10.89
CA HIS D 20 13.60 -59.41 10.05
C HIS D 20 14.00 -58.13 10.78
N ASP D 21 15.03 -58.24 11.63
CA ASP D 21 15.53 -57.12 12.40
C ASP D 21 16.81 -56.52 11.81
N THR D 22 17.13 -56.84 10.57
CA THR D 22 18.25 -56.20 9.86
C THR D 22 17.72 -55.01 9.08
N SER D 23 18.30 -53.83 9.32
CA SER D 23 17.96 -52.67 8.50
C SER D 23 18.50 -52.89 7.09
N SER D 24 17.63 -52.76 6.09
CA SER D 24 18.00 -53.08 4.73
C SER D 24 16.85 -52.70 3.81
N ILE D 25 16.95 -53.11 2.55
CA ILE D 25 15.91 -52.88 1.56
C ILE D 25 14.91 -54.02 1.62
N TYR D 26 13.62 -53.68 1.65
CA TYR D 26 12.55 -54.66 1.72
C TYR D 26 11.49 -54.33 0.67
N LEU D 27 10.71 -55.35 0.32
CA LEU D 27 9.61 -55.21 -0.61
C LEU D 27 8.32 -54.96 0.15
N VAL D 28 7.61 -53.89 -0.19
CA VAL D 28 6.38 -53.52 0.49
C VAL D 28 5.27 -53.43 -0.54
N LYS D 29 4.09 -53.91 -0.15
CA LYS D 29 2.88 -53.89 -0.97
C LYS D 29 1.72 -53.48 -0.08
N PRO D 30 1.21 -52.26 -0.20
CA PRO D 30 0.10 -51.83 0.66
C PRO D 30 -1.17 -52.60 0.37
N GLU D 31 -2.09 -52.56 1.33
CA GLU D 31 -3.15 -53.57 1.41
C GLU D 31 -4.22 -53.38 0.34
N ASN D 32 -4.56 -52.13 -0.01
CA ASN D 32 -5.67 -51.85 -0.91
C ASN D 32 -5.19 -51.41 -2.29
N THR D 33 -4.11 -52.02 -2.77
CA THR D 33 -3.56 -51.60 -4.05
C THR D 33 -2.68 -52.72 -4.58
N ASN D 34 -2.41 -52.64 -5.88
CA ASN D 34 -1.41 -53.48 -6.54
C ASN D 34 -0.09 -52.76 -6.69
N ARG D 35 0.16 -51.76 -5.86
CA ARG D 35 1.42 -51.02 -5.90
C ARG D 35 2.47 -51.81 -5.14
N LEU D 36 3.53 -52.18 -5.83
CA LEU D 36 4.70 -52.80 -5.21
C LEU D 36 5.82 -51.77 -5.18
N MET D 37 6.57 -51.74 -4.08
CA MET D 37 7.63 -50.77 -3.91
C MET D 37 8.78 -51.37 -3.12
N GLN D 38 9.97 -50.85 -3.37
CA GLN D 38 11.12 -51.09 -2.52
C GLN D 38 11.23 -49.97 -1.50
N VAL D 39 11.56 -50.33 -0.27
CA VAL D 39 11.75 -49.33 0.78
C VAL D 39 12.97 -49.73 1.61
N TRP D 40 13.53 -48.74 2.30
CA TRP D 40 14.47 -49.02 3.37
C TRP D 40 13.75 -49.09 4.70
N CYS D 41 13.97 -50.19 5.42
CA CYS D 41 13.40 -50.42 6.74
C CYS D 41 14.48 -50.14 7.79
N ASP D 42 14.21 -49.20 8.69
CA ASP D 42 15.07 -49.01 9.86
C ASP D 42 14.54 -49.90 10.96
N GLN D 43 15.16 -51.07 11.14
CA GLN D 43 14.69 -52.06 12.09
C GLN D 43 15.39 -51.97 13.44
N ARG D 44 16.39 -51.09 13.60
CA ARG D 44 17.16 -51.04 14.82
C ARG D 44 16.89 -49.82 15.69
N HIS D 45 16.40 -48.72 15.12
CA HIS D 45 16.05 -47.52 15.90
C HIS D 45 14.77 -47.80 16.67
N ASP D 46 14.87 -47.97 17.98
CA ASP D 46 13.73 -48.29 18.82
C ASP D 46 12.56 -47.36 18.50
N PRO D 47 11.33 -47.88 18.34
CA PRO D 47 10.96 -49.29 18.47
C PRO D 47 11.06 -50.17 17.22
N GLY D 48 11.88 -49.77 16.25
CA GLY D 48 12.07 -50.59 15.08
C GLY D 48 10.85 -50.64 14.18
N GLY D 49 10.99 -51.24 13.01
CA GLY D 49 9.85 -51.36 12.12
C GLY D 49 9.47 -50.07 11.43
N TRP D 50 10.44 -49.20 11.17
CA TRP D 50 10.20 -47.91 10.55
C TRP D 50 10.36 -48.02 9.04
N THR D 51 9.38 -47.51 8.30
CA THR D 51 9.43 -47.47 6.85
C THR D 51 9.92 -46.08 6.45
N VAL D 52 11.11 -46.01 5.87
CA VAL D 52 11.69 -44.72 5.48
C VAL D 52 10.99 -44.21 4.23
N ILE D 53 10.44 -43.00 4.31
CA ILE D 53 9.81 -42.38 3.15
C ILE D 53 10.69 -41.28 2.54
N GLN D 54 11.75 -40.86 3.23
CA GLN D 54 12.60 -39.78 2.76
C GLN D 54 13.89 -39.83 3.55
N ARG D 55 15.00 -39.54 2.88
CA ARG D 55 16.30 -39.54 3.57
C ARG D 55 17.27 -38.66 2.83
N ARG D 56 17.94 -37.77 3.58
CA ARG D 56 19.05 -36.96 3.11
C ARG D 56 20.29 -37.36 3.89
N LEU D 57 21.44 -37.42 3.22
CA LEU D 57 22.63 -37.84 3.93
C LEU D 57 23.92 -37.23 3.38
N ASP D 58 23.97 -37.01 2.07
CA ASP D 58 25.26 -36.72 1.46
C ASP D 58 25.22 -35.88 0.19
N GLY D 59 24.07 -35.33 -0.20
CA GLY D 59 24.03 -34.48 -1.37
C GLY D 59 24.15 -35.21 -2.69
N SER D 60 23.99 -36.52 -2.69
CA SER D 60 24.19 -37.30 -3.91
C SER D 60 23.01 -37.23 -4.87
N VAL D 61 21.83 -36.83 -4.41
CA VAL D 61 20.61 -36.93 -5.20
C VAL D 61 20.00 -35.55 -5.35
N ASN D 62 19.49 -35.26 -6.55
CA ASN D 62 18.86 -33.98 -6.85
C ASN D 62 17.40 -34.03 -6.41
N PHE D 63 17.01 -33.14 -5.51
CA PHE D 63 15.62 -33.10 -5.05
C PHE D 63 14.81 -31.95 -5.67
N PHE D 64 15.43 -31.12 -6.51
CA PHE D 64 14.69 -30.10 -7.26
C PHE D 64 14.06 -30.79 -8.47
N ARG D 65 12.91 -31.43 -8.24
CA ARG D 65 12.31 -32.32 -9.23
C ARG D 65 10.85 -31.98 -9.48
N ASN D 66 10.33 -32.47 -10.61
CA ASN D 66 8.99 -32.08 -11.03
C ASN D 66 7.94 -33.00 -10.41
N TRP D 67 6.67 -32.74 -10.76
CA TRP D 67 5.57 -33.41 -10.10
C TRP D 67 5.60 -34.91 -10.32
N GLU D 68 5.75 -35.34 -11.58
CA GLU D 68 5.69 -36.77 -11.87
C GLU D 68 6.81 -37.51 -11.15
N THR D 69 7.99 -36.89 -11.04
CA THR D 69 9.10 -37.51 -10.34
C THR D 69 8.83 -37.63 -8.85
N TYR D 70 8.28 -36.57 -8.24
CA TYR D 70 7.87 -36.66 -6.84
C TYR D 70 6.71 -37.63 -6.64
N LYS D 71 5.85 -37.78 -7.65
CA LYS D 71 4.75 -38.74 -7.51
C LYS D 71 5.27 -40.17 -7.48
N GLN D 72 6.21 -40.51 -8.35
CA GLN D 72 6.66 -41.90 -8.47
C GLN D 72 7.77 -42.26 -7.51
N GLY D 73 8.60 -41.30 -7.14
CA GLY D 73 9.75 -41.53 -6.29
C GLY D 73 11.06 -41.47 -7.09
N PHE D 74 12.15 -41.21 -6.37
CA PHE D 74 13.43 -41.04 -7.03
C PHE D 74 14.53 -41.20 -5.99
N GLY D 75 15.74 -41.38 -6.48
CA GLY D 75 16.92 -41.50 -5.64
C GLY D 75 17.41 -42.93 -5.53
N ASN D 76 18.19 -43.18 -4.48
CA ASN D 76 18.77 -44.48 -4.21
C ASN D 76 18.23 -45.02 -2.89
N ILE D 77 17.68 -46.24 -2.92
CA ILE D 77 17.02 -46.74 -1.72
C ILE D 77 18.01 -47.07 -0.62
N ASP D 78 19.26 -47.34 -0.96
CA ASP D 78 20.31 -47.52 0.03
C ASP D 78 21.08 -46.22 0.26
N GLY D 79 20.55 -45.10 -0.19
CA GLY D 79 21.15 -43.81 0.08
C GLY D 79 20.09 -42.75 0.29
N GLU D 80 20.19 -41.65 -0.45
CA GLU D 80 19.19 -40.60 -0.38
C GLU D 80 18.02 -40.92 -1.29
N TYR D 81 16.80 -40.72 -0.79
CA TYR D 81 15.66 -40.95 -1.67
C TYR D 81 14.39 -40.30 -1.17
N TRP D 82 13.42 -40.24 -2.09
CA TRP D 82 12.05 -39.84 -1.84
C TRP D 82 11.16 -41.00 -2.32
N LEU D 83 10.37 -41.57 -1.42
CA LEU D 83 9.70 -42.83 -1.75
C LEU D 83 8.64 -42.64 -2.82
N GLY D 84 8.08 -41.45 -2.94
CA GLY D 84 7.05 -41.17 -3.94
C GLY D 84 5.70 -40.91 -3.29
N LEU D 85 5.02 -39.86 -3.78
CA LEU D 85 3.77 -39.43 -3.17
C LEU D 85 2.69 -40.52 -3.27
N GLU D 86 2.59 -41.17 -4.43
CA GLU D 86 1.59 -42.21 -4.61
C GLU D 86 1.88 -43.39 -3.69
N ASN D 87 3.14 -43.79 -3.56
CA ASN D 87 3.50 -44.85 -2.64
C ASN D 87 3.16 -44.47 -1.20
N ILE D 88 3.50 -43.23 -0.81
CA ILE D 88 3.24 -42.79 0.55
C ILE D 88 1.74 -42.70 0.82
N TYR D 89 0.97 -42.28 -0.19
CA TYR D 89 -0.48 -42.25 -0.04
C TYR D 89 -1.02 -43.63 0.32
N TRP D 90 -0.68 -44.65 -0.47
CA TRP D 90 -1.25 -45.97 -0.21
C TRP D 90 -0.78 -46.52 1.13
N LEU D 91 0.50 -46.34 1.45
CA LEU D 91 1.00 -46.75 2.75
C LEU D 91 0.21 -46.10 3.88
N THR D 92 0.05 -44.77 3.83
CA THR D 92 -0.50 -44.07 4.99
C THR D 92 -2.02 -44.16 5.08
N ASN D 93 -2.70 -44.74 4.08
CA ASN D 93 -4.14 -44.87 4.13
C ASN D 93 -4.61 -46.30 4.36
N GLN D 94 -3.69 -47.22 4.62
CA GLN D 94 -4.10 -48.56 5.03
C GLN D 94 -4.30 -48.66 6.53
N GLY D 95 -4.07 -47.57 7.25
CA GLY D 95 -4.22 -47.53 8.69
C GLY D 95 -3.54 -46.28 9.19
N ASN D 96 -3.64 -46.05 10.50
CA ASN D 96 -3.03 -44.85 11.06
C ASN D 96 -1.53 -45.06 11.30
N TYR D 97 -0.72 -44.15 10.76
CA TYR D 97 0.72 -44.18 10.92
C TYR D 97 1.19 -42.93 11.64
N LYS D 98 2.21 -43.08 12.46
CA LYS D 98 2.91 -41.94 13.03
C LYS D 98 4.14 -41.65 12.17
N LEU D 99 4.60 -40.40 12.25
CA LEU D 99 5.77 -39.95 11.52
C LEU D 99 6.85 -39.57 12.53
N LEU D 100 8.05 -40.07 12.32
CA LEU D 100 9.23 -39.66 13.07
C LEU D 100 10.19 -38.98 12.10
N VAL D 101 10.61 -37.77 12.44
CA VAL D 101 11.64 -37.04 11.70
C VAL D 101 12.89 -36.99 12.56
N THR D 102 13.97 -37.62 12.11
CA THR D 102 15.26 -37.51 12.80
C THR D 102 16.15 -36.57 12.01
N MET D 103 16.92 -35.76 12.74
CA MET D 103 17.79 -34.77 12.12
C MET D 103 19.12 -34.72 12.86
N GLU D 104 20.20 -34.54 12.11
CA GLU D 104 21.53 -34.36 12.68
C GLU D 104 22.20 -33.15 12.02
N ASP D 105 22.73 -32.25 12.85
CA ASP D 105 23.48 -31.12 12.34
C ASP D 105 24.94 -31.54 12.10
N TRP D 106 25.76 -30.59 11.67
CA TRP D 106 27.14 -30.89 11.29
C TRP D 106 28.08 -30.96 12.48
N SER D 107 27.60 -30.72 13.69
CA SER D 107 28.38 -30.92 14.91
C SER D 107 27.99 -32.18 15.67
N GLY D 108 27.19 -33.05 15.06
CA GLY D 108 26.81 -34.30 15.68
C GLY D 108 25.58 -34.24 16.57
N ARG D 109 24.95 -33.08 16.71
CA ARG D 109 23.76 -32.96 17.54
C ARG D 109 22.57 -33.61 16.82
N LYS D 110 21.87 -34.50 17.51
CA LYS D 110 20.73 -35.22 16.94
C LYS D 110 19.47 -34.86 17.71
N VAL D 111 18.41 -34.50 16.97
CA VAL D 111 17.11 -34.14 17.55
C VAL D 111 16.03 -34.88 16.76
N PHE D 112 14.79 -34.77 17.25
CA PHE D 112 13.69 -35.41 16.55
C PHE D 112 12.39 -34.64 16.73
N ALA D 113 11.46 -34.89 15.81
CA ALA D 113 10.07 -34.45 15.92
C ALA D 113 9.18 -35.63 15.53
N GLU D 114 8.20 -35.93 16.36
CA GLU D 114 7.28 -37.04 16.10
C GLU D 114 5.84 -36.57 16.09
N TYR D 115 5.07 -37.11 15.16
CA TYR D 115 3.67 -36.71 14.91
C TYR D 115 2.82 -37.96 14.96
N ALA D 116 1.84 -37.97 15.87
CA ALA D 116 1.10 -39.18 16.19
C ALA D 116 0.30 -39.71 15.01
N SER D 117 -0.05 -38.87 14.05
CA SER D 117 -0.69 -39.33 12.82
C SER D 117 -0.10 -38.54 11.66
N PHE D 118 -0.01 -39.23 10.51
CA PHE D 118 0.57 -38.67 9.30
C PHE D 118 -0.09 -39.42 8.14
N ARG D 119 -0.76 -38.67 7.26
CA ARG D 119 -1.51 -39.27 6.16
C ARG D 119 -1.57 -38.26 5.03
N LEU D 120 -1.54 -38.75 3.80
CA LEU D 120 -1.75 -37.91 2.63
C LEU D 120 -3.11 -38.20 2.03
N GLU D 121 -3.78 -37.14 1.57
CA GLU D 121 -4.97 -37.29 0.75
C GLU D 121 -4.57 -37.76 -0.65
N PRO D 122 -5.53 -38.12 -1.49
CA PRO D 122 -5.17 -38.66 -2.81
C PRO D 122 -4.62 -37.59 -3.75
N GLU D 123 -4.18 -38.04 -4.92
CA GLU D 123 -3.70 -37.08 -5.92
C GLU D 123 -4.81 -36.14 -6.35
N SER D 124 -6.06 -36.59 -6.27
CA SER D 124 -7.20 -35.73 -6.57
C SER D 124 -7.20 -34.48 -5.70
N GLU D 125 -6.64 -34.57 -4.49
CA GLU D 125 -6.50 -33.45 -3.58
C GLU D 125 -5.04 -33.03 -3.44
N TYR D 126 -4.21 -33.42 -4.42
CA TYR D 126 -2.80 -33.04 -4.48
C TYR D 126 -2.05 -33.41 -3.21
N TYR D 127 -2.41 -34.59 -2.69
CA TYR D 127 -1.66 -35.23 -1.62
C TYR D 127 -1.58 -34.35 -0.39
N LYS D 128 -2.70 -33.68 -0.08
CA LYS D 128 -2.75 -32.76 1.06
C LYS D 128 -2.31 -33.45 2.33
N LEU D 129 -1.54 -32.73 3.14
CA LEU D 129 -0.95 -33.26 4.35
C LEU D 129 -1.94 -33.21 5.51
N ARG D 130 -2.03 -34.32 6.24
CA ARG D 130 -2.82 -34.44 7.47
C ARG D 130 -1.86 -34.89 8.57
N LEU D 131 -1.63 -34.01 9.55
CA LEU D 131 -0.66 -34.26 10.61
C LEU D 131 -1.33 -34.21 11.97
N GLY D 132 -0.90 -35.12 12.86
CA GLY D 132 -1.40 -35.17 14.22
C GLY D 132 -0.47 -34.53 15.22
N ARG D 133 -0.69 -34.86 16.49
CA ARG D 133 -0.06 -34.15 17.60
C ARG D 133 1.45 -34.36 17.62
N TYR D 134 2.16 -33.26 17.90
CA TYR D 134 3.62 -33.23 17.92
C TYR D 134 4.16 -33.42 19.33
N HIS D 135 5.30 -34.12 19.42
CA HIS D 135 6.21 -33.95 20.55
C HIS D 135 7.61 -34.20 20.02
N GLY D 136 8.59 -33.57 20.66
CA GLY D 136 9.97 -33.77 20.27
C GLY D 136 10.86 -32.75 20.95
N ASN D 137 12.14 -32.79 20.58
CA ASN D 137 13.11 -31.81 21.03
C ASN D 137 13.69 -30.99 19.89
N ALA D 138 13.23 -31.21 18.66
CA ALA D 138 13.66 -30.40 17.53
C ALA D 138 12.90 -29.09 17.40
N GLY D 139 11.77 -28.95 18.08
CA GLY D 139 10.84 -27.89 17.78
C GLY D 139 9.89 -28.32 16.66
N ASP D 140 8.66 -27.83 16.68
CA ASP D 140 7.67 -28.23 15.68
C ASP D 140 7.71 -27.24 14.52
N SER D 141 8.50 -27.57 13.50
CA SER D 141 8.54 -26.78 12.27
C SER D 141 7.78 -27.42 11.11
N PHE D 142 6.89 -28.39 11.39
CA PHE D 142 6.07 -29.06 10.37
C PHE D 142 4.58 -28.77 10.48
N THR D 143 4.08 -28.42 11.67
CA THR D 143 2.64 -28.26 11.82
C THR D 143 2.10 -27.09 11.01
N TRP D 144 2.94 -26.07 10.76
CA TRP D 144 2.51 -24.95 9.92
C TRP D 144 2.12 -25.41 8.53
N HIS D 145 2.57 -26.59 8.13
CA HIS D 145 2.31 -27.13 6.81
C HIS D 145 1.09 -28.05 6.80
N ASN D 146 0.50 -28.29 7.96
CA ASN D 146 -0.67 -29.15 8.05
C ASN D 146 -1.80 -28.60 7.18
N GLY D 147 -2.46 -29.49 6.46
CA GLY D 147 -3.57 -29.13 5.60
C GLY D 147 -3.18 -28.52 4.28
N LYS D 148 -1.89 -28.43 3.95
CA LYS D 148 -1.48 -27.83 2.69
C LYS D 148 -1.24 -28.91 1.65
N GLN D 149 -1.50 -28.56 0.41
CA GLN D 149 -1.25 -29.44 -0.72
C GLN D 149 0.24 -29.53 -1.02
N PHE D 150 0.62 -30.55 -1.80
CA PHE D 150 1.99 -30.69 -2.25
C PHE D 150 2.26 -29.81 -3.46
N THR D 151 3.45 -29.22 -3.52
CA THR D 151 3.81 -28.25 -4.55
C THR D 151 5.19 -28.58 -5.11
N THR D 152 5.31 -28.49 -6.43
CA THR D 152 6.57 -28.69 -7.12
C THR D 152 6.82 -27.52 -8.07
N LEU D 153 8.00 -27.54 -8.70
CA LEU D 153 8.42 -26.46 -9.58
C LEU D 153 7.46 -26.26 -10.74
N ASP D 154 6.77 -27.33 -11.16
CA ASP D 154 5.84 -27.25 -12.28
C ASP D 154 4.38 -27.30 -11.84
N ARG D 155 4.11 -27.34 -10.53
CA ARG D 155 2.74 -27.45 -10.04
C ARG D 155 2.59 -26.60 -8.78
N ASP D 156 2.00 -25.42 -8.93
CA ASP D 156 1.84 -24.46 -7.84
C ASP D 156 0.51 -24.73 -7.14
N HIS D 157 0.57 -25.35 -5.96
CA HIS D 157 -0.61 -25.60 -5.14
C HIS D 157 -0.53 -24.94 -3.78
N ASP D 158 0.40 -24.00 -3.57
CA ASP D 158 0.57 -23.37 -2.28
C ASP D 158 -0.20 -22.05 -2.22
N VAL D 159 -0.38 -21.54 -1.00
CA VAL D 159 -1.19 -20.34 -0.81
C VAL D 159 -0.39 -19.06 -1.02
N TYR D 160 0.93 -19.15 -1.14
CA TYR D 160 1.75 -18.01 -1.55
C TYR D 160 1.33 -17.57 -2.94
N THR D 161 1.38 -16.26 -3.19
CA THR D 161 0.99 -15.74 -4.49
C THR D 161 1.95 -16.15 -5.59
N GLY D 162 3.17 -16.56 -5.25
CA GLY D 162 4.09 -17.18 -6.19
C GLY D 162 4.10 -18.69 -6.04
N ASN D 163 5.15 -19.30 -6.57
CA ASN D 163 5.37 -20.74 -6.44
C ASN D 163 6.55 -20.95 -5.50
N CYS D 164 6.26 -21.48 -4.31
CA CYS D 164 7.31 -21.63 -3.29
C CYS D 164 8.45 -22.51 -3.77
N ALA D 165 8.15 -23.53 -4.59
CA ALA D 165 9.21 -24.44 -5.01
C ALA D 165 10.27 -23.72 -5.83
N HIS D 166 9.93 -22.59 -6.44
CA HIS D 166 10.92 -21.82 -7.19
C HIS D 166 11.96 -21.18 -6.29
N TYR D 167 11.63 -20.96 -5.01
CA TYR D 167 12.53 -20.32 -4.06
C TYR D 167 13.15 -21.31 -3.08
N GLN D 168 12.37 -22.25 -2.57
CA GLN D 168 12.88 -23.23 -1.63
C GLN D 168 13.42 -24.49 -2.30
N LYS D 169 13.10 -24.69 -3.58
CA LYS D 169 13.73 -25.64 -4.49
C LYS D 169 13.48 -27.10 -4.15
N GLY D 170 12.38 -27.40 -3.45
CA GLY D 170 12.00 -28.77 -3.19
C GLY D 170 10.61 -29.09 -3.74
N GLY D 171 10.19 -30.31 -3.48
CA GLY D 171 8.78 -30.65 -3.48
C GLY D 171 8.34 -30.75 -2.04
N TRP D 172 7.23 -30.09 -1.73
CA TRP D 172 6.85 -29.98 -0.32
C TRP D 172 5.43 -29.45 -0.20
N TRP D 173 4.85 -29.68 0.98
CA TRP D 173 3.57 -29.11 1.35
C TRP D 173 3.78 -27.65 1.77
N TYR D 174 4.26 -26.85 0.83
CA TYR D 174 4.63 -25.47 1.14
C TYR D 174 3.40 -24.68 1.57
N ASN D 175 3.63 -23.77 2.52
CA ASN D 175 2.59 -22.83 2.96
C ASN D 175 2.90 -21.49 2.29
N ALA D 176 3.66 -20.62 2.97
CA ALA D 176 4.12 -19.38 2.33
C ALA D 176 5.37 -18.84 3.02
N CYS D 177 6.48 -19.58 2.94
CA CYS D 177 6.58 -20.81 2.20
C CYS D 177 6.91 -22.01 3.10
N ALA D 178 7.98 -21.93 3.91
CA ALA D 178 8.36 -23.11 4.68
C ALA D 178 9.02 -22.79 6.01
N HIS D 179 8.55 -23.48 7.05
CA HIS D 179 9.30 -23.60 8.30
C HIS D 179 10.23 -24.80 8.30
N SER D 180 9.97 -25.78 7.45
CA SER D 180 10.85 -26.92 7.23
C SER D 180 10.94 -27.16 5.72
N ASN D 181 12.11 -27.55 5.26
CA ASN D 181 12.39 -27.68 3.84
C ASN D 181 13.30 -28.90 3.62
N LEU D 182 12.84 -30.05 4.09
CA LEU D 182 13.69 -31.23 4.11
C LEU D 182 13.98 -31.77 2.72
N ASN D 183 13.22 -31.38 1.70
CA ASN D 183 13.49 -31.76 0.31
C ASN D 183 14.23 -30.66 -0.45
N GLY D 184 14.87 -29.74 0.27
CA GLY D 184 15.58 -28.64 -0.35
C GLY D 184 16.98 -29.02 -0.75
N VAL D 185 17.85 -28.03 -0.83
CA VAL D 185 19.20 -28.20 -1.35
C VAL D 185 20.14 -28.56 -0.20
N TRP D 186 20.91 -29.62 -0.37
CA TRP D 186 21.87 -30.06 0.63
C TRP D 186 23.17 -29.27 0.47
N TYR D 187 23.60 -28.62 1.55
CA TYR D 187 24.81 -27.81 1.57
C TYR D 187 25.81 -28.43 2.53
N ARG D 188 26.98 -28.79 2.02
CA ARG D 188 28.05 -29.30 2.86
C ARG D 188 28.37 -28.30 3.96
N GLY D 189 28.61 -28.81 5.16
CA GLY D 189 28.98 -27.97 6.28
C GLY D 189 27.86 -27.24 6.98
N GLY D 190 26.63 -27.37 6.51
CA GLY D 190 25.51 -26.74 7.19
C GLY D 190 25.29 -25.29 6.82
N HIS D 191 26.12 -24.39 7.35
CA HIS D 191 25.98 -22.98 7.03
C HIS D 191 26.11 -22.75 5.53
N TYR D 192 25.19 -21.96 4.97
CA TYR D 192 25.22 -21.59 3.58
C TYR D 192 24.66 -20.19 3.44
N ARG D 193 24.96 -19.55 2.31
CA ARG D 193 24.42 -18.25 1.98
C ARG D 193 23.83 -18.29 0.58
N SER D 194 22.58 -17.88 0.45
CA SER D 194 21.93 -17.86 -0.84
C SER D 194 20.89 -16.74 -0.83
N ARG D 195 20.49 -16.34 -2.04
CA ARG D 195 19.41 -15.36 -2.17
C ARG D 195 18.23 -15.76 -1.31
N TYR D 196 17.83 -17.02 -1.39
CA TYR D 196 16.70 -17.55 -0.67
C TYR D 196 17.13 -18.76 0.13
N GLN D 197 16.47 -18.95 1.26
CA GLN D 197 16.74 -20.06 2.16
C GLN D 197 16.14 -21.30 1.52
N ASP D 198 16.97 -22.01 0.76
CA ASP D 198 16.55 -23.19 0.03
C ASP D 198 17.23 -24.46 0.52
N GLY D 199 17.95 -24.38 1.65
CA GLY D 199 18.64 -25.53 2.19
C GLY D 199 17.71 -26.51 2.88
N VAL D 200 18.28 -27.65 3.27
CA VAL D 200 17.58 -28.70 4.00
C VAL D 200 17.42 -28.26 5.45
N TYR D 201 16.45 -27.40 5.73
CA TYR D 201 16.40 -26.77 7.05
C TYR D 201 15.14 -27.14 7.82
N TRP D 202 15.24 -26.91 9.13
CA TRP D 202 14.17 -27.13 10.10
C TRP D 202 14.28 -25.93 11.05
N ALA D 203 13.40 -24.95 10.85
CA ALA D 203 13.63 -23.62 11.42
C ALA D 203 13.85 -23.64 12.93
N GLU D 204 13.06 -24.45 13.64
CA GLU D 204 13.16 -24.43 15.11
C GLU D 204 14.40 -25.14 15.64
N PHE D 205 15.16 -25.83 14.78
CA PHE D 205 16.38 -26.51 15.21
C PHE D 205 17.58 -25.62 14.94
N ARG D 206 17.99 -25.48 13.68
CA ARG D 206 19.17 -24.68 13.34
C ARG D 206 18.84 -23.48 12.47
N GLY D 207 17.56 -23.18 12.24
CA GLY D 207 17.18 -22.00 11.49
C GLY D 207 17.16 -22.21 9.99
N GLY D 208 16.78 -21.12 9.30
CA GLY D 208 16.56 -21.19 7.87
C GLY D 208 17.82 -21.18 7.03
N SER D 209 18.96 -20.79 7.61
CA SER D 209 20.21 -20.66 6.87
C SER D 209 21.20 -21.77 7.22
N TYR D 210 20.70 -22.91 7.69
CA TYR D 210 21.54 -24.03 8.09
C TYR D 210 20.97 -25.31 7.48
N SER D 211 21.76 -25.98 6.65
CA SER D 211 21.33 -27.20 5.98
C SER D 211 21.76 -28.41 6.81
N LEU D 212 20.80 -29.28 7.12
CA LEU D 212 21.09 -30.40 8.01
C LEU D 212 21.84 -31.50 7.28
N LYS D 213 22.75 -32.14 8.00
CA LYS D 213 23.63 -33.14 7.39
C LYS D 213 22.87 -34.43 7.08
N LYS D 214 22.11 -34.93 8.05
CA LYS D 214 21.39 -36.18 7.91
C LYS D 214 19.94 -35.96 8.35
N VAL D 215 19.00 -36.36 7.51
CA VAL D 215 17.57 -36.26 7.81
C VAL D 215 16.91 -37.55 7.40
N VAL D 216 15.95 -38.02 8.21
CA VAL D 216 15.16 -39.19 7.88
C VAL D 216 13.71 -38.91 8.27
N MET D 217 12.81 -39.13 7.33
CA MET D 217 11.37 -39.17 7.60
C MET D 217 10.92 -40.62 7.50
N MET D 218 10.34 -41.15 8.57
CA MET D 218 9.93 -42.54 8.57
C MET D 218 8.65 -42.70 9.36
N ILE D 219 7.91 -43.75 9.01
CA ILE D 219 6.55 -43.94 9.48
C ILE D 219 6.40 -45.36 10.01
N ARG D 220 5.41 -45.52 10.88
CA ARG D 220 5.22 -46.74 11.62
C ARG D 220 3.74 -46.82 12.01
N PRO D 221 3.13 -48.00 11.95
CA PRO D 221 1.72 -48.10 12.36
C PRO D 221 1.54 -47.64 13.80
N ASN D 222 0.45 -46.91 14.03
CA ASN D 222 0.12 -46.36 15.34
C ASN D 222 -1.39 -46.46 15.51
N PRO D 223 -1.92 -47.68 15.59
CA PRO D 223 -3.39 -47.86 15.64
C PRO D 223 -4.02 -47.38 16.95
N SER E 6 45.20 -5.45 14.89
CA SER E 6 44.56 -4.27 14.31
C SER E 6 43.74 -4.57 13.05
N GLY E 7 44.27 -5.38 12.14
CA GLY E 7 43.52 -5.77 10.96
C GLY E 7 42.24 -6.42 11.41
N PRO E 8 41.11 -6.10 10.77
CA PRO E 8 39.81 -6.40 11.39
C PRO E 8 39.73 -7.86 11.82
N TRP E 9 39.01 -8.08 12.91
CA TRP E 9 38.89 -9.38 13.53
C TRP E 9 37.44 -9.86 13.53
N ARG E 10 37.28 -11.18 13.48
CA ARG E 10 35.98 -11.82 13.65
C ARG E 10 35.33 -11.36 14.95
N ASP E 11 36.13 -11.22 16.00
CA ASP E 11 35.69 -10.86 17.33
C ASP E 11 36.95 -10.67 18.18
N CYS E 12 36.78 -10.26 19.43
CA CYS E 12 37.93 -10.00 20.29
C CYS E 12 38.73 -11.25 20.60
N LEU E 13 38.11 -12.43 20.50
CA LEU E 13 38.86 -13.65 20.76
C LEU E 13 39.88 -13.90 19.66
N GLN E 14 39.48 -13.71 18.40
CA GLN E 14 40.42 -13.86 17.30
C GLN E 14 41.62 -12.94 17.47
N ALA E 15 41.37 -11.70 17.90
CA ALA E 15 42.46 -10.77 18.14
C ALA E 15 43.36 -11.25 19.27
N LEU E 16 42.76 -11.74 20.37
CA LEU E 16 43.56 -12.26 21.46
C LEU E 16 44.46 -13.40 20.99
N GLU E 17 43.92 -14.28 20.15
CA GLU E 17 44.66 -15.47 19.75
C GLU E 17 45.88 -15.13 18.90
N ASP E 18 45.93 -13.93 18.34
CA ASP E 18 47.09 -13.49 17.58
C ASP E 18 48.00 -12.56 18.38
N GLY E 19 47.82 -12.50 19.69
CA GLY E 19 48.76 -11.84 20.58
C GLY E 19 48.30 -10.53 21.16
N HIS E 20 47.12 -10.03 20.80
CA HIS E 20 46.65 -8.73 21.27
C HIS E 20 45.95 -8.92 22.61
N ASP E 21 46.73 -8.75 23.67
CA ASP E 21 46.31 -9.02 25.04
C ASP E 21 45.92 -7.75 25.79
N THR E 22 45.89 -6.62 25.10
CA THR E 22 45.61 -5.33 25.71
C THR E 22 44.13 -5.01 25.56
N SER E 23 43.46 -4.70 26.67
CA SER E 23 42.09 -4.22 26.61
C SER E 23 42.09 -2.83 25.99
N SER E 24 41.40 -2.67 24.88
CA SER E 24 41.40 -1.38 24.17
C SER E 24 40.38 -1.46 23.04
N ILE E 25 40.44 -0.50 22.12
CA ILE E 25 39.54 -0.45 20.98
C ILE E 25 40.13 -1.26 19.85
N TYR E 26 39.31 -2.12 19.24
CA TYR E 26 39.70 -2.94 18.12
C TYR E 26 38.67 -2.83 17.00
N LEU E 27 39.11 -3.14 15.80
CA LEU E 27 38.25 -3.21 14.63
C LEU E 27 37.73 -4.64 14.48
N VAL E 28 36.41 -4.78 14.33
CA VAL E 28 35.78 -6.09 14.16
C VAL E 28 34.93 -6.08 12.91
N LYS E 29 34.99 -7.20 12.16
CA LYS E 29 34.20 -7.43 10.96
C LYS E 29 33.66 -8.86 10.99
N PRO E 30 32.37 -9.06 11.24
CA PRO E 30 31.85 -10.43 11.34
C PRO E 30 31.89 -11.18 10.01
N GLU E 31 31.77 -12.50 10.12
CA GLU E 31 32.15 -13.40 9.04
C GLU E 31 31.34 -13.15 7.77
N ASN E 32 30.03 -13.05 7.89
CA ASN E 32 29.14 -13.09 6.72
C ASN E 32 28.43 -11.76 6.48
N THR E 33 29.15 -10.66 6.63
CA THR E 33 28.61 -9.34 6.37
C THR E 33 29.77 -8.45 5.97
N ASN E 34 29.45 -7.30 5.37
CA ASN E 34 30.43 -6.25 5.15
C ASN E 34 30.30 -5.15 6.19
N ARG E 35 29.83 -5.53 7.37
CA ARG E 35 29.70 -4.62 8.51
C ARG E 35 31.04 -4.48 9.23
N LEU E 36 31.51 -3.25 9.36
CA LEU E 36 32.73 -2.93 10.09
C LEU E 36 32.37 -2.10 11.31
N MET E 37 32.93 -2.45 12.47
CA MET E 37 32.60 -1.75 13.69
C MET E 37 33.82 -1.58 14.57
N GLN E 38 33.78 -0.56 15.41
CA GLN E 38 34.68 -0.42 16.55
C GLN E 38 34.08 -1.16 17.74
N VAL E 39 34.92 -1.87 18.50
CA VAL E 39 34.48 -2.46 19.76
C VAL E 39 35.56 -2.24 20.81
N TRP E 40 35.15 -2.30 22.08
CA TRP E 40 36.09 -2.46 23.17
C TRP E 40 36.25 -3.95 23.44
N CYS E 41 37.49 -4.40 23.53
CA CYS E 41 37.78 -5.81 23.84
C CYS E 41 38.31 -5.87 25.27
N ASP E 42 37.65 -6.65 26.12
CA ASP E 42 38.15 -6.90 27.47
C ASP E 42 39.01 -8.16 27.40
N GLN E 43 40.31 -7.97 27.36
CA GLN E 43 41.24 -9.08 27.21
C GLN E 43 41.76 -9.58 28.55
N ARG E 44 41.22 -9.07 29.65
CA ARG E 44 41.71 -9.39 30.99
C ARG E 44 40.75 -10.21 31.81
N HIS E 45 39.44 -10.02 31.65
CA HIS E 45 38.50 -10.88 32.36
C HIS E 45 38.58 -12.29 31.80
N ASP E 46 38.66 -13.27 32.70
CA ASP E 46 38.90 -14.65 32.32
C ASP E 46 37.89 -15.10 31.27
N PRO E 47 38.33 -15.75 30.18
CA PRO E 47 39.73 -16.07 29.83
C PRO E 47 40.33 -15.11 28.80
N GLY E 48 39.79 -13.90 28.74
CA GLY E 48 40.14 -12.98 27.68
C GLY E 48 39.28 -13.20 26.45
N GLY E 49 39.38 -12.26 25.52
CA GLY E 49 38.66 -12.38 24.28
C GLY E 49 37.21 -11.94 24.33
N TRP E 50 36.84 -11.10 25.28
CA TRP E 50 35.46 -10.66 25.40
C TRP E 50 35.20 -9.43 24.56
N THR E 51 34.13 -9.47 23.77
CA THR E 51 33.69 -8.33 22.96
C THR E 51 32.58 -7.59 23.72
N VAL E 52 32.86 -6.34 24.11
CA VAL E 52 31.88 -5.56 24.86
C VAL E 52 30.77 -5.11 23.92
N ILE E 53 29.53 -5.46 24.25
CA ILE E 53 28.39 -5.00 23.46
C ILE E 53 27.61 -3.89 24.15
N GLN E 54 27.80 -3.68 25.45
CA GLN E 54 27.08 -2.68 26.22
C GLN E 54 27.91 -2.36 27.45
N ARG E 55 27.96 -1.08 27.82
CA ARG E 55 28.69 -0.68 29.02
C ARG E 55 28.08 0.60 29.58
N ARG E 56 27.83 0.58 30.88
CA ARG E 56 27.40 1.73 31.65
C ARG E 56 28.49 2.03 32.66
N LEU E 57 28.77 3.32 32.88
CA LEU E 57 29.81 3.63 33.85
C LEU E 57 29.65 4.97 34.56
N ASP E 58 29.03 5.96 33.92
CA ASP E 58 29.15 7.31 34.45
C ASP E 58 28.03 8.26 34.02
N GLY E 59 27.00 7.73 33.37
CA GLY E 59 25.87 8.55 33.03
C GLY E 59 26.09 9.55 31.92
N SER E 60 27.20 9.41 31.17
CA SER E 60 27.54 10.38 30.13
C SER E 60 26.70 10.24 28.87
N VAL E 61 26.06 9.09 28.65
CA VAL E 61 25.37 8.80 27.39
C VAL E 61 23.90 8.53 27.66
N ASN E 62 23.05 9.05 26.78
CA ASN E 62 21.60 8.89 26.89
C ASN E 62 21.19 7.57 26.23
N PHE E 63 20.55 6.70 27.01
CA PHE E 63 20.12 5.39 26.52
C PHE E 63 18.61 5.32 26.26
N PHE E 64 17.88 6.41 26.48
CA PHE E 64 16.45 6.47 26.11
C PHE E 64 16.38 6.88 24.65
N ARG E 65 16.55 5.90 23.76
CA ARG E 65 16.74 6.19 22.35
C ARG E 65 15.78 5.37 21.49
N ASN E 66 15.68 5.76 20.22
CA ASN E 66 14.72 5.17 19.30
C ASN E 66 15.28 3.91 18.66
N TRP E 67 14.43 3.25 17.87
CA TRP E 67 14.78 1.97 17.28
C TRP E 67 16.02 2.08 16.39
N GLU E 68 16.02 3.07 15.48
CA GLU E 68 17.13 3.17 14.54
C GLU E 68 18.44 3.38 15.27
N THR E 69 18.41 4.17 16.35
CA THR E 69 19.62 4.38 17.14
C THR E 69 20.05 3.09 17.84
N TYR E 70 19.09 2.34 18.38
CA TYR E 70 19.43 1.06 19.00
C TYR E 70 19.86 0.04 17.95
N LYS E 71 19.38 0.18 16.71
CA LYS E 71 19.80 -0.76 15.67
C LYS E 71 21.25 -0.52 15.28
N GLN E 72 21.65 0.75 15.15
CA GLN E 72 22.97 1.08 14.62
C GLN E 72 24.06 1.15 15.68
N GLY E 73 23.70 1.49 16.91
CA GLY E 73 24.65 1.69 17.98
C GLY E 73 24.82 3.16 18.31
N PHE E 74 25.28 3.41 19.53
CA PHE E 74 25.49 4.79 19.98
C PHE E 74 26.45 4.82 21.16
N GLY E 75 26.93 6.03 21.45
CA GLY E 75 27.77 6.28 22.59
C GLY E 75 29.23 6.43 22.22
N ASN E 76 30.08 6.16 23.20
CA ASN E 76 31.53 6.31 23.08
C ASN E 76 32.16 4.94 23.34
N ILE E 77 32.96 4.46 22.38
CA ILE E 77 33.51 3.12 22.49
C ILE E 77 34.59 3.04 23.56
N ASP E 78 35.22 4.16 23.92
CA ASP E 78 36.09 4.20 25.09
C ASP E 78 35.33 4.61 26.35
N GLY E 79 34.00 4.56 26.31
CA GLY E 79 33.20 4.90 27.47
C GLY E 79 31.92 4.09 27.50
N GLU E 80 30.79 4.75 27.74
CA GLU E 80 29.50 4.08 27.72
C GLU E 80 29.04 3.91 26.28
N TYR E 81 28.56 2.72 25.93
CA TYR E 81 28.01 2.56 24.59
C TYR E 81 27.06 1.37 24.50
N TRP E 82 26.34 1.35 23.38
CA TRP E 82 25.52 0.24 22.92
C TRP E 82 26.01 -0.11 21.52
N LEU E 83 26.44 -1.36 21.32
CA LEU E 83 27.12 -1.70 20.08
C LEU E 83 26.19 -1.68 18.88
N GLY E 84 24.89 -1.90 19.09
CA GLY E 84 23.93 -1.89 18.01
C GLY E 84 23.35 -3.25 17.70
N LEU E 85 22.01 -3.33 17.57
CA LEU E 85 21.37 -4.63 17.42
C LEU E 85 21.87 -5.35 16.17
N GLU E 86 22.02 -4.63 15.06
CA GLU E 86 22.47 -5.29 13.83
C GLU E 86 23.89 -5.83 14.00
N ASN E 87 24.79 -5.05 14.58
CA ASN E 87 26.14 -5.55 14.86
C ASN E 87 26.11 -6.78 15.75
N ILE E 88 25.34 -6.71 16.84
CA ILE E 88 25.26 -7.84 17.77
C ILE E 88 24.65 -9.06 17.10
N TYR E 89 23.71 -8.84 16.18
CA TYR E 89 23.14 -9.96 15.44
C TYR E 89 24.21 -10.69 14.63
N TRP E 90 24.98 -9.96 13.83
CA TRP E 90 25.98 -10.61 12.99
C TRP E 90 27.03 -11.30 13.85
N LEU E 91 27.46 -10.65 14.93
CA LEU E 91 28.45 -11.26 15.82
C LEU E 91 27.93 -12.56 16.42
N THR E 92 26.72 -12.54 16.99
CA THR E 92 26.26 -13.73 17.70
C THR E 92 25.77 -14.84 16.78
N ASN E 93 25.71 -14.60 15.47
CA ASN E 93 25.26 -15.62 14.54
C ASN E 93 26.39 -16.21 13.70
N GLN E 94 27.64 -15.87 14.01
CA GLN E 94 28.76 -16.54 13.35
C GLN E 94 29.27 -17.74 14.17
N GLY E 95 28.62 -18.05 15.28
CA GLY E 95 29.00 -19.16 16.13
C GLY E 95 28.19 -19.09 17.41
N ASN E 96 28.40 -20.08 18.28
CA ASN E 96 27.75 -20.01 19.58
C ASN E 96 28.57 -19.11 20.51
N TYR E 97 27.93 -18.07 21.04
CA TYR E 97 28.58 -17.17 21.98
C TYR E 97 27.92 -17.29 23.35
N LYS E 98 28.73 -17.12 24.39
CA LYS E 98 28.20 -16.92 25.74
C LYS E 98 28.16 -15.43 26.05
N LEU E 99 27.31 -15.07 27.00
CA LEU E 99 27.15 -13.70 27.45
C LEU E 99 27.57 -13.59 28.90
N LEU E 100 28.47 -12.67 29.19
CA LEU E 100 28.86 -12.33 30.55
C LEU E 100 28.37 -10.93 30.88
N VAL E 101 27.61 -10.82 31.96
CA VAL E 101 27.16 -9.53 32.48
C VAL E 101 27.87 -9.30 33.82
N THR E 102 28.72 -8.28 33.86
CA THR E 102 29.35 -7.86 35.11
C THR E 102 28.66 -6.61 35.66
N MET E 103 28.51 -6.57 36.99
CA MET E 103 27.79 -5.49 37.65
C MET E 103 28.53 -5.10 38.92
N GLU E 104 28.58 -3.80 39.17
CA GLU E 104 29.23 -3.22 40.35
C GLU E 104 28.31 -2.18 40.94
N ASP E 105 28.03 -2.30 42.24
CA ASP E 105 27.22 -1.28 42.91
C ASP E 105 28.11 -0.12 43.37
N TRP E 106 27.50 0.82 44.07
CA TRP E 106 28.17 2.05 44.50
C TRP E 106 29.02 1.84 45.74
N SER E 107 28.99 0.65 46.33
CA SER E 107 29.88 0.30 47.44
C SER E 107 31.04 -0.58 47.00
N GLY E 108 31.19 -0.82 45.70
CA GLY E 108 32.28 -1.61 45.18
C GLY E 108 32.04 -3.11 45.10
N ARG E 109 30.84 -3.58 45.44
CA ARG E 109 30.53 -5.00 45.29
C ARG E 109 30.40 -5.34 43.81
N LYS E 110 31.12 -6.37 43.37
CA LYS E 110 31.08 -6.80 41.97
C LYS E 110 30.50 -8.21 41.88
N VAL E 111 29.48 -8.37 41.04
CA VAL E 111 28.83 -9.65 40.82
C VAL E 111 28.75 -9.89 39.31
N PHE E 112 28.36 -11.11 38.94
CA PHE E 112 28.24 -11.44 37.53
C PHE E 112 27.12 -12.44 37.32
N ALA E 113 26.61 -12.44 36.08
CA ALA E 113 25.66 -13.41 35.56
C ALA E 113 26.17 -13.82 34.20
N GLU E 114 26.24 -15.13 33.94
CA GLU E 114 26.74 -15.64 32.66
C GLU E 114 25.75 -16.62 32.07
N TYR E 115 25.58 -16.54 30.75
CA TYR E 115 24.66 -17.38 29.99
C TYR E 115 25.44 -18.12 28.91
N ALA E 116 25.30 -19.45 28.90
CA ALA E 116 26.16 -20.29 28.06
C ALA E 116 25.92 -20.10 26.58
N SER E 117 24.76 -19.56 26.20
CA SER E 117 24.49 -19.20 24.81
C SER E 117 23.72 -17.89 24.81
N PHE E 118 23.98 -17.07 23.80
CA PHE E 118 23.37 -15.75 23.66
C PHE E 118 23.37 -15.43 22.18
N ARG E 119 22.18 -15.23 21.61
CA ARG E 119 22.03 -14.99 20.19
C ARG E 119 20.77 -14.14 19.98
N LEU E 120 20.82 -13.27 18.99
CA LEU E 120 19.66 -12.50 18.56
C LEU E 120 19.17 -13.02 17.22
N GLU E 121 17.85 -13.07 17.06
CA GLU E 121 17.27 -13.36 15.76
C GLU E 121 17.38 -12.11 14.89
N PRO E 122 17.02 -12.19 13.61
CA PRO E 122 17.15 -11.04 12.71
C PRO E 122 16.18 -9.91 13.04
N GLU E 123 16.41 -8.76 12.41
CA GLU E 123 15.47 -7.66 12.53
C GLU E 123 14.08 -8.07 12.07
N SER E 124 14.01 -8.95 11.06
CA SER E 124 12.75 -9.56 10.65
C SER E 124 11.98 -10.10 11.83
N GLU E 125 12.68 -10.50 12.90
CA GLU E 125 12.05 -10.98 14.12
C GLU E 125 12.34 -10.07 15.31
N TYR E 126 12.66 -8.80 15.04
CA TYR E 126 12.80 -7.79 16.09
C TYR E 126 13.82 -8.23 17.12
N TYR E 127 14.87 -8.89 16.62
CA TYR E 127 16.08 -9.18 17.38
C TYR E 127 15.74 -9.97 18.63
N LYS E 128 14.82 -10.93 18.47
CA LYS E 128 14.37 -11.75 19.58
C LYS E 128 15.54 -12.40 20.29
N LEU E 129 15.48 -12.38 21.61
CA LEU E 129 16.57 -12.86 22.45
C LEU E 129 16.50 -14.37 22.62
N ARG E 130 17.63 -15.04 22.44
CA ARG E 130 17.79 -16.46 22.68
C ARG E 130 18.88 -16.64 23.73
N LEU E 131 18.52 -17.12 24.91
CA LEU E 131 19.45 -17.22 26.03
C LEU E 131 19.58 -18.67 26.50
N GLY E 132 20.80 -19.07 26.82
CA GLY E 132 21.09 -20.37 27.37
C GLY E 132 21.28 -20.36 28.87
N ARG E 133 21.98 -21.39 29.36
CA ARG E 133 21.97 -21.73 30.77
C ARG E 133 22.78 -20.75 31.62
N TYR E 134 22.21 -20.39 32.77
CA TYR E 134 22.76 -19.39 33.66
C TYR E 134 23.70 -20.00 34.70
N HIS E 135 24.77 -19.28 35.00
CA HIS E 135 25.42 -19.39 36.30
C HIS E 135 25.97 -18.02 36.70
N GLY E 136 26.18 -17.86 37.99
CA GLY E 136 26.73 -16.61 38.49
C GLY E 136 26.39 -16.40 39.95
N ASN E 137 26.78 -15.22 40.45
CA ASN E 137 26.46 -14.81 41.81
C ASN E 137 25.59 -13.57 41.87
N ALA E 138 25.21 -12.98 40.73
CA ALA E 138 24.29 -11.85 40.75
C ALA E 138 22.84 -12.28 40.88
N GLY E 139 22.53 -13.55 40.67
CA GLY E 139 21.17 -14.00 40.48
C GLY E 139 20.74 -13.81 39.04
N ASP E 140 19.75 -14.60 38.62
CA ASP E 140 19.33 -14.61 37.22
C ASP E 140 18.12 -13.73 37.01
N SER E 141 18.36 -12.48 36.61
CA SER E 141 17.28 -11.54 36.32
C SER E 141 17.11 -11.29 34.83
N PHE E 142 17.62 -12.18 33.99
CA PHE E 142 17.54 -12.03 32.54
C PHE E 142 16.75 -13.14 31.86
N THR E 143 16.66 -14.32 32.47
CA THR E 143 15.95 -15.41 31.80
C THR E 143 14.48 -15.11 31.63
N TRP E 144 13.88 -14.28 32.50
CA TRP E 144 12.49 -13.90 32.30
C TRP E 144 12.28 -13.24 30.94
N HIS E 145 13.35 -12.71 30.35
CA HIS E 145 13.30 -12.00 29.07
C HIS E 145 13.62 -12.89 27.88
N ASN E 146 13.99 -14.14 28.11
CA ASN E 146 14.27 -15.06 27.02
C ASN E 146 13.07 -15.18 26.10
N GLY E 147 13.33 -15.21 24.79
CA GLY E 147 12.29 -15.37 23.80
C GLY E 147 11.51 -14.11 23.47
N LYS E 148 11.83 -12.98 24.08
CA LYS E 148 11.13 -11.72 23.81
C LYS E 148 11.86 -10.89 22.76
N GLN E 149 11.07 -10.15 22.00
CA GLN E 149 11.59 -9.23 20.99
C GLN E 149 12.14 -7.97 21.66
N PHE E 150 12.88 -7.20 20.89
CA PHE E 150 13.41 -5.92 21.37
C PHE E 150 12.36 -4.84 21.20
N THR E 151 12.30 -3.94 22.18
CA THR E 151 11.31 -2.88 22.22
C THR E 151 12.00 -1.56 22.53
N THR E 152 11.58 -0.50 21.84
CA THR E 152 12.03 0.85 22.10
C THR E 152 10.82 1.76 22.25
N LEU E 153 11.08 3.02 22.56
CA LEU E 153 10.01 3.99 22.79
C LEU E 153 9.13 4.18 21.56
N ASP E 154 9.67 3.97 20.36
CA ASP E 154 8.87 4.10 19.14
C ASP E 154 8.53 2.76 18.50
N ARG E 155 8.88 1.64 19.13
CA ARG E 155 8.61 0.31 18.57
C ARG E 155 8.17 -0.62 19.70
N ASP E 156 6.85 -0.80 19.84
CA ASP E 156 6.30 -1.66 20.88
C ASP E 156 6.24 -3.09 20.34
N HIS E 157 7.13 -3.95 20.84
CA HIS E 157 7.13 -5.37 20.49
C HIS E 157 7.02 -6.27 21.73
N ASP E 158 6.63 -5.74 22.88
CA ASP E 158 6.54 -6.52 24.10
C ASP E 158 5.11 -7.00 24.32
N VAL E 159 4.98 -8.05 25.14
CA VAL E 159 3.68 -8.67 25.35
C VAL E 159 2.78 -7.87 26.29
N TYR E 160 3.32 -6.89 27.00
CA TYR E 160 2.52 -5.96 27.79
C TYR E 160 1.58 -5.18 26.85
N THR E 161 0.35 -4.94 27.31
CA THR E 161 -0.61 -4.23 26.47
C THR E 161 -0.19 -2.79 26.21
N GLY E 162 0.72 -2.24 27.00
CA GLY E 162 1.35 -0.97 26.70
C GLY E 162 2.74 -1.15 26.11
N ASN E 163 3.51 -0.06 26.11
CA ASN E 163 4.91 -0.08 25.66
C ASN E 163 5.79 0.06 26.89
N CYS E 164 6.51 -1.02 27.22
CA CYS E 164 7.33 -1.00 28.44
C CYS E 164 8.40 0.08 28.39
N ALA E 165 8.90 0.42 27.19
CA ALA E 165 9.96 1.42 27.10
C ALA E 165 9.51 2.78 27.61
N HIS E 166 8.20 3.05 27.61
CA HIS E 166 7.71 4.33 28.13
C HIS E 166 7.83 4.42 29.64
N TYR E 167 7.90 3.27 30.31
CA TYR E 167 7.98 3.21 31.76
C TYR E 167 9.39 2.93 32.26
N GLN E 168 10.09 1.98 31.65
CA GLN E 168 11.44 1.61 32.05
C GLN E 168 12.52 2.39 31.30
N LYS E 169 12.17 3.09 30.23
CA LYS E 169 12.96 4.16 29.62
C LYS E 169 14.23 3.67 28.92
N GLY E 170 14.28 2.40 28.53
CA GLY E 170 15.40 1.88 27.77
C GLY E 170 14.94 1.24 26.47
N GLY E 171 15.92 0.68 25.77
CA GLY E 171 15.67 -0.30 24.73
C GLY E 171 16.07 -1.66 25.28
N TRP E 172 15.14 -2.62 25.18
CA TRP E 172 15.35 -3.89 25.88
C TRP E 172 14.36 -4.92 25.36
N TRP E 173 14.68 -6.19 25.67
CA TRP E 173 13.79 -7.31 25.38
C TRP E 173 12.73 -7.41 26.48
N TYR E 174 11.96 -6.34 26.59
CA TYR E 174 10.99 -6.21 27.68
C TYR E 174 9.93 -7.31 27.60
N ASN E 175 9.50 -7.76 28.78
CA ASN E 175 8.43 -8.74 28.88
C ASN E 175 7.18 -7.98 29.34
N ALA E 176 6.90 -7.91 30.64
CA ALA E 176 5.81 -7.07 31.13
C ALA E 176 6.05 -6.67 32.60
N CYS E 177 7.14 -5.95 32.89
CA CYS E 177 8.02 -5.38 31.89
C CYS E 177 9.49 -5.80 32.05
N ALA E 178 10.08 -5.64 33.24
CA ALA E 178 11.50 -5.98 33.34
C ALA E 178 11.96 -6.41 34.73
N HIS E 179 12.71 -7.51 34.74
CA HIS E 179 13.50 -7.92 35.89
C HIS E 179 14.93 -7.42 35.83
N SER E 180 15.42 -7.11 34.64
CA SER E 180 16.68 -6.42 34.42
C SER E 180 16.41 -5.26 33.48
N ASN E 181 17.10 -4.15 33.68
CA ASN E 181 16.89 -2.95 32.88
C ASN E 181 18.22 -2.23 32.67
N LEU E 182 19.19 -2.94 32.08
CA LEU E 182 20.55 -2.41 32.04
C LEU E 182 20.72 -1.25 31.06
N ASN E 183 19.77 -1.02 30.17
CA ASN E 183 19.79 0.12 29.27
C ASN E 183 18.90 1.26 29.78
N GLY E 184 18.54 1.23 31.06
CA GLY E 184 17.74 2.26 31.68
C GLY E 184 18.52 3.49 32.09
N VAL E 185 17.93 4.24 33.02
CA VAL E 185 18.47 5.55 33.42
C VAL E 185 19.52 5.36 34.50
N TRP E 186 20.70 5.92 34.28
CA TRP E 186 21.80 5.84 35.25
C TRP E 186 21.63 6.89 36.33
N TYR E 187 21.53 6.46 37.58
CA TYR E 187 21.31 7.36 38.72
C TYR E 187 22.55 7.39 39.60
N ARG E 188 23.18 8.56 39.71
CA ARG E 188 24.34 8.70 40.58
C ARG E 188 24.01 8.25 42.00
N GLY E 189 24.91 7.47 42.59
CA GLY E 189 24.77 7.02 43.95
C GLY E 189 23.89 5.80 44.15
N GLY E 190 23.28 5.28 43.09
CA GLY E 190 22.54 4.04 43.22
C GLY E 190 21.09 4.20 43.61
N HIS E 191 20.85 4.56 44.87
CA HIS E 191 19.47 4.74 45.33
C HIS E 191 18.79 5.86 44.58
N TYR E 192 17.55 5.61 44.17
CA TYR E 192 16.78 6.62 43.46
C TYR E 192 15.30 6.34 43.69
N ARG E 193 14.48 7.35 43.40
CA ARG E 193 13.04 7.10 43.37
C ARG E 193 12.43 7.77 42.15
N SER E 194 11.51 7.04 41.53
CA SER E 194 10.81 7.48 40.32
C SER E 194 9.43 6.85 40.38
N ARG E 195 8.48 7.45 39.67
CA ARG E 195 7.14 6.88 39.63
C ARG E 195 7.21 5.41 39.20
N TYR E 196 8.00 5.12 38.17
CA TYR E 196 8.24 3.77 37.69
C TYR E 196 9.72 3.46 37.79
N GLN E 197 10.05 2.21 38.11
CA GLN E 197 11.45 1.81 38.24
C GLN E 197 12.09 1.80 36.87
N ASP E 198 12.94 2.80 36.60
CA ASP E 198 13.51 2.96 35.27
C ASP E 198 15.03 3.03 35.30
N GLY E 199 15.67 2.71 36.43
CA GLY E 199 17.10 2.80 36.55
C GLY E 199 17.81 1.58 35.98
N VAL E 200 19.14 1.63 36.06
CA VAL E 200 19.99 0.56 35.55
C VAL E 200 20.02 -0.55 36.59
N TYR E 201 18.98 -1.37 36.63
CA TYR E 201 18.79 -2.29 37.74
C TYR E 201 18.81 -3.75 37.30
N TRP E 202 19.16 -4.59 38.27
CA TRP E 202 19.19 -6.05 38.13
C TRP E 202 18.52 -6.59 39.38
N ALA E 203 17.28 -7.06 39.21
CA ALA E 203 16.39 -7.25 40.36
C ALA E 203 17.00 -8.16 41.43
N GLU E 204 17.65 -9.24 41.03
CA GLU E 204 18.17 -10.19 42.01
C GLU E 204 19.39 -9.69 42.76
N PHE E 205 20.06 -8.63 42.29
CA PHE E 205 21.27 -8.13 42.96
C PHE E 205 20.87 -7.13 44.03
N ARG E 206 20.46 -5.91 43.63
CA ARG E 206 20.08 -4.90 44.61
C ARG E 206 18.63 -4.42 44.48
N GLY E 207 17.82 -5.04 43.62
CA GLY E 207 16.43 -4.67 43.50
C GLY E 207 16.18 -3.60 42.44
N GLY E 208 14.89 -3.33 42.22
CA GLY E 208 14.47 -2.47 41.13
C GLY E 208 14.72 -0.98 41.34
N SER E 209 14.92 -0.53 42.58
CA SER E 209 15.13 0.88 42.84
C SER E 209 16.58 1.19 43.18
N TYR E 210 17.52 0.39 42.67
CA TYR E 210 18.94 0.65 42.82
C TYR E 210 19.57 0.63 41.45
N SER E 211 20.20 1.74 41.06
CA SER E 211 20.86 1.86 39.76
C SER E 211 22.33 1.48 39.90
N LEU E 212 22.79 0.55 39.08
CA LEU E 212 24.15 0.03 39.22
C LEU E 212 25.15 1.04 38.67
N LYS E 213 26.32 1.07 39.30
CA LYS E 213 27.32 2.08 38.94
C LYS E 213 27.99 1.74 37.63
N LYS E 214 28.48 0.52 37.49
CA LYS E 214 29.13 0.08 36.27
C LYS E 214 28.55 -1.26 35.85
N VAL E 215 28.22 -1.36 34.57
CA VAL E 215 27.65 -2.56 33.97
C VAL E 215 28.37 -2.79 32.65
N VAL E 216 28.74 -4.05 32.40
CA VAL E 216 29.30 -4.45 31.12
C VAL E 216 28.59 -5.71 30.66
N MET E 217 28.10 -5.69 29.43
CA MET E 217 27.61 -6.88 28.74
C MET E 217 28.65 -7.25 27.69
N MET E 218 29.16 -8.48 27.78
CA MET E 218 30.29 -8.92 26.97
C MET E 218 29.98 -10.28 26.38
N ILE E 219 30.48 -10.55 25.18
CA ILE E 219 30.28 -11.85 24.57
C ILE E 219 31.61 -12.45 24.11
N ARG E 220 31.60 -13.78 23.99
CA ARG E 220 32.79 -14.51 23.57
C ARG E 220 32.35 -15.87 23.06
N PRO E 221 33.06 -16.43 22.07
CA PRO E 221 32.72 -17.78 21.60
C PRO E 221 32.69 -18.77 22.76
N ASN E 222 31.73 -19.68 22.69
CA ASN E 222 31.60 -20.78 23.65
C ASN E 222 31.35 -22.05 22.85
N PRO E 223 32.32 -22.48 22.06
CA PRO E 223 32.10 -23.65 21.19
C PRO E 223 31.96 -24.92 22.01
N ASN E 224 30.95 -25.72 21.68
CA ASN E 224 30.72 -27.00 22.36
C ASN E 224 30.81 -26.90 23.88
N LYS F 4 -45.93 27.21 9.70
CA LYS F 4 -45.26 27.87 8.58
C LYS F 4 -44.80 26.86 7.54
N PRO F 5 -45.35 26.95 6.31
CA PRO F 5 -44.87 26.08 5.22
C PRO F 5 -43.65 26.66 4.52
N SER F 6 -42.53 25.94 4.58
CA SER F 6 -41.20 26.51 4.39
C SER F 6 -40.91 27.05 2.99
N GLY F 7 -41.85 26.91 2.05
CA GLY F 7 -41.61 27.20 0.65
C GLY F 7 -41.39 25.87 -0.05
N PRO F 8 -42.20 25.55 -1.05
CA PRO F 8 -42.20 24.17 -1.56
C PRO F 8 -40.81 23.75 -2.00
N TRP F 9 -40.57 22.44 -1.94
CA TRP F 9 -39.27 21.86 -2.21
C TRP F 9 -39.30 20.91 -3.41
N ARG F 10 -38.16 20.82 -4.09
CA ARG F 10 -37.98 19.81 -5.13
C ARG F 10 -38.08 18.41 -4.56
N ASP F 11 -37.65 18.22 -3.31
CA ASP F 11 -37.72 16.95 -2.61
C ASP F 11 -37.22 17.18 -1.19
N CYS F 12 -37.23 16.12 -0.38
CA CYS F 12 -36.92 16.26 1.03
C CYS F 12 -35.45 16.59 1.27
N LEU F 13 -34.57 16.24 0.34
CA LEU F 13 -33.15 16.59 0.54
C LEU F 13 -32.96 18.09 0.42
N GLN F 14 -33.64 18.74 -0.53
CA GLN F 14 -33.54 20.19 -0.63
C GLN F 14 -34.01 20.86 0.65
N ALA F 15 -35.11 20.36 1.24
CA ALA F 15 -35.55 20.88 2.53
C ALA F 15 -34.48 20.67 3.58
N LEU F 16 -33.88 19.49 3.62
CA LEU F 16 -32.80 19.23 4.59
C LEU F 16 -31.66 20.22 4.40
N GLU F 17 -31.22 20.42 3.16
CA GLU F 17 -30.08 21.30 2.90
C GLU F 17 -30.34 22.72 3.39
N ASP F 18 -31.59 23.15 3.46
CA ASP F 18 -31.93 24.47 3.96
C ASP F 18 -32.17 24.48 5.47
N GLY F 19 -31.91 23.35 6.14
CA GLY F 19 -31.94 23.30 7.60
C GLY F 19 -33.16 22.67 8.21
N HIS F 20 -34.08 22.15 7.42
CA HIS F 20 -35.28 21.53 7.98
C HIS F 20 -34.94 20.10 8.38
N ASP F 21 -34.61 19.92 9.66
CA ASP F 21 -34.00 18.70 10.18
C ASP F 21 -35.02 17.78 10.85
N THR F 22 -36.30 18.12 10.80
CA THR F 22 -37.34 17.40 11.54
C THR F 22 -38.11 16.51 10.57
N SER F 23 -38.14 15.21 10.84
CA SER F 23 -39.04 14.32 10.11
C SER F 23 -40.47 14.77 10.34
N SER F 24 -41.19 15.06 9.27
CA SER F 24 -42.52 15.64 9.37
C SER F 24 -43.13 15.71 7.98
N ILE F 25 -44.23 16.45 7.86
CA ILE F 25 -44.93 16.62 6.59
C ILE F 25 -44.40 17.88 5.92
N TYR F 26 -44.03 17.76 4.65
CA TYR F 26 -43.47 18.88 3.92
C TYR F 26 -44.18 19.00 2.57
N LEU F 27 -44.09 20.20 2.00
CA LEU F 27 -44.68 20.50 0.71
C LEU F 27 -43.62 20.37 -0.38
N VAL F 28 -43.92 19.56 -1.40
CA VAL F 28 -42.99 19.27 -2.48
C VAL F 28 -43.62 19.64 -3.80
N LYS F 29 -42.84 20.32 -4.65
CA LYS F 29 -43.28 20.71 -5.99
C LYS F 29 -42.16 20.31 -6.95
N PRO F 30 -42.32 19.25 -7.74
CA PRO F 30 -41.24 18.84 -8.63
C PRO F 30 -40.96 19.90 -9.68
N GLU F 31 -39.68 20.03 -10.03
CA GLU F 31 -39.29 20.83 -11.19
C GLU F 31 -39.95 20.25 -12.43
N ASN F 32 -40.43 21.14 -13.30
CA ASN F 32 -41.02 20.81 -14.60
C ASN F 32 -42.48 20.37 -14.52
N THR F 33 -43.20 20.71 -13.47
CA THR F 33 -44.63 20.46 -13.40
C THR F 33 -45.21 21.42 -12.39
N ASN F 34 -46.53 21.60 -12.45
CA ASN F 34 -47.27 22.36 -11.45
C ASN F 34 -48.00 21.45 -10.49
N ARG F 35 -47.48 20.24 -10.30
CA ARG F 35 -48.00 19.29 -9.33
C ARG F 35 -47.46 19.62 -7.95
N LEU F 36 -48.34 19.94 -7.03
CA LEU F 36 -47.99 20.16 -5.63
C LEU F 36 -48.44 18.95 -4.81
N MET F 37 -47.65 18.60 -3.80
CA MET F 37 -47.98 17.44 -3.00
C MET F 37 -47.46 17.62 -1.58
N GLN F 38 -48.13 16.98 -0.62
CA GLN F 38 -47.54 16.78 0.70
C GLN F 38 -46.85 15.43 0.75
N VAL F 39 -45.72 15.38 1.46
CA VAL F 39 -44.93 14.17 1.60
C VAL F 39 -44.42 14.11 3.03
N TRP F 40 -44.19 12.89 3.52
CA TRP F 40 -43.44 12.70 4.76
C TRP F 40 -41.96 12.65 4.42
N CYS F 41 -41.17 13.51 5.07
CA CYS F 41 -39.72 13.52 4.92
C CYS F 41 -39.12 12.79 6.12
N ASP F 42 -38.31 11.76 5.85
CA ASP F 42 -37.51 11.12 6.89
C ASP F 42 -36.16 11.82 6.89
N GLN F 43 -35.98 12.76 7.81
CA GLN F 43 -34.75 13.54 7.89
C GLN F 43 -33.75 12.97 8.89
N ARG F 44 -34.08 11.89 9.59
CA ARG F 44 -33.23 11.35 10.65
C ARG F 44 -32.52 10.05 10.27
N HIS F 45 -33.11 9.23 9.40
CA HIS F 45 -32.46 8.00 8.94
C HIS F 45 -31.31 8.36 8.03
N ASP F 46 -30.07 8.13 8.49
CA ASP F 46 -28.89 8.43 7.71
C ASP F 46 -29.07 7.93 6.27
N PRO F 47 -28.76 8.75 5.25
CA PRO F 47 -28.21 10.10 5.39
C PRO F 47 -29.22 11.24 5.46
N GLY F 48 -30.49 10.94 5.69
CA GLY F 48 -31.50 11.98 5.79
C GLY F 48 -31.94 12.45 4.41
N GLY F 49 -32.93 13.33 4.41
CA GLY F 49 -33.44 13.84 3.15
C GLY F 49 -34.18 12.83 2.32
N TRP F 50 -34.84 11.87 2.97
CA TRP F 50 -35.60 10.84 2.27
C TRP F 50 -37.04 11.29 2.04
N THR F 51 -37.52 11.12 0.81
CA THR F 51 -38.90 11.39 0.48
C THR F 51 -39.67 10.06 0.49
N VAL F 52 -40.56 9.90 1.47
CA VAL F 52 -41.32 8.65 1.57
C VAL F 52 -42.37 8.62 0.47
N ILE F 53 -42.36 7.55 -0.33
CA ILE F 53 -43.38 7.37 -1.35
C ILE F 53 -44.40 6.29 -0.99
N GLN F 54 -44.13 5.48 0.02
CA GLN F 54 -45.01 4.39 0.42
C GLN F 54 -44.65 4.00 1.84
N ARG F 55 -45.67 3.63 2.62
CA ARG F 55 -45.41 3.25 4.01
C ARG F 55 -46.53 2.35 4.49
N ARG F 56 -46.15 1.23 5.11
CA ARG F 56 -47.06 0.31 5.78
C ARG F 56 -46.69 0.26 7.25
N LEU F 57 -47.69 0.18 8.12
CA LEU F 57 -47.37 0.18 9.53
C LEU F 57 -48.37 -0.57 10.40
N ASP F 58 -49.65 -0.54 10.03
CA ASP F 58 -50.66 -0.96 10.98
C ASP F 58 -51.97 -1.46 10.37
N GLY F 59 -52.02 -1.56 9.05
CA GLY F 59 -53.23 -2.05 8.42
C GLY F 59 -54.40 -1.08 8.45
N SER F 60 -54.15 0.19 8.75
CA SER F 60 -55.23 1.15 8.82
C SER F 60 -55.79 1.53 7.45
N VAL F 61 -55.01 1.37 6.38
CA VAL F 61 -55.41 1.86 5.06
C VAL F 61 -55.56 0.69 4.10
N ASN F 62 -56.57 0.78 3.25
CA ASN F 62 -56.88 -0.22 2.23
C ASN F 62 -56.07 0.07 0.97
N PHE F 63 -55.23 -0.89 0.56
CA PHE F 63 -54.36 -0.75 -0.60
C PHE F 63 -54.87 -1.52 -1.82
N PHE F 64 -56.01 -2.20 -1.71
CA PHE F 64 -56.64 -2.87 -2.85
C PHE F 64 -57.51 -1.84 -3.57
N ARG F 65 -56.84 -1.02 -4.41
CA ARG F 65 -57.46 0.18 -4.97
C ARG F 65 -57.25 0.24 -6.49
N ASN F 66 -58.06 1.08 -7.14
CA ASN F 66 -58.08 1.11 -8.59
C ASN F 66 -57.02 2.04 -9.15
N TRP F 67 -56.93 2.10 -10.48
CA TRP F 67 -55.85 2.83 -11.14
C TRP F 67 -55.86 4.30 -10.77
N GLU F 68 -57.03 4.94 -10.78
CA GLU F 68 -57.08 6.37 -10.53
C GLU F 68 -56.63 6.70 -9.11
N THR F 69 -57.03 5.88 -8.13
CA THR F 69 -56.57 6.09 -6.77
C THR F 69 -55.05 5.91 -6.67
N TYR F 70 -54.51 4.88 -7.32
CA TYR F 70 -53.07 4.68 -7.33
C TYR F 70 -52.35 5.79 -8.08
N LYS F 71 -52.98 6.34 -9.12
CA LYS F 71 -52.36 7.45 -9.84
C LYS F 71 -52.25 8.68 -8.95
N GLN F 72 -53.32 8.99 -8.21
CA GLN F 72 -53.35 10.24 -7.47
C GLN F 72 -52.71 10.13 -6.09
N GLY F 73 -52.77 8.97 -5.46
CA GLY F 73 -52.31 8.88 -4.09
C GLY F 73 -53.46 8.62 -3.15
N PHE F 74 -53.15 7.97 -2.03
CA PHE F 74 -54.16 7.71 -1.01
C PHE F 74 -53.49 7.45 0.32
N GLY F 75 -54.28 7.53 1.38
CA GLY F 75 -53.84 7.20 2.71
C GLY F 75 -53.69 8.42 3.61
N ASN F 76 -52.92 8.24 4.68
CA ASN F 76 -52.64 9.29 5.66
C ASN F 76 -51.16 9.61 5.61
N ILE F 77 -50.84 10.89 5.37
CA ILE F 77 -49.43 11.24 5.18
C ILE F 77 -48.65 11.12 6.47
N ASP F 78 -49.33 11.15 7.63
CA ASP F 78 -48.70 10.85 8.90
C ASP F 78 -48.92 9.40 9.34
N GLY F 79 -49.38 8.54 8.42
CA GLY F 79 -49.50 7.13 8.69
C GLY F 79 -49.13 6.27 7.49
N GLU F 80 -50.01 5.34 7.14
CA GLU F 80 -49.82 4.52 5.96
C GLU F 80 -50.28 5.27 4.72
N TYR F 81 -49.48 5.25 3.67
CA TYR F 81 -49.91 5.92 2.46
C TYR F 81 -49.13 5.46 1.23
N TRP F 82 -49.68 5.83 0.08
CA TRP F 82 -49.08 5.71 -1.24
C TRP F 82 -49.08 7.09 -1.86
N LEU F 83 -47.91 7.59 -2.24
CA LEU F 83 -47.81 8.98 -2.64
C LEU F 83 -48.55 9.25 -3.95
N GLY F 84 -48.70 8.23 -4.81
CA GLY F 84 -49.35 8.42 -6.10
C GLY F 84 -48.41 8.30 -7.28
N LEU F 85 -48.83 7.57 -8.31
CA LEU F 85 -47.95 7.29 -9.44
C LEU F 85 -47.51 8.56 -10.15
N GLU F 86 -48.44 9.50 -10.35
CA GLU F 86 -48.10 10.74 -11.04
C GLU F 86 -47.09 11.54 -10.24
N ASN F 87 -47.32 11.70 -8.94
CA ASN F 87 -46.37 12.39 -8.08
C ASN F 87 -45.00 11.72 -8.14
N ILE F 88 -44.98 10.38 -8.06
CA ILE F 88 -43.71 9.67 -8.05
C ILE F 88 -43.00 9.81 -9.40
N TYR F 89 -43.76 9.85 -10.49
CA TYR F 89 -43.16 10.04 -11.80
C TYR F 89 -42.42 11.39 -11.88
N TRP F 90 -43.09 12.47 -11.50
CA TRP F 90 -42.46 13.79 -11.60
C TRP F 90 -41.24 13.87 -10.69
N LEU F 91 -41.33 13.30 -9.49
CA LEU F 91 -40.18 13.31 -8.59
C LEU F 91 -38.99 12.59 -9.20
N THR F 92 -39.21 11.38 -9.72
CA THR F 92 -38.09 10.54 -10.13
C THR F 92 -37.53 10.93 -11.50
N ASN F 93 -38.15 11.88 -12.19
CA ASN F 93 -37.69 12.30 -13.52
C ASN F 93 -37.11 13.71 -13.52
N GLN F 94 -36.93 14.33 -12.36
CA GLN F 94 -36.17 15.58 -12.27
C GLN F 94 -34.69 15.33 -12.04
N GLY F 95 -34.28 14.07 -12.03
CA GLY F 95 -32.92 13.69 -11.75
C GLY F 95 -32.90 12.23 -11.36
N ASN F 96 -31.70 11.68 -11.23
CA ASN F 96 -31.62 10.29 -10.80
C ASN F 96 -31.83 10.19 -9.30
N TYR F 97 -32.75 9.33 -8.90
CA TYR F 97 -33.02 9.06 -7.48
C TYR F 97 -32.68 7.61 -7.18
N LYS F 98 -32.23 7.37 -5.95
CA LYS F 98 -32.10 6.02 -5.43
C LYS F 98 -33.30 5.69 -4.57
N LEU F 99 -33.57 4.40 -4.43
CA LEU F 99 -34.68 3.89 -3.62
C LEU F 99 -34.10 3.07 -2.47
N LEU F 100 -34.60 3.36 -1.27
CA LEU F 100 -34.35 2.55 -0.08
C LEU F 100 -35.67 1.95 0.38
N VAL F 101 -35.68 0.63 0.54
CA VAL F 101 -36.81 -0.11 1.11
C VAL F 101 -36.35 -0.65 2.46
N THR F 102 -37.00 -0.21 3.53
CA THR F 102 -36.77 -0.74 4.87
C THR F 102 -37.96 -1.58 5.29
N MET F 103 -37.68 -2.68 5.98
CA MET F 103 -38.66 -3.69 6.32
C MET F 103 -38.37 -4.22 7.72
N GLU F 104 -39.43 -4.39 8.50
CA GLU F 104 -39.36 -4.90 9.86
C GLU F 104 -40.37 -6.02 10.01
N ASP F 105 -39.92 -7.19 10.48
CA ASP F 105 -40.85 -8.29 10.70
C ASP F 105 -41.45 -8.16 12.09
N TRP F 106 -42.26 -9.14 12.48
CA TRP F 106 -42.98 -9.07 13.75
C TRP F 106 -42.15 -9.52 14.94
N SER F 107 -40.88 -9.87 14.72
CA SER F 107 -39.95 -10.19 15.80
C SER F 107 -38.93 -9.09 16.01
N GLY F 108 -39.08 -7.96 15.34
CA GLY F 108 -38.18 -6.85 15.48
C GLY F 108 -36.97 -6.87 14.58
N ARG F 109 -36.86 -7.84 13.67
CA ARG F 109 -35.72 -7.91 12.79
C ARG F 109 -35.93 -6.93 11.63
N LYS F 110 -34.92 -6.11 11.37
CA LYS F 110 -35.01 -5.04 10.38
C LYS F 110 -33.98 -5.27 9.28
N VAL F 111 -34.43 -5.22 8.03
CA VAL F 111 -33.57 -5.40 6.86
C VAL F 111 -33.87 -4.29 5.86
N PHE F 112 -33.03 -4.21 4.83
CA PHE F 112 -33.21 -3.20 3.79
C PHE F 112 -32.74 -3.71 2.43
N ALA F 113 -33.25 -3.04 1.40
CA ALA F 113 -32.86 -3.24 0.02
C ALA F 113 -32.72 -1.85 -0.58
N GLU F 114 -31.57 -1.56 -1.17
CA GLU F 114 -31.33 -0.26 -1.79
C GLU F 114 -31.02 -0.44 -3.27
N TYR F 115 -31.62 0.42 -4.09
CA TYR F 115 -31.45 0.41 -5.54
C TYR F 115 -30.91 1.76 -5.98
N ALA F 116 -29.80 1.73 -6.73
CA ALA F 116 -29.05 2.95 -7.01
C ALA F 116 -29.80 3.89 -7.94
N SER F 117 -30.77 3.36 -8.68
CA SER F 117 -31.60 4.15 -9.57
C SER F 117 -33.02 3.63 -9.47
N PHE F 118 -33.97 4.55 -9.43
CA PHE F 118 -35.39 4.22 -9.34
C PHE F 118 -36.14 5.30 -10.09
N ARG F 119 -36.81 4.94 -11.16
CA ARG F 119 -37.53 5.91 -11.99
C ARG F 119 -38.76 5.23 -12.56
N LEU F 120 -39.81 6.02 -12.76
CA LEU F 120 -41.01 5.56 -13.44
C LEU F 120 -41.13 6.26 -14.79
N GLU F 121 -41.58 5.52 -15.80
CA GLU F 121 -41.92 6.11 -17.08
C GLU F 121 -43.26 6.83 -16.94
N PRO F 122 -43.64 7.62 -17.95
CA PRO F 122 -44.91 8.37 -17.86
C PRO F 122 -46.12 7.43 -17.90
N GLU F 123 -47.28 8.01 -17.62
CA GLU F 123 -48.52 7.23 -17.68
C GLU F 123 -48.74 6.65 -19.07
N SER F 124 -48.23 7.32 -20.11
CA SER F 124 -48.34 6.79 -21.45
C SER F 124 -47.69 5.42 -21.57
N GLU F 125 -46.71 5.14 -20.72
CA GLU F 125 -46.08 3.83 -20.65
C GLU F 125 -46.48 3.06 -19.40
N TYR F 126 -47.62 3.42 -18.80
CA TYR F 126 -48.15 2.72 -17.65
C TYR F 126 -47.17 2.72 -16.48
N TYR F 127 -46.41 3.81 -16.36
CA TYR F 127 -45.52 4.03 -15.22
C TYR F 127 -44.51 2.89 -15.06
N LYS F 128 -44.02 2.38 -16.19
CA LYS F 128 -43.07 1.29 -16.19
C LYS F 128 -41.91 1.57 -15.24
N LEU F 129 -41.48 0.53 -14.54
CA LEU F 129 -40.43 0.63 -13.53
C LEU F 129 -39.04 0.47 -14.16
N ARG F 130 -38.14 1.38 -13.80
CA ARG F 130 -36.74 1.31 -14.16
C ARG F 130 -35.94 1.25 -12.87
N LEU F 131 -35.26 0.13 -12.64
CA LEU F 131 -34.52 -0.09 -11.41
C LEU F 131 -33.05 -0.29 -11.68
N GLY F 132 -32.22 0.24 -10.78
CA GLY F 132 -30.79 0.13 -10.86
C GLY F 132 -30.23 -0.88 -9.90
N ARG F 133 -28.95 -0.73 -9.60
CA ARG F 133 -28.19 -1.79 -8.94
C ARG F 133 -28.58 -1.96 -7.48
N TYR F 134 -28.69 -3.23 -7.07
CA TYR F 134 -29.15 -3.58 -5.74
C TYR F 134 -27.99 -3.80 -4.77
N HIS F 135 -28.23 -3.47 -3.51
CA HIS F 135 -27.45 -4.01 -2.40
C HIS F 135 -28.30 -3.93 -1.14
N GLY F 136 -28.09 -4.89 -0.26
CA GLY F 136 -28.87 -4.94 0.96
C GLY F 136 -28.68 -6.26 1.67
N ASN F 137 -29.36 -6.38 2.81
CA ASN F 137 -29.42 -7.63 3.55
C ASN F 137 -30.82 -8.21 3.57
N ALA F 138 -31.78 -7.61 2.86
CA ALA F 138 -33.10 -8.22 2.73
C ALA F 138 -33.18 -9.25 1.61
N GLY F 139 -32.18 -9.30 0.74
CA GLY F 139 -32.29 -10.03 -0.51
C GLY F 139 -33.05 -9.23 -1.55
N ASP F 140 -32.78 -9.51 -2.82
CA ASP F 140 -33.32 -8.70 -3.91
C ASP F 140 -34.59 -9.35 -4.44
N SER F 141 -35.73 -8.92 -3.90
CA SER F 141 -37.03 -9.38 -4.37
C SER F 141 -37.75 -8.33 -5.21
N PHE F 142 -37.04 -7.33 -5.72
CA PHE F 142 -37.64 -6.28 -6.54
C PHE F 142 -37.14 -6.25 -7.98
N THR F 143 -35.90 -6.68 -8.23
CA THR F 143 -35.34 -6.59 -9.58
C THR F 143 -36.12 -7.42 -10.59
N TRP F 144 -36.73 -8.53 -10.18
CA TRP F 144 -37.59 -9.29 -11.06
C TRP F 144 -38.74 -8.45 -11.63
N HIS F 145 -39.06 -7.34 -10.97
CA HIS F 145 -40.11 -6.43 -11.42
C HIS F 145 -39.58 -5.34 -12.33
N ASN F 146 -38.28 -5.28 -12.55
CA ASN F 146 -37.69 -4.25 -13.41
C ASN F 146 -38.27 -4.35 -14.80
N GLY F 147 -38.58 -3.20 -15.38
CA GLY F 147 -39.13 -3.14 -16.72
C GLY F 147 -40.59 -3.50 -16.84
N LYS F 148 -41.29 -3.72 -15.74
CA LYS F 148 -42.71 -4.06 -15.80
C LYS F 148 -43.57 -2.83 -15.60
N GLN F 149 -44.72 -2.83 -16.28
CA GLN F 149 -45.70 -1.78 -16.13
C GLN F 149 -46.43 -1.93 -14.79
N PHE F 150 -47.14 -0.86 -14.41
CA PHE F 150 -47.97 -0.88 -13.21
C PHE F 150 -49.33 -1.49 -13.52
N THR F 151 -49.81 -2.34 -12.61
CA THR F 151 -51.06 -3.06 -12.77
C THR F 151 -51.93 -2.85 -11.54
N THR F 152 -53.22 -2.61 -11.75
CA THR F 152 -54.20 -2.56 -10.67
C THR F 152 -55.37 -3.48 -11.03
N LEU F 153 -56.33 -3.57 -10.10
CA LEU F 153 -57.43 -4.51 -10.27
C LEU F 153 -58.25 -4.23 -11.52
N ASP F 154 -58.27 -2.97 -11.98
CA ASP F 154 -59.07 -2.58 -13.14
C ASP F 154 -58.22 -2.32 -14.37
N ARG F 155 -56.91 -2.44 -14.28
CA ARG F 155 -56.02 -2.21 -15.42
C ARG F 155 -54.93 -3.28 -15.40
N ASP F 156 -55.02 -4.24 -16.31
CA ASP F 156 -54.08 -5.35 -16.38
C ASP F 156 -52.97 -5.01 -17.36
N HIS F 157 -51.76 -4.74 -16.84
CA HIS F 157 -50.60 -4.48 -17.68
C HIS F 157 -49.45 -5.42 -17.37
N ASP F 158 -49.73 -6.54 -16.70
CA ASP F 158 -48.69 -7.49 -16.36
C ASP F 158 -48.59 -8.58 -17.43
N VAL F 159 -47.49 -9.34 -17.37
CA VAL F 159 -47.23 -10.37 -18.37
C VAL F 159 -47.77 -11.72 -17.91
N TYR F 160 -48.61 -11.71 -16.88
CA TYR F 160 -49.36 -12.90 -16.49
C TYR F 160 -50.61 -13.00 -17.37
N THR F 161 -51.03 -14.24 -17.67
CA THR F 161 -52.22 -14.38 -18.50
C THR F 161 -53.49 -13.96 -17.76
N GLY F 162 -53.48 -13.93 -16.43
CA GLY F 162 -54.52 -13.30 -15.65
C GLY F 162 -54.16 -11.88 -15.25
N ASN F 163 -54.85 -11.36 -14.26
CA ASN F 163 -54.56 -10.05 -13.68
C ASN F 163 -54.00 -10.26 -12.28
N CYS F 164 -52.70 -10.03 -12.12
CA CYS F 164 -52.06 -10.31 -10.84
C CYS F 164 -52.71 -9.54 -9.69
N ALA F 165 -53.27 -8.36 -9.97
CA ALA F 165 -53.88 -7.58 -8.90
C ALA F 165 -55.08 -8.30 -8.28
N HIS F 166 -55.73 -9.18 -9.04
CA HIS F 166 -56.86 -9.93 -8.52
C HIS F 166 -56.44 -10.96 -7.48
N TYR F 167 -55.18 -11.40 -7.53
CA TYR F 167 -54.65 -12.43 -6.64
C TYR F 167 -53.84 -11.84 -5.50
N GLN F 168 -52.90 -10.94 -5.81
CA GLN F 168 -52.03 -10.36 -4.81
C GLN F 168 -52.61 -9.09 -4.19
N LYS F 169 -53.65 -8.52 -4.79
CA LYS F 169 -54.56 -7.55 -4.17
C LYS F 169 -53.93 -6.17 -3.97
N GLY F 170 -52.89 -5.83 -4.71
CA GLY F 170 -52.31 -4.51 -4.65
C GLY F 170 -52.32 -3.83 -6.00
N GLY F 171 -51.77 -2.60 -6.01
CA GLY F 171 -51.26 -2.00 -7.22
C GLY F 171 -49.75 -2.13 -7.20
N TRP F 172 -49.18 -2.60 -8.30
CA TRP F 172 -47.77 -2.97 -8.32
C TRP F 172 -47.31 -3.17 -9.75
N TRP F 173 -45.99 -3.15 -9.93
CA TRP F 173 -45.34 -3.53 -11.19
C TRP F 173 -45.22 -5.05 -11.24
N TYR F 174 -46.38 -5.72 -11.18
CA TYR F 174 -46.42 -7.17 -11.17
C TYR F 174 -45.77 -7.74 -12.42
N ASN F 175 -45.10 -8.88 -12.25
CA ASN F 175 -44.54 -9.65 -13.36
C ASN F 175 -45.48 -10.83 -13.62
N ALA F 176 -45.21 -11.97 -12.99
CA ALA F 176 -46.15 -13.10 -13.00
C ALA F 176 -45.93 -14.03 -11.81
N CYS F 177 -46.24 -13.60 -10.58
CA CYS F 177 -46.79 -12.27 -10.33
C CYS F 177 -45.86 -11.41 -9.46
N ALA F 178 -45.40 -11.90 -8.32
CA ALA F 178 -44.63 -11.03 -7.45
C ALA F 178 -43.64 -11.74 -6.55
N HIS F 179 -42.42 -11.21 -6.55
CA HIS F 179 -41.41 -11.53 -5.55
C HIS F 179 -41.52 -10.60 -4.34
N SER F 180 -42.03 -9.39 -4.54
CA SER F 180 -42.39 -8.48 -3.47
C SER F 180 -43.79 -7.95 -3.73
N ASN F 181 -44.54 -7.72 -2.66
CA ASN F 181 -45.94 -7.32 -2.75
C ASN F 181 -46.23 -6.31 -1.65
N LEU F 182 -45.44 -5.23 -1.64
CA LEU F 182 -45.49 -4.30 -0.51
C LEU F 182 -46.79 -3.51 -0.45
N ASN F 183 -47.56 -3.47 -1.54
CA ASN F 183 -48.88 -2.84 -1.53
C ASN F 183 -49.99 -3.85 -1.31
N GLY F 184 -49.67 -5.01 -0.74
CA GLY F 184 -50.64 -6.06 -0.53
C GLY F 184 -51.42 -5.89 0.76
N VAL F 185 -51.93 -7.02 1.26
CA VAL F 185 -52.81 -7.04 2.42
C VAL F 185 -51.96 -7.19 3.68
N TRP F 186 -52.13 -6.27 4.61
CA TRP F 186 -51.42 -6.28 5.88
C TRP F 186 -52.09 -7.27 6.84
N TYR F 187 -51.32 -8.26 7.30
CA TYR F 187 -51.82 -9.28 8.22
C TYR F 187 -51.13 -9.14 9.56
N ARG F 188 -51.92 -8.96 10.62
CA ARG F 188 -51.37 -8.88 11.96
C ARG F 188 -50.61 -10.15 12.32
N GLY F 189 -49.46 -9.99 12.96
CA GLY F 189 -48.66 -11.11 13.41
C GLY F 189 -47.80 -11.76 12.36
N GLY F 190 -47.84 -11.30 11.11
CA GLY F 190 -46.95 -11.82 10.08
C GLY F 190 -47.48 -13.04 9.37
N HIS F 191 -47.40 -14.21 10.01
CA HIS F 191 -47.87 -15.44 9.38
C HIS F 191 -49.34 -15.35 9.01
N TYR F 192 -49.67 -15.81 7.80
CA TYR F 192 -51.06 -15.80 7.37
C TYR F 192 -51.31 -16.93 6.40
N ARG F 193 -52.58 -17.26 6.24
CA ARG F 193 -53.02 -18.32 5.35
C ARG F 193 -54.24 -17.81 4.59
N SER F 194 -54.15 -17.86 3.27
CA SER F 194 -55.21 -17.37 2.40
C SER F 194 -55.15 -18.17 1.12
N ARG F 195 -56.21 -18.05 0.32
CA ARG F 195 -56.24 -18.80 -0.94
C ARG F 195 -55.03 -18.45 -1.81
N TYR F 196 -54.68 -17.17 -1.86
CA TYR F 196 -53.50 -16.69 -2.58
C TYR F 196 -52.58 -15.95 -1.63
N GLN F 197 -51.32 -15.88 -2.02
CA GLN F 197 -50.33 -15.13 -1.22
C GLN F 197 -50.47 -13.67 -1.60
N ASP F 198 -51.23 -12.94 -0.77
CA ASP F 198 -51.52 -11.53 -1.04
C ASP F 198 -51.04 -10.60 0.06
N GLY F 199 -50.19 -11.08 0.96
CA GLY F 199 -49.70 -10.25 2.05
C GLY F 199 -48.62 -9.27 1.61
N VAL F 200 -48.26 -8.40 2.57
CA VAL F 200 -47.17 -7.44 2.43
C VAL F 200 -45.86 -8.20 2.56
N TYR F 201 -45.46 -8.88 1.50
CA TYR F 201 -44.34 -9.81 1.61
C TYR F 201 -43.15 -9.38 0.77
N TRP F 202 -41.98 -9.85 1.20
CA TRP F 202 -40.71 -9.68 0.48
C TRP F 202 -40.06 -11.06 0.50
N ALA F 203 -40.09 -11.74 -0.66
CA ALA F 203 -39.91 -13.19 -0.66
C ALA F 203 -38.56 -13.61 -0.07
N GLU F 204 -37.49 -12.88 -0.41
CA GLU F 204 -36.16 -13.24 0.05
C GLU F 204 -35.95 -12.99 1.54
N PHE F 205 -36.85 -12.25 2.19
CA PHE F 205 -36.72 -11.97 3.63
C PHE F 205 -37.48 -13.03 4.43
N ARG F 206 -38.82 -13.03 4.32
CA ARG F 206 -39.62 -13.96 5.13
C ARG F 206 -40.57 -14.83 4.31
N GLY F 207 -40.44 -14.83 2.99
CA GLY F 207 -41.24 -15.69 2.15
C GLY F 207 -42.59 -15.06 1.81
N GLY F 208 -43.33 -15.77 0.96
CA GLY F 208 -44.59 -15.26 0.46
C GLY F 208 -45.75 -15.35 1.41
N SER F 209 -45.61 -16.11 2.50
CA SER F 209 -46.69 -16.34 3.44
C SER F 209 -46.47 -15.60 4.75
N TYR F 210 -45.77 -14.47 4.69
CA TYR F 210 -45.44 -13.68 5.87
C TYR F 210 -45.58 -12.21 5.53
N SER F 211 -46.49 -11.55 6.23
CA SER F 211 -46.78 -10.13 6.04
C SER F 211 -45.89 -9.32 6.96
N LEU F 212 -45.18 -8.35 6.40
CA LEU F 212 -44.26 -7.54 7.18
C LEU F 212 -45.00 -6.47 7.98
N LYS F 213 -44.45 -6.15 9.14
CA LYS F 213 -45.13 -5.26 10.08
C LYS F 213 -44.99 -3.80 9.66
N LYS F 214 -43.77 -3.36 9.37
CA LYS F 214 -43.53 -2.00 8.92
C LYS F 214 -42.70 -2.04 7.66
N VAL F 215 -43.11 -1.26 6.66
CA VAL F 215 -42.40 -1.14 5.40
C VAL F 215 -42.36 0.34 5.03
N VAL F 216 -41.23 0.81 4.56
CA VAL F 216 -41.12 2.16 4.03
C VAL F 216 -40.35 2.10 2.72
N MET F 217 -40.91 2.71 1.68
CA MET F 217 -40.21 2.97 0.42
C MET F 217 -39.90 4.46 0.35
N MET F 218 -38.62 4.82 0.28
CA MET F 218 -38.25 6.23 0.22
C MET F 218 -37.13 6.44 -0.78
N ILE F 219 -37.05 7.66 -1.32
CA ILE F 219 -36.14 7.98 -2.40
C ILE F 219 -35.37 9.24 -2.04
N ARG F 220 -34.20 9.38 -2.65
CA ARG F 220 -33.43 10.60 -2.51
C ARG F 220 -32.52 10.77 -3.70
N PRO F 221 -32.14 11.99 -4.03
CA PRO F 221 -31.32 12.21 -5.23
C PRO F 221 -30.01 11.44 -5.13
N ASN F 222 -29.62 10.88 -6.27
CA ASN F 222 -28.36 10.15 -6.39
C ASN F 222 -27.76 10.45 -7.76
N PRO F 223 -27.32 11.69 -7.98
CA PRO F 223 -26.79 12.05 -9.31
C PRO F 223 -25.41 11.47 -9.60
N SER G 6 -39.28 -22.82 46.72
CA SER G 6 -38.53 -23.54 45.69
C SER G 6 -37.19 -23.99 46.28
N GLY G 7 -37.23 -25.13 46.98
CA GLY G 7 -36.07 -25.66 47.66
C GLY G 7 -34.88 -25.74 46.74
N PRO G 8 -33.67 -25.61 47.31
CA PRO G 8 -32.52 -25.23 46.49
C PRO G 8 -32.27 -26.26 45.38
N TRP G 9 -31.62 -25.79 44.33
CA TRP G 9 -31.25 -26.46 43.10
C TRP G 9 -29.75 -26.66 43.10
N ARG G 10 -29.27 -27.75 42.50
CA ARG G 10 -27.82 -27.85 42.28
C ARG G 10 -27.33 -26.77 41.33
N ASP G 11 -28.16 -26.38 40.38
CA ASP G 11 -27.91 -25.28 39.45
C ASP G 11 -29.25 -24.98 38.79
N CYS G 12 -29.23 -24.05 37.85
CA CYS G 12 -30.47 -23.64 37.19
C CYS G 12 -31.01 -24.72 36.27
N LEU G 13 -30.16 -25.64 35.81
CA LEU G 13 -30.65 -26.72 34.95
C LEU G 13 -31.50 -27.71 35.75
N GLN G 14 -31.07 -28.05 36.96
CA GLN G 14 -31.88 -28.93 37.79
C GLN G 14 -33.25 -28.30 38.04
N ALA G 15 -33.29 -26.99 38.29
CA ALA G 15 -34.57 -26.31 38.48
C ALA G 15 -35.42 -26.42 37.24
N LEU G 16 -34.82 -26.18 36.09
CA LEU G 16 -35.55 -26.28 34.84
C LEU G 16 -36.13 -27.67 34.65
N GLU G 17 -35.36 -28.71 34.97
CA GLU G 17 -35.80 -30.08 34.73
C GLU G 17 -36.97 -30.47 35.63
N ASP G 18 -37.17 -29.75 36.73
CA ASP G 18 -38.35 -29.97 37.56
C ASP G 18 -39.50 -29.04 37.20
N GLY G 19 -39.39 -28.31 36.08
CA GLY G 19 -40.51 -27.58 35.52
C GLY G 19 -40.47 -26.08 35.67
N HIS G 20 -39.46 -25.53 36.32
CA HIS G 20 -39.37 -24.08 36.55
C HIS G 20 -38.67 -23.44 35.35
N ASP G 21 -39.46 -22.99 34.38
CA ASP G 21 -38.94 -22.48 33.12
C ASP G 21 -39.11 -20.97 33.00
N THR G 22 -39.35 -20.28 34.11
CA THR G 22 -39.39 -18.83 34.13
C THR G 22 -38.04 -18.30 34.60
N SER G 23 -37.47 -17.39 33.81
CA SER G 23 -36.26 -16.69 34.24
C SER G 23 -36.57 -15.84 35.45
N SER G 24 -35.79 -16.02 36.51
CA SER G 24 -36.04 -15.36 37.78
C SER G 24 -34.94 -15.71 38.78
N ILE G 25 -35.19 -15.40 40.05
CA ILE G 25 -34.24 -15.65 41.12
C ILE G 25 -34.53 -17.03 41.71
N TYR G 26 -33.47 -17.81 41.89
CA TYR G 26 -33.58 -19.15 42.43
C TYR G 26 -32.51 -19.37 43.49
N LEU G 27 -32.77 -20.33 44.38
CA LEU G 27 -31.81 -20.72 45.40
C LEU G 27 -31.02 -21.92 44.91
N VAL G 28 -29.69 -21.82 45.01
CA VAL G 28 -28.78 -22.85 44.52
C VAL G 28 -27.85 -23.26 45.66
N LYS G 29 -27.60 -24.56 45.75
CA LYS G 29 -26.63 -25.08 46.71
C LYS G 29 -25.84 -26.20 46.05
N PRO G 30 -24.55 -25.99 45.77
CA PRO G 30 -23.79 -27.01 45.05
C PRO G 30 -23.65 -28.32 45.81
N GLU G 31 -23.51 -29.39 45.03
CA GLU G 31 -23.19 -30.71 45.55
C GLU G 31 -21.94 -30.64 46.41
N ASN G 32 -21.99 -31.29 47.57
CA ASN G 32 -20.85 -31.44 48.47
C ASN G 32 -20.55 -30.18 49.25
N THR G 33 -21.53 -29.29 49.41
CA THR G 33 -21.32 -28.07 50.17
C THR G 33 -22.58 -27.77 50.98
N ASN G 34 -22.40 -26.97 52.02
CA ASN G 34 -23.48 -26.26 52.68
C ASN G 34 -23.51 -24.81 52.27
N ARG G 35 -23.09 -24.52 51.04
CA ARG G 35 -23.02 -23.16 50.53
C ARG G 35 -24.30 -22.86 49.76
N LEU G 36 -25.14 -22.01 50.32
CA LEU G 36 -26.36 -21.57 49.67
C LEU G 36 -26.13 -20.23 49.02
N MET G 37 -26.73 -20.03 47.84
CA MET G 37 -26.59 -18.77 47.14
C MET G 37 -27.89 -18.50 46.42
N GLN G 38 -28.15 -17.20 46.18
CA GLN G 38 -29.17 -16.79 45.24
C GLN G 38 -28.53 -16.58 43.88
N VAL G 39 -29.24 -16.98 42.83
CA VAL G 39 -28.75 -16.78 41.47
C VAL G 39 -29.92 -16.32 40.60
N TRP G 40 -29.59 -15.65 39.51
CA TRP G 40 -30.54 -15.45 38.43
C TRP G 40 -30.39 -16.60 37.43
N CYS G 41 -31.49 -17.29 37.14
CA CYS G 41 -31.51 -18.34 36.14
C CYS G 41 -32.08 -17.77 34.83
N ASP G 42 -31.30 -17.86 33.76
CA ASP G 42 -31.84 -17.60 32.42
C ASP G 42 -32.38 -18.92 31.89
N GLN G 43 -33.70 -19.10 32.00
CA GLN G 43 -34.35 -20.32 31.52
C GLN G 43 -34.88 -20.20 30.11
N ARG G 44 -34.64 -19.07 29.43
CA ARG G 44 -35.12 -18.84 28.08
C ARG G 44 -34.04 -18.96 27.01
N HIS G 45 -32.84 -18.42 27.24
CA HIS G 45 -31.79 -18.56 26.24
C HIS G 45 -31.48 -20.02 25.99
N ASP G 46 -31.33 -20.38 24.72
CA ASP G 46 -31.21 -21.79 24.32
C ASP G 46 -30.10 -22.48 25.10
N PRO G 47 -30.36 -23.67 25.71
CA PRO G 47 -31.61 -24.42 25.80
C PRO G 47 -32.29 -24.30 27.16
N GLY G 48 -32.04 -23.21 27.85
CA GLY G 48 -32.50 -23.05 29.21
C GLY G 48 -31.53 -23.67 30.21
N GLY G 49 -31.75 -23.34 31.48
CA GLY G 49 -30.94 -23.91 32.54
C GLY G 49 -29.61 -23.23 32.76
N TRP G 50 -29.51 -21.95 32.43
CA TRP G 50 -28.28 -21.19 32.56
C TRP G 50 -28.23 -20.48 33.91
N THR G 51 -27.10 -20.61 34.62
CA THR G 51 -26.87 -19.93 35.88
C THR G 51 -26.02 -18.69 35.59
N VAL G 52 -26.60 -17.52 35.81
CA VAL G 52 -25.87 -16.27 35.57
C VAL G 52 -24.84 -16.07 36.68
N ILE G 53 -23.58 -15.89 36.30
CA ILE G 53 -22.51 -15.61 37.27
C ILE G 53 -22.04 -14.17 37.23
N GLN G 54 -22.36 -13.42 36.18
CA GLN G 54 -21.97 -12.03 36.05
C GLN G 54 -22.95 -11.40 35.08
N ARG G 55 -23.31 -10.14 35.32
CA ARG G 55 -24.20 -9.44 34.41
C ARG G 55 -23.95 -7.94 34.51
N ARG G 56 -23.81 -7.30 33.35
CA ARG G 56 -23.74 -5.85 33.25
C ARG G 56 -24.89 -5.37 32.38
N LEU G 57 -25.49 -4.25 32.76
CA LEU G 57 -26.64 -3.78 32.01
C LEU G 57 -26.79 -2.25 31.97
N ASP G 58 -26.42 -1.58 33.04
CA ASP G 58 -26.86 -0.19 33.19
C ASP G 58 -25.97 0.69 34.05
N GLY G 59 -24.84 0.20 34.54
CA GLY G 59 -23.90 1.04 35.26
C GLY G 59 -24.28 1.32 36.70
N SER G 60 -25.24 0.56 37.24
CA SER G 60 -25.73 0.80 38.59
C SER G 60 -24.81 0.26 39.68
N VAL G 61 -23.95 -0.70 39.38
CA VAL G 61 -23.16 -1.37 40.39
C VAL G 61 -21.67 -1.10 40.13
N ASN G 62 -20.95 -0.84 41.22
CA ASN G 62 -19.52 -0.59 41.17
C ASN G 62 -18.76 -1.91 41.17
N PHE G 63 -18.01 -2.17 40.11
CA PHE G 63 -17.25 -3.41 39.98
C PHE G 63 -15.78 -3.23 40.32
N PHE G 64 -15.36 -2.03 40.72
CA PHE G 64 -13.96 -1.80 41.12
C PHE G 64 -13.86 -2.14 42.61
N ARG G 65 -13.81 -3.45 42.90
CA ARG G 65 -13.99 -3.91 44.28
C ARG G 65 -12.86 -4.83 44.71
N ASN G 66 -12.74 -4.98 46.03
CA ASN G 66 -11.60 -5.72 46.58
C ASN G 66 -11.85 -7.22 46.57
N TRP G 67 -10.83 -7.96 47.04
CA TRP G 67 -10.83 -9.41 46.93
C TRP G 67 -12.01 -10.04 47.67
N GLU G 68 -12.20 -9.65 48.93
CA GLU G 68 -13.26 -10.29 49.72
C GLU G 68 -14.61 -10.06 49.08
N THR G 69 -14.81 -8.89 48.48
CA THR G 69 -16.09 -8.61 47.83
C THR G 69 -16.26 -9.46 46.58
N TYR G 70 -15.20 -9.59 45.77
CA TYR G 70 -15.26 -10.49 44.63
C TYR G 70 -15.36 -11.94 45.07
N LYS G 71 -14.82 -12.29 46.23
CA LYS G 71 -14.94 -13.66 46.70
C LYS G 71 -16.38 -14.01 47.05
N GLN G 72 -17.05 -13.13 47.80
CA GLN G 72 -18.38 -13.41 48.31
C GLN G 72 -19.48 -13.11 47.30
N GLY G 73 -19.30 -12.13 46.46
CA GLY G 73 -20.30 -11.71 45.50
C GLY G 73 -20.89 -10.36 45.88
N PHE G 74 -21.37 -9.64 44.87
CA PHE G 74 -21.91 -8.30 45.09
C PHE G 74 -22.88 -7.94 43.96
N GLY G 75 -23.71 -6.94 44.25
CA GLY G 75 -24.64 -6.39 43.27
C GLY G 75 -26.09 -6.70 43.59
N ASN G 76 -26.91 -6.63 42.55
CA ASN G 76 -28.35 -6.86 42.66
C ASN G 76 -28.69 -8.08 41.82
N ILE G 77 -29.31 -9.09 42.46
CA ILE G 77 -29.53 -10.35 41.76
C ILE G 77 -30.51 -10.18 40.61
N ASP G 78 -31.41 -9.20 40.71
CA ASP G 78 -32.30 -8.84 39.62
C ASP G 78 -31.74 -7.72 38.75
N GLY G 79 -30.43 -7.52 38.78
CA GLY G 79 -29.82 -6.44 38.05
C GLY G 79 -28.40 -6.79 37.68
N GLU G 80 -27.47 -5.87 37.94
CA GLU G 80 -26.05 -6.12 37.71
C GLU G 80 -25.47 -6.83 38.91
N TYR G 81 -24.72 -7.91 38.68
CA TYR G 81 -24.07 -8.53 39.83
C TYR G 81 -22.91 -9.41 39.41
N TRP G 82 -22.14 -9.78 40.44
CA TRP G 82 -21.06 -10.74 40.35
C TRP G 82 -21.37 -11.81 41.40
N LEU G 83 -21.45 -13.06 40.95
CA LEU G 83 -21.98 -14.09 41.85
C LEU G 83 -21.03 -14.40 43.00
N GLY G 84 -19.72 -14.21 42.80
CA GLY G 84 -18.75 -14.51 43.84
C GLY G 84 -17.81 -15.64 43.48
N LEU G 85 -16.50 -15.45 43.62
CA LEU G 85 -15.52 -16.47 43.23
C LEU G 85 -15.77 -17.78 43.96
N GLU G 86 -16.04 -17.72 45.26
CA GLU G 86 -16.25 -18.96 46.01
C GLU G 86 -17.49 -19.70 45.50
N ASN G 87 -18.58 -18.97 45.26
CA ASN G 87 -19.79 -19.60 44.72
C ASN G 87 -19.51 -20.24 43.37
N ILE G 88 -18.82 -19.51 42.48
CA ILE G 88 -18.51 -20.03 41.16
C ILE G 88 -17.60 -21.24 41.26
N TYR G 89 -16.67 -21.23 42.22
CA TYR G 89 -15.81 -22.37 42.41
C TYR G 89 -16.62 -23.64 42.68
N TRP G 90 -17.49 -23.59 43.70
CA TRP G 90 -18.23 -24.79 44.08
C TRP G 90 -19.19 -25.22 42.97
N LEU G 91 -19.79 -24.27 42.28
CA LEU G 91 -20.64 -24.59 41.14
C LEU G 91 -19.86 -25.35 40.07
N THR G 92 -18.74 -24.79 39.61
CA THR G 92 -18.05 -25.36 38.47
C THR G 92 -17.26 -26.61 38.79
N ASN G 93 -17.12 -26.97 40.07
CA ASN G 93 -16.40 -28.18 40.43
C ASN G 93 -17.30 -29.35 40.79
N GLN G 94 -18.62 -29.19 40.66
CA GLN G 94 -19.52 -30.32 40.85
C GLN G 94 -19.79 -31.10 39.57
N GLY G 95 -19.29 -30.61 38.43
CA GLY G 95 -19.49 -31.24 37.15
C GLY G 95 -18.83 -30.39 36.09
N ASN G 96 -18.87 -30.87 34.85
CA ASN G 96 -18.30 -30.09 33.76
C ASN G 96 -19.33 -29.08 33.28
N TYR G 97 -18.98 -27.78 33.37
CA TYR G 97 -19.83 -26.70 32.92
C TYR G 97 -19.23 -26.01 31.71
N LYS G 98 -20.08 -25.62 30.77
CA LYS G 98 -19.71 -24.69 29.71
C LYS G 98 -20.02 -23.26 30.15
N LEU G 99 -19.29 -22.31 29.58
CA LEU G 99 -19.51 -20.89 29.84
C LEU G 99 -19.95 -20.21 28.55
N LEU G 100 -21.03 -19.42 28.65
CA LEU G 100 -21.55 -18.62 27.56
C LEU G 100 -21.46 -17.16 27.95
N VAL G 101 -20.79 -16.37 27.12
CA VAL G 101 -20.72 -14.92 27.27
C VAL G 101 -21.56 -14.30 26.17
N THR G 102 -22.64 -13.60 26.56
CA THR G 102 -23.43 -12.84 25.60
C THR G 102 -23.09 -11.36 25.73
N MET G 103 -23.08 -10.64 24.61
CA MET G 103 -22.64 -9.27 24.56
C MET G 103 -23.51 -8.48 23.59
N GLU G 104 -23.85 -7.25 23.97
CA GLU G 104 -24.66 -6.36 23.14
C GLU G 104 -24.03 -4.98 23.14
N ASP G 105 -23.76 -4.45 21.94
CA ASP G 105 -23.24 -3.10 21.82
C ASP G 105 -24.38 -2.09 21.88
N TRP G 106 -24.04 -0.81 21.77
CA TRP G 106 -25.01 0.26 21.93
C TRP G 106 -25.85 0.50 20.68
N SER G 107 -25.59 -0.22 19.59
CA SER G 107 -26.42 -0.16 18.41
C SER G 107 -27.26 -1.41 18.24
N GLY G 108 -27.29 -2.29 19.25
CA GLY G 108 -28.15 -3.44 19.25
C GLY G 108 -27.53 -4.71 18.70
N ARG G 109 -26.28 -4.68 18.25
CA ARG G 109 -25.64 -5.89 17.78
C ARG G 109 -25.40 -6.83 18.95
N LYS G 110 -25.79 -8.09 18.79
CA LYS G 110 -25.63 -9.10 19.83
C LYS G 110 -24.72 -10.21 19.31
N VAL G 111 -23.70 -10.55 20.09
CA VAL G 111 -22.75 -11.61 19.76
C VAL G 111 -22.51 -12.46 21.00
N PHE G 112 -21.79 -13.56 20.80
CA PHE G 112 -21.54 -14.49 21.89
C PHE G 112 -20.21 -15.20 21.69
N ALA G 113 -19.67 -15.68 22.82
CA ALA G 113 -18.47 -16.49 22.89
C ALA G 113 -18.79 -17.61 23.86
N GLU G 114 -18.55 -18.85 23.46
CA GLU G 114 -18.87 -20.00 24.30
C GLU G 114 -17.64 -20.88 24.43
N TYR G 115 -17.44 -21.41 25.65
CA TYR G 115 -16.30 -22.25 25.99
C TYR G 115 -16.83 -23.56 26.54
N ALA G 116 -16.38 -24.67 25.94
CA ALA G 116 -16.98 -25.98 26.23
C ALA G 116 -16.74 -26.43 27.66
N SER G 117 -15.71 -25.92 28.33
CA SER G 117 -15.49 -26.19 29.74
C SER G 117 -15.03 -24.90 30.41
N PHE G 118 -15.41 -24.76 31.67
CA PHE G 118 -15.10 -23.56 32.45
C PHE G 118 -15.06 -23.99 33.92
N ARG G 119 -13.89 -23.86 34.53
CA ARG G 119 -13.73 -24.27 35.92
C ARG G 119 -12.75 -23.31 36.59
N LEU G 120 -12.99 -23.01 37.85
CA LEU G 120 -12.05 -22.25 38.66
C LEU G 120 -11.37 -23.18 39.65
N GLU G 121 -10.08 -22.99 39.84
CA GLU G 121 -9.33 -23.65 40.90
C GLU G 121 -9.71 -23.01 42.24
N PRO G 122 -9.29 -23.61 43.36
CA PRO G 122 -9.71 -23.08 44.66
C PRO G 122 -9.01 -21.77 45.03
N GLU G 123 -9.40 -21.18 46.17
CA GLU G 123 -8.78 -19.93 46.60
C GLU G 123 -7.29 -20.12 46.87
N SER G 124 -6.88 -21.30 47.33
CA SER G 124 -5.46 -21.56 47.54
C SER G 124 -4.66 -21.41 46.25
N GLU G 125 -5.32 -21.52 45.09
CA GLU G 125 -4.70 -21.26 43.80
C GLU G 125 -5.20 -19.96 43.18
N TYR G 126 -5.73 -19.07 44.01
CA TYR G 126 -6.24 -17.78 43.56
C TYR G 126 -7.26 -17.91 42.44
N TYR G 127 -8.09 -18.97 42.50
CA TYR G 127 -9.21 -19.13 41.60
C TYR G 127 -8.78 -19.13 40.13
N LYS G 128 -7.66 -19.79 39.86
CA LYS G 128 -7.13 -19.84 38.50
C LYS G 128 -8.17 -20.33 37.52
N LEU G 129 -8.15 -19.73 36.33
CA LEU G 129 -9.15 -19.98 35.30
C LEU G 129 -8.75 -21.17 34.43
N ARG G 130 -9.69 -22.09 34.24
CA ARG G 130 -9.52 -23.24 33.34
C ARG G 130 -10.61 -23.16 32.28
N LEU G 131 -10.22 -22.89 31.04
CA LEU G 131 -11.15 -22.70 29.95
C LEU G 131 -10.95 -23.76 28.87
N GLY G 132 -12.06 -24.26 28.33
CA GLY G 132 -12.04 -25.17 27.23
C GLY G 132 -12.20 -24.48 25.89
N ARG G 133 -12.61 -25.26 24.90
CA ARG G 133 -12.57 -24.82 23.51
C ARG G 133 -13.65 -23.79 23.22
N TYR G 134 -13.28 -22.81 22.39
CA TYR G 134 -14.12 -21.69 22.02
C TYR G 134 -14.85 -21.95 20.71
N HIS G 135 -16.10 -21.47 20.64
CA HIS G 135 -16.79 -21.20 19.39
C HIS G 135 -17.68 -19.98 19.63
N GLY G 136 -17.97 -19.25 18.56
CA GLY G 136 -18.79 -18.06 18.68
C GLY G 136 -18.58 -17.13 17.51
N ASN G 137 -19.31 -16.01 17.55
CA ASN G 137 -19.19 -14.95 16.55
C ASN G 137 -18.69 -13.64 17.14
N ALA G 138 -18.41 -13.60 18.45
CA ALA G 138 -17.82 -12.42 19.05
C ALA G 138 -16.30 -12.37 18.91
N GLY G 139 -15.66 -13.45 18.51
CA GLY G 139 -14.23 -13.59 18.61
C GLY G 139 -13.81 -14.00 20.01
N ASP G 140 -12.63 -14.60 20.09
CA ASP G 140 -12.16 -15.17 21.36
C ASP G 140 -11.19 -14.20 22.05
N SER G 141 -11.72 -13.41 22.98
CA SER G 141 -10.91 -12.50 23.77
C SER G 141 -10.69 -12.99 25.20
N PHE G 142 -10.98 -14.25 25.48
CA PHE G 142 -10.86 -14.81 26.82
C PHE G 142 -9.72 -15.82 26.95
N THR G 143 -9.33 -16.50 25.86
CA THR G 143 -8.36 -17.58 25.98
C THR G 143 -6.98 -17.07 26.38
N TRP G 144 -6.63 -15.82 26.03
CA TRP G 144 -5.39 -15.24 26.51
C TRP G 144 -5.32 -15.20 28.03
N HIS G 145 -6.47 -15.28 28.70
CA HIS G 145 -6.53 -15.28 30.15
C HIS G 145 -6.55 -16.68 30.74
N ASN G 146 -6.64 -17.71 29.90
CA ASN G 146 -6.65 -19.08 30.37
C ASN G 146 -5.41 -19.37 31.20
N GLY G 147 -5.62 -20.06 32.33
CA GLY G 147 -4.53 -20.38 33.23
C GLY G 147 -4.05 -19.25 34.13
N LYS G 148 -4.64 -18.07 34.04
CA LYS G 148 -4.25 -16.95 34.90
C LYS G 148 -5.06 -16.94 36.19
N GLN G 149 -4.40 -16.48 37.25
CA GLN G 149 -5.03 -16.29 38.55
C GLN G 149 -5.94 -15.05 38.52
N PHE G 150 -6.83 -14.97 39.50
CA PHE G 150 -7.70 -13.81 39.66
C PHE G 150 -6.99 -12.70 40.43
N THR G 151 -7.20 -11.46 40.00
CA THR G 151 -6.52 -10.30 40.57
C THR G 151 -7.52 -9.18 40.84
N THR G 152 -7.35 -8.51 41.97
CA THR G 152 -8.14 -7.35 42.35
C THR G 152 -7.22 -6.21 42.78
N LEU G 153 -7.83 -5.05 43.04
CA LEU G 153 -7.05 -3.86 43.37
C LEU G 153 -6.19 -4.07 44.61
N ASP G 154 -6.59 -4.95 45.53
CA ASP G 154 -5.83 -5.17 46.75
C ASP G 154 -5.06 -6.47 46.74
N ARG G 155 -5.17 -7.27 45.69
CA ARG G 155 -4.51 -8.57 45.63
C ARG G 155 -4.02 -8.83 44.21
N ASP G 156 -2.72 -8.64 44.01
CA ASP G 156 -2.09 -8.74 42.69
C ASP G 156 -1.60 -10.15 42.47
N HIS G 157 -2.22 -10.86 41.51
CA HIS G 157 -1.74 -12.20 41.14
C HIS G 157 -1.52 -12.34 39.63
N ASP G 158 -1.29 -11.25 38.91
CA ASP G 158 -1.12 -11.31 37.47
C ASP G 158 0.37 -11.50 37.13
N VAL G 159 0.72 -11.44 35.85
CA VAL G 159 2.11 -11.60 35.43
C VAL G 159 2.71 -10.28 34.95
N TYR G 160 2.07 -9.18 35.26
CA TYR G 160 2.58 -7.82 35.05
C TYR G 160 3.35 -7.41 36.30
N THR G 161 4.39 -6.60 36.10
CA THR G 161 5.17 -6.16 37.26
C THR G 161 4.43 -5.15 38.12
N GLY G 162 3.33 -4.58 37.63
CA GLY G 162 2.39 -3.85 38.44
C GLY G 162 1.15 -4.67 38.73
N ASN G 163 0.10 -3.98 39.18
CA ASN G 163 -1.21 -4.60 39.42
C ASN G 163 -2.17 -4.15 38.34
N CYS G 164 -2.60 -5.09 37.49
CA CYS G 164 -3.45 -4.75 36.35
C CYS G 164 -4.77 -4.12 36.79
N ALA G 165 -5.32 -4.54 37.93
CA ALA G 165 -6.60 -3.98 38.37
C ALA G 165 -6.51 -2.49 38.67
N HIS G 166 -5.32 -1.97 38.95
CA HIS G 166 -5.16 -0.53 39.14
C HIS G 166 -5.41 0.23 37.84
N TYR G 167 -5.15 -0.41 36.70
CA TYR G 167 -5.28 0.22 35.39
C TYR G 167 -6.57 -0.14 34.68
N GLN G 168 -6.99 -1.40 34.76
CA GLN G 168 -8.19 -1.88 34.09
C GLN G 168 -9.42 -1.82 34.99
N LYS G 169 -9.26 -1.63 36.29
CA LYS G 169 -10.28 -1.22 37.25
C LYS G 169 -11.34 -2.28 37.52
N GLY G 170 -11.05 -3.55 37.25
CA GLY G 170 -11.94 -4.64 37.59
C GLY G 170 -11.28 -5.65 38.49
N GLY G 171 -12.03 -6.70 38.78
CA GLY G 171 -11.47 -7.97 39.22
C GLY G 171 -11.55 -8.94 38.04
N TRP G 172 -10.42 -9.58 37.74
CA TRP G 172 -10.36 -10.37 36.52
C TRP G 172 -9.14 -11.27 36.57
N TRP G 173 -9.14 -12.25 35.68
CA TRP G 173 -8.00 -13.14 35.49
C TRP G 173 -6.96 -12.46 34.60
N TYR G 174 -6.47 -11.31 35.08
CA TYR G 174 -5.62 -10.45 34.27
C TYR G 174 -4.32 -11.16 33.93
N ASN G 175 -3.83 -10.88 32.72
CA ASN G 175 -2.53 -11.34 32.21
C ASN G 175 -1.54 -10.19 32.32
N ALA G 176 -1.40 -9.40 31.24
CA ALA G 176 -0.60 -8.19 31.27
C ALA G 176 -1.00 -7.20 30.17
N CYS G 177 -2.26 -6.76 30.13
CA CYS G 177 -3.23 -7.00 31.18
C CYS G 177 -4.50 -7.66 30.68
N ALA G 178 -5.19 -7.11 29.68
CA ALA G 178 -6.48 -7.68 29.33
C ALA G 178 -6.84 -7.55 27.85
N HIS G 179 -7.31 -8.66 27.30
CA HIS G 179 -8.02 -8.72 26.03
C HIS G 179 -9.53 -8.65 26.20
N SER G 180 -10.02 -9.04 27.37
CA SER G 180 -11.41 -8.84 27.78
C SER G 180 -11.39 -8.24 29.17
N ASN G 181 -12.38 -7.40 29.47
CA ASN G 181 -12.40 -6.70 30.74
C ASN G 181 -13.85 -6.48 31.18
N LEU G 182 -14.61 -7.59 31.26
CA LEU G 182 -16.05 -7.47 31.42
C LEU G 182 -16.47 -6.99 32.80
N ASN G 183 -15.56 -7.02 33.78
CA ASN G 183 -15.81 -6.44 35.09
C ASN G 183 -15.26 -5.03 35.22
N GLY G 184 -15.01 -4.37 34.10
CA GLY G 184 -14.48 -3.02 34.10
C GLY G 184 -15.56 -1.96 34.27
N VAL G 185 -15.20 -0.74 33.88
CA VAL G 185 -16.06 0.42 34.06
C VAL G 185 -17.08 0.49 32.93
N TRP G 186 -18.35 0.59 33.29
CA TRP G 186 -19.43 0.71 32.32
C TRP G 186 -19.56 2.16 31.86
N TYR G 187 -19.39 2.38 30.55
CA TYR G 187 -19.41 3.71 29.97
C TYR G 187 -20.66 3.87 29.10
N ARG G 188 -21.55 4.78 29.49
CA ARG G 188 -22.75 5.04 28.70
C ARG G 188 -22.39 5.41 27.28
N GLY G 189 -23.09 4.82 26.32
CA GLY G 189 -22.90 5.12 24.92
C GLY G 189 -21.79 4.35 24.23
N GLY G 190 -21.02 3.54 24.95
CA GLY G 190 -20.00 2.72 24.35
C GLY G 190 -18.64 3.36 24.23
N HIS G 191 -18.54 4.33 23.33
CA HIS G 191 -17.27 4.99 23.09
C HIS G 191 -16.83 5.77 24.32
N TYR G 192 -15.56 5.62 24.67
CA TYR G 192 -15.01 6.33 25.82
C TYR G 192 -13.53 6.59 25.60
N ARG G 193 -12.99 7.51 26.39
CA ARG G 193 -11.58 7.84 26.38
C ARG G 193 -11.07 7.86 27.81
N SER G 194 -10.01 7.10 28.09
CA SER G 194 -9.36 7.17 29.38
C SER G 194 -7.87 6.93 29.19
N ARG G 195 -7.09 7.32 30.21
CA ARG G 195 -5.65 7.11 30.15
C ARG G 195 -5.31 5.66 29.82
N TYR G 196 -6.02 4.72 30.45
CA TYR G 196 -5.91 3.31 30.14
C TYR G 196 -7.29 2.76 29.84
N GLN G 197 -7.33 1.74 29.00
CA GLN G 197 -8.58 1.11 28.60
C GLN G 197 -9.13 0.30 29.77
N ASP G 198 -10.15 0.85 30.44
CA ASP G 198 -10.71 0.23 31.63
C ASP G 198 -12.20 -0.02 31.50
N GLY G 199 -12.75 0.07 30.30
CA GLY G 199 -14.17 -0.17 30.09
C GLY G 199 -14.53 -1.64 30.02
N VAL G 200 -15.83 -1.88 29.85
CA VAL G 200 -16.37 -3.24 29.73
C VAL G 200 -16.17 -3.71 28.30
N TYR G 201 -14.95 -4.10 27.96
CA TYR G 201 -14.62 -4.35 26.57
C TYR G 201 -14.30 -5.83 26.31
N TRP G 202 -14.45 -6.19 25.04
CA TRP G 202 -14.15 -7.51 24.50
C TRP G 202 -13.40 -7.21 23.20
N ALA G 203 -12.08 -7.37 23.22
CA ALA G 203 -11.26 -6.74 22.19
C ALA G 203 -11.66 -7.17 20.79
N GLU G 204 -11.99 -8.44 20.60
CA GLU G 204 -12.24 -8.95 19.26
C GLU G 204 -13.57 -8.48 18.66
N PHE G 205 -14.45 -7.88 19.46
CA PHE G 205 -15.76 -7.46 18.97
C PHE G 205 -15.71 -6.00 18.54
N ARG G 206 -15.58 -5.06 19.47
CA ARG G 206 -15.50 -3.64 19.11
C ARG G 206 -14.20 -2.97 19.57
N GLY G 207 -13.25 -3.72 20.10
CA GLY G 207 -11.98 -3.14 20.49
C GLY G 207 -11.95 -2.70 21.93
N GLY G 208 -10.76 -2.26 22.35
CA GLY G 208 -10.51 -1.93 23.74
C GLY G 208 -11.08 -0.61 24.24
N SER G 209 -11.47 0.30 23.35
CA SER G 209 -12.02 1.59 23.77
C SER G 209 -13.52 1.67 23.49
N TYR G 210 -14.20 0.52 23.53
CA TYR G 210 -15.65 0.44 23.40
C TYR G 210 -16.19 -0.36 24.57
N SER G 211 -17.10 0.25 25.32
CA SER G 211 -17.72 -0.36 26.49
C SER G 211 -19.06 -0.96 26.10
N LEU G 212 -19.24 -2.25 26.35
CA LEU G 212 -20.45 -2.94 25.92
C LEU G 212 -21.63 -2.55 26.81
N LYS G 213 -22.81 -2.47 26.18
CA LYS G 213 -24.00 -2.03 26.90
C LYS G 213 -24.50 -3.12 27.85
N LYS G 214 -24.61 -4.35 27.36
CA LYS G 214 -25.13 -5.45 28.15
C LYS G 214 -24.22 -6.65 27.97
N VAL G 215 -23.84 -7.26 29.09
CA VAL G 215 -22.99 -8.44 29.11
C VAL G 215 -23.56 -9.42 30.12
N VAL G 216 -23.58 -10.69 29.75
CA VAL G 216 -23.96 -11.75 30.67
C VAL G 216 -22.94 -12.87 30.54
N MET G 217 -22.39 -13.31 31.67
CA MET G 217 -21.65 -14.55 31.75
C MET G 217 -22.53 -15.57 32.45
N MET G 218 -22.77 -16.72 31.80
CA MET G 218 -23.67 -17.73 32.35
C MET G 218 -23.10 -19.11 32.10
N ILE G 219 -23.42 -20.06 32.99
CA ILE G 219 -22.85 -21.39 32.93
C ILE G 219 -23.97 -22.43 32.97
N ARG G 220 -23.69 -23.59 32.39
CA ARG G 220 -24.65 -24.68 32.32
C ARG G 220 -23.88 -26.00 32.22
N PRO G 221 -24.42 -27.06 32.83
CA PRO G 221 -23.79 -28.38 32.66
C PRO G 221 -23.56 -28.67 31.19
N ASN G 222 -22.41 -29.23 30.88
CA ASN G 222 -22.08 -29.66 29.52
C ASN G 222 -21.57 -31.10 29.64
N PRO G 223 -22.46 -32.04 29.92
CA PRO G 223 -22.04 -33.43 30.07
C PRO G 223 -21.75 -34.06 28.72
N ASN G 224 -20.72 -34.89 28.68
CA ASN G 224 -20.36 -35.61 27.47
C ASN G 224 -19.76 -36.97 27.83
N GLY H 7 6.91 -11.17 -39.76
CA GLY H 7 7.58 -11.29 -38.48
C GLY H 7 6.57 -11.79 -37.47
N PRO H 8 6.94 -11.86 -36.20
CA PRO H 8 5.93 -12.12 -35.18
C PRO H 8 5.05 -10.89 -34.98
N TRP H 9 3.79 -11.13 -34.65
CA TRP H 9 2.84 -10.07 -34.40
C TRP H 9 2.20 -10.28 -33.03
N ARG H 10 1.66 -9.18 -32.50
CA ARG H 10 0.97 -9.17 -31.21
C ARG H 10 -0.20 -10.14 -31.22
N ASP H 11 -0.90 -10.22 -32.34
CA ASP H 11 -2.04 -11.09 -32.56
C ASP H 11 -2.38 -11.01 -34.04
N CYS H 12 -3.47 -11.65 -34.44
CA CYS H 12 -3.80 -11.71 -35.85
C CYS H 12 -4.34 -10.38 -36.37
N LEU H 13 -4.82 -9.51 -35.49
CA LEU H 13 -5.29 -8.20 -35.93
C LEU H 13 -4.13 -7.29 -36.32
N GLN H 14 -3.04 -7.30 -35.55
CA GLN H 14 -1.91 -6.47 -35.95
C GLN H 14 -1.34 -6.94 -37.29
N ALA H 15 -1.33 -8.25 -37.53
CA ALA H 15 -0.90 -8.75 -38.84
C ALA H 15 -1.83 -8.24 -39.93
N LEU H 16 -3.15 -8.31 -39.69
CA LEU H 16 -4.12 -7.78 -40.65
C LEU H 16 -3.84 -6.31 -40.93
N GLU H 17 -3.60 -5.52 -39.88
CA GLU H 17 -3.42 -4.08 -40.03
C GLU H 17 -2.16 -3.74 -40.80
N ASP H 18 -1.24 -4.69 -40.97
CA ASP H 18 -0.06 -4.52 -41.81
C ASP H 18 -0.24 -5.14 -43.18
N GLY H 19 -1.47 -5.49 -43.56
CA GLY H 19 -1.77 -5.91 -44.91
C GLY H 19 -1.93 -7.39 -45.12
N HIS H 20 -1.74 -8.21 -44.09
CA HIS H 20 -1.81 -9.67 -44.24
C HIS H 20 -3.27 -10.09 -44.06
N ASP H 21 -3.95 -10.18 -45.21
CA ASP H 21 -5.38 -10.41 -45.31
C ASP H 21 -5.74 -11.85 -45.63
N THR H 22 -4.74 -12.73 -45.70
CA THR H 22 -4.94 -14.12 -46.06
C THR H 22 -5.03 -14.96 -44.79
N SER H 23 -6.05 -15.80 -44.69
CA SER H 23 -6.16 -16.74 -43.59
C SER H 23 -5.09 -17.81 -43.73
N SER H 24 -4.24 -17.94 -42.73
CA SER H 24 -3.08 -18.81 -42.85
C SER H 24 -2.41 -18.93 -41.48
N ILE H 25 -1.24 -19.54 -41.46
CA ILE H 25 -0.44 -19.71 -40.25
C ILE H 25 0.41 -18.46 -40.05
N TYR H 26 0.38 -17.90 -38.85
CA TYR H 26 1.16 -16.72 -38.53
C TYR H 26 1.90 -16.96 -37.22
N LEU H 27 2.97 -16.18 -37.02
CA LEU H 27 3.75 -16.21 -35.80
C LEU H 27 3.30 -15.07 -34.90
N VAL H 28 3.00 -15.38 -33.65
CA VAL H 28 2.50 -14.41 -32.68
C VAL H 28 3.39 -14.42 -31.46
N LYS H 29 3.74 -13.22 -30.97
CA LYS H 29 4.44 -13.05 -29.71
C LYS H 29 3.73 -11.95 -28.94
N PRO H 30 3.09 -12.25 -27.81
CA PRO H 30 2.33 -11.21 -27.11
C PRO H 30 3.21 -10.15 -26.44
N GLU H 31 2.61 -8.97 -26.27
CA GLU H 31 3.22 -7.87 -25.54
C GLU H 31 3.63 -8.34 -24.16
N ASN H 32 4.83 -7.97 -23.74
CA ASN H 32 5.32 -8.21 -22.38
C ASN H 32 5.64 -9.68 -22.13
N THR H 33 6.07 -10.40 -23.16
CA THR H 33 6.51 -11.77 -22.95
C THR H 33 7.48 -12.13 -24.07
N ASN H 34 8.21 -13.23 -23.85
CA ASN H 34 9.01 -13.85 -24.89
C ASN H 34 8.39 -15.15 -25.35
N ARG H 35 7.07 -15.27 -25.18
CA ARG H 35 6.32 -16.45 -25.59
C ARG H 35 6.01 -16.35 -27.08
N LEU H 36 6.66 -17.20 -27.88
CA LEU H 36 6.38 -17.29 -29.30
C LEU H 36 5.41 -18.42 -29.55
N MET H 37 4.53 -18.25 -30.53
CA MET H 37 3.60 -19.31 -30.89
C MET H 37 3.24 -19.20 -32.36
N GLN H 38 2.85 -20.33 -32.93
CA GLN H 38 2.16 -20.35 -34.21
C GLN H 38 0.66 -20.31 -33.95
N VAL H 39 -0.07 -19.59 -34.80
CA VAL H 39 -1.52 -19.56 -34.73
C VAL H 39 -2.08 -19.60 -36.14
N TRP H 40 -3.32 -20.04 -36.25
CA TRP H 40 -4.10 -19.80 -37.46
C TRP H 40 -4.87 -18.50 -37.30
N CYS H 41 -4.77 -17.63 -38.30
CA CYS H 41 -5.50 -16.37 -38.31
C CYS H 41 -6.68 -16.51 -39.27
N ASP H 42 -7.88 -16.30 -38.77
CA ASP H 42 -9.06 -16.20 -39.64
C ASP H 42 -9.19 -14.72 -40.01
N GLN H 43 -8.71 -14.35 -41.20
CA GLN H 43 -8.74 -12.96 -41.63
C GLN H 43 -9.97 -12.63 -42.46
N ARG H 44 -10.89 -13.57 -42.64
CA ARG H 44 -12.07 -13.35 -43.47
C ARG H 44 -13.35 -13.21 -42.68
N HIS H 45 -13.56 -14.00 -41.62
CA HIS H 45 -14.76 -13.81 -40.82
C HIS H 45 -14.79 -12.38 -40.28
N ASP H 46 -15.93 -11.73 -40.43
CA ASP H 46 -16.09 -10.33 -40.06
C ASP H 46 -15.55 -10.08 -38.64
N PRO H 47 -14.68 -9.08 -38.45
CA PRO H 47 -14.11 -8.16 -39.45
C PRO H 47 -12.66 -8.49 -39.81
N GLY H 48 -12.29 -9.76 -39.72
CA GLY H 48 -10.92 -10.16 -39.86
C GLY H 48 -10.14 -9.93 -38.57
N GLY H 49 -8.92 -10.48 -38.55
CA GLY H 49 -8.05 -10.29 -37.40
C GLY H 49 -8.29 -11.24 -36.25
N TRP H 50 -8.94 -12.38 -36.51
CA TRP H 50 -9.27 -13.34 -35.47
C TRP H 50 -8.12 -14.31 -35.26
N THR H 51 -7.73 -14.51 -34.00
CA THR H 51 -6.74 -15.50 -33.63
C THR H 51 -7.46 -16.75 -33.16
N VAL H 52 -7.29 -17.84 -33.89
CA VAL H 52 -7.96 -19.10 -33.53
C VAL H 52 -7.26 -19.74 -32.34
N ILE H 53 -8.01 -20.03 -31.29
CA ILE H 53 -7.46 -20.71 -30.12
C ILE H 53 -7.87 -22.16 -30.02
N GLN H 54 -8.89 -22.60 -30.76
CA GLN H 54 -9.41 -23.96 -30.71
C GLN H 54 -10.18 -24.21 -32.01
N ARG H 55 -10.04 -25.42 -32.56
CA ARG H 55 -10.79 -25.77 -33.77
C ARG H 55 -11.05 -27.26 -33.79
N ARG H 56 -12.31 -27.63 -34.06
CA ARG H 56 -12.69 -29.01 -34.30
C ARG H 56 -13.26 -29.11 -35.71
N LEU H 57 -12.92 -30.17 -36.42
CA LEU H 57 -13.42 -30.26 -37.78
C LEU H 57 -13.66 -31.68 -38.27
N ASP H 58 -12.88 -32.64 -37.81
CA ASP H 58 -12.89 -33.94 -38.47
C ASP H 58 -12.53 -35.10 -37.57
N GLY H 59 -12.28 -34.88 -36.27
CA GLY H 59 -11.97 -35.97 -35.37
C GLY H 59 -10.56 -36.50 -35.48
N SER H 60 -9.65 -35.74 -36.09
CA SER H 60 -8.29 -36.20 -36.30
C SER H 60 -7.42 -36.11 -35.05
N VAL H 61 -7.75 -35.23 -34.10
CA VAL H 61 -6.88 -34.94 -32.97
C VAL H 61 -7.56 -35.42 -31.68
N ASN H 62 -6.74 -35.95 -30.77
CA ASN H 62 -7.22 -36.45 -29.49
C ASN H 62 -7.27 -35.31 -28.49
N PHE H 63 -8.45 -34.99 -28.00
CA PHE H 63 -8.60 -33.88 -27.05
C PHE H 63 -8.67 -34.35 -25.60
N PHE H 64 -8.61 -35.66 -25.34
CA PHE H 64 -8.56 -36.18 -23.97
C PHE H 64 -7.11 -36.19 -23.50
N ARG H 65 -6.63 -35.01 -23.08
CA ARG H 65 -5.21 -34.80 -22.82
C ARG H 65 -4.99 -34.22 -21.44
N ASN H 66 -3.75 -34.31 -20.96
CA ASN H 66 -3.44 -33.94 -19.60
C ASN H 66 -3.09 -32.46 -19.50
N TRP H 67 -2.73 -32.02 -18.29
CA TRP H 67 -2.55 -30.60 -18.03
C TRP H 67 -1.40 -30.02 -18.83
N GLU H 68 -0.24 -30.67 -18.81
CA GLU H 68 0.90 -30.11 -19.52
C GLU H 68 0.58 -29.95 -21.00
N THR H 69 -0.17 -30.90 -21.57
CA THR H 69 -0.53 -30.82 -22.98
C THR H 69 -1.53 -29.69 -23.23
N TYR H 70 -2.52 -29.51 -22.33
CA TYR H 70 -3.44 -28.38 -22.48
C TYR H 70 -2.74 -27.07 -22.20
N LYS H 71 -1.72 -27.07 -21.32
CA LYS H 71 -0.99 -25.84 -21.06
C LYS H 71 -0.21 -25.38 -22.28
N GLN H 72 0.48 -26.31 -22.96
CA GLN H 72 1.42 -25.94 -24.01
C GLN H 72 0.75 -25.82 -25.38
N GLY H 73 -0.29 -26.59 -25.63
CA GLY H 73 -0.95 -26.65 -26.91
C GLY H 73 -0.68 -27.96 -27.63
N PHE H 74 -1.61 -28.34 -28.50
CA PHE H 74 -1.50 -29.60 -29.22
C PHE H 74 -2.36 -29.55 -30.47
N GLY H 75 -2.07 -30.45 -31.39
CA GLY H 75 -2.85 -30.60 -32.61
C GLY H 75 -2.08 -30.16 -33.84
N ASN H 76 -2.85 -29.90 -34.90
CA ASN H 76 -2.30 -29.44 -36.17
C ASN H 76 -2.80 -28.03 -36.45
N ILE H 77 -1.86 -27.11 -36.68
CA ILE H 77 -2.23 -25.70 -36.83
C ILE H 77 -3.04 -25.44 -38.09
N ASP H 78 -2.93 -26.32 -39.10
CA ASP H 78 -3.78 -26.25 -40.28
C ASP H 78 -4.95 -27.22 -40.20
N GLY H 79 -5.26 -27.71 -39.00
CA GLY H 79 -6.38 -28.59 -38.81
C GLY H 79 -7.00 -28.38 -37.44
N GLU H 80 -7.27 -29.46 -36.72
CA GLU H 80 -7.79 -29.35 -35.37
C GLU H 80 -6.65 -29.05 -34.40
N TYR H 81 -6.90 -28.14 -33.45
CA TYR H 81 -5.86 -27.86 -32.48
C TYR H 81 -6.41 -27.09 -31.28
N TRP H 82 -5.60 -27.10 -30.23
CA TRP H 82 -5.80 -26.32 -29.02
C TRP H 82 -4.55 -25.46 -28.84
N LEU H 83 -4.73 -24.14 -28.77
CA LEU H 83 -3.57 -23.27 -28.82
C LEU H 83 -2.69 -23.39 -27.58
N GLY H 84 -3.28 -23.74 -26.44
CA GLY H 84 -2.50 -23.81 -25.21
C GLY H 84 -2.90 -22.76 -24.21
N LEU H 85 -3.09 -23.18 -22.95
CA LEU H 85 -3.58 -22.26 -21.94
C LEU H 85 -2.60 -21.12 -21.69
N GLU H 86 -1.30 -21.41 -21.65
CA GLU H 86 -0.34 -20.35 -21.38
C GLU H 86 -0.30 -19.34 -22.52
N ASN H 87 -0.34 -19.82 -23.76
CA ASN H 87 -0.44 -18.91 -24.90
C ASN H 87 -1.68 -18.03 -24.80
N ILE H 88 -2.83 -18.65 -24.56
CA ILE H 88 -4.08 -17.90 -24.47
C ILE H 88 -4.02 -16.90 -23.33
N TYR H 89 -3.41 -17.28 -22.21
CA TYR H 89 -3.30 -16.35 -21.10
C TYR H 89 -2.59 -15.07 -21.53
N TRP H 90 -1.41 -15.20 -22.16
CA TRP H 90 -0.64 -14.02 -22.53
C TRP H 90 -1.37 -13.20 -23.59
N LEU H 91 -2.02 -13.88 -24.54
CA LEU H 91 -2.82 -13.16 -25.52
C LEU H 91 -3.91 -12.32 -24.85
N THR H 92 -4.73 -12.94 -24.01
CA THR H 92 -5.90 -12.24 -23.51
C THR H 92 -5.58 -11.22 -22.43
N ASN H 93 -4.34 -11.15 -21.96
CA ASN H 93 -3.98 -10.21 -20.91
C ASN H 93 -3.18 -9.02 -21.41
N GLN H 94 -3.01 -8.87 -22.72
CA GLN H 94 -2.37 -7.69 -23.26
C GLN H 94 -3.36 -6.59 -23.61
N GLY H 95 -4.64 -6.90 -23.53
CA GLY H 95 -5.71 -5.95 -23.83
C GLY H 95 -7.02 -6.69 -23.68
N ASN H 96 -8.12 -5.97 -23.90
CA ASN H 96 -9.42 -6.62 -23.82
C ASN H 96 -9.71 -7.34 -25.13
N TYR H 97 -10.00 -8.63 -25.06
CA TYR H 97 -10.36 -9.44 -26.21
C TYR H 97 -11.80 -9.93 -26.10
N LYS H 98 -12.48 -10.01 -27.23
CA LYS H 98 -13.74 -10.71 -27.34
C LYS H 98 -13.48 -12.14 -27.80
N LEU H 99 -14.42 -13.02 -27.50
CA LEU H 99 -14.36 -14.42 -27.91
C LEU H 99 -15.56 -14.70 -28.81
N LEU H 100 -15.29 -15.30 -29.97
CA LEU H 100 -16.32 -15.75 -30.89
C LEU H 100 -16.24 -17.27 -31.01
N VAL H 101 -17.38 -17.93 -30.83
CA VAL H 101 -17.51 -19.37 -31.03
C VAL H 101 -18.43 -19.60 -32.22
N THR H 102 -17.91 -20.18 -33.29
CA THR H 102 -18.71 -20.56 -34.45
C THR H 102 -18.93 -22.07 -34.42
N MET H 103 -20.16 -22.48 -34.74
CA MET H 103 -20.56 -23.88 -34.66
C MET H 103 -21.36 -24.28 -35.89
N GLU H 104 -21.09 -25.48 -36.39
CA GLU H 104 -21.82 -26.02 -37.54
C GLU H 104 -22.26 -27.45 -37.21
N ASP H 105 -23.56 -27.72 -37.39
CA ASP H 105 -24.05 -29.08 -37.19
C ASP H 105 -23.90 -29.88 -38.49
N TRP H 106 -24.34 -31.13 -38.46
CA TRP H 106 -24.17 -32.04 -39.59
C TRP H 106 -25.21 -31.82 -40.68
N SER H 107 -26.16 -30.91 -40.49
CA SER H 107 -27.11 -30.53 -41.51
C SER H 107 -26.76 -29.22 -42.19
N GLY H 108 -25.63 -28.63 -41.83
CA GLY H 108 -25.20 -27.38 -42.44
C GLY H 108 -25.65 -26.13 -41.73
N ARG H 109 -26.46 -26.23 -40.69
CA ARG H 109 -26.85 -25.06 -39.93
C ARG H 109 -25.64 -24.52 -39.18
N LYS H 110 -25.41 -23.22 -39.31
CA LYS H 110 -24.26 -22.54 -38.70
C LYS H 110 -24.78 -21.47 -37.74
N VAL H 111 -24.22 -21.44 -36.53
CA VAL H 111 -24.63 -20.50 -35.50
C VAL H 111 -23.39 -19.99 -34.77
N PHE H 112 -23.60 -18.97 -33.93
CA PHE H 112 -22.48 -18.42 -33.20
C PHE H 112 -22.90 -17.89 -31.83
N ALA H 113 -21.91 -17.78 -30.97
CA ALA H 113 -22.02 -17.14 -29.67
C ALA H 113 -20.80 -16.24 -29.50
N GLU H 114 -21.01 -14.98 -29.11
CA GLU H 114 -19.90 -14.06 -28.93
C GLU H 114 -19.96 -13.43 -27.55
N TYR H 115 -18.78 -13.26 -26.95
CA TYR H 115 -18.62 -12.76 -25.59
C TYR H 115 -17.71 -11.54 -25.64
N ALA H 116 -18.20 -10.41 -25.12
CA ALA H 116 -17.53 -9.14 -25.36
C ALA H 116 -16.18 -9.03 -24.65
N SER H 117 -15.96 -9.83 -23.61
CA SER H 117 -14.65 -9.93 -22.98
C SER H 117 -14.37 -11.39 -22.68
N PHE H 118 -13.09 -11.76 -22.77
CA PHE H 118 -12.63 -13.12 -22.57
C PHE H 118 -11.20 -13.02 -22.07
N ARG H 119 -10.95 -13.48 -20.86
CA ARG H 119 -9.61 -13.40 -20.28
C ARG H 119 -9.43 -14.61 -19.37
N LEU H 120 -8.20 -15.13 -19.31
CA LEU H 120 -7.86 -16.18 -18.37
C LEU H 120 -6.96 -15.61 -17.29
N GLU H 121 -7.20 -16.01 -16.04
CA GLU H 121 -6.27 -15.75 -14.96
C GLU H 121 -5.01 -16.60 -15.16
N PRO H 122 -3.95 -16.35 -14.40
CA PRO H 122 -2.69 -17.07 -14.61
C PRO H 122 -2.78 -18.53 -14.18
N GLU H 123 -1.70 -19.28 -14.49
CA GLU H 123 -1.66 -20.69 -14.10
C GLU H 123 -1.77 -20.83 -12.58
N SER H 124 -1.23 -19.87 -11.84
CA SER H 124 -1.36 -19.88 -10.38
C SER H 124 -2.82 -19.93 -9.95
N GLU H 125 -3.72 -19.35 -10.74
CA GLU H 125 -5.14 -19.40 -10.48
C GLU H 125 -5.85 -20.45 -11.33
N TYR H 126 -5.09 -21.42 -11.84
CA TYR H 126 -5.61 -22.53 -12.63
C TYR H 126 -6.37 -22.04 -13.87
N TYR H 127 -5.91 -20.93 -14.44
CA TYR H 127 -6.44 -20.39 -15.69
C TYR H 127 -7.94 -20.12 -15.61
N LYS H 128 -8.38 -19.53 -14.50
CA LYS H 128 -9.79 -19.25 -14.30
C LYS H 128 -10.35 -18.41 -15.45
N LEU H 129 -11.56 -18.75 -15.88
CA LEU H 129 -12.23 -18.09 -16.99
C LEU H 129 -12.96 -16.84 -16.53
N ARG H 130 -12.69 -15.72 -17.20
CA ARG H 130 -13.40 -14.45 -17.02
C ARG H 130 -14.10 -14.11 -18.33
N LEU H 131 -15.42 -14.17 -18.33
CA LEU H 131 -16.23 -13.99 -19.53
C LEU H 131 -17.18 -12.81 -19.41
N GLY H 132 -17.31 -12.05 -20.50
CA GLY H 132 -18.20 -10.91 -20.57
C GLY H 132 -19.52 -11.23 -21.23
N ARG H 133 -20.18 -10.18 -21.70
CA ARG H 133 -21.58 -10.30 -22.10
C ARG H 133 -21.72 -11.02 -23.44
N TYR H 134 -22.81 -11.78 -23.55
CA TYR H 134 -23.11 -12.65 -24.68
C TYR H 134 -24.07 -11.98 -25.65
N HIS H 135 -23.87 -12.24 -26.93
CA HIS H 135 -24.90 -12.14 -27.94
C HIS H 135 -24.63 -13.22 -28.98
N GLY H 136 -25.66 -13.63 -29.69
CA GLY H 136 -25.51 -14.63 -30.72
C GLY H 136 -26.83 -15.32 -31.01
N ASN H 137 -26.76 -16.33 -31.87
CA ASN H 137 -27.92 -17.12 -32.25
C ASN H 137 -27.76 -18.60 -31.91
N ALA H 138 -26.64 -19.00 -31.31
CA ALA H 138 -26.48 -20.38 -30.86
C ALA H 138 -27.09 -20.62 -29.49
N GLY H 139 -27.40 -19.56 -28.76
CA GLY H 139 -27.75 -19.70 -27.36
C GLY H 139 -26.50 -19.68 -26.49
N ASP H 140 -26.62 -19.26 -25.24
CA ASP H 140 -25.49 -19.06 -24.36
C ASP H 140 -25.30 -20.28 -23.48
N SER H 141 -24.40 -21.17 -23.88
CA SER H 141 -24.07 -22.36 -23.09
C SER H 141 -22.68 -22.27 -22.48
N PHE H 142 -22.09 -21.08 -22.44
CA PHE H 142 -20.75 -20.89 -21.89
C PHE H 142 -20.73 -20.07 -20.61
N THR H 143 -21.73 -19.22 -20.36
CA THR H 143 -21.69 -18.36 -19.17
C THR H 143 -21.78 -19.17 -17.88
N TRP H 144 -22.43 -20.33 -17.91
CA TRP H 144 -22.44 -21.21 -16.74
C TRP H 144 -21.04 -21.62 -16.31
N HIS H 145 -20.06 -21.51 -17.20
CA HIS H 145 -18.67 -21.83 -16.90
C HIS H 145 -17.87 -20.62 -16.44
N ASN H 146 -18.48 -19.44 -16.41
CA ASN H 146 -17.76 -18.23 -16.03
C ASN H 146 -17.24 -18.37 -14.60
N GLY H 147 -16.00 -17.93 -14.39
CA GLY H 147 -15.38 -17.98 -13.09
C GLY H 147 -14.92 -19.33 -12.64
N LYS H 148 -15.01 -20.35 -13.49
CA LYS H 148 -14.52 -21.68 -13.16
C LYS H 148 -13.08 -21.85 -13.62
N GLN H 149 -12.32 -22.63 -12.86
CA GLN H 149 -10.95 -22.96 -13.20
C GLN H 149 -10.94 -24.06 -14.26
N PHE H 150 -9.76 -24.28 -14.84
CA PHE H 150 -9.60 -25.29 -15.88
C PHE H 150 -9.30 -26.64 -15.24
N THR H 151 -9.89 -27.69 -15.80
CA THR H 151 -9.77 -29.05 -15.27
C THR H 151 -9.37 -29.99 -16.40
N THR H 152 -8.42 -30.87 -16.10
CA THR H 152 -8.03 -31.95 -16.99
C THR H 152 -8.09 -33.27 -16.23
N LEU H 153 -7.87 -34.37 -16.97
CA LEU H 153 -8.00 -35.69 -16.38
C LEU H 153 -7.05 -35.89 -15.20
N ASP H 154 -5.91 -35.21 -15.18
CA ASP H 154 -4.97 -35.36 -14.09
C ASP H 154 -5.00 -34.20 -13.10
N ARG H 155 -5.82 -33.18 -13.34
CA ARG H 155 -5.89 -32.02 -12.45
C ARG H 155 -7.34 -31.57 -12.31
N ASP H 156 -7.95 -31.94 -11.20
CA ASP H 156 -9.34 -31.62 -10.89
C ASP H 156 -9.41 -30.27 -10.19
N HIS H 157 -10.06 -29.30 -10.84
CA HIS H 157 -10.29 -27.99 -10.25
C HIS H 157 -11.74 -27.55 -10.43
N ASP H 158 -12.66 -28.48 -10.61
CA ASP H 158 -14.05 -28.17 -10.82
C ASP H 158 -14.81 -28.25 -9.50
N VAL H 159 -16.10 -27.90 -9.54
CA VAL H 159 -16.93 -27.92 -8.34
C VAL H 159 -17.74 -29.20 -8.22
N TYR H 160 -17.42 -30.22 -9.01
CA TYR H 160 -18.00 -31.55 -8.90
C TYR H 160 -17.15 -32.37 -7.94
N THR H 161 -17.80 -33.27 -7.19
CA THR H 161 -17.05 -34.05 -6.22
C THR H 161 -16.17 -35.10 -6.88
N GLY H 162 -16.42 -35.41 -8.14
CA GLY H 162 -15.49 -36.16 -8.95
C GLY H 162 -14.70 -35.23 -9.86
N ASN H 163 -14.07 -35.82 -10.86
CA ASN H 163 -13.34 -35.09 -11.88
C ASN H 163 -14.15 -35.13 -13.17
N CYS H 164 -14.67 -33.97 -13.57
CA CYS H 164 -15.53 -33.91 -14.75
C CYS H 164 -14.82 -34.39 -16.01
N ALA H 165 -13.50 -34.17 -16.09
CA ALA H 165 -12.76 -34.60 -17.27
C ALA H 165 -12.86 -36.11 -17.48
N HIS H 166 -13.01 -36.88 -16.41
CA HIS H 166 -13.11 -38.32 -16.56
C HIS H 166 -14.40 -38.74 -17.27
N TYR H 167 -15.41 -37.89 -17.26
CA TYR H 167 -16.71 -38.20 -17.84
C TYR H 167 -16.97 -37.47 -19.14
N GLN H 168 -16.64 -36.17 -19.21
CA GLN H 168 -16.81 -35.37 -20.41
C GLN H 168 -15.60 -35.42 -21.33
N LYS H 169 -14.45 -35.89 -20.84
CA LYS H 169 -13.32 -36.35 -21.66
C LYS H 169 -12.57 -35.21 -22.33
N GLY H 170 -12.78 -33.97 -21.91
CA GLY H 170 -12.01 -32.85 -22.40
C GLY H 170 -11.14 -32.23 -21.32
N GLY H 171 -10.42 -31.19 -21.73
CA GLY H 171 -9.95 -30.16 -20.83
C GLY H 171 -10.85 -28.95 -20.98
N TRP H 172 -11.35 -28.46 -19.86
CA TRP H 172 -12.40 -27.43 -19.91
C TRP H 172 -12.52 -26.76 -18.55
N TRP H 173 -13.13 -25.58 -18.56
CA TRP H 173 -13.55 -24.90 -17.34
C TRP H 173 -14.86 -25.53 -16.85
N TYR H 174 -14.76 -26.81 -16.48
CA TYR H 174 -15.94 -27.56 -16.07
C TYR H 174 -16.54 -26.99 -14.80
N ASN H 175 -17.87 -27.03 -14.72
CA ASN H 175 -18.62 -26.68 -13.51
C ASN H 175 -18.98 -27.99 -12.81
N ALA H 176 -20.17 -28.51 -13.08
CA ALA H 176 -20.56 -29.84 -12.61
C ALA H 176 -21.66 -30.46 -13.47
N CYS H 177 -21.39 -30.73 -14.74
CA CYS H 177 -20.06 -30.57 -15.32
C CYS H 177 -20.01 -29.62 -16.53
N ALA H 178 -20.88 -29.79 -17.52
CA ALA H 178 -20.75 -28.91 -18.68
C ALA H 178 -22.06 -28.66 -19.41
N HIS H 179 -22.29 -27.40 -19.74
CA HIS H 179 -23.31 -27.01 -20.70
C HIS H 179 -22.76 -26.87 -22.11
N SER H 180 -21.45 -26.66 -22.23
CA SER H 180 -20.71 -26.72 -23.49
C SER H 180 -19.49 -27.59 -23.24
N ASN H 181 -19.10 -28.38 -24.24
CA ASN H 181 -18.03 -29.36 -24.08
C ASN H 181 -17.24 -29.44 -25.38
N LEU H 182 -16.72 -28.29 -25.82
CA LEU H 182 -16.17 -28.18 -27.17
C LEU H 182 -14.84 -28.92 -27.32
N ASN H 183 -14.17 -29.26 -26.22
CA ASN H 183 -12.98 -30.09 -26.27
C ASN H 183 -13.29 -31.56 -26.03
N GLY H 184 -14.55 -31.98 -26.24
CA GLY H 184 -14.96 -33.34 -26.01
C GLY H 184 -14.67 -34.25 -27.17
N VAL H 185 -15.40 -35.36 -27.22
CA VAL H 185 -15.23 -36.39 -28.23
C VAL H 185 -16.02 -36.03 -29.48
N TRP H 186 -15.34 -36.03 -30.63
CA TRP H 186 -15.97 -35.72 -31.91
C TRP H 186 -16.65 -36.98 -32.44
N TYR H 187 -17.97 -36.93 -32.61
CA TYR H 187 -18.75 -38.08 -33.05
C TYR H 187 -19.24 -37.84 -34.47
N ARG H 188 -18.80 -38.69 -35.39
CA ARG H 188 -19.26 -38.59 -36.78
C ARG H 188 -20.78 -38.66 -36.85
N GLY H 189 -21.37 -37.81 -37.68
CA GLY H 189 -22.80 -37.79 -37.89
C GLY H 189 -23.60 -37.05 -36.84
N GLY H 190 -22.96 -36.53 -35.79
CA GLY H 190 -23.69 -35.74 -34.82
C GLY H 190 -24.33 -36.56 -33.72
N HIS H 191 -25.42 -37.27 -34.02
CA HIS H 191 -26.11 -38.05 -33.02
C HIS H 191 -25.20 -39.16 -32.48
N TYR H 192 -25.15 -39.29 -31.15
CA TYR H 192 -24.38 -40.33 -30.51
C TYR H 192 -25.07 -40.77 -29.24
N ARG H 193 -24.71 -41.96 -28.75
CA ARG H 193 -25.09 -42.42 -27.42
C ARG H 193 -23.83 -42.83 -26.67
N SER H 194 -23.78 -42.52 -25.38
CA SER H 194 -22.65 -42.89 -24.55
C SER H 194 -23.13 -42.99 -23.11
N ARG H 195 -22.33 -43.70 -22.29
CA ARG H 195 -22.60 -43.72 -20.85
C ARG H 195 -22.76 -42.31 -20.32
N TYR H 196 -21.89 -41.41 -20.73
CA TYR H 196 -21.90 -40.01 -20.34
C TYR H 196 -21.85 -39.16 -21.59
N GLN H 197 -22.47 -37.98 -21.53
CA GLN H 197 -22.50 -37.10 -22.69
C GLN H 197 -21.15 -36.41 -22.75
N ASP H 198 -20.26 -36.96 -23.59
CA ASP H 198 -18.89 -36.49 -23.71
C ASP H 198 -18.58 -35.95 -25.10
N GLY H 199 -19.61 -35.71 -25.92
CA GLY H 199 -19.41 -35.21 -27.26
C GLY H 199 -19.08 -33.73 -27.29
N VAL H 200 -18.84 -33.24 -28.51
CA VAL H 200 -18.55 -31.85 -28.79
C VAL H 200 -19.88 -31.10 -28.86
N TYR H 201 -20.46 -30.80 -27.70
CA TYR H 201 -21.82 -30.30 -27.66
C TYR H 201 -21.89 -28.87 -27.11
N TRP H 202 -22.97 -28.21 -27.50
CA TRP H 202 -23.33 -26.86 -27.05
C TRP H 202 -24.82 -26.98 -26.74
N ALA H 203 -25.15 -27.06 -25.45
CA ALA H 203 -26.47 -27.57 -25.08
C ALA H 203 -27.61 -26.74 -25.66
N GLU H 204 -27.44 -25.42 -25.76
CA GLU H 204 -28.53 -24.57 -26.25
C GLU H 204 -28.72 -24.66 -27.76
N PHE H 205 -27.75 -25.20 -28.50
CA PHE H 205 -27.85 -25.29 -29.96
C PHE H 205 -28.52 -26.62 -30.34
N ARG H 206 -27.85 -27.74 -30.06
CA ARG H 206 -28.41 -29.04 -30.42
C ARG H 206 -28.48 -30.02 -29.25
N GLY H 207 -28.22 -29.58 -28.02
CA GLY H 207 -28.38 -30.44 -26.87
C GLY H 207 -27.15 -31.27 -26.57
N GLY H 208 -27.25 -32.06 -25.50
CA GLY H 208 -26.08 -32.77 -24.97
C GLY H 208 -25.70 -34.02 -25.74
N SER H 209 -26.61 -34.54 -26.57
CA SER H 209 -26.40 -35.81 -27.25
C SER H 209 -26.16 -35.64 -28.74
N TYR H 210 -25.69 -34.46 -29.15
CA TYR H 210 -25.39 -34.16 -30.54
C TYR H 210 -24.02 -33.52 -30.60
N SER H 211 -23.11 -34.13 -31.37
CA SER H 211 -21.75 -33.65 -31.52
C SER H 211 -21.65 -32.78 -32.76
N LEU H 212 -21.07 -31.59 -32.60
CA LEU H 212 -21.03 -30.62 -33.68
C LEU H 212 -19.92 -30.96 -34.68
N LYS H 213 -20.20 -30.73 -35.96
CA LYS H 213 -19.26 -31.13 -37.00
C LYS H 213 -18.02 -30.25 -36.99
N LYS H 214 -18.22 -28.93 -37.02
CA LYS H 214 -17.12 -27.98 -37.03
C LYS H 214 -17.35 -26.95 -35.94
N VAL H 215 -16.27 -26.66 -35.21
CA VAL H 215 -16.31 -25.71 -34.11
C VAL H 215 -15.02 -24.90 -34.17
N VAL H 216 -15.14 -23.59 -34.01
CA VAL H 216 -13.98 -22.71 -33.93
C VAL H 216 -14.19 -21.76 -32.76
N MET H 217 -13.19 -21.65 -31.89
CA MET H 217 -13.12 -20.63 -30.86
C MET H 217 -12.00 -19.66 -31.25
N MET H 218 -12.32 -18.39 -31.40
CA MET H 218 -11.31 -17.42 -31.82
C MET H 218 -11.52 -16.08 -31.12
N ILE H 219 -10.43 -15.34 -30.96
CA ILE H 219 -10.40 -14.12 -30.17
C ILE H 219 -9.85 -12.98 -31.01
N ARG H 220 -10.14 -11.76 -30.57
CA ARG H 220 -9.82 -10.56 -31.32
C ARG H 220 -9.93 -9.38 -30.37
N PRO H 221 -9.06 -8.37 -30.48
CA PRO H 221 -9.19 -7.20 -29.62
C PRO H 221 -10.59 -6.61 -29.69
N ASN H 222 -11.07 -6.15 -28.55
CA ASN H 222 -12.36 -5.46 -28.45
C ASN H 222 -12.16 -4.23 -27.58
N PRO H 223 -11.37 -3.27 -28.08
CA PRO H 223 -11.10 -2.07 -27.28
C PRO H 223 -12.36 -1.23 -27.13
N ASN H 224 -12.54 -0.66 -25.95
CA ASN H 224 -13.68 0.22 -25.66
C ASN H 224 -13.26 1.34 -24.72
N PRO I 8 -12.77 43.10 -41.24
CA PRO I 8 -13.98 42.90 -40.44
C PRO I 8 -14.91 41.84 -41.03
N TRP I 9 -15.83 41.31 -40.23
CA TRP I 9 -16.80 40.33 -40.69
C TRP I 9 -18.20 40.78 -40.32
N ARG I 10 -19.19 40.12 -40.94
CA ARG I 10 -20.59 40.36 -40.61
C ARG I 10 -20.88 40.00 -39.16
N ASP I 11 -20.24 38.95 -38.66
CA ASP I 11 -20.43 38.46 -37.29
C ASP I 11 -19.35 37.41 -37.04
N CYS I 12 -19.37 36.85 -35.83
CA CYS I 12 -18.33 35.90 -35.45
C CYS I 12 -18.43 34.58 -36.21
N LEU I 13 -19.59 34.25 -36.77
CA LEU I 13 -19.69 33.03 -37.56
C LEU I 13 -18.85 33.12 -38.83
N GLN I 14 -18.96 34.25 -39.55
CA GLN I 14 -18.14 34.43 -40.74
C GLN I 14 -16.65 34.39 -40.40
N ALA I 15 -16.27 35.00 -39.28
CA ALA I 15 -14.89 34.89 -38.82
C ALA I 15 -14.51 33.44 -38.58
N LEU I 16 -15.39 32.69 -37.91
CA LEU I 16 -15.12 31.28 -37.67
C LEU I 16 -14.98 30.53 -39.00
N GLU I 17 -15.85 30.81 -39.95
CA GLU I 17 -15.82 30.10 -41.22
C GLU I 17 -14.56 30.40 -42.03
N ASP I 18 -13.89 31.51 -41.73
CA ASP I 18 -12.62 31.84 -42.37
C ASP I 18 -11.42 31.30 -41.58
N GLY I 19 -11.66 30.45 -40.58
CA GLY I 19 -10.60 29.76 -39.89
C GLY I 19 -10.16 30.35 -38.57
N HIS I 20 -10.84 31.38 -38.08
CA HIS I 20 -10.44 32.03 -36.83
C HIS I 20 -11.09 31.27 -35.68
N ASP I 21 -10.29 30.37 -35.11
CA ASP I 21 -10.62 29.34 -34.15
C ASP I 21 -10.67 29.85 -32.72
N THR I 22 -10.25 31.09 -32.51
CA THR I 22 -9.88 31.58 -31.19
C THR I 22 -10.96 32.50 -30.66
N SER I 23 -11.44 32.20 -29.45
CA SER I 23 -12.27 33.14 -28.71
C SER I 23 -11.43 34.36 -28.37
N SER I 24 -11.80 35.50 -28.94
CA SER I 24 -10.98 36.71 -28.82
C SER I 24 -11.81 37.91 -29.24
N ILE I 25 -11.16 39.05 -29.37
CA ILE I 25 -11.79 40.27 -29.85
C ILE I 25 -11.66 40.30 -31.37
N TYR I 26 -12.73 40.66 -32.05
CA TYR I 26 -12.72 40.77 -33.50
C TYR I 26 -13.48 42.02 -33.92
N LEU I 27 -13.12 42.54 -35.09
CA LEU I 27 -13.82 43.68 -35.67
C LEU I 27 -14.96 43.18 -36.53
N VAL I 28 -16.14 43.77 -36.35
CA VAL I 28 -17.36 43.35 -37.02
C VAL I 28 -18.03 44.55 -37.64
N LYS I 29 -18.61 44.38 -38.83
CA LYS I 29 -19.38 45.44 -39.48
C LYS I 29 -20.63 44.85 -40.11
N PRO I 30 -21.81 45.08 -39.54
CA PRO I 30 -23.04 44.48 -40.09
C PRO I 30 -23.34 44.91 -41.52
N GLU I 31 -24.25 44.16 -42.13
CA GLU I 31 -24.75 44.46 -43.46
C GLU I 31 -25.60 45.72 -43.44
N ASN I 32 -25.33 46.65 -44.34
CA ASN I 32 -26.12 47.87 -44.50
C ASN I 32 -25.88 48.85 -43.35
N THR I 33 -24.69 48.80 -42.78
CA THR I 33 -24.16 49.87 -41.95
C THR I 33 -22.69 49.99 -42.28
N ASN I 34 -22.11 51.14 -41.95
CA ASN I 34 -20.67 51.25 -41.84
C ASN I 34 -20.25 51.32 -40.38
N ARG I 35 -21.15 50.93 -39.47
CA ARG I 35 -20.85 50.84 -38.05
C ARG I 35 -19.83 49.73 -37.82
N LEU I 36 -18.64 50.09 -37.38
CA LEU I 36 -17.60 49.15 -37.04
C LEU I 36 -17.56 49.00 -35.52
N MET I 37 -17.46 47.75 -35.07
CA MET I 37 -17.49 47.48 -33.63
C MET I 37 -16.55 46.34 -33.30
N GLN I 38 -15.92 46.43 -32.13
CA GLN I 38 -15.21 45.29 -31.57
C GLN I 38 -16.19 44.46 -30.76
N VAL I 39 -16.08 43.13 -30.90
CA VAL I 39 -16.93 42.20 -30.17
C VAL I 39 -16.03 41.09 -29.65
N TRP I 40 -16.51 40.42 -28.61
CA TRP I 40 -15.92 39.17 -28.18
C TRP I 40 -16.63 38.03 -28.90
N CYS I 41 -15.86 37.19 -29.58
CA CYS I 41 -16.37 36.00 -30.25
C CYS I 41 -16.13 34.79 -29.35
N ASP I 42 -17.20 34.06 -29.03
CA ASP I 42 -17.07 32.80 -28.31
C ASP I 42 -17.05 31.71 -29.38
N GLN I 43 -15.88 31.15 -29.63
CA GLN I 43 -15.72 30.17 -30.70
C GLN I 43 -15.70 28.73 -30.19
N ARG I 44 -16.13 28.48 -28.94
CA ARG I 44 -16.08 27.13 -28.43
C ARG I 44 -17.37 26.61 -27.79
N HIS I 45 -18.29 27.46 -27.34
CA HIS I 45 -19.64 26.96 -27.08
C HIS I 45 -20.20 26.45 -28.40
N ASP I 46 -20.73 25.23 -28.39
CA ASP I 46 -21.21 24.62 -29.62
C ASP I 46 -22.26 25.51 -30.28
N PRO I 47 -22.24 25.67 -31.62
CA PRO I 47 -21.27 25.14 -32.58
C PRO I 47 -20.17 26.13 -32.98
N GLY I 48 -19.84 27.05 -32.08
CA GLY I 48 -18.93 28.12 -32.39
C GLY I 48 -19.61 29.24 -33.17
N GLY I 49 -18.88 30.34 -33.33
CA GLY I 49 -19.39 31.46 -34.10
C GLY I 49 -20.38 32.32 -33.35
N TRP I 50 -20.29 32.37 -32.03
CA TRP I 50 -21.21 33.17 -31.23
C TRP I 50 -20.65 34.57 -31.04
N THR I 51 -21.51 35.57 -31.22
CA THR I 51 -21.16 36.96 -30.97
C THR I 51 -21.72 37.38 -29.61
N VAL I 52 -20.83 37.69 -28.68
CA VAL I 52 -21.23 38.07 -27.32
C VAL I 52 -21.78 39.50 -27.33
N ILE I 53 -23.00 39.68 -26.86
CA ILE I 53 -23.62 41.00 -26.76
C ILE I 53 -23.69 41.53 -25.33
N GLN I 54 -23.46 40.67 -24.33
CA GLN I 54 -23.56 41.05 -22.92
C GLN I 54 -22.77 40.04 -22.12
N ARG I 55 -22.09 40.51 -21.07
CA ARG I 55 -21.35 39.59 -20.21
C ARG I 55 -21.14 40.20 -18.84
N ARG I 56 -21.40 39.41 -17.81
CA ARG I 56 -21.12 39.75 -16.42
C ARG I 56 -20.16 38.72 -15.87
N LEU I 57 -19.25 39.15 -14.98
CA LEU I 57 -18.40 38.16 -14.35
C LEU I 57 -17.75 38.61 -13.05
N ASP I 58 -17.63 39.92 -12.82
CA ASP I 58 -16.89 40.34 -11.64
C ASP I 58 -17.34 41.64 -11.00
N GLY I 59 -18.43 42.26 -11.45
CA GLY I 59 -18.88 43.50 -10.85
C GLY I 59 -18.00 44.69 -11.13
N SER I 60 -17.11 44.59 -12.11
CA SER I 60 -16.20 45.68 -12.40
C SER I 60 -16.87 46.86 -13.10
N VAL I 61 -17.98 46.62 -13.79
CA VAL I 61 -18.60 47.62 -14.66
C VAL I 61 -19.98 47.99 -14.11
N ASN I 62 -20.30 49.28 -14.17
CA ASN I 62 -21.57 49.80 -13.71
C ASN I 62 -22.60 49.68 -14.81
N PHE I 63 -23.67 48.92 -14.56
CA PHE I 63 -24.72 48.69 -15.56
C PHE I 63 -25.97 49.51 -15.30
N PHE I 64 -25.99 50.32 -14.24
CA PHE I 64 -27.08 51.26 -13.97
C PHE I 64 -26.81 52.53 -14.77
N ARG I 65 -27.17 52.47 -16.06
CA ARG I 65 -26.79 53.52 -17.01
C ARG I 65 -28.00 54.01 -17.79
N ASN I 66 -27.81 55.14 -18.47
CA ASN I 66 -28.91 55.83 -19.13
C ASN I 66 -29.09 55.34 -20.56
N TRP I 67 -30.09 55.91 -21.24
CA TRP I 67 -30.49 55.42 -22.56
C TRP I 67 -29.35 55.54 -23.55
N GLU I 68 -28.75 56.73 -23.65
CA GLU I 68 -27.67 56.91 -24.62
C GLU I 68 -26.54 55.91 -24.38
N THR I 69 -26.24 55.64 -23.11
CA THR I 69 -25.15 54.70 -22.83
C THR I 69 -25.52 53.28 -23.21
N TYR I 70 -26.77 52.89 -22.97
CA TYR I 70 -27.22 51.58 -23.41
C TYR I 70 -27.36 51.51 -24.92
N LYS I 71 -27.61 52.64 -25.57
CA LYS I 71 -27.68 52.64 -27.03
C LYS I 71 -26.31 52.39 -27.65
N GLN I 72 -25.28 53.01 -27.10
CA GLN I 72 -23.97 52.96 -27.73
C GLN I 72 -23.10 51.81 -27.25
N GLY I 73 -23.29 51.36 -26.02
CA GLY I 73 -22.48 50.30 -25.47
C GLY I 73 -21.51 50.82 -24.44
N PHE I 74 -21.12 49.94 -23.51
CA PHE I 74 -20.21 50.33 -22.44
C PHE I 74 -19.52 49.08 -21.90
N GLY I 75 -18.44 49.30 -21.17
CA GLY I 75 -17.71 48.25 -20.50
C GLY I 75 -16.37 47.94 -21.15
N ASN I 76 -15.86 46.75 -20.83
CA ASN I 76 -14.59 46.25 -21.35
C ASN I 76 -14.84 45.03 -22.22
N ILE I 77 -14.37 45.08 -23.47
CA ILE I 77 -14.64 44.00 -24.41
C ILE I 77 -13.95 42.70 -23.98
N ASP I 78 -12.85 42.80 -23.24
CA ASP I 78 -12.20 41.64 -22.65
C ASP I 78 -12.66 41.37 -21.23
N GLY I 79 -13.76 41.98 -20.81
CA GLY I 79 -14.35 41.72 -19.51
C GLY I 79 -15.86 41.85 -19.57
N GLU I 80 -16.45 42.57 -18.61
CA GLU I 80 -17.89 42.80 -18.61
C GLU I 80 -18.25 43.90 -19.59
N TYR I 81 -19.29 43.68 -20.39
CA TYR I 81 -19.72 44.73 -21.29
C TYR I 81 -21.15 44.52 -21.75
N TRP I 82 -21.70 45.60 -22.32
CA TRP I 82 -22.97 45.62 -23.02
C TRP I 82 -22.67 46.16 -24.41
N LEU I 83 -22.99 45.37 -25.44
CA LEU I 83 -22.53 45.73 -26.78
C LEU I 83 -23.17 47.02 -27.28
N GLY I 84 -24.38 47.33 -26.84
CA GLY I 84 -25.07 48.52 -27.31
C GLY I 84 -26.28 48.19 -28.16
N LEU I 85 -27.39 48.88 -27.89
CA LEU I 85 -28.64 48.54 -28.57
C LEU I 85 -28.55 48.78 -30.07
N GLU I 86 -27.88 49.84 -30.49
CA GLU I 86 -27.74 50.12 -31.92
C GLU I 86 -26.92 49.03 -32.60
N ASN I 87 -25.78 48.67 -32.01
CA ASN I 87 -24.97 47.58 -32.55
C ASN I 87 -25.79 46.28 -32.62
N ILE I 88 -26.49 45.96 -31.53
CA ILE I 88 -27.26 44.72 -31.49
C ILE I 88 -28.37 44.76 -32.53
N TYR I 89 -29.00 45.91 -32.71
CA TYR I 89 -30.06 46.00 -33.72
C TYR I 89 -29.53 45.64 -35.10
N TRP I 90 -28.39 46.20 -35.48
CA TRP I 90 -27.88 45.94 -36.83
C TRP I 90 -27.41 44.50 -36.98
N LEU I 91 -26.83 43.93 -35.92
CA LEU I 91 -26.42 42.54 -35.99
C LEU I 91 -27.63 41.63 -36.22
N THR I 92 -28.69 41.83 -35.44
CA THR I 92 -29.81 40.89 -35.45
C THR I 92 -30.76 41.09 -36.63
N ASN I 93 -30.59 42.13 -37.42
CA ASN I 93 -31.49 42.37 -38.54
C ASN I 93 -30.89 42.03 -39.90
N GLN I 94 -29.67 41.50 -39.92
CA GLN I 94 -29.08 41.01 -41.16
C GLN I 94 -29.34 39.53 -41.39
N GLY I 95 -30.05 38.87 -40.48
CA GLY I 95 -30.38 37.47 -40.62
C GLY I 95 -31.22 37.06 -39.43
N ASN I 96 -31.59 35.78 -39.40
CA ASN I 96 -32.34 35.28 -38.25
C ASN I 96 -31.35 34.70 -37.25
N TYR I 97 -31.18 35.39 -36.13
CA TYR I 97 -30.24 34.99 -35.09
C TYR I 97 -30.99 34.34 -33.94
N LYS I 98 -30.38 33.31 -33.37
CA LYS I 98 -30.84 32.74 -32.11
C LYS I 98 -29.98 33.30 -30.99
N LEU I 99 -30.52 33.24 -29.78
CA LEU I 99 -29.86 33.76 -28.58
C LEU I 99 -29.57 32.61 -27.62
N LEU I 100 -28.33 32.56 -27.13
CA LEU I 100 -27.92 31.63 -26.07
C LEU I 100 -27.50 32.45 -24.86
N VAL I 101 -28.16 32.23 -23.73
CA VAL I 101 -27.79 32.85 -22.46
C VAL I 101 -27.18 31.76 -21.59
N THR I 102 -25.93 31.94 -21.18
CA THR I 102 -25.31 31.05 -20.22
C THR I 102 -25.22 31.72 -18.86
N MET I 103 -25.46 30.95 -17.81
CA MET I 103 -25.47 31.46 -16.44
C MET I 103 -24.77 30.47 -15.53
N GLU I 104 -24.03 30.99 -14.55
CA GLU I 104 -23.31 30.18 -13.59
C GLU I 104 -23.48 30.78 -12.21
N ASP I 105 -23.91 29.97 -11.25
CA ASP I 105 -24.09 30.46 -9.89
C ASP I 105 -22.76 30.36 -9.14
N TRP I 106 -22.78 30.74 -7.86
CA TRP I 106 -21.57 30.80 -7.05
C TRP I 106 -21.17 29.43 -6.51
N SER I 107 -21.92 28.38 -6.83
CA SER I 107 -21.52 27.02 -6.53
C SER I 107 -20.93 26.30 -7.74
N GLY I 108 -20.78 26.99 -8.86
CA GLY I 108 -20.23 26.40 -10.07
C GLY I 108 -21.25 25.75 -10.97
N ARG I 109 -22.53 25.78 -10.63
CA ARG I 109 -23.58 25.19 -11.43
C ARG I 109 -23.85 26.04 -12.67
N LYS I 110 -23.85 25.41 -13.84
CA LYS I 110 -24.01 26.09 -15.12
C LYS I 110 -25.30 25.64 -15.80
N VAL I 111 -26.09 26.61 -16.24
CA VAL I 111 -27.34 26.37 -16.94
C VAL I 111 -27.41 27.34 -18.12
N PHE I 112 -28.39 27.11 -18.99
CA PHE I 112 -28.53 27.95 -20.18
C PHE I 112 -30.00 28.08 -20.55
N ALA I 113 -30.30 29.15 -21.28
CA ALA I 113 -31.60 29.35 -21.92
C ALA I 113 -31.31 29.75 -23.36
N GLU I 114 -31.98 29.09 -24.31
CA GLU I 114 -31.78 29.32 -25.72
C GLU I 114 -33.10 29.73 -26.35
N TYR I 115 -33.04 30.66 -27.31
CA TYR I 115 -34.23 31.19 -27.98
C TYR I 115 -34.02 31.14 -29.48
N ALA I 116 -34.97 30.52 -30.17
CA ALA I 116 -34.81 30.19 -31.59
C ALA I 116 -34.63 31.42 -32.45
N SER I 117 -35.11 32.58 -32.00
CA SER I 117 -34.88 33.83 -32.70
C SER I 117 -34.79 34.95 -31.69
N PHE I 118 -33.97 35.94 -32.01
CA PHE I 118 -33.73 37.09 -31.16
C PHE I 118 -33.48 38.27 -32.09
N ARG I 119 -34.34 39.28 -32.00
CA ARG I 119 -34.25 40.44 -32.87
C ARG I 119 -34.77 41.66 -32.12
N LEU I 120 -34.16 42.81 -32.38
CA LEU I 120 -34.63 44.08 -31.84
C LEU I 120 -35.25 44.92 -32.96
N GLU I 121 -36.29 45.66 -32.62
CA GLU I 121 -36.83 46.68 -33.50
C GLU I 121 -35.99 47.94 -33.39
N PRO I 122 -36.21 48.92 -34.26
CA PRO I 122 -35.33 50.10 -34.27
C PRO I 122 -35.58 51.00 -33.06
N GLU I 123 -34.68 51.97 -32.86
CA GLU I 123 -34.87 52.95 -31.79
C GLU I 123 -36.23 53.60 -31.89
N SER I 124 -36.74 53.76 -33.11
CA SER I 124 -38.11 54.16 -33.39
C SER I 124 -39.13 53.47 -32.51
N GLU I 125 -38.89 52.19 -32.21
CA GLU I 125 -39.75 51.39 -31.35
C GLU I 125 -39.09 51.06 -30.03
N TYR I 126 -38.12 51.89 -29.62
CA TYR I 126 -37.42 51.72 -28.36
C TYR I 126 -36.82 50.32 -28.26
N TYR I 127 -36.38 49.80 -29.40
CA TYR I 127 -35.63 48.55 -29.47
C TYR I 127 -36.43 47.38 -28.90
N LYS I 128 -37.72 47.35 -29.24
CA LYS I 128 -38.60 46.31 -28.73
C LYS I 128 -38.06 44.93 -29.04
N LEU I 129 -38.14 44.05 -28.03
CA LEU I 129 -37.62 42.70 -28.13
C LEU I 129 -38.60 41.78 -28.83
N ARG I 130 -38.07 40.97 -29.75
CA ARG I 130 -38.83 39.93 -30.43
C ARG I 130 -38.10 38.61 -30.19
N LEU I 131 -38.73 37.70 -29.46
CA LEU I 131 -38.12 36.45 -29.06
C LEU I 131 -38.86 35.25 -29.65
N GLY I 132 -38.09 34.28 -30.13
CA GLY I 132 -38.63 33.00 -30.56
C GLY I 132 -38.73 31.99 -29.43
N ARG I 133 -38.88 30.73 -29.82
CA ARG I 133 -39.22 29.66 -28.90
C ARG I 133 -38.07 29.32 -27.96
N TYR I 134 -38.42 28.97 -26.73
CA TYR I 134 -37.44 28.69 -25.68
C TYR I 134 -37.07 27.22 -25.65
N HIS I 135 -35.77 26.97 -25.46
CA HIS I 135 -35.30 25.69 -24.98
C HIS I 135 -34.18 25.94 -23.98
N GLY I 136 -34.20 25.23 -22.86
CA GLY I 136 -33.09 25.37 -21.93
C GLY I 136 -33.25 24.48 -20.72
N ASN I 137 -32.26 24.53 -19.85
CA ASN I 137 -32.34 23.90 -18.54
C ASN I 137 -32.28 24.92 -17.41
N ALA I 138 -32.21 26.21 -17.72
CA ALA I 138 -32.27 27.25 -16.71
C ALA I 138 -33.70 27.60 -16.31
N GLY I 139 -34.68 27.19 -17.10
CA GLY I 139 -36.01 27.75 -16.97
C GLY I 139 -36.15 29.01 -17.81
N ASP I 140 -37.39 29.31 -18.21
CA ASP I 140 -37.64 30.40 -19.14
C ASP I 140 -38.10 31.65 -18.38
N SER I 141 -37.13 32.51 -18.07
CA SER I 141 -37.40 33.78 -17.39
C SER I 141 -37.31 34.97 -18.34
N PHE I 142 -37.37 34.75 -19.66
CA PHE I 142 -37.22 35.81 -20.64
C PHE I 142 -38.45 35.98 -21.53
N THR I 143 -39.24 34.94 -21.75
CA THR I 143 -40.34 35.06 -22.69
C THR I 143 -41.40 36.05 -22.19
N TRP I 144 -41.53 36.21 -20.87
CA TRP I 144 -42.41 37.23 -20.31
C TRP I 144 -42.03 38.63 -20.77
N HIS I 145 -40.79 38.83 -21.19
CA HIS I 145 -40.33 40.12 -21.69
C HIS I 145 -40.50 40.28 -23.18
N ASN I 146 -41.01 39.25 -23.87
CA ASN I 146 -41.15 39.34 -25.32
C ASN I 146 -42.15 40.43 -25.68
N GLY I 147 -41.79 41.23 -26.69
CA GLY I 147 -42.64 42.30 -27.15
C GLY I 147 -42.62 43.56 -26.31
N LYS I 148 -41.76 43.63 -25.30
CA LYS I 148 -41.64 44.83 -24.48
C LYS I 148 -40.55 45.73 -25.04
N GLN I 149 -40.74 47.04 -24.85
CA GLN I 149 -39.73 48.01 -25.21
C GLN I 149 -38.62 48.03 -24.16
N PHE I 150 -37.47 48.56 -24.57
CA PHE I 150 -36.35 48.71 -23.66
C PHE I 150 -36.59 49.91 -22.77
N THR I 151 -36.20 49.79 -21.51
CA THR I 151 -36.44 50.83 -20.52
C THR I 151 -35.13 51.11 -19.77
N THR I 152 -34.85 52.38 -19.54
CA THR I 152 -33.71 52.79 -18.74
C THR I 152 -34.16 53.79 -17.69
N LEU I 153 -33.24 54.13 -16.79
CA LEU I 153 -33.56 54.98 -15.65
C LEU I 153 -34.08 56.36 -16.08
N ASP I 154 -33.73 56.83 -17.27
CA ASP I 154 -34.19 58.12 -17.75
C ASP I 154 -35.25 58.02 -18.83
N ARG I 155 -35.64 56.82 -19.25
CA ARG I 155 -36.64 56.64 -20.29
C ARG I 155 -37.51 55.44 -19.94
N ASP I 156 -38.73 55.71 -19.52
CA ASP I 156 -39.64 54.70 -18.99
C ASP I 156 -40.57 54.25 -20.11
N HIS I 157 -40.38 53.02 -20.58
CA HIS I 157 -41.22 52.46 -21.64
C HIS I 157 -41.88 51.15 -21.23
N ASP I 158 -41.96 50.87 -19.93
CA ASP I 158 -42.49 49.59 -19.47
C ASP I 158 -44.00 49.70 -19.24
N VAL I 159 -44.59 48.67 -18.65
CA VAL I 159 -46.03 48.67 -18.36
C VAL I 159 -46.29 48.69 -16.85
N TYR I 160 -45.33 49.19 -16.06
CA TYR I 160 -45.51 49.39 -14.63
C TYR I 160 -45.78 50.87 -14.39
N THR I 161 -46.56 51.16 -13.34
CA THR I 161 -46.86 52.57 -13.08
C THR I 161 -45.58 53.34 -12.75
N GLY I 162 -44.64 52.71 -12.04
CA GLY I 162 -43.32 53.27 -11.84
C GLY I 162 -42.42 53.03 -13.04
N ASN I 163 -41.14 53.40 -12.88
CA ASN I 163 -40.10 53.10 -13.85
C ASN I 163 -39.30 51.92 -13.32
N CYS I 164 -39.40 50.77 -14.01
CA CYS I 164 -38.82 49.54 -13.47
C CYS I 164 -37.32 49.65 -13.29
N ALA I 165 -36.64 50.43 -14.13
CA ALA I 165 -35.19 50.57 -14.00
C ALA I 165 -34.79 51.21 -12.67
N HIS I 166 -35.69 52.00 -12.09
CA HIS I 166 -35.41 52.58 -10.78
C HIS I 166 -35.34 51.50 -9.71
N TYR I 167 -36.12 50.42 -9.88
CA TYR I 167 -36.18 49.35 -8.89
C TYR I 167 -35.16 48.25 -9.17
N GLN I 168 -35.13 47.76 -10.41
CA GLN I 168 -34.25 46.65 -10.76
C GLN I 168 -32.87 47.11 -11.23
N LYS I 169 -32.72 48.38 -11.59
CA LYS I 169 -31.44 49.06 -11.73
C LYS I 169 -30.67 48.71 -12.98
N GLY I 170 -31.30 48.11 -13.98
CA GLY I 170 -30.58 47.93 -15.22
C GLY I 170 -31.22 48.65 -16.39
N GLY I 171 -30.74 48.38 -17.60
CA GLY I 171 -31.49 48.65 -18.81
C GLY I 171 -31.98 47.31 -19.33
N TRP I 172 -33.27 47.24 -19.64
CA TRP I 172 -33.88 45.94 -19.92
C TRP I 172 -35.26 46.15 -20.53
N TRP I 173 -35.75 45.08 -21.17
CA TRP I 173 -37.11 45.04 -21.72
C TRP I 173 -38.10 44.74 -20.59
N TYR I 174 -38.14 45.66 -19.63
CA TYR I 174 -38.92 45.42 -18.42
C TYR I 174 -40.41 45.33 -18.72
N ASN I 175 -41.09 44.44 -17.98
CA ASN I 175 -42.54 44.28 -18.09
C ASN I 175 -43.18 44.98 -16.89
N ALA I 176 -43.47 44.26 -15.82
CA ALA I 176 -43.84 44.90 -14.55
C ALA I 176 -43.49 44.04 -13.35
N CYS I 177 -42.21 43.78 -13.09
CA CYS I 177 -41.13 44.36 -13.87
C CYS I 177 -40.24 43.31 -14.55
N ALA I 178 -39.78 42.30 -13.81
CA ALA I 178 -38.80 41.41 -14.40
C ALA I 178 -38.78 40.01 -13.81
N HIS I 179 -38.77 39.03 -14.71
CA HIS I 179 -38.42 37.65 -14.39
C HIS I 179 -36.94 37.37 -14.54
N SER I 180 -36.24 38.16 -15.34
CA SER I 180 -34.79 38.10 -15.52
C SER I 180 -34.26 39.53 -15.45
N ASN I 181 -33.06 39.69 -14.90
CA ASN I 181 -32.51 41.03 -14.68
C ASN I 181 -31.00 41.00 -14.89
N LEU I 182 -30.57 40.52 -16.07
CA LEU I 182 -29.15 40.24 -16.27
C LEU I 182 -28.29 41.50 -16.33
N ASN I 183 -28.89 42.67 -16.53
CA ASN I 183 -28.14 43.93 -16.47
C ASN I 183 -28.27 44.60 -15.10
N GLY I 184 -28.64 43.85 -14.08
CA GLY I 184 -28.83 44.39 -12.74
C GLY I 184 -27.54 44.48 -11.96
N VAL I 185 -27.69 44.56 -10.64
CA VAL I 185 -26.56 44.78 -9.74
C VAL I 185 -25.88 43.46 -9.42
N TRP I 186 -24.57 43.40 -9.61
CA TRP I 186 -23.78 42.21 -9.36
C TRP I 186 -23.40 42.16 -7.88
N TYR I 187 -23.93 41.19 -7.14
CA TYR I 187 -23.66 41.03 -5.72
C TYR I 187 -22.72 39.86 -5.49
N ARG I 188 -21.69 40.08 -4.66
CA ARG I 188 -20.72 39.03 -4.37
C ARG I 188 -21.36 37.93 -3.51
N GLY I 189 -21.13 36.68 -3.89
CA GLY I 189 -21.60 35.55 -3.10
C GLY I 189 -22.98 35.05 -3.44
N GLY I 190 -23.68 35.67 -4.38
CA GLY I 190 -24.96 35.17 -4.81
C GLY I 190 -26.12 35.68 -3.98
N HIS I 191 -26.31 35.09 -2.80
CA HIS I 191 -27.40 35.52 -1.93
C HIS I 191 -27.23 36.97 -1.54
N TYR I 192 -28.31 37.74 -1.65
CA TYR I 192 -28.28 39.14 -1.26
C TYR I 192 -29.65 39.50 -0.73
N ARG I 193 -29.68 40.51 0.13
CA ARG I 193 -30.93 41.08 0.57
C ARG I 193 -30.88 42.59 0.39
N SER I 194 -31.87 43.12 -0.29
CA SER I 194 -31.95 44.54 -0.60
C SER I 194 -33.42 44.90 -0.55
N ARG I 195 -33.71 46.20 -0.59
CA ARG I 195 -35.10 46.56 -0.48
C ARG I 195 -35.89 46.07 -1.67
N TYR I 196 -35.28 46.06 -2.86
CA TYR I 196 -35.89 45.52 -4.06
C TYR I 196 -34.94 44.50 -4.66
N GLN I 197 -35.50 43.52 -5.34
CA GLN I 197 -34.69 42.50 -6.02
C GLN I 197 -34.09 43.12 -7.26
N ASP I 198 -32.83 43.57 -7.16
CA ASP I 198 -32.17 44.29 -8.24
C ASP I 198 -30.88 43.61 -8.66
N GLY I 199 -30.69 42.35 -8.29
CA GLY I 199 -29.49 41.63 -8.63
C GLY I 199 -29.51 41.09 -10.06
N VAL I 200 -28.39 40.46 -10.44
CA VAL I 200 -28.24 39.79 -11.72
C VAL I 200 -28.94 38.44 -11.62
N TYR I 201 -30.26 38.43 -11.74
CA TYR I 201 -31.02 37.24 -11.41
C TYR I 201 -31.78 36.71 -12.61
N TRP I 202 -32.09 35.42 -12.53
CA TRP I 202 -32.86 34.66 -13.52
C TRP I 202 -33.82 33.84 -12.66
N ALA I 203 -35.09 34.28 -12.59
CA ALA I 203 -35.95 33.84 -11.50
C ALA I 203 -36.16 32.32 -11.50
N GLU I 204 -36.34 31.72 -12.68
CA GLU I 204 -36.58 30.28 -12.73
C GLU I 204 -35.34 29.45 -12.36
N PHE I 205 -34.15 30.05 -12.36
CA PHE I 205 -32.93 29.30 -11.99
C PHE I 205 -32.70 29.38 -10.48
N ARG I 206 -32.31 30.55 -9.97
CA ARG I 206 -32.03 30.70 -8.55
C ARG I 206 -32.92 31.71 -7.85
N GLY I 207 -33.92 32.27 -8.52
CA GLY I 207 -34.85 33.18 -7.90
C GLY I 207 -34.39 34.62 -7.89
N GLY I 208 -35.29 35.49 -7.45
CA GLY I 208 -35.07 36.93 -7.55
C GLY I 208 -34.06 37.48 -6.58
N SER I 209 -33.72 36.74 -5.53
CA SER I 209 -32.81 37.22 -4.50
C SER I 209 -31.46 36.51 -4.55
N TYR I 210 -31.04 36.09 -5.75
CA TYR I 210 -29.75 35.46 -5.97
C TYR I 210 -29.11 36.11 -7.19
N SER I 211 -27.90 36.64 -7.01
CA SER I 211 -27.16 37.31 -8.07
C SER I 211 -26.19 36.32 -8.71
N LEU I 212 -26.29 36.16 -10.02
CA LEU I 212 -25.51 35.16 -10.72
C LEU I 212 -24.07 35.62 -10.88
N LYS I 213 -23.13 34.68 -10.75
CA LYS I 213 -21.72 35.01 -10.76
C LYS I 213 -21.22 35.34 -12.16
N LYS I 214 -21.59 34.53 -13.14
CA LYS I 214 -21.17 34.78 -14.52
C LYS I 214 -22.36 34.58 -15.44
N VAL I 215 -22.53 35.52 -16.37
CA VAL I 215 -23.65 35.52 -17.30
C VAL I 215 -23.10 35.95 -18.66
N VAL I 216 -23.54 35.26 -19.71
CA VAL I 216 -23.14 35.63 -21.07
C VAL I 216 -24.36 35.53 -21.98
N MET I 217 -24.64 36.61 -22.71
CA MET I 217 -25.66 36.63 -23.75
C MET I 217 -24.94 36.67 -25.10
N MET I 218 -25.26 35.72 -25.97
CA MET I 218 -24.53 35.55 -27.23
C MET I 218 -25.51 35.17 -28.33
N ILE I 219 -25.21 35.58 -29.57
CA ILE I 219 -26.10 35.33 -30.70
C ILE I 219 -25.32 34.73 -31.87
N ARG I 220 -26.05 34.00 -32.72
CA ARG I 220 -25.49 33.29 -33.85
C ARG I 220 -26.60 33.06 -34.85
N PRO I 221 -26.32 33.11 -36.15
CA PRO I 221 -27.36 32.79 -37.14
C PRO I 221 -27.93 31.41 -36.86
N ASN I 222 -29.25 31.29 -36.94
CA ASN I 222 -29.90 30.03 -36.63
C ASN I 222 -30.01 29.21 -37.91
N PRO I 223 -29.36 28.05 -38.00
CA PRO I 223 -29.50 27.21 -39.19
C PRO I 223 -30.95 26.75 -39.35
N ASN I 224 -31.49 26.92 -40.54
CA ASN I 224 -32.87 26.54 -40.82
C ASN I 224 -33.21 26.75 -42.29
N GLY J 7 37.77 -44.60 -47.15
CA GLY J 7 37.13 -44.74 -45.85
C GLY J 7 36.70 -43.39 -45.33
N PRO J 8 36.27 -43.30 -44.07
CA PRO J 8 35.93 -42.00 -43.50
C PRO J 8 37.20 -41.20 -43.26
N TRP J 9 37.05 -39.88 -43.34
CA TRP J 9 38.18 -38.98 -43.12
C TRP J 9 37.88 -38.06 -41.94
N ARG J 10 38.95 -37.51 -41.35
CA ARG J 10 38.74 -36.58 -40.24
C ARG J 10 38.15 -35.27 -40.73
N ASP J 11 38.45 -34.88 -41.95
CA ASP J 11 37.86 -33.70 -42.58
C ASP J 11 38.16 -33.78 -44.08
N CYS J 12 37.70 -32.76 -44.81
CA CYS J 12 37.81 -32.79 -46.26
C CYS J 12 39.23 -32.52 -46.73
N LEU J 13 40.06 -31.90 -45.88
CA LEU J 13 41.46 -31.72 -46.24
C LEU J 13 42.17 -33.06 -46.30
N GLN J 14 41.87 -33.96 -45.35
CA GLN J 14 42.48 -35.28 -45.37
C GLN J 14 42.03 -36.06 -46.59
N ALA J 15 40.77 -35.90 -47.00
CA ALA J 15 40.30 -36.55 -48.21
C ALA J 15 41.03 -36.03 -49.43
N LEU J 16 41.22 -34.72 -49.52
CA LEU J 16 41.95 -34.14 -50.64
C LEU J 16 43.38 -34.67 -50.68
N GLU J 17 44.05 -34.71 -49.52
CA GLU J 17 45.46 -35.14 -49.47
C GLU J 17 45.65 -36.56 -50.00
N ASP J 18 44.60 -37.38 -49.97
CA ASP J 18 44.66 -38.73 -50.53
C ASP J 18 44.07 -38.78 -51.94
N GLY J 19 43.95 -37.63 -52.60
CA GLY J 19 43.67 -37.58 -54.02
C GLY J 19 42.23 -37.31 -54.41
N HIS J 20 41.32 -37.12 -53.46
CA HIS J 20 39.92 -36.87 -53.79
C HIS J 20 39.77 -35.39 -54.09
N ASP J 21 39.84 -35.07 -55.39
CA ASP J 21 39.93 -33.73 -55.94
C ASP J 21 38.58 -33.14 -56.29
N THR J 22 37.53 -33.95 -56.21
CA THR J 22 36.20 -33.57 -56.70
C THR J 22 35.36 -33.05 -55.54
N SER J 23 34.77 -31.87 -55.74
CA SER J 23 33.80 -31.35 -54.79
C SER J 23 32.55 -32.24 -54.83
N SER J 24 32.22 -32.85 -53.70
CA SER J 24 31.11 -33.80 -53.67
C SER J 24 30.81 -34.14 -52.21
N ILE J 25 30.03 -35.20 -52.00
CA ILE J 25 29.66 -35.66 -50.67
C ILE J 25 30.68 -36.69 -50.21
N TYR J 26 31.15 -36.53 -48.96
CA TYR J 26 32.13 -37.44 -48.38
C TYR J 26 31.71 -37.79 -46.97
N LEU J 27 32.19 -38.94 -46.49
CA LEU J 27 31.93 -39.39 -45.13
C LEU J 27 33.08 -38.95 -44.23
N VAL J 28 32.72 -38.36 -43.08
CA VAL J 28 33.70 -37.77 -42.18
C VAL J 28 33.46 -38.31 -40.77
N LYS J 29 34.56 -38.56 -40.05
CA LYS J 29 34.50 -38.96 -38.64
C LYS J 29 35.59 -38.21 -37.88
N PRO J 30 35.25 -37.21 -37.07
CA PRO J 30 36.29 -36.44 -36.39
C PRO J 30 37.10 -37.29 -35.44
N GLU J 31 38.32 -36.83 -35.18
CA GLU J 31 39.13 -37.35 -34.08
C GLU J 31 38.34 -37.27 -32.79
N ASN J 32 38.35 -38.34 -32.01
CA ASN J 32 37.77 -38.39 -30.66
C ASN J 32 36.27 -38.62 -30.68
N THR J 33 35.72 -39.23 -31.71
CA THR J 33 34.28 -39.45 -31.77
C THR J 33 33.99 -40.67 -32.62
N ASN J 34 32.84 -41.29 -32.33
CA ASN J 34 32.23 -42.26 -33.22
C ASN J 34 31.18 -41.61 -34.11
N ARG J 35 31.13 -40.28 -34.10
CA ARG J 35 30.16 -39.53 -34.89
C ARG J 35 30.55 -39.58 -36.37
N LEU J 36 29.78 -40.30 -37.17
CA LEU J 36 29.97 -40.36 -38.61
C LEU J 36 28.95 -39.45 -39.28
N MET J 37 29.41 -38.67 -40.26
CA MET J 37 28.55 -37.69 -40.88
C MET J 37 28.87 -37.55 -42.37
N GLN J 38 27.85 -37.22 -43.14
CA GLN J 38 28.02 -36.77 -44.51
C GLN J 38 28.31 -35.28 -44.52
N VAL J 39 29.28 -34.86 -45.33
CA VAL J 39 29.56 -33.44 -45.54
C VAL J 39 29.75 -33.21 -47.02
N TRP J 40 29.53 -31.96 -47.44
CA TRP J 40 29.95 -31.50 -48.75
C TRP J 40 31.36 -30.91 -48.62
N CYS J 41 32.28 -31.43 -49.43
CA CYS J 41 33.65 -30.94 -49.49
C CYS J 41 33.81 -30.04 -50.70
N ASP J 42 34.26 -28.80 -50.47
CA ASP J 42 34.61 -27.89 -51.56
C ASP J 42 36.10 -28.05 -51.85
N GLN J 43 36.42 -28.76 -52.92
CA GLN J 43 37.81 -28.98 -53.30
C GLN J 43 38.29 -27.99 -54.35
N ARG J 44 37.53 -26.93 -54.61
CA ARG J 44 37.86 -25.95 -55.65
C ARG J 44 38.27 -24.60 -55.11
N HIS J 45 37.56 -24.05 -54.12
CA HIS J 45 37.97 -22.79 -53.51
C HIS J 45 39.37 -22.94 -52.94
N ASP J 46 40.27 -22.03 -53.33
CA ASP J 46 41.66 -22.11 -52.89
C ASP J 46 41.73 -22.25 -51.37
N PRO J 47 42.56 -23.16 -50.83
CA PRO J 47 43.41 -24.11 -51.56
C PRO J 47 42.84 -25.53 -51.63
N GLY J 48 41.53 -25.64 -51.55
CA GLY J 48 40.87 -26.92 -51.48
C GLY J 48 40.81 -27.44 -50.06
N GLY J 49 40.07 -28.53 -49.89
CA GLY J 49 39.95 -29.17 -48.60
C GLY J 49 39.01 -28.46 -47.64
N TRP J 50 38.01 -27.76 -48.14
CA TRP J 50 37.07 -27.06 -47.29
C TRP J 50 35.89 -27.96 -46.94
N THR J 51 35.54 -28.00 -45.66
CA THR J 51 34.38 -28.74 -45.18
C THR J 51 33.22 -27.76 -45.00
N VAL J 52 32.17 -27.94 -45.79
CA VAL J 52 31.01 -27.05 -45.74
C VAL J 52 30.18 -27.37 -44.51
N ILE J 53 29.91 -26.35 -43.70
CA ILE J 53 29.07 -26.50 -42.51
C ILE J 53 27.72 -25.83 -42.66
N GLN J 54 27.55 -24.94 -43.63
CA GLN J 54 26.28 -24.24 -43.84
C GLN J 54 26.25 -23.75 -45.28
N ARG J 55 25.08 -23.80 -45.90
CA ARG J 55 24.96 -23.33 -47.27
C ARG J 55 23.51 -22.94 -47.56
N ARG J 56 23.35 -21.76 -48.16
CA ARG J 56 22.07 -21.24 -48.61
C ARG J 56 22.14 -21.02 -50.11
N LEU J 57 21.06 -21.34 -50.82
CA LEU J 57 21.10 -21.15 -52.26
C LEU J 57 19.76 -20.94 -52.94
N ASP J 58 18.66 -21.37 -52.32
CA ASP J 58 17.41 -21.34 -53.06
C ASP J 58 16.15 -21.34 -52.20
N GLY J 59 16.29 -21.15 -50.90
CA GLY J 59 15.12 -21.19 -50.04
C GLY J 59 14.49 -22.55 -49.95
N SER J 60 15.23 -23.60 -50.31
CA SER J 60 14.72 -24.95 -50.28
C SER J 60 14.34 -25.40 -48.87
N VAL J 61 15.05 -24.91 -47.86
CA VAL J 61 15.08 -25.53 -46.55
C VAL J 61 14.70 -24.52 -45.49
N ASN J 62 13.86 -24.94 -44.56
CA ASN J 62 13.43 -24.11 -43.45
C ASN J 62 14.53 -24.05 -42.40
N PHE J 63 15.07 -22.86 -42.17
CA PHE J 63 16.13 -22.65 -41.18
C PHE J 63 15.60 -22.10 -39.87
N PHE J 64 14.30 -21.84 -39.77
CA PHE J 64 13.67 -21.39 -38.52
C PHE J 64 13.37 -22.63 -37.67
N ARG J 65 14.43 -23.15 -37.03
CA ARG J 65 14.35 -24.45 -36.38
C ARG J 65 14.78 -24.33 -34.92
N ASN J 66 14.48 -25.38 -34.16
CA ASN J 66 14.68 -25.36 -32.73
C ASN J 66 16.06 -25.90 -32.36
N TRP J 67 16.34 -25.91 -31.06
CA TRP J 67 17.67 -26.24 -30.57
C TRP J 67 18.11 -27.63 -31.01
N GLU J 68 17.28 -28.64 -30.73
CA GLU J 68 17.67 -30.00 -31.07
C GLU J 68 17.95 -30.15 -32.55
N THR J 69 17.15 -29.49 -33.40
CA THR J 69 17.39 -29.58 -34.84
C THR J 69 18.70 -28.92 -35.23
N TYR J 70 18.99 -27.74 -34.67
CA TYR J 70 20.29 -27.12 -34.90
C TYR J 70 21.41 -27.94 -34.28
N LYS J 71 21.14 -28.68 -33.21
CA LYS J 71 22.17 -29.52 -32.62
C LYS J 71 22.56 -30.65 -33.57
N GLN J 72 21.56 -31.34 -34.13
CA GLN J 72 21.82 -32.54 -34.91
C GLN J 72 22.18 -32.24 -36.36
N GLY J 73 21.67 -31.13 -36.91
CA GLY J 73 21.83 -30.81 -38.30
C GLY J 73 20.58 -31.10 -39.11
N PHE J 74 20.44 -30.39 -40.23
CA PHE J 74 19.25 -30.54 -41.05
C PHE J 74 19.54 -30.06 -42.48
N GLY J 75 18.65 -30.43 -43.38
CA GLY J 75 18.69 -29.98 -44.75
C GLY J 75 19.09 -31.07 -45.73
N ASN J 76 19.60 -30.64 -46.88
CA ASN J 76 20.04 -31.52 -47.95
C ASN J 76 21.54 -31.35 -48.16
N ILE J 77 22.28 -32.45 -48.10
CA ILE J 77 23.73 -32.35 -48.18
C ILE J 77 24.16 -31.87 -49.56
N ASP J 78 23.39 -32.19 -50.61
CA ASP J 78 23.65 -31.69 -51.95
C ASP J 78 22.87 -30.41 -52.24
N GLY J 79 22.36 -29.75 -51.20
CA GLY J 79 21.65 -28.49 -51.36
C GLY J 79 21.92 -27.57 -50.20
N GLU J 80 20.87 -26.93 -49.66
CA GLU J 80 21.02 -26.10 -48.48
C GLU J 80 21.04 -26.99 -47.24
N TYR J 81 21.96 -26.71 -46.32
CA TYR J 81 21.95 -27.47 -45.09
C TYR J 81 22.72 -26.75 -43.98
N TRP J 82 22.51 -27.26 -42.77
CA TRP J 82 23.24 -26.87 -41.56
C TRP J 82 23.82 -28.15 -40.98
N LEU J 83 25.14 -28.18 -40.81
CA LEU J 83 25.79 -29.46 -40.49
C LEU J 83 25.41 -29.95 -39.10
N GLY J 84 25.03 -29.06 -38.21
CA GLY J 84 24.72 -29.44 -36.85
C GLY J 84 25.77 -28.99 -35.85
N LEU J 85 25.33 -28.43 -34.73
CA LEU J 85 26.27 -27.87 -33.77
C LEU J 85 27.18 -28.93 -33.16
N GLU J 86 26.63 -30.11 -32.85
CA GLU J 86 27.47 -31.15 -32.27
C GLU J 86 28.52 -31.61 -33.27
N ASN J 87 28.13 -31.77 -34.54
CA ASN J 87 29.09 -32.14 -35.56
C ASN J 87 30.15 -31.06 -35.74
N ILE J 88 29.73 -29.80 -35.79
CA ILE J 88 30.70 -28.71 -35.95
C ILE J 88 31.61 -28.62 -34.72
N TYR J 89 31.07 -28.89 -33.54
CA TYR J 89 31.90 -28.91 -32.35
C TYR J 89 33.05 -29.90 -32.50
N TRP J 90 32.74 -31.14 -32.87
CA TRP J 90 33.79 -32.16 -32.93
C TRP J 90 34.78 -31.86 -34.05
N LEU J 91 34.30 -31.39 -35.20
CA LEU J 91 35.21 -31.01 -36.27
C LEU J 91 36.17 -29.91 -35.82
N THR J 92 35.63 -28.83 -35.25
CA THR J 92 36.47 -27.68 -34.97
C THR J 92 37.40 -27.88 -33.78
N ASN J 93 37.25 -28.94 -32.99
CA ASN J 93 38.08 -29.14 -31.82
C ASN J 93 39.18 -30.18 -32.04
N GLN J 94 39.32 -30.72 -33.24
CA GLN J 94 40.42 -31.64 -33.54
C GLN J 94 41.64 -30.94 -34.11
N GLY J 95 41.59 -29.63 -34.26
CA GLY J 95 42.69 -28.84 -34.78
C GLY J 95 42.22 -27.41 -34.85
N ASN J 96 43.11 -26.51 -35.24
CA ASN J 96 42.72 -25.12 -35.40
C ASN J 96 42.22 -24.90 -36.82
N TYR J 97 40.93 -24.66 -36.96
CA TYR J 97 40.30 -24.44 -38.26
C TYR J 97 40.08 -22.95 -38.50
N LYS J 98 40.31 -22.53 -39.73
CA LYS J 98 39.84 -21.22 -40.18
C LYS J 98 38.47 -21.37 -40.83
N LEU J 99 37.76 -20.26 -40.93
CA LEU J 99 36.42 -20.21 -41.50
C LEU J 99 36.44 -19.26 -42.70
N LEU J 100 35.83 -19.70 -43.80
CA LEU J 100 35.64 -18.89 -44.98
C LEU J 100 34.14 -18.78 -45.24
N VAL J 101 33.63 -17.56 -45.27
CA VAL J 101 32.23 -17.31 -45.64
C VAL J 101 32.25 -16.67 -47.02
N THR J 102 31.66 -17.34 -48.00
CA THR J 102 31.48 -16.75 -49.32
C THR J 102 30.03 -16.29 -49.47
N MET J 103 29.84 -15.13 -50.10
CA MET J 103 28.51 -14.57 -50.27
C MET J 103 28.36 -14.00 -51.68
N GLU J 104 27.15 -14.13 -52.22
CA GLU J 104 26.83 -13.66 -53.56
C GLU J 104 25.45 -13.01 -53.52
N ASP J 105 25.35 -11.78 -54.04
CA ASP J 105 24.08 -11.10 -54.11
C ASP J 105 23.37 -11.45 -55.41
N TRP J 106 22.21 -10.85 -55.65
CA TRP J 106 21.40 -11.21 -56.80
C TRP J 106 21.87 -10.57 -58.08
N SER J 107 22.91 -9.73 -58.03
CA SER J 107 23.53 -9.16 -59.22
C SER J 107 24.83 -9.86 -59.57
N GLY J 108 25.16 -10.96 -58.90
CA GLY J 108 26.35 -11.71 -59.20
C GLY J 108 27.63 -11.21 -58.56
N ARG J 109 27.57 -10.17 -57.73
CA ARG J 109 28.76 -9.74 -57.01
C ARG J 109 29.07 -10.72 -55.88
N LYS J 110 30.32 -11.18 -55.83
CA LYS J 110 30.77 -12.19 -54.87
C LYS J 110 31.78 -11.55 -53.92
N VAL J 111 31.58 -11.77 -52.62
CA VAL J 111 32.48 -11.28 -51.59
C VAL J 111 32.71 -12.40 -50.59
N PHE J 112 33.66 -12.18 -49.69
CA PHE J 112 33.98 -13.21 -48.70
C PHE J 112 34.42 -12.55 -47.40
N ALA J 113 34.39 -13.35 -46.34
CA ALA J 113 34.86 -12.98 -45.01
C ALA J 113 35.58 -14.20 -44.47
N GLU J 114 36.84 -14.02 -44.08
CA GLU J 114 37.69 -15.12 -43.61
C GLU J 114 38.15 -14.83 -42.20
N TYR J 115 38.17 -15.87 -41.36
CA TYR J 115 38.52 -15.73 -39.95
C TYR J 115 39.58 -16.75 -39.59
N ALA J 116 40.64 -16.29 -38.91
CA ALA J 116 41.84 -17.11 -38.74
C ALA J 116 41.57 -18.33 -37.86
N SER J 117 40.60 -18.25 -36.97
CA SER J 117 40.20 -19.40 -36.17
C SER J 117 38.70 -19.39 -35.99
N PHE J 118 38.13 -20.58 -35.86
CA PHE J 118 36.70 -20.78 -35.71
C PHE J 118 36.51 -22.06 -34.91
N ARG J 119 35.92 -21.95 -33.73
CA ARG J 119 35.74 -23.08 -32.83
C ARG J 119 34.50 -22.84 -32.01
N LEU J 120 33.80 -23.91 -31.66
CA LEU J 120 32.63 -23.85 -30.81
C LEU J 120 32.95 -24.48 -29.45
N GLU J 121 32.50 -23.83 -28.38
CA GLU J 121 32.53 -24.42 -27.05
C GLU J 121 31.49 -25.53 -26.99
N PRO J 122 31.46 -26.33 -25.92
CA PRO J 122 30.54 -27.46 -25.85
C PRO J 122 29.10 -27.02 -25.62
N GLU J 123 28.19 -27.98 -25.74
CA GLU J 123 26.78 -27.69 -25.47
C GLU J 123 26.59 -27.18 -24.06
N SER J 124 27.44 -27.62 -23.13
CA SER J 124 27.42 -27.10 -21.76
C SER J 124 27.59 -25.59 -21.72
N GLU J 125 28.21 -25.01 -22.75
CA GLU J 125 28.36 -23.57 -22.87
C GLU J 125 27.48 -23.02 -24.00
N TYR J 126 26.47 -23.78 -24.41
CA TYR J 126 25.55 -23.37 -25.46
C TYR J 126 26.29 -23.07 -26.77
N TYR J 127 27.34 -23.85 -27.03
CA TYR J 127 28.05 -23.83 -28.31
C TYR J 127 28.57 -22.43 -28.63
N LYS J 128 29.08 -21.75 -27.61
CA LYS J 128 29.59 -20.39 -27.76
C LYS J 128 30.60 -20.29 -28.90
N LEU J 129 30.51 -19.17 -29.63
CA LEU J 129 31.38 -18.92 -30.78
C LEU J 129 32.71 -18.35 -30.34
N ARG J 130 33.80 -18.91 -30.88
CA ARG J 130 35.15 -18.40 -30.68
C ARG J 130 35.76 -18.11 -32.05
N LEU J 131 36.02 -16.84 -32.31
CA LEU J 131 36.44 -16.38 -33.63
C LEU J 131 37.79 -15.68 -33.57
N GLY J 132 38.65 -15.99 -34.54
CA GLY J 132 39.93 -15.31 -34.70
C GLY J 132 39.85 -14.10 -35.63
N ARG J 133 41.03 -13.63 -36.05
CA ARG J 133 41.13 -12.36 -36.76
C ARG J 133 40.47 -12.42 -38.14
N TYR J 134 39.90 -11.29 -38.54
CA TYR J 134 39.17 -11.17 -39.80
C TYR J 134 40.07 -10.69 -40.92
N HIS J 135 39.90 -11.29 -42.10
CA HIS J 135 40.32 -10.69 -43.36
C HIS J 135 39.21 -10.90 -44.37
N GLY J 136 38.86 -9.86 -45.13
CA GLY J 136 37.85 -10.05 -46.15
C GLY J 136 37.66 -8.80 -46.98
N ASN J 137 36.80 -8.94 -47.99
CA ASN J 137 36.32 -7.79 -48.76
C ASN J 137 34.82 -7.60 -48.61
N ALA J 138 34.15 -8.41 -47.78
CA ALA J 138 32.72 -8.24 -47.54
C ALA J 138 32.42 -7.26 -46.42
N GLY J 139 33.41 -6.88 -45.63
CA GLY J 139 33.16 -6.27 -44.34
C GLY J 139 33.01 -7.32 -43.26
N ASP J 140 33.34 -6.93 -42.03
CA ASP J 140 33.32 -7.86 -40.91
C ASP J 140 32.02 -7.68 -40.14
N SER J 141 31.01 -8.48 -40.48
CA SER J 141 29.75 -8.47 -39.77
C SER J 141 29.58 -9.70 -38.89
N PHE J 142 30.67 -10.39 -38.56
CA PHE J 142 30.64 -11.57 -37.72
C PHE J 142 31.39 -11.39 -36.40
N THR J 143 32.40 -10.53 -36.33
CA THR J 143 33.17 -10.43 -35.09
C THR J 143 32.33 -9.90 -33.93
N TRP J 144 31.33 -9.07 -34.22
CA TRP J 144 30.41 -8.61 -33.18
C TRP J 144 29.72 -9.77 -32.46
N HIS J 145 29.69 -10.93 -33.08
CA HIS J 145 29.08 -12.12 -32.52
C HIS J 145 30.05 -13.00 -31.77
N ASN J 146 31.34 -12.65 -31.77
CA ASN J 146 32.34 -13.47 -31.11
C ASN J 146 32.03 -13.60 -29.63
N GLY J 147 32.13 -14.83 -29.11
CA GLY J 147 31.92 -15.05 -27.69
C GLY J 147 30.48 -15.06 -27.25
N LYS J 148 29.53 -15.01 -28.16
CA LYS J 148 28.12 -15.13 -27.80
C LYS J 148 27.68 -16.57 -27.92
N GLN J 149 26.72 -16.94 -27.07
CA GLN J 149 26.13 -18.27 -27.09
C GLN J 149 25.17 -18.41 -28.27
N PHE J 150 24.90 -19.65 -28.63
CA PHE J 150 23.98 -19.94 -29.72
C PHE J 150 22.56 -19.88 -29.20
N THR J 151 21.67 -19.29 -30.00
CA THR J 151 20.29 -19.05 -29.62
C THR J 151 19.35 -19.56 -30.70
N THR J 152 18.27 -20.21 -30.28
CA THR J 152 17.22 -20.69 -31.16
C THR J 152 15.88 -20.18 -30.63
N LEU J 153 14.82 -20.41 -31.40
CA LEU J 153 13.51 -19.86 -31.06
C LEU J 153 12.99 -20.36 -29.72
N ASP J 154 13.46 -21.52 -29.26
CA ASP J 154 13.00 -22.12 -28.01
C ASP J 154 14.02 -22.06 -26.89
N ARG J 155 15.21 -21.51 -27.15
CA ARG J 155 16.26 -21.43 -26.13
C ARG J 155 16.96 -20.10 -26.31
N ASP J 156 16.63 -19.15 -25.42
CA ASP J 156 17.15 -17.78 -25.50
C ASP J 156 18.44 -17.69 -24.69
N HIS J 157 19.55 -17.47 -25.37
CA HIS J 157 20.85 -17.31 -24.72
C HIS J 157 21.56 -16.02 -25.12
N ASP J 158 20.86 -15.07 -25.74
CA ASP J 158 21.47 -13.85 -26.22
C ASP J 158 21.47 -12.80 -25.11
N VAL J 159 21.92 -11.59 -25.43
CA VAL J 159 21.95 -10.51 -24.47
C VAL J 159 20.87 -9.46 -24.78
N TYR J 160 19.84 -9.86 -25.51
CA TYR J 160 18.69 -9.00 -25.78
C TYR J 160 17.56 -9.36 -24.81
N THR J 161 16.77 -8.34 -24.44
CA THR J 161 15.64 -8.56 -23.56
C THR J 161 14.69 -9.60 -24.13
N GLY J 162 14.43 -9.53 -25.43
CA GLY J 162 13.69 -10.57 -26.11
C GLY J 162 14.59 -11.69 -26.57
N ASN J 163 14.00 -12.61 -27.33
CA ASN J 163 14.74 -13.69 -27.97
C ASN J 163 14.96 -13.29 -29.43
N CYS J 164 16.22 -13.00 -29.77
CA CYS J 164 16.51 -12.49 -31.11
C CYS J 164 16.07 -13.46 -32.20
N ALA J 165 15.99 -14.74 -31.89
CA ALA J 165 15.59 -15.70 -32.91
C ALA J 165 14.13 -15.52 -33.31
N HIS J 166 13.32 -14.99 -32.40
CA HIS J 166 11.93 -14.70 -32.75
C HIS J 166 11.84 -13.64 -33.84
N TYR J 167 12.81 -12.73 -33.89
CA TYR J 167 12.80 -11.65 -34.86
C TYR J 167 13.60 -11.96 -36.11
N GLN J 168 14.83 -12.45 -35.97
CA GLN J 168 15.67 -12.70 -37.14
C GLN J 168 15.46 -14.10 -37.73
N LYS J 169 14.87 -15.01 -36.95
CA LYS J 169 14.30 -16.25 -37.44
C LYS J 169 15.30 -17.33 -37.77
N GLY J 170 16.53 -17.26 -37.24
CA GLY J 170 17.51 -18.30 -37.41
C GLY J 170 17.94 -18.91 -36.08
N GLY J 171 18.87 -19.84 -36.19
CA GLY J 171 19.71 -20.23 -35.08
C GLY J 171 21.06 -19.58 -35.30
N TRP J 172 21.52 -18.81 -34.31
CA TRP J 172 22.69 -17.97 -34.50
C TRP J 172 23.26 -17.57 -33.15
N TRP J 173 24.50 -17.08 -33.19
CA TRP J 173 25.16 -16.53 -32.01
C TRP J 173 24.72 -15.08 -31.85
N TYR J 174 23.43 -14.92 -31.56
CA TYR J 174 22.81 -13.59 -31.54
C TYR J 174 23.33 -12.74 -30.40
N ASN J 175 23.53 -11.46 -30.70
CA ASN J 175 23.97 -10.46 -29.73
C ASN J 175 22.75 -9.67 -29.27
N ALA J 176 22.56 -8.46 -29.80
CA ALA J 176 21.33 -7.69 -29.57
C ALA J 176 21.04 -6.79 -30.77
N CYS J 177 20.84 -7.36 -31.96
CA CYS J 177 20.75 -8.80 -32.15
C CYS J 177 21.75 -9.37 -33.16
N ALA J 178 21.94 -8.69 -34.29
CA ALA J 178 22.78 -9.30 -35.32
C ALA J 178 23.33 -8.28 -36.30
N HIS J 179 24.61 -8.46 -36.65
CA HIS J 179 25.19 -7.83 -37.83
C HIS J 179 25.16 -8.75 -39.04
N SER J 180 25.14 -10.07 -38.80
CA SER J 180 24.96 -11.08 -39.83
C SER J 180 23.85 -12.03 -39.42
N ASN J 181 23.15 -12.59 -40.39
CA ASN J 181 22.00 -13.45 -40.12
C ASN J 181 21.90 -14.53 -41.21
N LEU J 182 22.99 -15.28 -41.40
CA LEU J 182 23.09 -16.19 -42.53
C LEU J 182 22.14 -17.37 -42.42
N ASN J 183 21.57 -17.64 -41.24
CA ASN J 183 20.57 -18.69 -41.09
C ASN J 183 19.15 -18.13 -41.12
N GLY J 184 18.97 -16.89 -41.54
CA GLY J 184 17.67 -16.25 -41.58
C GLY J 184 16.81 -16.71 -42.75
N VAL J 185 15.87 -15.85 -43.12
CA VAL J 185 14.87 -16.16 -44.14
C VAL J 185 15.41 -15.78 -45.51
N TRP J 186 15.30 -16.70 -46.46
CA TRP J 186 15.79 -16.48 -47.83
C TRP J 186 14.68 -15.84 -48.65
N TYR J 187 14.92 -14.61 -49.10
CA TYR J 187 13.96 -13.85 -49.90
C TYR J 187 14.45 -13.79 -51.34
N ARG J 188 13.57 -14.12 -52.29
CA ARG J 188 13.90 -13.99 -53.70
C ARG J 188 14.15 -12.54 -54.06
N GLY J 189 15.19 -12.30 -54.88
CA GLY J 189 15.44 -10.98 -55.41
C GLY J 189 16.28 -10.07 -54.54
N GLY J 190 16.56 -10.46 -53.30
CA GLY J 190 17.43 -9.67 -52.45
C GLY J 190 16.71 -8.66 -51.59
N HIS J 191 16.30 -7.54 -52.19
CA HIS J 191 15.56 -6.53 -51.44
C HIS J 191 14.28 -7.13 -50.90
N TYR J 192 13.97 -6.82 -49.65
CA TYR J 192 12.76 -7.29 -49.00
C TYR J 192 12.31 -6.26 -47.99
N ARG J 193 11.00 -6.23 -47.74
CA ARG J 193 10.41 -5.38 -46.73
C ARG J 193 9.59 -6.27 -45.80
N SER J 194 10.02 -6.35 -44.54
CA SER J 194 9.36 -7.15 -43.52
C SER J 194 9.32 -6.34 -42.24
N ARG J 195 8.46 -6.76 -41.31
CA ARG J 195 8.41 -6.10 -40.00
C ARG J 195 9.79 -6.01 -39.39
N TYR J 196 10.55 -7.10 -39.48
CA TYR J 196 11.90 -7.17 -38.92
C TYR J 196 12.87 -7.59 -40.00
N GLN J 197 14.11 -7.11 -39.86
CA GLN J 197 15.20 -7.54 -40.73
C GLN J 197 15.57 -8.97 -40.38
N ASP J 198 14.95 -9.94 -41.04
CA ASP J 198 15.15 -11.36 -40.74
C ASP J 198 15.64 -12.13 -41.95
N GLY J 199 16.14 -11.43 -42.97
CA GLY J 199 16.65 -12.09 -44.15
C GLY J 199 18.07 -12.62 -43.96
N VAL J 200 18.56 -13.26 -45.00
CA VAL J 200 19.92 -13.82 -45.01
C VAL J 200 20.89 -12.68 -45.31
N TYR J 201 21.22 -11.89 -44.29
CA TYR J 201 21.91 -10.62 -44.55
C TYR J 201 23.27 -10.58 -43.89
N TRP J 202 24.14 -9.76 -44.48
CA TRP J 202 25.49 -9.47 -44.00
C TRP J 202 25.58 -7.95 -44.04
N ALA J 203 25.46 -7.31 -42.88
CA ALA J 203 25.18 -5.87 -42.86
C ALA J 203 26.24 -5.08 -43.63
N GLU J 204 27.52 -5.43 -43.49
CA GLU J 204 28.56 -4.61 -44.12
C GLU J 204 28.58 -4.78 -45.63
N PHE J 205 28.01 -5.87 -46.16
CA PHE J 205 27.97 -6.10 -47.61
C PHE J 205 26.81 -5.36 -48.25
N ARG J 206 25.58 -5.84 -48.02
CA ARG J 206 24.41 -5.25 -48.64
C ARG J 206 23.39 -4.71 -47.64
N GLY J 207 23.68 -4.74 -46.35
CA GLY J 207 22.80 -4.16 -45.36
C GLY J 207 21.76 -5.13 -44.83
N GLY J 208 21.01 -4.66 -43.83
CA GLY J 208 20.08 -5.51 -43.12
C GLY J 208 18.84 -5.90 -43.90
N SER J 209 18.48 -5.15 -44.94
CA SER J 209 17.26 -5.40 -45.69
C SER J 209 17.54 -6.00 -47.06
N TYR J 210 18.63 -6.76 -47.19
CA TYR J 210 18.99 -7.43 -48.42
C TYR J 210 19.34 -8.88 -48.10
N SER J 211 18.62 -9.82 -48.72
CA SER J 211 18.83 -11.24 -48.52
C SER J 211 19.72 -11.79 -49.63
N LEU J 212 20.82 -12.45 -49.24
CA LEU J 212 21.84 -12.89 -50.18
C LEU J 212 21.37 -14.14 -50.94
N LYS J 213 21.75 -14.20 -52.22
CA LYS J 213 21.28 -15.30 -53.05
C LYS J 213 21.94 -16.62 -52.68
N LYS J 214 23.25 -16.61 -52.51
CA LYS J 214 23.98 -17.83 -52.16
C LYS J 214 25.00 -17.50 -51.08
N VAL J 215 25.08 -18.38 -50.09
CA VAL J 215 25.98 -18.23 -48.96
C VAL J 215 26.57 -19.60 -48.66
N VAL J 216 27.86 -19.63 -48.34
CA VAL J 216 28.51 -20.86 -47.90
C VAL J 216 29.42 -20.54 -46.72
N MET J 217 29.35 -21.37 -45.69
CA MET J 217 30.25 -21.33 -44.55
C MET J 217 31.05 -22.62 -44.58
N MET J 218 32.38 -22.50 -44.64
CA MET J 218 33.23 -23.69 -44.74
C MET J 218 34.49 -23.50 -43.92
N ILE J 219 35.05 -24.64 -43.46
CA ILE J 219 36.19 -24.60 -42.56
C ILE J 219 37.31 -25.51 -43.07
N ARG J 220 38.52 -25.20 -42.62
CA ARG J 220 39.71 -25.92 -43.05
C ARG J 220 40.81 -25.66 -42.04
N PRO J 221 41.68 -26.64 -41.79
CA PRO J 221 42.83 -26.38 -40.91
C PRO J 221 43.62 -25.18 -41.41
N ASN J 222 43.97 -24.29 -40.48
CA ASN J 222 44.71 -23.08 -40.83
C ASN J 222 46.19 -23.40 -40.89
N PRO J 223 46.87 -23.21 -42.05
CA PRO J 223 48.31 -23.47 -42.07
C PRO J 223 49.11 -22.44 -41.27
N PRO K 8 -42.48 10.52 51.98
CA PRO K 8 -41.26 11.29 51.72
C PRO K 8 -39.99 10.43 51.71
N TRP K 9 -39.18 10.58 50.67
CA TRP K 9 -37.97 9.79 50.49
C TRP K 9 -36.75 10.71 50.46
N ARG K 10 -35.57 10.14 50.74
CA ARG K 10 -34.36 10.94 50.66
C ARG K 10 -34.09 11.41 49.25
N ASP K 11 -34.45 10.60 48.26
CA ASP K 11 -34.23 10.91 46.85
C ASP K 11 -35.05 9.91 46.05
N CYS K 12 -35.03 10.08 44.73
CA CYS K 12 -35.88 9.26 43.88
C CYS K 12 -35.40 7.82 43.78
N LEU K 13 -34.14 7.55 44.07
CA LEU K 13 -33.69 6.16 44.10
C LEU K 13 -34.41 5.39 45.20
N GLN K 14 -34.54 6.00 46.38
CA GLN K 14 -35.25 5.33 47.47
C GLN K 14 -36.70 5.09 47.11
N ALA K 15 -37.32 6.03 46.40
CA ALA K 15 -38.69 5.82 45.92
C ALA K 15 -38.74 4.68 44.92
N LEU K 16 -37.75 4.59 44.02
CA LEU K 16 -37.72 3.50 43.06
C LEU K 16 -37.60 2.16 43.77
N GLU K 17 -36.72 2.07 44.77
CA GLU K 17 -36.47 0.79 45.41
C GLU K 17 -37.67 0.31 46.23
N ASP K 18 -38.61 1.19 46.54
CA ASP K 18 -39.85 0.82 47.21
C ASP K 18 -41.00 0.61 46.24
N GLY K 19 -40.69 0.46 44.94
CA GLY K 19 -41.68 0.05 43.97
C GLY K 19 -42.24 1.14 43.10
N HIS K 20 -41.80 2.38 43.24
CA HIS K 20 -42.35 3.49 42.45
C HIS K 20 -41.50 3.67 41.21
N ASP K 21 -41.89 2.97 40.14
CA ASP K 21 -41.13 2.99 38.89
C ASP K 21 -41.78 3.87 37.83
N THR K 22 -42.69 4.76 38.22
CA THR K 22 -43.30 5.71 37.33
C THR K 22 -42.62 7.07 37.49
N SER K 23 -42.16 7.64 36.39
CA SER K 23 -41.59 8.98 36.41
C SER K 23 -42.71 9.99 36.65
N SER K 24 -42.63 10.69 37.78
CA SER K 24 -43.71 11.59 38.19
C SER K 24 -43.16 12.53 39.25
N ILE K 25 -44.08 13.22 39.94
CA ILE K 25 -43.73 14.12 41.04
C ILE K 25 -43.69 13.31 42.34
N TYR K 26 -42.65 13.52 43.12
CA TYR K 26 -42.49 12.84 44.39
C TYR K 26 -42.04 13.84 45.46
N LEU K 27 -42.39 13.53 46.71
CA LEU K 27 -41.98 14.34 47.84
C LEU K 27 -40.70 13.78 48.43
N VAL K 28 -39.72 14.65 48.66
CA VAL K 28 -38.39 14.23 49.09
C VAL K 28 -37.96 15.08 50.29
N LYS K 29 -37.19 14.47 51.19
CA LYS K 29 -36.65 15.17 52.36
C LYS K 29 -35.27 14.61 52.70
N PRO K 30 -34.18 15.36 52.45
CA PRO K 30 -32.83 14.81 52.70
C PRO K 30 -32.61 14.37 54.14
N GLU K 31 -31.74 13.37 54.30
CA GLU K 31 -31.30 12.90 55.60
C GLU K 31 -30.48 13.95 56.30
N ASN K 32 -30.86 14.32 57.52
CA ASN K 32 -30.25 15.40 58.28
C ASN K 32 -30.79 16.80 57.97
N THR K 33 -32.07 16.89 57.62
CA THR K 33 -32.77 18.16 57.50
C THR K 33 -34.25 17.87 57.68
N ASN K 34 -35.02 18.91 57.96
CA ASN K 34 -36.48 18.83 57.89
C ASN K 34 -37.03 19.60 56.70
N ARG K 35 -36.16 19.91 55.73
CA ARG K 35 -36.56 20.58 54.51
C ARG K 35 -37.24 19.61 53.58
N LEU K 36 -38.44 19.96 53.10
CA LEU K 36 -39.22 19.11 52.22
C LEU K 36 -39.37 19.78 50.87
N MET K 37 -39.36 18.98 49.82
CA MET K 37 -39.33 19.50 48.46
C MET K 37 -40.06 18.54 47.53
N GLN K 38 -40.76 19.11 46.55
CA GLN K 38 -41.25 18.34 45.43
C GLN K 38 -40.15 18.20 44.39
N VAL K 39 -40.07 17.02 43.77
CA VAL K 39 -39.12 16.80 42.70
C VAL K 39 -39.75 15.91 41.64
N TRP K 40 -39.30 16.06 40.40
CA TRP K 40 -39.62 15.10 39.36
C TRP K 40 -38.58 13.99 39.38
N CYS K 41 -39.04 12.76 39.44
CA CYS K 41 -38.17 11.58 39.38
C CYS K 41 -38.24 11.00 37.98
N ASP K 42 -37.08 10.92 37.31
CA ASP K 42 -36.97 10.19 36.05
C ASP K 42 -36.63 8.74 36.40
N GLN K 43 -37.64 7.89 36.45
CA GLN K 43 -37.45 6.50 36.86
C GLN K 43 -37.21 5.56 35.70
N ARG K 44 -36.96 6.07 34.49
CA ARG K 44 -36.81 5.20 33.33
C ARG K 44 -35.50 5.37 32.59
N HIS K 45 -34.86 6.53 32.65
CA HIS K 45 -33.49 6.62 32.16
C HIS K 45 -32.59 5.73 33.00
N ASP K 46 -31.95 4.76 32.36
CA ASP K 46 -31.19 3.77 33.11
C ASP K 46 -30.11 4.46 33.94
N PRO K 47 -29.87 4.00 35.19
CA PRO K 47 -30.52 2.83 35.80
C PRO K 47 -31.72 3.17 36.65
N GLY K 48 -32.38 4.29 36.34
CA GLY K 48 -33.53 4.72 37.10
C GLY K 48 -33.13 5.41 38.40
N GLY K 49 -34.13 5.95 39.09
CA GLY K 49 -33.89 6.60 40.36
C GLY K 49 -33.20 7.95 40.25
N TRP K 50 -33.41 8.66 39.14
CA TRP K 50 -32.78 9.95 38.91
C TRP K 50 -33.65 11.08 39.48
N THR K 51 -33.03 11.99 40.23
CA THR K 51 -33.70 13.17 40.75
C THR K 51 -33.36 14.37 39.87
N VAL K 52 -34.39 14.95 39.24
CA VAL K 52 -34.20 16.05 38.31
C VAL K 52 -34.04 17.34 39.11
N ILE K 53 -32.94 18.05 38.89
CA ILE K 53 -32.69 19.32 39.55
C ILE K 53 -32.87 20.51 38.62
N GLN K 54 -32.91 20.30 37.31
CA GLN K 54 -33.06 21.38 36.35
C GLN K 54 -33.60 20.77 35.07
N ARG K 55 -34.51 21.49 34.41
CA ARG K 55 -35.04 21.02 33.14
C ARG K 55 -35.48 22.20 32.28
N ARG K 56 -35.08 22.16 31.02
CA ARG K 56 -35.54 23.11 30.00
C ARG K 56 -36.23 22.33 28.90
N LEU K 57 -37.34 22.88 28.40
CA LEU K 57 -38.10 22.16 27.40
C LEU K 57 -38.83 23.05 26.39
N ASP K 58 -39.25 24.24 26.81
CA ASP K 58 -40.17 25.00 25.98
C ASP K 58 -40.12 26.50 26.13
N GLY K 59 -39.20 27.06 26.91
CA GLY K 59 -39.18 28.50 27.09
C GLY K 59 -40.29 29.02 27.98
N SER K 60 -40.97 28.12 28.68
CA SER K 60 -42.11 28.47 29.52
C SER K 60 -41.74 29.37 30.67
N VAL K 61 -40.56 29.18 31.24
CA VAL K 61 -40.20 29.74 32.54
C VAL K 61 -39.03 30.69 32.35
N ASN K 62 -39.05 31.78 33.12
CA ASN K 62 -37.99 32.78 33.08
C ASN K 62 -36.87 32.34 34.00
N PHE K 63 -35.67 32.16 33.44
CA PHE K 63 -34.50 31.75 34.20
C PHE K 63 -33.54 32.90 34.49
N PHE K 64 -33.89 34.13 34.08
CA PHE K 64 -33.11 35.33 34.38
C PHE K 64 -33.57 35.87 35.73
N ARG K 65 -33.10 35.21 36.80
CA ARG K 65 -33.64 35.43 38.13
C ARG K 65 -32.50 35.75 39.11
N ASN K 66 -32.89 36.29 40.26
CA ASN K 66 -31.94 36.81 41.24
C ASN K 66 -31.52 35.71 42.21
N TRP K 67 -30.64 36.07 43.14
CA TRP K 67 -30.04 35.10 44.05
C TRP K 67 -31.10 34.39 44.88
N GLU K 68 -32.03 35.16 45.46
CA GLU K 68 -33.01 34.54 46.34
C GLU K 68 -33.90 33.56 45.60
N THR K 69 -34.29 33.89 44.37
CA THR K 69 -35.13 32.98 43.61
C THR K 69 -34.35 31.72 43.23
N TYR K 70 -33.08 31.86 42.85
CA TYR K 70 -32.26 30.68 42.57
C TYR K 70 -31.96 29.89 43.84
N LYS K 71 -31.86 30.57 44.99
CA LYS K 71 -31.67 29.84 46.23
C LYS K 71 -32.88 28.99 46.58
N GLN K 72 -34.09 29.50 46.34
CA GLN K 72 -35.30 28.81 46.75
C GLN K 72 -35.82 27.84 45.69
N GLY K 73 -35.62 28.13 44.43
CA GLY K 73 -36.18 27.35 43.34
C GLY K 73 -37.35 28.06 42.68
N PHE K 74 -37.62 27.66 41.44
CA PHE K 74 -38.69 28.29 40.66
C PHE K 74 -39.07 27.38 39.50
N GLY K 75 -40.24 27.66 38.95
CA GLY K 75 -40.74 26.97 37.77
C GLY K 75 -41.86 26.00 38.08
N ASN K 76 -42.08 25.09 37.14
CA ASN K 76 -43.12 24.07 37.24
C ASN K 76 -42.46 22.70 37.33
N ILE K 77 -42.72 21.98 38.42
CA ILE K 77 -42.16 20.65 38.59
C ILE K 77 -42.65 19.71 37.50
N ASP K 78 -43.78 20.03 36.87
CA ASP K 78 -44.32 19.32 35.72
C ASP K 78 -43.72 19.79 34.40
N GLY K 79 -42.87 20.81 34.43
CA GLY K 79 -42.32 21.35 33.21
C GLY K 79 -40.90 21.82 33.40
N GLU K 80 -40.62 23.07 33.03
CA GLU K 80 -39.30 23.64 33.22
C GLU K 80 -39.15 24.08 34.67
N TYR K 81 -38.03 23.72 35.30
CA TYR K 81 -37.80 24.23 36.64
C TYR K 81 -36.33 24.18 37.04
N TRP K 82 -36.05 24.88 38.15
CA TRP K 82 -34.77 24.87 38.85
C TRP K 82 -35.08 24.51 40.30
N LEU K 83 -34.50 23.41 40.77
CA LEU K 83 -34.92 22.89 42.08
C LEU K 83 -34.62 23.88 43.20
N GLY K 84 -33.57 24.69 43.06
CA GLY K 84 -33.18 25.62 44.09
C GLY K 84 -31.87 25.23 44.74
N LEU K 85 -30.97 26.21 44.91
CA LEU K 85 -29.63 25.91 45.39
C LEU K 85 -29.64 25.26 46.77
N GLU K 86 -30.53 25.72 47.66
CA GLU K 86 -30.56 25.17 49.01
C GLU K 86 -31.06 23.72 49.00
N ASN K 87 -32.12 23.45 48.25
CA ASN K 87 -32.60 22.07 48.11
C ASN K 87 -31.50 21.19 47.54
N ILE K 88 -30.83 21.65 46.47
CA ILE K 88 -29.77 20.85 45.85
C ILE K 88 -28.64 20.62 46.83
N TYR K 89 -28.33 21.63 47.65
CA TYR K 89 -27.28 21.48 48.65
C TYR K 89 -27.57 20.30 49.57
N TRP K 90 -28.77 20.26 50.16
CA TRP K 90 -29.10 19.21 51.12
C TRP K 90 -29.15 17.86 50.43
N LEU K 91 -29.69 17.81 49.21
CA LEU K 91 -29.71 16.55 48.47
C LEU K 91 -28.28 16.03 48.26
N THR K 92 -27.38 16.88 47.77
CA THR K 92 -26.08 16.39 47.33
C THR K 92 -25.08 16.21 48.47
N ASN K 93 -25.42 16.60 49.70
CA ASN K 93 -24.50 16.47 50.82
C ASN K 93 -24.91 15.35 51.78
N GLN K 94 -25.92 14.55 51.44
CA GLN K 94 -26.28 13.37 52.24
C GLN K 94 -25.59 12.11 51.72
N GLY K 95 -24.72 12.25 50.72
CA GLY K 95 -24.03 11.14 50.13
C GLY K 95 -23.40 11.60 48.83
N ASN K 96 -22.63 10.70 48.21
CA ASN K 96 -22.01 11.03 46.94
C ASN K 96 -23.02 10.83 45.82
N TYR K 97 -23.28 11.88 45.03
CA TYR K 97 -24.22 11.83 43.93
C TYR K 97 -23.48 12.03 42.62
N LYS K 98 -23.88 11.28 41.59
CA LYS K 98 -23.43 11.53 40.24
C LYS K 98 -24.41 12.47 39.54
N LEU K 99 -23.93 13.14 38.50
CA LEU K 99 -24.74 14.04 37.69
C LEU K 99 -24.77 13.52 36.25
N LEU K 100 -25.97 13.47 35.68
CA LEU K 100 -26.16 13.21 34.26
C LEU K 100 -26.87 14.40 33.64
N VAL K 101 -26.26 14.99 32.62
CA VAL K 101 -26.86 16.06 31.84
C VAL K 101 -27.25 15.47 30.49
N THR K 102 -28.53 15.50 30.16
CA THR K 102 -29.01 15.08 28.85
C THR K 102 -29.39 16.31 28.04
N MET K 103 -29.06 16.27 26.75
CA MET K 103 -29.26 17.41 25.87
C MET K 103 -29.78 16.90 24.54
N GLU K 104 -30.74 17.63 23.98
CA GLU K 104 -31.28 17.35 22.65
C GLU K 104 -31.28 18.64 21.86
N ASP K 105 -30.73 18.61 20.65
CA ASP K 105 -30.76 19.79 19.79
C ASP K 105 -32.09 19.83 19.04
N TRP K 106 -32.24 20.76 18.12
CA TRP K 106 -33.48 20.90 17.36
C TRP K 106 -33.54 19.99 16.14
N SER K 107 -32.51 19.17 15.93
CA SER K 107 -32.51 18.16 14.88
C SER K 107 -32.72 16.75 15.43
N GLY K 108 -33.12 16.63 16.70
CA GLY K 108 -33.36 15.33 17.30
C GLY K 108 -32.12 14.59 17.75
N ARG K 109 -30.94 15.18 17.61
CA ARG K 109 -29.72 14.56 18.10
C ARG K 109 -29.66 14.68 19.62
N LYS K 110 -29.39 13.57 20.29
CA LYS K 110 -29.33 13.52 21.75
C LYS K 110 -27.92 13.14 22.19
N VAL K 111 -27.37 13.90 23.13
CA VAL K 111 -26.06 13.66 23.70
C VAL K 111 -26.16 13.81 25.20
N PHE K 112 -25.06 13.50 25.89
CA PHE K 112 -25.05 13.55 27.33
C PHE K 112 -23.65 13.84 27.84
N ALA K 113 -23.59 14.35 29.08
CA ALA K 113 -22.36 14.56 29.82
C ALA K 113 -22.62 14.06 31.23
N GLU K 114 -21.74 13.20 31.72
CA GLU K 114 -21.90 12.55 33.02
C GLU K 114 -20.66 12.84 33.87
N TYR K 115 -20.89 13.15 35.15
CA TYR K 115 -19.83 13.48 36.10
C TYR K 115 -19.98 12.58 37.32
N ALA K 116 -18.87 11.95 37.73
CA ALA K 116 -18.95 10.90 38.74
C ALA K 116 -19.31 11.42 40.11
N SER K 117 -19.08 12.71 40.36
CA SER K 117 -19.40 13.36 41.63
C SER K 117 -20.01 14.71 41.30
N PHE K 118 -21.06 15.08 42.04
CA PHE K 118 -21.67 16.40 41.91
C PHE K 118 -22.19 16.84 43.27
N ARG K 119 -21.70 17.98 43.76
CA ARG K 119 -22.06 18.46 45.08
C ARG K 119 -21.89 19.97 45.11
N LEU K 120 -22.72 20.62 45.92
CA LEU K 120 -22.61 22.06 46.15
C LEU K 120 -22.18 22.32 47.58
N GLU K 121 -21.32 23.33 47.75
CA GLU K 121 -20.98 23.83 49.06
C GLU K 121 -22.15 24.67 49.57
N PRO K 122 -22.17 25.01 50.87
CA PRO K 122 -23.29 25.77 51.41
C PRO K 122 -23.28 27.22 50.93
N GLU K 123 -24.37 27.93 51.25
CA GLU K 123 -24.47 29.35 50.90
C GLU K 123 -23.30 30.13 51.47
N SER K 124 -22.79 29.69 52.63
CA SER K 124 -21.54 30.17 53.20
C SER K 124 -20.45 30.30 52.14
N GLU K 125 -20.42 29.37 51.19
CA GLU K 125 -19.42 29.34 50.14
C GLU K 125 -20.00 29.71 48.78
N TYR K 126 -21.15 30.39 48.78
CA TYR K 126 -21.81 30.80 47.55
C TYR K 126 -22.11 29.61 46.65
N TYR K 127 -22.41 28.48 47.28
CA TYR K 127 -22.86 27.26 46.59
C TYR K 127 -21.85 26.81 45.55
N LYS K 128 -20.58 26.95 45.87
CA LYS K 128 -19.51 26.56 44.96
C LYS K 128 -19.70 25.14 44.45
N LEU K 129 -19.34 24.93 43.20
CA LEU K 129 -19.53 23.65 42.52
C LEU K 129 -18.35 22.72 42.72
N ARG K 130 -18.65 21.48 43.09
CA ARG K 130 -17.68 20.39 43.19
C ARG K 130 -18.06 19.34 42.15
N LEU K 131 -17.23 19.14 41.15
CA LEU K 131 -17.53 18.22 40.07
C LEU K 131 -16.48 17.12 39.97
N GLY K 132 -16.94 15.88 39.80
CA GLY K 132 -16.05 14.76 39.57
C GLY K 132 -15.72 14.56 38.11
N ARG K 133 -15.15 13.37 37.83
CA ARG K 133 -14.60 13.09 36.52
C ARG K 133 -15.68 12.95 35.46
N TYR K 134 -15.35 13.37 34.24
CA TYR K 134 -16.30 13.43 33.14
C TYR K 134 -16.24 12.19 32.27
N HIS K 135 -17.41 11.73 31.83
CA HIS K 135 -17.54 10.86 30.68
C HIS K 135 -18.76 11.34 29.91
N GLY K 136 -18.67 11.40 28.59
CA GLY K 136 -19.84 11.74 27.80
C GLY K 136 -19.56 11.70 26.32
N ASN K 137 -20.62 11.95 25.54
CA ASN K 137 -20.47 12.17 24.11
C ASN K 137 -20.85 13.59 23.69
N ALA K 138 -21.26 14.45 24.64
CA ALA K 138 -21.54 15.84 24.34
C ALA K 138 -20.28 16.68 24.30
N GLY K 139 -19.18 16.19 24.87
CA GLY K 139 -18.06 17.05 25.13
C GLY K 139 -18.14 17.65 26.51
N ASP K 140 -16.98 17.90 27.11
CA ASP K 140 -16.95 18.36 28.49
C ASP K 140 -16.94 19.88 28.51
N SER K 141 -18.14 20.46 28.58
CA SER K 141 -18.32 21.90 28.69
C SER K 141 -18.79 22.33 30.07
N PHE K 142 -18.48 21.52 31.10
CA PHE K 142 -18.82 21.86 32.47
C PHE K 142 -17.62 21.90 33.41
N THR K 143 -16.56 21.14 33.14
CA THR K 143 -15.48 21.01 34.12
C THR K 143 -14.75 22.33 34.35
N TRP K 144 -14.75 23.23 33.37
CA TRP K 144 -14.17 24.55 33.56
C TRP K 144 -14.88 25.34 34.65
N HIS K 145 -16.11 24.96 34.96
CA HIS K 145 -16.89 25.59 36.00
C HIS K 145 -16.65 24.98 37.37
N ASN K 146 -15.93 23.86 37.44
CA ASN K 146 -15.62 23.23 38.72
C ASN K 146 -14.88 24.22 39.62
N GLY K 147 -15.32 24.28 40.87
CA GLY K 147 -14.70 25.14 41.86
C GLY K 147 -15.13 26.58 41.81
N LYS K 148 -16.01 26.96 40.89
CA LYS K 148 -16.52 28.32 40.83
C LYS K 148 -17.75 28.47 41.72
N GLN K 149 -17.90 29.67 42.28
CA GLN K 149 -19.09 29.99 43.05
C GLN K 149 -20.26 30.31 42.12
N PHE K 150 -21.47 30.28 42.68
CA PHE K 150 -22.68 30.60 41.93
C PHE K 150 -22.81 32.12 41.82
N THR K 151 -23.26 32.58 40.66
CA THR K 151 -23.37 34.00 40.34
C THR K 151 -24.74 34.25 39.74
N THR K 152 -25.36 35.36 40.14
CA THR K 152 -26.63 35.79 39.57
C THR K 152 -26.52 37.27 39.20
N LEU K 153 -27.59 37.77 38.59
CA LEU K 153 -27.59 39.14 38.07
C LEU K 153 -27.34 40.16 39.17
N ASP K 154 -27.71 39.85 40.40
CA ASP K 154 -27.55 40.78 41.51
C ASP K 154 -26.41 40.42 42.44
N ARG K 155 -25.71 39.31 42.21
CA ARG K 155 -24.61 38.90 43.09
C ARG K 155 -23.49 38.32 42.24
N ASP K 156 -22.43 39.11 42.03
CA ASP K 156 -21.32 38.75 41.15
C ASP K 156 -20.26 38.03 41.97
N HIS K 157 -20.08 36.73 41.71
CA HIS K 157 -19.06 35.94 42.39
C HIS K 157 -18.13 35.25 41.41
N ASP K 158 -18.08 35.73 40.17
CA ASP K 158 -17.26 35.10 39.14
C ASP K 158 -15.90 35.79 39.07
N VAL K 159 -15.03 35.27 38.21
CA VAL K 159 -13.69 35.81 38.06
C VAL K 159 -13.58 36.71 36.84
N TYR K 160 -14.71 37.19 36.33
CA TYR K 160 -14.76 38.14 35.23
C TYR K 160 -14.87 39.56 35.81
N THR K 161 -14.22 40.51 35.13
CA THR K 161 -14.27 41.90 35.59
C THR K 161 -15.71 42.43 35.63
N GLY K 162 -16.56 41.94 34.73
CA GLY K 162 -17.98 42.22 34.78
C GLY K 162 -18.73 41.14 35.52
N ASN K 163 -20.06 41.23 35.44
CA ASN K 163 -20.94 40.19 35.98
C ASN K 163 -21.40 39.32 34.82
N CYS K 164 -20.92 38.07 34.79
CA CYS K 164 -21.25 37.18 33.67
C CYS K 164 -22.75 37.02 33.50
N ALA K 165 -23.49 37.01 34.61
CA ALA K 165 -24.94 36.84 34.54
C ALA K 165 -25.62 37.98 33.80
N HIS K 166 -24.99 39.16 33.75
CA HIS K 166 -25.58 40.25 32.97
C HIS K 166 -25.59 39.92 31.49
N TYR K 167 -24.57 39.20 31.01
CA TYR K 167 -24.44 38.89 29.60
C TYR K 167 -25.08 37.57 29.22
N GLN K 168 -24.92 36.55 30.05
CA GLN K 168 -25.39 35.20 29.75
C GLN K 168 -26.77 34.91 30.32
N LYS K 169 -27.21 35.68 31.32
CA LYS K 169 -28.60 35.78 31.74
C LYS K 169 -29.10 34.56 32.50
N GLY K 170 -28.22 33.73 33.03
CA GLY K 170 -28.61 32.68 33.94
C GLY K 170 -28.12 32.93 35.36
N GLY K 171 -28.50 32.00 36.24
CA GLY K 171 -27.76 31.76 37.46
C GLY K 171 -26.88 30.55 37.21
N TRP K 172 -25.58 30.70 37.50
CA TRP K 172 -24.63 29.67 37.08
C TRP K 172 -23.31 29.86 37.79
N TRP K 173 -22.51 28.78 37.80
CA TRP K 173 -21.14 28.82 38.30
C TRP K 173 -20.21 29.42 37.26
N TYR K 174 -20.48 30.68 36.92
CA TYR K 174 -19.77 31.34 35.83
C TYR K 174 -18.28 31.50 36.15
N ASN K 175 -17.46 31.39 35.10
CA ASN K 175 -16.03 31.51 35.21
C ASN K 175 -15.66 32.86 34.56
N ALA K 176 -15.24 32.88 33.31
CA ALA K 176 -15.00 34.12 32.56
C ALA K 176 -15.20 33.89 31.06
N CYS K 177 -16.42 33.55 30.64
CA CYS K 177 -17.57 33.43 31.51
C CYS K 177 -18.18 32.02 31.53
N ALA K 178 -18.32 31.38 30.36
CA ALA K 178 -18.93 30.06 30.40
C ALA K 178 -18.62 29.22 29.16
N HIS K 179 -18.52 27.90 29.39
CA HIS K 179 -18.56 26.88 28.35
C HIS K 179 -19.94 26.25 28.20
N SER K 180 -20.78 26.34 29.23
CA SER K 180 -22.13 25.83 29.23
C SER K 180 -23.00 26.89 29.91
N ASN K 181 -24.24 27.00 29.47
CA ASN K 181 -25.13 28.06 29.96
C ASN K 181 -26.55 27.53 30.01
N LEU K 182 -26.74 26.42 30.71
CA LEU K 182 -28.01 25.71 30.63
C LEU K 182 -29.16 26.47 31.29
N ASN K 183 -28.87 27.46 32.11
CA ASN K 183 -29.90 28.32 32.70
C ASN K 183 -30.11 29.61 31.90
N GLY K 184 -29.65 29.64 30.66
CA GLY K 184 -29.74 30.83 29.83
C GLY K 184 -31.08 30.95 29.12
N VAL K 185 -31.08 31.74 28.06
CA VAL K 185 -32.31 32.08 27.33
C VAL K 185 -32.60 31.00 26.30
N TRP K 186 -33.81 30.47 26.35
CA TRP K 186 -34.26 29.42 25.44
C TRP K 186 -34.77 30.05 24.15
N TYR K 187 -34.11 29.75 23.04
CA TYR K 187 -34.45 30.29 21.73
C TYR K 187 -35.09 29.20 20.88
N ARG K 188 -36.23 29.52 20.28
CA ARG K 188 -36.88 28.57 19.38
C ARG K 188 -36.02 28.35 18.14
N GLY K 189 -35.85 27.08 17.76
CA GLY K 189 -35.16 26.74 16.54
C GLY K 189 -33.67 26.54 16.66
N GLY K 190 -33.09 26.78 17.84
CA GLY K 190 -31.68 26.52 18.04
C GLY K 190 -30.79 27.70 17.67
N HIS K 191 -30.56 27.89 16.38
CA HIS K 191 -29.72 29.00 15.94
C HIS K 191 -30.34 30.32 16.39
N TYR K 192 -29.50 31.20 16.92
CA TYR K 192 -29.96 32.53 17.33
C TYR K 192 -28.82 33.50 17.13
N ARG K 193 -29.18 34.78 16.96
CA ARG K 193 -28.21 35.85 17.07
C ARG K 193 -28.72 36.88 18.06
N SER K 194 -27.87 37.20 19.03
CA SER K 194 -28.13 38.18 20.07
C SER K 194 -26.85 39.00 20.21
N ARG K 195 -26.89 40.02 21.05
CA ARG K 195 -25.67 40.78 21.28
C ARG K 195 -24.61 39.92 21.95
N TYR K 196 -25.03 39.00 22.82
CA TYR K 196 -24.11 38.12 23.52
C TYR K 196 -24.62 36.69 23.43
N GLN K 197 -23.70 35.76 23.60
CA GLN K 197 -24.05 34.34 23.67
C GLN K 197 -24.74 34.06 24.99
N ASP K 198 -26.07 34.09 25.00
CA ASP K 198 -26.82 33.92 26.22
C ASP K 198 -27.86 32.80 26.12
N GLY K 199 -27.78 31.96 25.09
CA GLY K 199 -28.72 30.86 24.93
C GLY K 199 -28.42 29.69 25.86
N VAL K 200 -29.28 28.69 25.79
CA VAL K 200 -29.11 27.43 26.52
C VAL K 200 -28.11 26.58 25.76
N TYR K 201 -26.83 26.89 25.91
CA TYR K 201 -25.80 26.30 25.06
C TYR K 201 -24.85 25.41 25.85
N TRP K 202 -24.24 24.49 25.10
CA TRP K 202 -23.21 23.57 25.58
C TRP K 202 -22.14 23.62 24.50
N ALA K 203 -21.04 24.31 24.78
CA ALA K 203 -20.15 24.75 23.71
C ALA K 203 -19.63 23.59 22.86
N GLU K 204 -19.21 22.50 23.51
CA GLU K 204 -18.61 21.40 22.77
C GLU K 204 -19.63 20.59 21.95
N PHE K 205 -20.93 20.77 22.22
CA PHE K 205 -21.96 20.06 21.45
C PHE K 205 -22.35 20.87 20.22
N ARG K 206 -22.91 22.06 20.44
CA ARG K 206 -23.47 22.87 19.37
C ARG K 206 -22.92 24.30 19.32
N GLY K 207 -22.00 24.66 20.21
CA GLY K 207 -21.41 25.97 20.20
C GLY K 207 -22.23 27.00 20.94
N GLY K 208 -21.63 28.18 21.11
CA GLY K 208 -22.22 29.19 21.96
C GLY K 208 -23.43 29.89 21.37
N SER K 209 -23.65 29.80 20.06
CA SER K 209 -24.76 30.50 19.42
C SER K 209 -25.87 29.54 19.00
N TYR K 210 -26.05 28.45 19.73
CA TYR K 210 -27.09 27.47 19.46
C TYR K 210 -27.77 27.11 20.77
N SER K 211 -29.06 27.43 20.88
CA SER K 211 -29.83 27.14 22.08
C SER K 211 -30.38 25.72 21.96
N LEU K 212 -30.20 24.93 23.01
CA LEU K 212 -30.64 23.54 23.00
C LEU K 212 -32.13 23.45 23.28
N LYS K 213 -32.79 22.47 22.64
CA LYS K 213 -34.24 22.37 22.72
C LYS K 213 -34.70 21.77 24.05
N LYS K 214 -34.01 20.75 24.54
CA LYS K 214 -34.43 20.07 25.75
C LYS K 214 -33.19 19.69 26.54
N VAL K 215 -33.19 20.08 27.81
CA VAL K 215 -32.04 19.86 28.68
C VAL K 215 -32.55 19.35 30.02
N VAL K 216 -31.88 18.34 30.55
CA VAL K 216 -32.21 17.84 31.88
C VAL K 216 -30.93 17.64 32.67
N MET K 217 -30.91 18.16 33.89
CA MET K 217 -29.85 17.89 34.85
C MET K 217 -30.43 17.02 35.96
N MET K 218 -29.87 15.83 36.15
CA MET K 218 -30.42 14.83 37.05
C MET K 218 -29.29 14.20 37.84
N ILE K 219 -29.59 13.84 39.09
CA ILE K 219 -28.58 13.27 39.99
C ILE K 219 -29.10 11.98 40.57
N ARG K 220 -28.17 11.10 40.95
CA ARG K 220 -28.52 9.90 41.68
C ARG K 220 -27.31 9.43 42.47
N PRO K 221 -27.53 8.66 43.52
CA PRO K 221 -26.40 8.26 44.39
C PRO K 221 -25.38 7.43 43.61
N ASN K 222 -24.12 7.75 43.82
CA ASN K 222 -23.00 7.01 43.23
C ASN K 222 -22.05 6.61 44.34
N PRO K 223 -22.39 5.57 45.12
CA PRO K 223 -21.44 5.05 46.12
C PRO K 223 -20.23 4.38 45.49
N GLY L 7 38.23 -53.11 -14.79
CA GLY L 7 38.80 -52.55 -16.01
C GLY L 7 39.03 -51.08 -15.84
N PRO L 8 38.96 -50.32 -16.94
CA PRO L 8 39.00 -48.85 -16.80
C PRO L 8 37.60 -48.28 -16.71
N TRP L 9 37.42 -47.27 -15.88
CA TRP L 9 36.14 -46.60 -15.71
C TRP L 9 36.21 -45.20 -16.30
N ARG L 10 35.03 -44.61 -16.54
CA ARG L 10 35.00 -43.24 -17.06
C ARG L 10 35.37 -42.23 -15.99
N ASP L 11 35.10 -42.55 -14.73
CA ASP L 11 35.56 -41.76 -13.60
C ASP L 11 35.37 -42.62 -12.35
N CYS L 12 35.71 -42.04 -11.21
CA CYS L 12 35.64 -42.77 -9.96
C CYS L 12 34.21 -43.04 -9.50
N LEU L 13 33.25 -42.22 -9.93
CA LEU L 13 31.86 -42.49 -9.57
C LEU L 13 31.37 -43.79 -10.21
N GLN L 14 31.69 -44.00 -11.48
CA GLN L 14 31.33 -45.26 -12.12
C GLN L 14 32.00 -46.44 -11.46
N ALA L 15 33.23 -46.25 -10.94
CA ALA L 15 33.89 -47.33 -10.22
C ALA L 15 33.15 -47.65 -8.92
N LEU L 16 32.74 -46.61 -8.19
CA LEU L 16 32.00 -46.82 -6.95
C LEU L 16 30.64 -47.46 -7.22
N GLU L 17 29.99 -47.05 -8.32
CA GLU L 17 28.69 -47.61 -8.68
C GLU L 17 28.77 -49.11 -8.95
N ASP L 18 29.96 -49.62 -9.28
CA ASP L 18 30.17 -51.05 -9.50
C ASP L 18 30.76 -51.74 -8.28
N GLY L 19 30.62 -51.13 -7.10
CA GLY L 19 30.96 -51.78 -5.85
C GLY L 19 32.34 -51.49 -5.31
N HIS L 20 33.17 -50.69 -5.99
CA HIS L 20 34.51 -50.39 -5.51
C HIS L 20 34.44 -49.16 -4.62
N ASP L 21 34.36 -49.42 -3.31
CA ASP L 21 34.11 -48.39 -2.31
C ASP L 21 35.34 -48.11 -1.44
N THR L 22 36.50 -48.65 -1.78
CA THR L 22 37.73 -48.37 -1.04
C THR L 22 38.53 -47.33 -1.81
N SER L 23 38.92 -46.27 -1.11
CA SER L 23 39.78 -45.27 -1.71
C SER L 23 41.12 -45.89 -2.06
N SER L 24 41.48 -45.84 -3.34
CA SER L 24 42.71 -46.47 -3.81
C SER L 24 43.00 -45.96 -5.22
N ILE L 25 43.92 -46.64 -5.89
CA ILE L 25 44.32 -46.28 -7.25
C ILE L 25 43.45 -47.05 -8.23
N TYR L 26 42.90 -46.34 -9.21
CA TYR L 26 42.03 -46.95 -10.21
C TYR L 26 42.42 -46.47 -11.60
N LEU L 27 42.12 -47.29 -12.59
CA LEU L 27 42.38 -46.97 -13.99
C LEU L 27 41.14 -46.33 -14.59
N VAL L 28 41.34 -45.19 -15.27
CA VAL L 28 40.23 -44.40 -15.80
C VAL L 28 40.50 -44.08 -17.26
N LYS L 29 39.44 -44.09 -18.06
CA LYS L 29 39.52 -43.77 -19.49
C LYS L 29 38.27 -42.96 -19.84
N PRO L 30 38.39 -41.64 -20.01
CA PRO L 30 37.22 -40.80 -20.29
C PRO L 30 36.55 -41.17 -21.61
N GLU L 31 35.36 -40.61 -21.80
CA GLU L 31 34.45 -41.06 -22.86
C GLU L 31 35.10 -40.97 -24.24
N ASN L 32 35.51 -39.78 -24.65
CA ASN L 32 35.89 -39.52 -26.04
C ASN L 32 37.39 -39.62 -26.25
N THR L 33 38.03 -40.64 -25.71
CA THR L 33 39.47 -40.76 -25.80
C THR L 33 39.88 -42.20 -25.50
N ASN L 34 41.04 -42.58 -26.02
CA ASN L 34 41.73 -43.80 -25.61
C ASN L 34 42.80 -43.50 -24.58
N ARG L 35 42.79 -42.30 -24.01
CA ARG L 35 43.72 -41.92 -22.96
C ARG L 35 43.44 -42.72 -21.70
N LEU L 36 44.43 -43.48 -21.26
CA LEU L 36 44.36 -44.24 -20.02
C LEU L 36 45.20 -43.55 -18.96
N MET L 37 44.65 -43.45 -17.75
CA MET L 37 45.33 -42.76 -16.67
C MET L 37 45.04 -43.44 -15.34
N GLN L 38 46.03 -43.38 -14.46
CA GLN L 38 45.85 -43.78 -13.07
C GLN L 38 45.40 -42.58 -12.27
N VAL L 39 44.40 -42.78 -11.42
CA VAL L 39 43.91 -41.73 -10.53
C VAL L 39 43.69 -42.33 -9.15
N TRP L 40 43.75 -41.47 -8.16
CA TRP L 40 43.29 -41.82 -6.82
C TRP L 40 41.82 -41.45 -6.73
N CYS L 41 40.98 -42.41 -6.31
CA CYS L 41 39.56 -42.14 -6.09
C CYS L 41 39.29 -42.08 -4.60
N ASP L 42 38.76 -40.95 -4.13
CA ASP L 42 38.29 -40.84 -2.74
C ASP L 42 36.84 -41.30 -2.72
N GLN L 43 36.61 -42.51 -2.23
CA GLN L 43 35.28 -43.11 -2.22
C GLN L 43 34.58 -42.94 -0.88
N ARG L 44 35.17 -42.21 0.06
CA ARG L 44 34.64 -42.12 1.41
C ARG L 44 34.20 -40.73 1.83
N HIS L 45 34.82 -39.67 1.30
CA HIS L 45 34.29 -38.33 1.55
C HIS L 45 32.96 -38.17 0.82
N ASP L 46 31.95 -37.70 1.54
CA ASP L 46 30.59 -37.72 1.02
C ASP L 46 30.53 -37.02 -0.34
N PRO L 47 29.81 -37.58 -1.33
CA PRO L 47 29.11 -38.88 -1.26
C PRO L 47 29.88 -40.01 -1.92
N GLY L 48 31.21 -39.92 -1.92
CA GLY L 48 32.02 -40.86 -2.67
C GLY L 48 32.04 -40.53 -4.15
N GLY L 49 32.83 -41.31 -4.89
CA GLY L 49 32.94 -41.13 -6.32
C GLY L 49 33.81 -39.98 -6.74
N TRP L 50 34.70 -39.51 -5.88
CA TRP L 50 35.52 -38.34 -6.17
C TRP L 50 36.79 -38.74 -6.90
N THR L 51 37.13 -38.03 -7.97
CA THR L 51 38.35 -38.25 -8.74
C THR L 51 39.37 -37.18 -8.37
N VAL L 52 40.46 -37.60 -7.73
CA VAL L 52 41.46 -36.64 -7.26
C VAL L 52 42.30 -36.18 -8.44
N ILE L 53 42.40 -34.86 -8.61
CA ILE L 53 43.19 -34.29 -9.71
C ILE L 53 44.43 -33.57 -9.22
N GLN L 54 44.54 -33.28 -7.93
CA GLN L 54 45.68 -32.59 -7.34
C GLN L 54 45.67 -32.88 -5.85
N ARG L 55 46.87 -33.02 -5.28
CA ARG L 55 46.96 -33.29 -3.85
C ARG L 55 48.33 -32.86 -3.33
N ARG L 56 48.33 -32.14 -2.21
CA ARG L 56 49.53 -31.77 -1.49
C ARG L 56 49.46 -32.41 -0.10
N LEU L 57 50.60 -32.88 0.39
CA LEU L 57 50.59 -33.48 1.73
C LEU L 57 51.86 -33.27 2.53
N ASP L 58 53.02 -33.20 1.86
CA ASP L 58 54.27 -33.30 2.59
C ASP L 58 55.47 -32.67 1.90
N GLY L 59 55.25 -32.01 0.78
CA GLY L 59 56.34 -31.34 0.10
C GLY L 59 57.34 -32.26 -0.56
N SER L 60 56.94 -33.50 -0.85
CA SER L 60 57.84 -34.46 -1.47
C SER L 60 58.01 -34.22 -2.97
N VAL L 61 57.05 -33.57 -3.61
CA VAL L 61 57.02 -33.45 -5.07
C VAL L 61 57.23 -32.00 -5.46
N ASN L 62 58.01 -31.78 -6.52
CA ASN L 62 58.30 -30.44 -7.01
C ASN L 62 57.17 -30.00 -7.94
N PHE L 63 56.49 -28.91 -7.58
CA PHE L 63 55.41 -28.38 -8.40
C PHE L 63 55.81 -27.17 -9.23
N PHE L 64 57.08 -26.76 -9.17
CA PHE L 64 57.61 -25.70 -10.03
C PHE L 64 58.04 -26.34 -11.35
N ARG L 65 57.04 -26.61 -12.20
CA ARG L 65 57.22 -27.45 -13.39
C ARG L 65 56.73 -26.73 -14.64
N ASN L 66 57.23 -27.19 -15.79
CA ASN L 66 56.99 -26.52 -17.06
C ASN L 66 55.64 -26.91 -17.66
N TRP L 67 55.33 -26.27 -18.80
CA TRP L 67 54.05 -26.49 -19.47
C TRP L 67 53.83 -27.96 -19.79
N GLU L 68 54.77 -28.58 -20.49
CA GLU L 68 54.59 -29.97 -20.88
C GLU L 68 54.38 -30.86 -19.65
N THR L 69 55.08 -30.55 -18.56
CA THR L 69 54.92 -31.37 -17.36
C THR L 69 53.54 -31.19 -16.75
N TYR L 70 53.05 -29.95 -16.71
CA TYR L 70 51.68 -29.73 -16.24
C TYR L 70 50.66 -30.28 -17.23
N LYS L 71 51.02 -30.39 -18.52
CA LYS L 71 50.07 -30.93 -19.48
C LYS L 71 49.89 -32.44 -19.30
N GLN L 72 50.96 -33.15 -18.98
CA GLN L 72 50.93 -34.61 -18.92
C GLN L 72 50.61 -35.14 -17.54
N GLY L 73 50.99 -34.44 -16.49
CA GLY L 73 50.81 -34.88 -15.13
C GLY L 73 52.13 -35.26 -14.48
N PHE L 74 52.14 -35.23 -13.15
CA PHE L 74 53.37 -35.57 -12.44
C PHE L 74 53.07 -35.87 -10.97
N GLY L 75 54.03 -36.53 -10.34
CA GLY L 75 53.98 -36.83 -8.93
C GLY L 75 53.78 -38.30 -8.65
N ASN L 76 53.34 -38.58 -7.42
CA ASN L 76 53.05 -39.93 -6.97
C ASN L 76 51.54 -40.06 -6.77
N ILE L 77 50.94 -41.06 -7.42
CA ILE L 77 49.50 -41.23 -7.34
C ILE L 77 49.05 -41.67 -5.95
N ASP L 78 49.93 -42.30 -5.17
CA ASP L 78 49.66 -42.58 -3.77
C ASP L 78 50.20 -41.50 -2.85
N GLY L 79 50.53 -40.33 -3.39
CA GLY L 79 51.02 -39.22 -2.59
C GLY L 79 50.60 -37.88 -3.18
N GLU L 80 51.58 -36.99 -3.35
CA GLU L 80 51.32 -35.70 -3.98
C GLU L 80 51.36 -35.86 -5.49
N TYR L 81 50.37 -35.29 -6.19
CA TYR L 81 50.44 -35.33 -7.64
C TYR L 81 49.56 -34.26 -8.27
N TRP L 82 49.81 -34.03 -9.56
CA TRP L 82 49.00 -33.22 -10.44
C TRP L 82 48.61 -34.10 -11.61
N LEU L 83 47.31 -34.26 -11.85
CA LEU L 83 46.87 -35.28 -12.79
C LEU L 83 47.23 -34.96 -14.23
N GLY L 84 47.41 -33.68 -14.57
CA GLY L 84 47.73 -33.31 -15.94
C GLY L 84 46.59 -32.62 -16.65
N LEU L 85 46.89 -31.47 -17.26
CA LEU L 85 45.87 -30.66 -17.90
C LEU L 85 45.10 -31.44 -18.95
N GLU L 86 45.81 -32.20 -19.78
CA GLU L 86 45.14 -32.95 -20.85
C GLU L 86 44.18 -33.98 -20.25
N ASN L 87 44.62 -34.71 -19.23
CA ASN L 87 43.75 -35.68 -18.59
C ASN L 87 42.55 -35.00 -17.95
N ILE L 88 42.79 -33.90 -17.23
CA ILE L 88 41.69 -33.17 -16.59
C ILE L 88 40.74 -32.62 -17.64
N TYR L 89 41.27 -32.22 -18.80
CA TYR L 89 40.41 -31.75 -19.87
C TYR L 89 39.38 -32.81 -20.27
N TRP L 90 39.85 -34.03 -20.56
CA TRP L 90 38.94 -35.04 -21.06
C TRP L 90 37.98 -35.51 -19.98
N LEU L 91 38.43 -35.54 -18.73
CA LEU L 91 37.52 -35.88 -17.63
C LEU L 91 36.40 -34.86 -17.49
N THR L 92 36.75 -33.57 -17.47
CA THR L 92 35.75 -32.56 -17.20
C THR L 92 34.85 -32.26 -18.40
N ASN L 93 35.19 -32.75 -19.59
CA ASN L 93 34.36 -32.48 -20.77
C ASN L 93 33.47 -33.66 -21.14
N GLN L 94 33.44 -34.73 -20.34
CA GLN L 94 32.52 -35.84 -20.56
C GLN L 94 31.18 -35.65 -19.85
N GLY L 95 31.06 -34.64 -18.99
CA GLY L 95 29.83 -34.32 -18.28
C GLY L 95 30.10 -33.12 -17.41
N ASN L 96 29.08 -32.67 -16.69
CA ASN L 96 29.27 -31.53 -15.81
C ASN L 96 29.75 -32.01 -14.47
N TYR L 97 30.99 -31.69 -14.14
CA TYR L 97 31.62 -32.08 -12.88
C TYR L 97 31.64 -30.89 -11.93
N LYS L 98 31.40 -31.16 -10.66
CA LYS L 98 31.68 -30.20 -9.61
C LYS L 98 33.09 -30.41 -9.09
N LEU L 99 33.62 -29.39 -8.42
CA LEU L 99 34.95 -29.42 -7.84
C LEU L 99 34.84 -29.25 -6.33
N LEU L 100 35.50 -30.11 -5.58
CA LEU L 100 35.63 -29.95 -4.14
C LEU L 100 37.11 -29.76 -3.81
N VAL L 101 37.40 -28.68 -3.08
CA VAL L 101 38.74 -28.41 -2.59
C VAL L 101 38.71 -28.52 -1.08
N THR L 102 39.46 -29.46 -0.52
CA THR L 102 39.60 -29.60 0.92
C THR L 102 40.97 -29.08 1.34
N MET L 103 41.01 -28.37 2.47
CA MET L 103 42.24 -27.78 2.97
C MET L 103 42.32 -27.94 4.49
N GLU L 104 43.52 -28.20 4.98
CA GLU L 104 43.80 -28.32 6.40
C GLU L 104 45.05 -27.51 6.73
N ASP L 105 44.95 -26.66 7.74
CA ASP L 105 46.11 -25.89 8.17
C ASP L 105 46.98 -26.73 9.11
N TRP L 106 47.98 -26.10 9.72
CA TRP L 106 48.92 -26.79 10.59
C TRP L 106 48.44 -26.86 12.04
N SER L 107 47.22 -26.38 12.32
CA SER L 107 46.64 -26.44 13.65
C SER L 107 45.36 -27.28 13.68
N GLY L 108 45.14 -28.12 12.66
CA GLY L 108 44.04 -29.05 12.66
C GLY L 108 42.72 -28.51 12.15
N ARG L 109 42.67 -27.25 11.72
CA ARG L 109 41.43 -26.69 11.18
C ARG L 109 41.24 -27.19 9.75
N LYS L 110 40.05 -27.72 9.47
CA LYS L 110 39.70 -28.25 8.16
C LYS L 110 38.61 -27.36 7.55
N VAL L 111 38.77 -27.01 6.27
CA VAL L 111 37.80 -26.19 5.56
C VAL L 111 37.71 -26.68 4.12
N PHE L 112 36.74 -26.14 3.38
CA PHE L 112 36.52 -26.57 2.01
C PHE L 112 35.91 -25.44 1.18
N ALA L 113 36.08 -25.58 -0.14
CA ALA L 113 35.43 -24.72 -1.13
C ALA L 113 34.91 -25.64 -2.23
N GLU L 114 33.65 -25.45 -2.63
CA GLU L 114 32.97 -26.32 -3.59
C GLU L 114 32.42 -25.46 -4.70
N TYR L 115 32.49 -25.97 -5.94
CA TYR L 115 32.09 -25.23 -7.13
C TYR L 115 31.20 -26.12 -7.98
N ALA L 116 30.04 -25.58 -8.37
CA ALA L 116 29.01 -26.40 -8.99
C ALA L 116 29.42 -26.93 -10.35
N SER L 117 30.33 -26.24 -11.04
CA SER L 117 30.83 -26.67 -12.34
C SER L 117 32.33 -26.39 -12.38
N PHE L 118 33.07 -27.30 -13.01
CA PHE L 118 34.52 -27.16 -13.18
C PHE L 118 34.89 -27.80 -14.51
N ARG L 119 35.40 -27.00 -15.44
CA ARG L 119 35.73 -27.50 -16.77
C ARG L 119 36.92 -26.70 -17.30
N LEU L 120 37.73 -27.37 -18.12
CA LEU L 120 38.84 -26.73 -18.80
C LEU L 120 38.55 -26.65 -20.30
N GLU L 121 38.90 -25.53 -20.90
CA GLU L 121 38.90 -25.41 -22.34
C GLU L 121 40.12 -26.12 -22.92
N PRO L 122 40.19 -26.27 -24.23
CA PRO L 122 41.27 -27.07 -24.83
C PRO L 122 42.62 -26.35 -24.75
N GLU L 123 43.67 -27.09 -25.12
CA GLU L 123 45.01 -26.49 -25.09
C GLU L 123 45.12 -25.29 -26.02
N SER L 124 44.34 -25.26 -27.10
CA SER L 124 44.37 -24.12 -28.01
C SER L 124 43.93 -22.84 -27.31
N GLU L 125 43.16 -22.96 -26.24
CA GLU L 125 42.82 -21.82 -25.38
C GLU L 125 43.61 -21.87 -24.07
N TYR L 126 44.73 -22.60 -24.05
CA TYR L 126 45.62 -22.66 -22.90
C TYR L 126 44.87 -23.11 -21.65
N TYR L 127 43.94 -24.03 -21.85
CA TYR L 127 43.26 -24.74 -20.75
C TYR L 127 42.55 -23.77 -19.82
N LYS L 128 41.90 -22.75 -20.39
CA LYS L 128 41.24 -21.73 -19.60
C LYS L 128 40.24 -22.35 -18.63
N LEU L 129 40.17 -21.78 -17.43
CA LEU L 129 39.34 -22.32 -16.36
C LEU L 129 37.91 -21.80 -16.49
N ARG L 130 36.96 -22.71 -16.35
CA ARG L 130 35.54 -22.39 -16.36
C ARG L 130 34.96 -22.92 -15.06
N LEU L 131 34.58 -22.00 -14.17
CA LEU L 131 34.16 -22.34 -12.81
C LEU L 131 32.72 -21.93 -12.57
N GLY L 132 31.98 -22.80 -11.89
CA GLY L 132 30.61 -22.50 -11.50
C GLY L 132 30.52 -21.88 -10.12
N ARG L 133 29.30 -21.89 -9.58
CA ARG L 133 28.99 -21.15 -8.37
C ARG L 133 29.65 -21.77 -7.15
N TYR L 134 30.03 -20.90 -6.21
CA TYR L 134 30.77 -21.28 -5.01
C TYR L 134 29.84 -21.56 -3.85
N HIS L 135 30.19 -22.59 -3.07
CA HIS L 135 29.69 -22.79 -1.72
C HIS L 135 30.85 -23.32 -0.90
N GLY L 136 31.04 -22.80 0.30
CA GLY L 136 32.11 -23.34 1.13
C GLY L 136 32.19 -22.60 2.45
N ASN L 137 33.10 -23.08 3.31
CA ASN L 137 33.44 -22.38 4.53
C ASN L 137 34.91 -21.96 4.57
N ALA L 138 35.67 -22.21 3.51
CA ALA L 138 37.04 -21.72 3.43
C ALA L 138 37.13 -20.30 2.89
N GLY L 139 36.04 -19.77 2.35
CA GLY L 139 36.09 -18.53 1.57
C GLY L 139 36.41 -18.82 0.12
N ASP L 140 35.95 -17.93 -0.75
CA ASP L 140 36.06 -18.16 -2.20
C ASP L 140 37.30 -17.45 -2.75
N SER L 141 38.43 -18.17 -2.74
CA SER L 141 39.66 -17.64 -3.29
C SER L 141 40.01 -18.25 -4.65
N PHE L 142 39.02 -18.79 -5.37
CA PHE L 142 39.25 -19.38 -6.69
C PHE L 142 38.43 -18.71 -7.80
N THR L 143 37.28 -18.10 -7.48
CA THR L 143 36.45 -17.54 -8.55
C THR L 143 37.16 -16.40 -9.29
N TRP L 144 38.05 -15.66 -8.61
CA TRP L 144 38.82 -14.61 -9.29
C TRP L 144 39.68 -15.17 -10.41
N HIS L 145 39.96 -16.46 -10.39
CA HIS L 145 40.70 -17.12 -11.44
C HIS L 145 39.81 -17.62 -12.57
N ASN L 146 38.50 -17.51 -12.43
CA ASN L 146 37.60 -17.96 -13.48
C ASN L 146 37.89 -17.23 -14.79
N GLY L 147 37.90 -17.98 -15.88
CA GLY L 147 38.13 -17.41 -17.19
C GLY L 147 39.58 -17.12 -17.52
N LYS L 148 40.50 -17.40 -16.60
CA LYS L 148 41.92 -17.15 -16.84
C LYS L 148 42.57 -18.38 -17.48
N GLN L 149 43.56 -18.11 -18.33
CA GLN L 149 44.34 -19.18 -18.94
C GLN L 149 45.31 -19.77 -17.92
N PHE L 150 45.77 -20.98 -18.20
CA PHE L 150 46.79 -21.62 -17.38
C PHE L 150 48.17 -21.07 -17.73
N THR L 151 49.01 -20.86 -16.71
CA THR L 151 50.33 -20.27 -16.87
C THR L 151 51.36 -21.13 -16.14
N THR L 152 52.51 -21.32 -16.78
CA THR L 152 53.65 -22.00 -16.18
C THR L 152 54.90 -21.14 -16.34
N LEU L 153 55.99 -21.57 -15.70
CA LEU L 153 57.21 -20.77 -15.68
C LEU L 153 57.72 -20.48 -17.09
N ASP L 154 57.39 -21.32 -18.06
CA ASP L 154 57.87 -21.13 -19.42
C ASP L 154 56.81 -20.64 -20.39
N ARG L 155 55.58 -20.44 -19.95
CA ARG L 155 54.51 -19.96 -20.84
C ARG L 155 53.61 -19.01 -20.06
N ASP L 156 53.74 -17.72 -20.35
CA ASP L 156 53.05 -16.66 -19.62
C ASP L 156 51.76 -16.33 -20.34
N HIS L 157 50.63 -16.73 -19.75
CA HIS L 157 49.30 -16.47 -20.30
C HIS L 157 48.42 -15.65 -19.35
N ASP L 158 49.02 -14.99 -18.36
CA ASP L 158 48.24 -14.26 -17.36
C ASP L 158 48.08 -12.80 -17.80
N VAL L 159 47.44 -12.00 -16.95
CA VAL L 159 47.20 -10.59 -17.26
C VAL L 159 48.12 -9.67 -16.46
N TYR L 160 49.19 -10.20 -15.89
CA TYR L 160 50.19 -9.40 -15.21
C TYR L 160 51.32 -9.04 -16.19
N THR L 161 51.93 -7.88 -15.97
CA THR L 161 53.04 -7.49 -16.82
C THR L 161 54.18 -8.49 -16.73
N GLY L 162 54.35 -9.12 -15.57
CA GLY L 162 55.29 -10.21 -15.41
C GLY L 162 54.64 -11.56 -15.69
N ASN L 163 55.40 -12.62 -15.39
CA ASN L 163 54.89 -13.99 -15.41
C ASN L 163 54.65 -14.41 -13.97
N CYS L 164 53.39 -14.53 -13.58
CA CYS L 164 53.06 -14.81 -12.19
C CYS L 164 53.72 -16.09 -11.71
N ALA L 165 53.88 -17.07 -12.61
CA ALA L 165 54.50 -18.32 -12.21
C ALA L 165 55.93 -18.13 -11.72
N HIS L 166 56.61 -17.08 -12.19
CA HIS L 166 57.95 -16.81 -11.69
C HIS L 166 57.92 -16.42 -10.22
N TYR L 167 56.84 -15.77 -9.78
CA TYR L 167 56.72 -15.30 -8.41
C TYR L 167 56.10 -16.33 -7.48
N GLN L 168 55.02 -16.98 -7.92
CA GLN L 168 54.23 -17.86 -7.07
C GLN L 168 54.57 -19.33 -7.24
N LYS L 169 55.29 -19.68 -8.31
CA LYS L 169 56.04 -20.93 -8.44
C LYS L 169 55.18 -22.14 -8.74
N GLY L 170 53.95 -21.96 -9.18
CA GLY L 170 53.11 -23.06 -9.59
C GLY L 170 52.78 -23.01 -11.08
N GLY L 171 52.09 -24.07 -11.51
CA GLY L 171 51.24 -24.01 -12.68
C GLY L 171 49.84 -23.68 -12.22
N TRP L 172 49.27 -22.61 -12.77
CA TRP L 172 47.98 -22.15 -12.26
C TRP L 172 47.33 -21.21 -13.25
N TRP L 173 46.02 -21.02 -13.06
CA TRP L 173 45.25 -20.05 -13.82
C TRP L 173 45.43 -18.64 -13.25
N TYR L 174 46.68 -18.19 -13.28
CA TYR L 174 47.03 -16.95 -12.62
C TYR L 174 46.29 -15.76 -13.24
N ASN L 175 45.94 -14.79 -12.39
CA ASN L 175 45.30 -13.56 -12.82
C ASN L 175 46.33 -12.43 -12.74
N ALA L 176 46.37 -11.71 -11.61
CA ALA L 176 47.41 -10.70 -11.39
C ALA L 176 47.64 -10.45 -9.89
N CYS L 177 48.08 -11.47 -9.14
CA CYS L 177 48.39 -12.78 -9.69
C CYS L 177 47.48 -13.89 -9.13
N ALA L 178 47.20 -13.87 -7.82
CA ALA L 178 46.49 -15.02 -7.27
C ALA L 178 45.81 -14.72 -5.93
N HIS L 179 44.63 -15.33 -5.76
CA HIS L 179 43.95 -15.47 -4.48
C HIS L 179 44.18 -16.85 -3.87
N SER L 180 44.44 -17.85 -4.69
CA SER L 180 44.82 -19.19 -4.26
C SER L 180 46.04 -19.62 -5.06
N ASN L 181 46.87 -20.44 -4.45
CA ASN L 181 48.12 -20.89 -5.07
C ASN L 181 48.42 -22.32 -4.64
N LEU L 182 47.48 -23.23 -4.91
CA LEU L 182 47.57 -24.57 -4.36
C LEU L 182 48.66 -25.43 -5.01
N ASN L 183 49.24 -24.99 -6.13
CA ASN L 183 50.39 -25.66 -6.70
C ASN L 183 51.71 -24.97 -6.34
N GLY L 184 51.69 -24.11 -5.33
CA GLY L 184 52.87 -23.37 -4.91
C GLY L 184 53.81 -24.19 -4.07
N VAL L 185 54.62 -23.49 -3.29
CA VAL L 185 55.69 -24.10 -2.51
C VAL L 185 55.15 -24.53 -1.16
N TRP L 186 55.31 -25.82 -0.84
CA TRP L 186 54.89 -26.37 0.44
C TRP L 186 55.93 -26.02 1.50
N TYR L 187 55.52 -25.27 2.52
CA TYR L 187 56.40 -24.90 3.62
C TYR L 187 55.98 -25.64 4.88
N ARG L 188 56.95 -26.24 5.56
CA ARG L 188 56.67 -26.90 6.84
C ARG L 188 56.29 -25.86 7.88
N GLY L 189 55.19 -26.10 8.60
CA GLY L 189 54.79 -25.26 9.70
C GLY L 189 53.78 -24.20 9.38
N GLY L 190 53.52 -23.93 8.10
CA GLY L 190 52.52 -22.95 7.73
C GLY L 190 53.08 -21.57 7.49
N HIS L 191 53.27 -20.81 8.57
CA HIS L 191 53.86 -19.48 8.46
C HIS L 191 55.22 -19.58 7.78
N TYR L 192 55.47 -18.70 6.82
CA TYR L 192 56.73 -18.69 6.09
C TYR L 192 57.04 -17.26 5.68
N ARG L 193 58.32 -17.01 5.44
CA ARG L 193 58.77 -15.74 4.90
C ARG L 193 59.61 -16.02 3.67
N SER L 194 59.25 -15.37 2.56
CA SER L 194 59.95 -15.47 1.30
C SER L 194 59.89 -14.10 0.66
N ARG L 195 60.66 -13.90 -0.41
CA ARG L 195 60.57 -12.64 -1.13
C ARG L 195 59.15 -12.40 -1.63
N TYR L 196 58.49 -13.45 -2.10
CA TYR L 196 57.14 -13.36 -2.64
C TYR L 196 56.24 -14.36 -1.94
N GLN L 197 54.94 -14.13 -2.03
CA GLN L 197 53.93 -15.04 -1.47
C GLN L 197 53.78 -16.18 -2.48
N ASP L 198 54.52 -17.26 -2.25
CA ASP L 198 54.57 -18.38 -3.17
C ASP L 198 54.24 -19.71 -2.52
N GLY L 199 53.68 -19.70 -1.31
CA GLY L 199 53.32 -20.93 -0.65
C GLY L 199 52.00 -21.50 -1.16
N VAL L 200 51.63 -22.64 -0.58
CA VAL L 200 50.37 -23.29 -0.89
C VAL L 200 49.27 -22.59 -0.11
N TYR L 201 48.80 -21.44 -0.61
CA TYR L 201 47.91 -20.61 0.18
C TYR L 201 46.52 -20.51 -0.45
N TRP L 202 45.56 -20.19 0.40
CA TRP L 202 44.16 -19.92 0.05
C TRP L 202 43.85 -18.63 0.81
N ALA L 203 43.80 -17.51 0.08
CA ALA L 203 43.86 -16.19 0.73
C ALA L 203 42.79 -16.04 1.80
N GLU L 204 41.56 -16.43 1.49
CA GLU L 204 40.44 -16.20 2.41
C GLU L 204 40.48 -17.09 3.64
N PHE L 205 41.34 -18.11 3.66
CA PHE L 205 41.40 -19.03 4.81
C PHE L 205 42.50 -18.59 5.77
N ARG L 206 43.76 -18.70 5.37
CA ARG L 206 44.86 -18.32 6.24
C ARG L 206 45.77 -17.25 5.64
N GLY L 207 45.37 -16.63 4.54
CA GLY L 207 46.13 -15.54 3.95
C GLY L 207 47.25 -16.02 3.04
N GLY L 208 47.87 -15.05 2.38
CA GLY L 208 48.91 -15.34 1.39
C GLY L 208 50.24 -15.77 1.96
N SER L 209 50.48 -15.55 3.24
CA SER L 209 51.76 -15.88 3.86
C SER L 209 51.63 -17.09 4.79
N TYR L 210 50.64 -17.95 4.54
CA TYR L 210 50.45 -19.19 5.28
C TYR L 210 50.31 -20.34 4.30
N SER L 211 51.18 -21.34 4.41
CA SER L 211 51.17 -22.50 3.54
C SER L 211 50.38 -23.63 4.19
N LEU L 212 49.47 -24.23 3.43
CA LEU L 212 48.57 -25.24 3.98
C LEU L 212 49.23 -26.61 4.02
N LYS L 213 48.88 -27.38 5.04
CA LYS L 213 49.54 -28.66 5.29
C LYS L 213 49.06 -29.74 4.32
N LYS L 214 47.75 -29.91 4.18
CA LYS L 214 47.17 -30.89 3.27
C LYS L 214 46.14 -30.20 2.40
N VAL L 215 46.19 -30.48 1.10
CA VAL L 215 45.25 -29.93 0.14
C VAL L 215 44.84 -31.04 -0.82
N VAL L 216 43.57 -31.05 -1.20
CA VAL L 216 43.09 -32.00 -2.21
C VAL L 216 42.09 -31.28 -3.12
N MET L 217 42.29 -31.42 -4.42
CA MET L 217 41.34 -30.97 -5.43
C MET L 217 40.74 -32.22 -6.08
N MET L 218 39.42 -32.31 -6.08
CA MET L 218 38.74 -33.52 -6.56
C MET L 218 37.43 -33.14 -7.26
N ILE L 219 37.01 -34.01 -8.18
CA ILE L 219 35.86 -33.72 -9.03
C ILE L 219 34.94 -34.94 -9.10
N ARG L 220 33.67 -34.65 -9.39
CA ARG L 220 32.62 -35.67 -9.44
C ARG L 220 31.48 -35.12 -10.27
N PRO L 221 30.75 -35.97 -10.99
CA PRO L 221 29.55 -35.50 -11.67
C PRO L 221 28.60 -34.81 -10.70
N ASN L 222 28.01 -33.70 -11.14
CA ASN L 222 27.10 -32.94 -10.28
C ASN L 222 25.67 -33.43 -10.49
N PRO L 223 24.99 -33.95 -9.46
CA PRO L 223 23.62 -34.45 -9.67
C PRO L 223 22.61 -33.35 -9.96
N ASN L 224 22.94 -32.09 -9.68
CA ASN L 224 22.00 -30.99 -9.83
C ASN L 224 22.07 -30.35 -11.22
N GLY M 7 44.28 26.57 23.82
CA GLY M 7 43.53 27.72 23.35
C GLY M 7 42.13 27.64 23.93
N PRO M 8 41.46 28.79 24.10
CA PRO M 8 40.24 28.83 24.91
C PRO M 8 39.18 27.87 24.41
N TRP M 9 38.33 27.43 25.33
CA TRP M 9 37.33 26.40 25.11
C TRP M 9 35.94 26.97 25.39
N ARG M 10 34.93 26.31 24.82
CA ARG M 10 33.55 26.70 25.13
C ARG M 10 33.15 26.28 26.53
N ASP M 11 33.77 25.23 27.05
CA ASP M 11 33.61 24.80 28.44
C ASP M 11 34.65 23.71 28.70
N CYS M 12 34.65 23.19 29.93
CA CYS M 12 35.67 22.24 30.34
C CYS M 12 35.48 20.88 29.68
N LEU M 13 34.26 20.53 29.28
CA LEU M 13 34.07 19.26 28.59
C LEU M 13 34.83 19.26 27.27
N GLN M 14 34.76 20.37 26.53
CA GLN M 14 35.52 20.49 25.29
C GLN M 14 37.01 20.32 25.55
N ALA M 15 37.51 20.94 26.62
CA ALA M 15 38.93 20.76 26.96
C ALA M 15 39.24 19.29 27.21
N LEU M 16 38.38 18.60 27.96
CA LEU M 16 38.54 17.16 28.16
C LEU M 16 38.55 16.42 26.83
N GLU M 17 37.64 16.79 25.93
CA GLU M 17 37.56 16.10 24.65
C GLU M 17 38.84 16.27 23.84
N ASP M 18 39.59 17.34 24.08
CA ASP M 18 40.86 17.58 23.39
C ASP M 18 42.06 17.05 24.16
N GLY M 19 41.83 16.21 25.16
CA GLY M 19 42.91 15.52 25.84
C GLY M 19 43.38 16.12 27.14
N HIS M 20 42.73 17.18 27.63
CA HIS M 20 43.12 17.81 28.89
C HIS M 20 42.34 17.15 30.02
N ASP M 21 42.95 16.12 30.60
CA ASP M 21 42.30 15.32 31.63
C ASP M 21 42.75 15.67 33.04
N THR M 22 43.53 16.73 33.19
CA THR M 22 43.99 17.18 34.50
C THR M 22 43.08 18.28 35.01
N SER M 23 42.55 18.11 36.22
CA SER M 23 41.78 19.17 36.85
C SER M 23 42.69 20.34 37.16
N SER M 24 42.36 21.52 36.63
CA SER M 24 43.25 22.67 36.74
C SER M 24 42.49 23.93 36.33
N ILE M 25 43.25 25.03 36.21
CA ILE M 25 42.73 26.29 35.68
C ILE M 25 42.77 26.23 34.16
N TYR M 26 41.65 26.57 33.52
CA TYR M 26 41.56 26.62 32.07
C TYR M 26 40.91 27.94 31.67
N LEU M 27 41.23 28.39 30.46
CA LEU M 27 40.65 29.60 29.91
C LEU M 27 39.48 29.22 29.01
N VAL M 28 38.32 29.79 29.30
CA VAL M 28 37.08 29.45 28.63
C VAL M 28 36.52 30.71 27.97
N LYS M 29 35.90 30.53 26.81
CA LYS M 29 35.18 31.61 26.13
C LYS M 29 33.91 31.03 25.53
N PRO M 30 32.73 31.38 26.03
CA PRO M 30 31.51 30.77 25.50
C PRO M 30 31.40 31.01 24.00
N GLU M 31 30.80 30.03 23.31
CA GLU M 31 30.34 30.26 21.95
C GLU M 31 29.40 31.46 21.94
N ASN M 32 29.52 32.29 20.91
CA ASN M 32 28.62 33.44 20.73
C ASN M 32 28.77 34.46 21.85
N THR M 33 30.02 34.74 22.20
CA THR M 33 30.39 35.91 23.00
C THR M 33 31.85 36.15 22.66
N ASN M 34 32.42 37.20 23.24
CA ASN M 34 33.87 37.34 23.30
C ASN M 34 34.32 37.45 24.75
N ARG M 35 33.45 37.08 25.69
CA ARG M 35 33.79 37.09 27.10
C ARG M 35 34.74 35.94 27.43
N LEU M 36 35.91 36.29 27.91
CA LEU M 36 36.94 35.33 28.31
C LEU M 36 36.97 35.21 29.82
N MET M 37 37.17 34.00 30.31
CA MET M 37 37.17 33.78 31.75
C MET M 37 38.07 32.62 32.09
N GLN M 38 38.70 32.69 33.27
CA GLN M 38 39.33 31.53 33.86
C GLN M 38 38.29 30.73 34.63
N VAL M 39 38.45 29.40 34.61
CA VAL M 39 37.61 28.51 35.41
C VAL M 39 38.46 27.36 35.91
N TRP M 40 38.00 26.74 36.99
CA TRP M 40 38.54 25.47 37.42
C TRP M 40 37.74 24.35 36.77
N CYS M 41 38.43 23.43 36.12
CA CYS M 41 37.80 22.28 35.48
C CYS M 41 38.01 21.06 36.39
N ASP M 42 36.91 20.42 36.81
CA ASP M 42 36.99 19.15 37.51
C ASP M 42 36.87 18.07 36.44
N GLN M 43 38.01 17.56 35.98
CA GLN M 43 38.04 16.54 34.94
C GLN M 43 38.06 15.12 35.50
N ARG M 44 38.03 14.96 36.82
CA ARG M 44 38.17 13.66 37.45
C ARG M 44 36.84 13.12 37.98
N HIS M 45 35.96 13.98 38.48
CA HIS M 45 34.65 13.52 38.91
C HIS M 45 33.85 13.05 37.70
N ASP M 46 33.48 11.78 37.69
CA ASP M 46 32.79 11.21 36.54
C ASP M 46 31.56 12.05 36.20
N PRO M 47 31.26 12.27 34.91
CA PRO M 47 32.01 11.73 33.77
C PRO M 47 33.10 12.68 33.26
N GLY M 48 33.57 13.56 34.14
CA GLY M 48 34.56 14.55 33.76
C GLY M 48 33.95 15.68 32.97
N GLY M 49 34.74 16.74 32.79
CA GLY M 49 34.30 17.86 32.00
C GLY M 49 33.40 18.83 32.73
N TRP M 50 33.51 18.89 34.05
CA TRP M 50 32.70 19.80 34.86
C TRP M 50 33.38 21.16 34.94
N THR M 51 32.61 22.22 34.69
CA THR M 51 33.06 23.59 34.89
C THR M 51 32.59 24.06 36.26
N VAL M 52 33.53 24.36 37.15
CA VAL M 52 33.19 24.80 38.49
C VAL M 52 32.74 26.26 38.44
N ILE M 53 31.56 26.55 38.98
CA ILE M 53 31.07 27.91 39.08
C ILE M 53 31.11 28.44 40.51
N GLN M 54 31.23 27.57 41.51
CA GLN M 54 31.26 28.00 42.89
C GLN M 54 31.95 26.93 43.72
N ARG M 55 32.75 27.36 44.70
CA ARG M 55 33.41 26.42 45.59
C ARG M 55 33.66 27.05 46.94
N ARG M 56 33.32 26.33 47.99
CA ARG M 56 33.65 26.68 49.37
C ARG M 56 34.52 25.57 49.94
N LEU M 57 35.48 25.93 50.78
CA LEU M 57 36.23 24.87 51.42
C LEU M 57 37.08 25.28 52.62
N ASP M 58 37.28 26.59 52.86
CA ASP M 58 38.12 26.93 54.00
C ASP M 58 37.89 28.30 54.60
N GLY M 59 36.85 29.01 54.13
CA GLY M 59 36.49 30.28 54.73
C GLY M 59 37.43 31.42 54.40
N SER M 60 38.33 31.25 53.44
CA SER M 60 39.30 32.29 53.14
C SER M 60 38.68 33.48 52.42
N VAL M 61 37.53 33.30 51.76
CA VAL M 61 36.98 34.32 50.88
C VAL M 61 35.66 34.83 51.47
N ASN M 62 35.46 36.13 51.38
CA ASN M 62 34.25 36.78 51.87
C ASN M 62 33.16 36.69 50.81
N PHE M 63 32.06 36.00 51.13
CA PHE M 63 30.95 35.86 50.20
C PHE M 63 29.80 36.83 50.48
N PHE M 64 29.91 37.68 51.50
CA PHE M 64 28.89 38.68 51.80
C PHE M 64 29.19 39.92 50.96
N ARG M 65 28.79 39.86 49.69
CA ARG M 65 29.23 40.82 48.70
C ARG M 65 28.04 41.41 47.95
N ASN M 66 28.29 42.53 47.27
CA ASN M 66 27.27 43.33 46.62
C ASN M 66 26.93 42.79 45.23
N TRP M 67 25.97 43.46 44.57
CA TRP M 67 25.52 43.00 43.26
C TRP M 67 26.65 43.01 42.25
N GLU M 68 27.37 44.13 42.15
CA GLU M 68 28.40 44.25 41.12
C GLU M 68 29.48 43.19 41.32
N THR M 69 29.80 42.86 42.57
CA THR M 69 30.82 41.86 42.83
C THR M 69 30.32 40.45 42.49
N TYR M 70 29.05 40.17 42.78
CA TYR M 70 28.49 38.89 42.38
C TYR M 70 28.34 38.80 40.87
N LYS M 71 28.14 39.95 40.20
CA LYS M 71 28.03 39.92 38.75
C LYS M 71 29.35 39.54 38.11
N GLN M 72 30.45 40.13 38.58
CA GLN M 72 31.75 39.94 37.93
C GLN M 72 32.47 38.69 38.41
N GLY M 73 32.27 38.30 39.65
CA GLY M 73 32.96 37.17 40.24
C GLY M 73 34.02 37.60 41.22
N PHE M 74 34.39 36.68 42.11
CA PHE M 74 35.39 36.97 43.13
C PHE M 74 35.97 35.67 43.66
N GLY M 75 37.10 35.81 44.33
CA GLY M 75 37.75 34.70 45.01
C GLY M 75 39.03 34.26 44.32
N ASN M 76 39.44 33.03 44.64
CA ASN M 76 40.65 32.43 44.10
C ASN M 76 40.26 31.23 43.26
N ILE M 77 40.59 31.28 41.97
CA ILE M 77 40.18 30.21 41.07
C ILE M 77 40.80 28.88 41.47
N ASP M 78 41.91 28.90 42.20
CA ASP M 78 42.51 27.69 42.74
C ASP M 78 42.07 27.43 44.18
N GLY M 79 41.03 28.11 44.65
CA GLY M 79 40.51 27.92 45.99
C GLY M 79 39.01 28.16 46.02
N GLU M 80 38.55 28.99 46.96
CA GLU M 80 37.15 29.36 47.04
C GLU M 80 36.84 30.47 46.04
N TYR M 81 35.77 30.31 45.25
CA TYR M 81 35.39 31.40 44.37
C TYR M 81 33.92 31.31 43.96
N TRP M 82 33.46 32.41 43.38
CA TRP M 82 32.18 32.56 42.70
C TRP M 82 32.53 33.04 41.30
N LEU M 83 32.11 32.29 40.27
CA LEU M 83 32.60 32.60 38.93
C LEU M 83 32.06 33.92 38.40
N GLY M 84 30.91 34.38 38.90
CA GLY M 84 30.32 35.60 38.42
C GLY M 84 29.01 35.37 37.69
N LEU M 85 27.97 36.13 38.03
CA LEU M 85 26.66 35.90 37.43
C LEU M 85 26.70 36.08 35.91
N GLU M 86 27.46 37.07 35.43
CA GLU M 86 27.49 37.33 33.99
C GLU M 86 28.24 36.22 33.26
N ASN M 87 29.38 35.79 33.80
CA ASN M 87 30.09 34.65 33.24
C ASN M 87 29.18 33.42 33.19
N ILE M 88 28.48 33.15 34.29
CA ILE M 88 27.58 31.99 34.34
C ILE M 88 26.45 32.15 33.36
N TYR M 89 25.97 33.38 33.14
CA TYR M 89 24.91 33.61 32.18
C TYR M 89 25.32 33.13 30.80
N TRP M 90 26.46 33.61 30.30
CA TRP M 90 26.88 33.26 28.93
C TRP M 90 27.21 31.78 28.82
N LEU M 91 27.84 31.20 29.84
CA LEU M 91 28.14 29.77 29.83
C LEU M 91 26.87 28.95 29.67
N THR M 92 25.86 29.20 30.51
CA THR M 92 24.70 28.32 30.56
C THR M 92 23.71 28.57 29.44
N ASN M 93 23.91 29.60 28.61
CA ASN M 93 23.00 29.88 27.52
C ASN M 93 23.53 29.48 26.15
N GLN M 94 24.69 28.83 26.09
CA GLN M 94 25.20 28.28 24.84
C GLN M 94 24.75 26.86 24.60
N GLY M 95 24.00 26.28 25.54
CA GLY M 95 23.49 24.93 25.42
C GLY M 95 22.81 24.58 26.73
N ASN M 96 22.30 23.36 26.79
CA ASN M 96 21.68 22.89 28.03
C ASN M 96 22.75 22.29 28.93
N TYR M 97 22.88 22.85 30.13
CA TYR M 97 23.83 22.38 31.13
C TYR M 97 23.06 21.76 32.29
N LYS M 98 23.59 20.66 32.81
CA LYS M 98 23.13 20.13 34.09
C LYS M 98 24.00 20.72 35.20
N LEU M 99 23.45 20.69 36.42
CA LEU M 99 24.15 21.17 37.60
C LEU M 99 24.36 20.01 38.57
N LEU M 100 25.58 19.87 39.06
CA LEU M 100 25.92 18.95 40.13
C LEU M 100 26.40 19.76 41.33
N VAL M 101 25.77 19.55 42.49
CA VAL M 101 26.20 20.17 43.73
C VAL M 101 26.73 19.06 44.63
N THR M 102 28.02 19.11 44.93
CA THR M 102 28.63 18.18 45.88
C THR M 102 28.84 18.88 47.22
N MET M 103 28.56 18.17 48.30
CA MET M 103 28.66 18.73 49.65
C MET M 103 29.33 17.73 50.59
N GLU M 104 30.13 18.25 51.50
CA GLU M 104 30.81 17.45 52.50
C GLU M 104 30.69 18.13 53.85
N ASP M 105 30.24 17.39 54.85
CA ASP M 105 30.15 17.91 56.20
C ASP M 105 31.49 17.74 56.91
N TRP M 106 31.53 18.03 58.21
CA TRP M 106 32.76 17.97 59.00
C TRP M 106 33.02 16.58 59.57
N SER M 107 32.21 15.60 59.17
CA SER M 107 32.41 14.21 59.58
C SER M 107 32.78 13.31 58.40
N GLY M 108 33.03 13.87 57.23
CA GLY M 108 33.42 13.09 56.08
C GLY M 108 32.29 12.56 55.24
N ARG M 109 31.04 12.85 55.60
CA ARG M 109 29.90 12.45 54.77
C ARG M 109 29.86 13.32 53.52
N LYS M 110 29.81 12.67 52.37
CA LYS M 110 29.71 13.34 51.08
C LYS M 110 28.35 13.01 50.46
N VAL M 111 27.61 14.05 50.08
CA VAL M 111 26.31 13.90 49.43
C VAL M 111 26.29 14.85 48.23
N PHE M 112 25.26 14.70 47.40
CA PHE M 112 25.16 15.48 46.17
C PHE M 112 23.70 15.74 45.84
N ALA M 113 23.48 16.79 45.05
CA ALA M 113 22.18 17.09 44.44
C ALA M 113 22.45 17.43 42.98
N GLU M 114 21.69 16.80 42.08
CA GLU M 114 21.89 16.96 40.64
C GLU M 114 20.59 17.43 40.00
N TYR M 115 20.71 18.34 39.03
CA TYR M 115 19.59 18.97 38.36
C TYR M 115 19.81 18.91 36.85
N ALA M 116 18.80 18.40 36.14
CA ALA M 116 18.95 18.06 34.74
C ALA M 116 19.18 19.29 33.87
N SER M 117 18.72 20.47 34.30
CA SER M 117 19.01 21.70 33.58
C SER M 117 19.28 22.82 34.57
N PHE M 118 20.16 23.74 34.17
CA PHE M 118 20.55 24.87 35.00
C PHE M 118 20.93 26.01 34.07
N ARG M 119 20.20 27.11 34.17
CA ARG M 119 20.44 28.27 33.30
C ARG M 119 20.04 29.52 34.06
N LEU M 120 20.72 30.61 33.79
CA LEU M 120 20.34 31.91 34.33
C LEU M 120 19.75 32.79 33.24
N GLU M 121 18.74 33.57 33.61
CA GLU M 121 18.22 34.64 32.78
C GLU M 121 19.21 35.80 32.76
N PRO M 122 19.02 36.78 31.88
CA PRO M 122 19.97 37.89 31.78
C PRO M 122 19.90 38.80 33.00
N GLU M 123 20.87 39.73 33.07
CA GLU M 123 20.92 40.66 34.20
C GLU M 123 19.66 41.50 34.26
N SER M 124 19.10 41.86 33.10
CA SER M 124 17.90 42.66 33.05
C SER M 124 16.71 41.95 33.69
N GLU M 125 16.80 40.64 33.85
CA GLU M 125 15.83 39.87 34.61
C GLU M 125 16.46 39.33 35.89
N TYR M 126 17.51 40.01 36.38
CA TYR M 126 18.07 39.76 37.69
C TYR M 126 18.60 38.33 37.81
N TYR M 127 19.06 37.78 36.69
CA TYR M 127 19.75 36.49 36.67
C TYR M 127 18.89 35.38 37.26
N LYS M 128 17.59 35.45 36.98
CA LYS M 128 16.63 34.49 37.50
C LYS M 128 17.07 33.06 37.21
N LEU M 129 16.83 32.18 38.18
CA LEU M 129 17.28 30.80 38.13
C LEU M 129 16.26 29.93 37.39
N ARG M 130 16.75 29.12 36.46
CA ARG M 130 15.95 28.11 35.77
C ARG M 130 16.54 26.75 36.08
N LEU M 131 15.80 25.93 36.81
CA LEU M 131 16.29 24.66 37.34
C LEU M 131 15.41 23.51 36.87
N GLY M 132 16.05 22.44 36.40
CA GLY M 132 15.37 21.23 35.98
C GLY M 132 15.19 20.21 37.09
N ARG M 133 14.94 18.97 36.67
CA ARG M 133 14.50 17.94 37.60
C ARG M 133 15.63 17.46 38.49
N TYR M 134 15.27 17.11 39.74
CA TYR M 134 16.22 16.75 40.77
C TYR M 134 16.42 15.25 40.88
N HIS M 135 17.67 14.85 41.08
CA HIS M 135 18.00 13.56 41.64
C HIS M 135 19.17 13.77 42.59
N GLY M 136 19.14 13.11 43.74
CA GLY M 136 20.29 13.23 44.62
C GLY M 136 20.10 12.40 45.88
N ASN M 137 21.14 12.43 46.71
CA ASN M 137 21.05 11.83 48.04
C ASN M 137 21.22 12.86 49.14
N ALA M 138 21.35 14.15 48.81
CA ALA M 138 21.36 15.21 49.80
C ALA M 138 19.97 15.67 50.21
N GLY M 139 18.95 15.29 49.45
CA GLY M 139 17.65 15.96 49.60
C GLY M 139 17.58 17.21 48.75
N ASP M 140 16.38 17.52 48.28
CA ASP M 140 16.23 18.62 47.32
C ASP M 140 15.98 19.91 48.08
N SER M 141 17.04 20.67 48.34
CA SER M 141 16.95 21.95 49.00
C SER M 141 17.23 23.12 48.05
N PHE M 142 16.97 22.94 46.76
CA PHE M 142 17.24 23.99 45.78
C PHE M 142 16.03 24.27 44.89
N THR M 143 15.17 23.27 44.67
CA THR M 143 14.06 23.46 43.73
C THR M 143 13.12 24.57 44.15
N TRP M 144 12.95 24.80 45.45
CA TRP M 144 12.14 25.92 45.93
C TRP M 144 12.67 27.26 45.46
N HIS M 145 13.94 27.33 45.06
CA HIS M 145 14.53 28.56 44.56
C HIS M 145 14.38 28.72 43.05
N ASN M 146 13.87 27.70 42.37
CA ASN M 146 13.63 27.80 40.93
C ASN M 146 12.70 28.98 40.64
N GLY M 147 13.05 29.76 39.61
CA GLY M 147 12.23 30.87 39.17
C GLY M 147 12.39 32.13 39.99
N LYS M 148 13.28 32.15 40.96
CA LYS M 148 13.49 33.33 41.78
C LYS M 148 14.70 34.10 41.27
N GLN M 149 14.61 35.43 41.40
CA GLN M 149 15.67 36.31 40.99
C GLN M 149 16.81 36.27 42.00
N PHE M 150 17.98 36.73 41.56
CA PHE M 150 19.14 36.82 42.44
C PHE M 150 19.01 38.06 43.32
N THR M 151 19.39 37.91 44.59
CA THR M 151 19.28 38.95 45.60
C THR M 151 20.62 39.09 46.31
N THR M 152 21.06 40.33 46.50
CA THR M 152 22.27 40.64 47.23
C THR M 152 21.93 41.65 48.33
N LEU M 153 22.91 41.88 49.22
CA LEU M 153 22.68 42.76 50.36
C LEU M 153 22.22 44.15 49.94
N ASP M 154 22.61 44.59 48.75
CA ASP M 154 22.23 45.92 48.29
C ASP M 154 21.10 45.90 47.26
N ARG M 155 20.58 44.72 46.91
CA ARG M 155 19.55 44.63 45.86
C ARG M 155 18.57 43.52 46.22
N ASP M 156 17.40 43.92 46.70
CA ASP M 156 16.38 43.00 47.19
C ASP M 156 15.43 42.64 46.04
N HIS M 157 15.56 41.41 45.53
CA HIS M 157 14.68 40.90 44.49
C HIS M 157 13.91 39.67 44.94
N ASP M 158 13.80 39.42 46.25
CA ASP M 158 13.16 38.22 46.75
C ASP M 158 11.69 38.50 47.08
N VAL M 159 10.98 37.49 47.57
CA VAL M 159 9.56 37.61 47.86
C VAL M 159 9.29 37.70 49.36
N TYR M 160 10.32 37.99 50.15
CA TYR M 160 10.20 38.22 51.58
C TYR M 160 10.03 39.71 51.82
N THR M 161 9.28 40.07 52.87
CA THR M 161 9.06 41.48 53.14
C THR M 161 10.38 42.20 53.43
N GLY M 162 11.35 41.51 54.03
CA GLY M 162 12.69 42.03 54.19
C GLY M 162 13.60 41.59 53.05
N ASN M 163 14.90 41.87 53.23
CA ASN M 163 15.93 41.48 52.27
C ASN M 163 16.63 40.25 52.82
N CYS M 164 16.41 39.09 52.19
CA CYS M 164 16.92 37.85 52.73
C CYS M 164 18.43 37.85 52.86
N ALA M 165 19.13 38.60 52.00
CA ALA M 165 20.59 38.64 52.07
C ALA M 165 21.08 39.29 53.34
N HIS M 166 20.29 40.21 53.92
CA HIS M 166 20.68 40.82 55.19
C HIS M 166 20.79 39.77 56.29
N TYR M 167 19.96 38.74 56.22
CA TYR M 167 19.90 37.72 57.26
C TYR M 167 20.79 36.52 56.92
N GLN M 168 20.72 36.03 55.68
CA GLN M 168 21.45 34.84 55.27
C GLN M 168 22.85 35.14 54.76
N LYS M 169 23.10 36.38 54.33
CA LYS M 169 24.43 36.95 54.11
C LYS M 169 25.14 36.40 52.88
N GLY M 170 24.41 35.84 51.92
CA GLY M 170 24.96 35.51 50.63
C GLY M 170 24.38 36.37 49.53
N GLY M 171 24.86 36.09 48.31
CA GLY M 171 24.10 36.36 47.11
C GLY M 171 23.47 35.05 46.67
N TRP M 172 22.15 35.08 46.45
CA TRP M 172 21.42 33.83 46.21
C TRP M 172 20.07 34.14 45.59
N TRP M 173 19.47 33.09 45.01
CA TRP M 173 18.10 33.17 44.50
C TRP M 173 17.09 32.99 45.64
N TYR M 174 17.14 33.94 46.58
CA TYR M 174 16.37 33.81 47.81
C TYR M 174 14.86 33.84 47.52
N ASN M 175 14.12 33.01 48.25
CA ASN M 175 12.67 32.95 48.19
C ASN M 175 12.10 33.70 49.40
N ALA M 176 11.76 32.98 50.47
CA ALA M 176 11.34 33.60 51.73
C ALA M 176 11.64 32.68 52.91
N CYS M 177 12.91 32.36 53.17
CA CYS M 177 14.04 32.89 52.41
C CYS M 177 14.87 31.82 51.72
N ALA M 178 15.19 30.72 52.40
CA ALA M 178 16.11 29.77 51.78
C ALA M 178 16.01 28.38 52.38
N HIS M 179 16.09 27.38 51.50
CA HIS M 179 16.33 26.00 51.91
C HIS M 179 17.80 25.61 51.81
N SER M 180 18.58 26.32 50.99
CA SER M 180 20.02 26.17 50.87
C SER M 180 20.64 27.57 50.83
N ASN M 181 21.88 27.67 51.30
CA ASN M 181 22.52 28.97 51.46
C ASN M 181 24.02 28.83 51.19
N LEU M 182 24.36 28.23 50.06
CA LEU M 182 25.73 27.82 49.80
C LEU M 182 26.70 28.99 49.67
N ASN M 183 26.21 30.22 49.48
CA ASN M 183 27.05 31.41 49.47
C ASN M 183 27.04 32.12 50.82
N GLY M 184 26.66 31.43 51.89
CA GLY M 184 26.55 32.03 53.20
C GLY M 184 27.88 32.05 53.95
N VAL M 185 27.79 32.18 55.26
CA VAL M 185 28.98 32.30 56.10
C VAL M 185 29.52 30.92 56.43
N TRP M 186 30.82 30.74 56.19
CA TRP M 186 31.51 29.47 56.44
C TRP M 186 31.97 29.43 57.89
N TYR M 187 31.46 28.47 58.65
CA TYR M 187 31.78 28.32 60.06
C TYR M 187 32.66 27.09 60.25
N ARG M 188 33.81 27.29 60.90
CA ARG M 188 34.65 26.16 61.27
C ARG M 188 33.86 25.22 62.17
N GLY M 189 33.95 23.92 61.88
CA GLY M 189 33.38 22.89 62.73
C GLY M 189 31.95 22.50 62.43
N GLY M 190 31.27 23.20 61.52
CA GLY M 190 29.92 22.83 61.16
C GLY M 190 28.86 23.48 62.03
N HIS M 191 28.60 22.88 63.19
CA HIS M 191 27.66 23.45 64.14
C HIS M 191 28.03 24.90 64.46
N TYR M 192 27.05 25.78 64.39
CA TYR M 192 27.29 27.19 64.67
C TYR M 192 26.08 27.80 65.36
N ARG M 193 26.35 28.92 66.04
CA ARG M 193 25.36 29.66 66.80
C ARG M 193 25.43 31.10 66.34
N SER M 194 24.34 31.61 65.78
CA SER M 194 24.28 32.98 65.29
C SER M 194 22.86 33.49 65.49
N ARG M 195 22.68 34.80 65.29
CA ARG M 195 21.34 35.36 65.42
C ARG M 195 20.40 34.79 64.37
N TYR M 196 20.92 34.54 63.16
CA TYR M 196 20.15 34.00 62.06
C TYR M 196 20.90 32.82 61.46
N GLN M 197 20.15 31.94 60.80
CA GLN M 197 20.77 30.85 60.04
C GLN M 197 21.40 31.42 58.78
N ASP M 198 22.69 31.76 58.86
CA ASP M 198 23.40 32.38 57.75
C ASP M 198 24.60 31.57 57.31
N GLY M 199 24.74 30.33 57.76
CA GLY M 199 25.84 29.48 57.37
C GLY M 199 25.68 28.86 55.99
N VAL M 200 26.71 28.13 55.59
CA VAL M 200 26.73 27.42 54.32
C VAL M 200 25.92 26.13 54.46
N TYR M 201 24.59 26.23 54.37
CA TYR M 201 23.75 25.12 54.76
C TYR M 201 22.92 24.60 53.59
N TRP M 202 22.48 23.35 53.76
CA TRP M 202 21.60 22.65 52.84
C TRP M 202 20.61 21.94 53.75
N ALA M 203 19.38 22.46 53.81
CA ALA M 203 18.50 22.10 54.93
C ALA M 203 18.24 20.61 54.99
N GLU M 204 18.05 19.95 53.84
CA GLU M 204 17.72 18.54 53.86
C GLU M 204 18.92 17.65 54.20
N PHE M 205 20.14 18.17 54.11
CA PHE M 205 21.33 17.38 54.45
C PHE M 205 21.60 17.48 55.95
N ARG M 206 21.98 18.68 56.42
CA ARG M 206 22.32 18.86 57.84
C ARG M 206 21.51 19.96 58.52
N GLY M 207 20.49 20.50 57.87
CA GLY M 207 19.68 21.54 58.46
C GLY M 207 20.35 22.90 58.38
N GLY M 208 19.60 23.91 58.80
CA GLY M 208 20.05 25.28 58.66
C GLY M 208 21.03 25.75 59.69
N SER M 209 21.27 24.98 60.74
CA SER M 209 22.17 25.36 61.82
C SER M 209 23.53 24.69 61.66
N TYR M 210 23.84 24.20 60.46
CA TYR M 210 25.07 23.44 60.22
C TYR M 210 25.72 23.95 58.95
N SER M 211 26.95 24.43 59.07
CA SER M 211 27.70 24.94 57.93
C SER M 211 28.56 23.83 57.33
N LEU M 212 28.46 23.66 56.01
CA LEU M 212 29.13 22.56 55.34
C LEU M 212 30.59 22.89 55.10
N LYS M 213 31.45 21.86 55.22
CA LYS M 213 32.89 22.09 55.15
C LYS M 213 33.35 22.36 53.72
N LYS M 214 32.96 21.52 52.76
CA LYS M 214 33.31 21.77 51.37
C LYS M 214 32.08 21.64 50.49
N VAL M 215 31.94 22.58 49.57
CA VAL M 215 30.83 22.65 48.63
C VAL M 215 31.40 22.99 47.27
N VAL M 216 30.88 22.31 46.23
CA VAL M 216 31.19 22.68 44.85
C VAL M 216 29.90 22.66 44.04
N MET M 217 29.67 23.72 43.27
CA MET M 217 28.63 23.78 42.26
C MET M 217 29.33 23.73 40.90
N MET M 218 28.99 22.73 40.09
CA MET M 218 29.64 22.55 38.80
C MET M 218 28.63 22.14 37.74
N ILE M 219 28.93 22.49 36.49
CA ILE M 219 28.00 22.30 35.39
C ILE M 219 28.68 21.62 34.22
N ARG M 220 27.86 20.91 33.43
CA ARG M 220 28.31 20.11 32.29
C ARG M 220 27.21 20.08 31.24
N PRO M 221 27.56 20.10 29.95
CA PRO M 221 26.54 19.94 28.92
C PRO M 221 25.68 18.70 29.18
N ASN M 222 24.38 18.87 29.02
CA ASN M 222 23.40 17.79 29.10
C ASN M 222 22.44 17.99 27.93
N PRO M 223 22.90 17.72 26.70
CA PRO M 223 22.07 17.98 25.51
C PRO M 223 20.84 17.07 25.42
N PRO N 8 12.79 32.53 -13.18
CA PRO N 8 13.92 31.59 -13.08
C PRO N 8 13.66 30.48 -12.09
N TRP N 9 13.28 29.30 -12.58
CA TRP N 9 13.07 28.12 -11.76
C TRP N 9 14.16 27.10 -12.04
N ARG N 10 14.35 26.19 -11.08
CA ARG N 10 15.35 25.14 -11.28
C ARG N 10 14.89 24.09 -12.27
N ASP N 11 13.58 23.98 -12.52
CA ASP N 11 13.03 23.10 -13.54
C ASP N 11 11.54 23.42 -13.64
N CYS N 12 10.84 22.71 -14.54
CA CYS N 12 9.45 23.02 -14.78
C CYS N 12 8.54 22.58 -13.63
N LEU N 13 8.99 21.67 -12.77
CA LEU N 13 8.15 21.26 -11.65
C LEU N 13 7.96 22.40 -10.66
N GLN N 14 9.02 23.17 -10.39
CA GLN N 14 8.91 24.30 -9.47
C GLN N 14 8.06 25.41 -10.07
N ALA N 15 8.12 25.60 -11.39
CA ALA N 15 7.20 26.53 -12.04
C ALA N 15 5.75 26.10 -11.82
N LEU N 16 5.50 24.78 -11.93
CA LEU N 16 4.15 24.27 -11.71
C LEU N 16 3.72 24.45 -10.26
N GLU N 17 4.61 24.14 -9.32
CA GLU N 17 4.25 24.25 -7.91
C GLU N 17 3.94 25.68 -7.49
N ASP N 18 4.42 26.68 -8.24
CA ASP N 18 4.10 28.06 -7.96
C ASP N 18 2.92 28.56 -8.79
N GLY N 19 2.12 27.65 -9.34
CA GLY N 19 0.86 27.99 -9.95
C GLY N 19 0.85 28.11 -11.46
N HIS N 20 1.96 27.79 -12.13
CA HIS N 20 2.04 27.97 -13.58
C HIS N 20 1.68 26.66 -14.25
N ASP N 21 0.39 26.55 -14.61
CA ASP N 21 -0.21 25.34 -15.14
C ASP N 21 -0.30 25.35 -16.66
N THR N 22 0.29 26.36 -17.31
CA THR N 22 0.22 26.50 -18.75
C THR N 22 1.48 25.92 -19.38
N SER N 23 1.28 25.02 -20.35
CA SER N 23 2.40 24.54 -21.17
C SER N 23 2.86 25.67 -22.08
N SER N 24 4.07 26.16 -21.86
CA SER N 24 4.61 27.29 -22.61
C SER N 24 6.11 27.34 -22.36
N ILE N 25 6.75 28.45 -22.74
CA ILE N 25 8.18 28.64 -22.54
C ILE N 25 8.41 29.24 -21.17
N TYR N 26 9.43 28.72 -20.48
CA TYR N 26 9.76 29.14 -19.13
C TYR N 26 11.28 29.26 -19.04
N LEU N 27 11.76 30.24 -18.27
CA LEU N 27 13.17 30.45 -18.07
C LEU N 27 13.62 29.65 -16.86
N VAL N 28 14.63 28.80 -17.05
CA VAL N 28 15.10 27.86 -16.03
C VAL N 28 16.58 28.13 -15.79
N LYS N 29 16.97 28.09 -14.52
CA LYS N 29 18.38 28.22 -14.15
C LYS N 29 18.72 27.08 -13.20
N PRO N 30 19.48 26.08 -13.65
CA PRO N 30 19.84 24.97 -12.75
C PRO N 30 20.55 25.45 -11.50
N GLU N 31 20.23 24.80 -10.39
CA GLU N 31 21.08 24.88 -9.21
C GLU N 31 22.53 24.63 -9.62
N ASN N 32 23.44 25.41 -9.03
CA ASN N 32 24.89 25.26 -9.18
C ASN N 32 25.39 25.82 -10.51
N THR N 33 24.68 26.79 -11.09
CA THR N 33 25.15 27.49 -12.27
C THR N 33 24.26 28.71 -12.46
N ASN N 34 24.82 29.71 -13.15
CA ASN N 34 24.04 30.82 -13.67
C ASN N 34 23.87 30.70 -15.17
N ARG N 35 24.09 29.51 -15.70
CA ARG N 35 23.64 29.13 -17.04
C ARG N 35 22.13 29.27 -17.10
N LEU N 36 21.63 30.20 -17.90
CA LEU N 36 20.20 30.40 -18.05
C LEU N 36 19.75 29.81 -19.38
N MET N 37 18.55 29.24 -19.38
CA MET N 37 18.04 28.57 -20.55
C MET N 37 16.53 28.70 -20.61
N GLN N 38 16.02 28.76 -21.84
CA GLN N 38 14.58 28.64 -22.06
C GLN N 38 14.25 27.17 -22.32
N VAL N 39 13.15 26.71 -21.74
CA VAL N 39 12.68 25.35 -21.94
C VAL N 39 11.18 25.40 -22.18
N TRP N 40 10.67 24.41 -22.88
CA TRP N 40 9.23 24.19 -22.96
C TRP N 40 8.80 23.31 -21.79
N CYS N 41 7.75 23.73 -21.10
CA CYS N 41 7.21 22.97 -19.98
C CYS N 41 5.95 22.24 -20.45
N ASP N 42 5.96 20.92 -20.32
CA ASP N 42 4.74 20.13 -20.52
C ASP N 42 4.13 19.96 -19.15
N GLN N 43 3.10 20.75 -18.85
CA GLN N 43 2.50 20.77 -17.53
C GLN N 43 1.25 19.90 -17.45
N ARG N 44 0.93 19.12 -18.49
CA ARG N 44 -0.36 18.45 -18.54
C ARG N 44 -0.33 16.95 -18.80
N HIS N 45 0.79 16.38 -19.22
CA HIS N 45 0.91 14.92 -19.20
C HIS N 45 1.29 14.49 -17.79
N ASP N 46 0.57 13.51 -17.24
CA ASP N 46 0.66 13.20 -15.82
C ASP N 46 2.12 13.01 -15.40
N PRO N 47 2.52 13.52 -14.22
CA PRO N 47 1.72 14.34 -13.29
C PRO N 47 2.02 15.82 -13.44
N GLY N 48 2.47 16.22 -14.63
CA GLY N 48 2.84 17.59 -14.89
C GLY N 48 4.26 17.90 -14.44
N GLY N 49 4.69 19.12 -14.75
CA GLY N 49 6.01 19.56 -14.36
C GLY N 49 7.13 18.91 -15.15
N TRP N 50 6.88 18.59 -16.41
CA TRP N 50 7.89 17.97 -17.25
C TRP N 50 8.69 19.01 -18.02
N THR N 51 10.01 18.84 -18.05
CA THR N 51 10.89 19.71 -18.82
C THR N 51 11.26 19.01 -20.13
N VAL N 52 10.85 19.59 -21.25
CA VAL N 52 11.12 19.02 -22.56
C VAL N 52 12.58 19.26 -22.91
N ILE N 53 13.30 18.19 -23.21
CA ILE N 53 14.70 18.30 -23.62
C ILE N 53 14.91 18.01 -25.10
N GLN N 54 13.95 17.37 -25.78
CA GLN N 54 14.05 17.05 -27.19
C GLN N 54 12.63 16.91 -27.73
N ARG N 55 12.42 17.39 -28.94
CA ARG N 55 11.10 17.28 -29.55
C ARG N 55 11.21 17.31 -31.06
N ARG N 56 10.50 16.39 -31.71
CA ARG N 56 10.36 16.35 -33.16
C ARG N 56 8.89 16.45 -33.49
N LEU N 57 8.57 17.17 -34.57
CA LEU N 57 7.17 17.39 -34.91
C LEU N 57 6.93 17.52 -36.41
N ASP N 58 7.87 18.10 -37.14
CA ASP N 58 7.55 18.48 -38.52
C ASP N 58 8.75 18.60 -39.45
N GLY N 59 9.90 18.09 -39.04
CA GLY N 59 11.06 18.18 -39.91
C GLY N 59 11.55 19.58 -40.14
N SER N 60 11.12 20.54 -39.32
CA SER N 60 11.51 21.93 -39.50
C SER N 60 12.99 22.16 -39.26
N VAL N 61 13.63 21.34 -38.43
CA VAL N 61 14.94 21.62 -37.87
C VAL N 61 15.90 20.52 -38.29
N ASN N 62 17.12 20.92 -38.64
CA ASN N 62 18.18 19.99 -39.04
C ASN N 62 18.87 19.46 -37.79
N PHE N 63 18.80 18.14 -37.58
CA PHE N 63 19.39 17.48 -36.41
C PHE N 63 20.72 16.80 -36.74
N PHE N 64 21.16 16.85 -38.00
CA PHE N 64 22.45 16.31 -38.42
C PHE N 64 23.51 17.37 -38.12
N ARG N 65 23.94 17.43 -36.86
CA ARG N 65 24.70 18.55 -36.36
C ARG N 65 25.92 18.05 -35.58
N ASN N 66 26.90 18.94 -35.43
CA ASN N 66 28.18 18.58 -34.85
C ASN N 66 28.15 18.72 -33.32
N TRP N 67 29.28 18.37 -32.71
CA TRP N 67 29.37 18.33 -31.25
C TRP N 67 29.00 19.66 -30.62
N GLU N 68 29.69 20.73 -31.02
CA GLU N 68 29.44 22.03 -30.40
C GLU N 68 27.97 22.40 -30.47
N THR N 69 27.30 22.07 -31.58
CA THR N 69 25.89 22.43 -31.71
C THR N 69 25.02 21.58 -30.80
N TYR N 70 25.33 20.27 -30.70
CA TYR N 70 24.62 19.43 -29.76
C TYR N 70 24.95 19.80 -28.31
N LYS N 71 26.13 20.37 -28.08
CA LYS N 71 26.48 20.80 -26.73
C LYS N 71 25.64 22.00 -26.30
N GLN N 72 25.51 23.00 -27.18
CA GLN N 72 24.83 24.24 -26.80
C GLN N 72 23.33 24.16 -26.99
N GLY N 73 22.82 23.31 -27.88
CA GLY N 73 21.41 23.23 -28.15
C GLY N 73 21.02 23.97 -29.43
N PHE N 74 19.88 23.59 -29.99
CA PHE N 74 19.45 24.16 -31.26
C PHE N 74 17.97 23.90 -31.47
N GLY N 75 17.41 24.63 -32.43
CA GLY N 75 16.02 24.50 -32.82
C GLY N 75 15.18 25.68 -32.39
N ASN N 76 13.87 25.45 -32.37
CA ASN N 76 12.88 26.43 -31.97
C ASN N 76 12.20 25.93 -30.70
N ILE N 77 12.31 26.73 -29.63
CA ILE N 77 11.79 26.30 -28.34
C ILE N 77 10.29 26.07 -28.40
N ASP N 78 9.59 26.74 -29.32
CA ASP N 78 8.18 26.49 -29.53
C ASP N 78 7.93 25.52 -30.67
N GLY N 79 8.96 24.80 -31.11
CA GLY N 79 8.83 23.81 -32.16
C GLY N 79 9.76 22.63 -31.91
N GLU N 80 10.48 22.19 -32.94
CA GLU N 80 11.45 21.13 -32.77
C GLU N 80 12.73 21.68 -32.16
N TYR N 81 13.25 21.01 -31.14
CA TYR N 81 14.52 21.48 -30.60
C TYR N 81 15.24 20.37 -29.84
N TRP N 82 16.52 20.64 -29.61
CA TRP N 82 17.40 19.88 -28.72
C TRP N 82 17.93 20.87 -27.68
N LEU N 83 17.73 20.55 -26.40
CA LEU N 83 18.01 21.53 -25.37
C LEU N 83 19.50 21.78 -25.21
N GLY N 84 20.32 20.80 -25.54
CA GLY N 84 21.76 20.95 -25.40
C GLY N 84 22.32 20.04 -24.33
N LEU N 85 23.44 19.37 -24.63
CA LEU N 85 23.99 18.42 -23.67
C LEU N 85 24.41 19.11 -22.38
N GLU N 86 25.00 20.30 -22.48
CA GLU N 86 25.44 21.01 -21.28
C GLU N 86 24.25 21.44 -20.43
N ASN N 87 23.22 22.01 -21.06
CA ASN N 87 22.01 22.36 -20.32
C ASN N 87 21.37 21.11 -19.72
N ILE N 88 21.22 20.05 -20.51
CA ILE N 88 20.66 18.82 -19.99
C ILE N 88 21.52 18.29 -18.85
N TYR N 89 22.84 18.43 -18.96
CA TYR N 89 23.72 17.97 -17.90
C TYR N 89 23.40 18.68 -16.58
N TRP N 90 23.24 20.01 -16.63
CA TRP N 90 23.01 20.77 -15.41
C TRP N 90 21.62 20.52 -14.84
N LEU N 91 20.63 20.27 -15.70
CA LEU N 91 19.31 19.91 -15.19
C LEU N 91 19.33 18.55 -14.49
N THR N 92 19.93 17.54 -15.12
CA THR N 92 19.81 16.17 -14.62
C THR N 92 20.74 15.88 -13.45
N ASN N 93 21.59 16.82 -13.04
CA ASN N 93 22.51 16.58 -11.94
C ASN N 93 22.16 17.37 -10.69
N GLN N 94 21.09 18.17 -10.71
CA GLN N 94 20.60 18.81 -9.50
C GLN N 94 19.62 17.94 -8.73
N GLY N 95 19.42 16.70 -9.18
CA GLY N 95 18.54 15.76 -8.51
C GLY N 95 18.36 14.55 -9.39
N ASN N 96 17.62 13.57 -8.87
CA ASN N 96 17.34 12.38 -9.64
C ASN N 96 16.10 12.63 -10.50
N TYR N 97 16.26 12.54 -11.81
CA TYR N 97 15.20 12.80 -12.76
C TYR N 97 14.82 11.52 -13.48
N LYS N 98 13.52 11.35 -13.72
CA LYS N 98 13.03 10.30 -14.60
C LYS N 98 12.84 10.87 -16.01
N LEU N 99 12.82 9.98 -17.00
CA LEU N 99 12.62 10.36 -18.39
C LEU N 99 11.36 9.71 -18.93
N LEU N 100 10.56 10.50 -19.62
CA LEU N 100 9.38 10.01 -20.33
C LEU N 100 9.58 10.34 -21.80
N VAL N 101 9.54 9.32 -22.64
CA VAL N 101 9.62 9.47 -24.09
C VAL N 101 8.24 9.15 -24.64
N THR N 102 7.59 10.14 -25.24
CA THR N 102 6.33 9.93 -25.93
C THR N 102 6.57 9.88 -27.43
N MET N 103 5.87 8.96 -28.10
CA MET N 103 6.03 8.75 -29.53
C MET N 103 4.67 8.59 -30.17
N GLU N 104 4.53 9.11 -31.39
CA GLU N 104 3.30 8.98 -32.15
C GLU N 104 3.66 8.68 -33.60
N ASP N 105 3.07 7.62 -34.15
CA ASP N 105 3.32 7.26 -35.55
C ASP N 105 2.39 8.08 -36.44
N TRP N 106 2.38 7.77 -37.73
CA TRP N 106 1.60 8.54 -38.70
C TRP N 106 0.16 8.04 -38.83
N SER N 107 -0.24 7.02 -38.05
CA SER N 107 -1.61 6.54 -38.03
C SER N 107 -2.30 6.85 -36.70
N GLY N 108 -1.75 7.76 -35.91
CA GLY N 108 -2.39 8.18 -34.68
C GLY N 108 -2.14 7.32 -33.47
N ARG N 109 -1.27 6.31 -33.56
CA ARG N 109 -1.02 5.43 -32.43
C ARG N 109 0.08 6.05 -31.56
N LYS N 110 -0.24 6.25 -30.28
CA LYS N 110 0.67 6.86 -29.33
C LYS N 110 1.16 5.81 -28.34
N VAL N 111 2.46 5.82 -28.06
CA VAL N 111 3.09 4.93 -27.10
C VAL N 111 4.12 5.74 -26.32
N PHE N 112 4.64 5.13 -25.25
CA PHE N 112 5.64 5.79 -24.42
C PHE N 112 6.67 4.78 -23.92
N ALA N 113 7.80 5.32 -23.49
CA ALA N 113 8.84 4.60 -22.79
C ALA N 113 9.28 5.48 -21.63
N GLU N 114 9.33 4.91 -20.42
CA GLU N 114 9.61 5.65 -19.20
C GLU N 114 10.75 4.98 -18.45
N TYR N 115 11.67 5.81 -17.94
CA TYR N 115 12.90 5.33 -17.32
C TYR N 115 13.06 6.01 -15.97
N ALA N 116 13.34 5.19 -14.95
CA ALA N 116 13.27 5.65 -13.57
C ALA N 116 14.33 6.70 -13.24
N SER N 117 15.48 6.62 -13.91
CA SER N 117 16.51 7.63 -13.74
C SER N 117 17.13 7.92 -15.10
N PHE N 118 17.46 9.19 -15.32
CA PHE N 118 18.09 9.65 -16.56
C PHE N 118 19.04 10.77 -16.20
N ARG N 119 20.31 10.60 -16.51
CA ARG N 119 21.33 11.59 -16.17
C ARG N 119 22.45 11.49 -17.18
N LEU N 120 23.08 12.62 -17.46
CA LEU N 120 24.26 12.67 -18.30
C LEU N 120 25.47 13.07 -17.44
N GLU N 121 26.59 12.40 -17.68
CA GLU N 121 27.84 12.79 -17.07
C GLU N 121 28.33 14.08 -17.71
N PRO N 122 29.39 14.70 -17.18
CA PRO N 122 29.89 15.95 -17.75
C PRO N 122 30.61 15.72 -19.07
N GLU N 123 30.93 16.83 -19.74
CA GLU N 123 31.62 16.75 -21.02
C GLU N 123 32.96 16.02 -20.89
N SER N 124 33.59 16.08 -19.72
CA SER N 124 34.83 15.32 -19.50
C SER N 124 34.63 13.84 -19.74
N GLU N 125 33.40 13.34 -19.64
CA GLU N 125 33.06 11.96 -19.92
C GLU N 125 32.23 11.84 -21.19
N TYR N 126 32.24 12.87 -22.03
CA TYR N 126 31.51 12.85 -23.30
C TYR N 126 30.02 12.63 -23.08
N TYR N 127 29.51 13.15 -21.96
CA TYR N 127 28.07 13.21 -21.70
C TYR N 127 27.45 11.82 -21.70
N LYS N 128 28.17 10.86 -21.13
CA LYS N 128 27.72 9.48 -21.13
C LYS N 128 26.32 9.36 -20.50
N LEU N 129 25.52 8.45 -21.06
CA LEU N 129 24.14 8.24 -20.65
C LEU N 129 24.06 7.29 -19.46
N ARG N 130 23.37 7.73 -18.41
CA ARG N 130 23.07 6.89 -17.24
C ARG N 130 21.56 6.72 -17.20
N LEU N 131 21.08 5.49 -17.38
CA LEU N 131 19.66 5.22 -17.55
C LEU N 131 19.15 4.22 -16.52
N GLY N 132 18.02 4.52 -15.89
CA GLY N 132 17.38 3.62 -14.95
C GLY N 132 16.44 2.63 -15.62
N ARG N 133 15.63 1.98 -14.79
CA ARG N 133 14.82 0.86 -15.24
C ARG N 133 13.62 1.33 -16.06
N TYR N 134 13.17 0.46 -16.96
CA TYR N 134 12.20 0.80 -17.98
C TYR N 134 10.81 0.31 -17.60
N HIS N 135 9.82 1.13 -17.95
CA HIS N 135 8.43 0.72 -18.06
C HIS N 135 7.86 1.44 -19.27
N GLY N 136 7.09 0.74 -20.09
CA GLY N 136 6.44 1.41 -21.20
C GLY N 136 5.59 0.45 -22.00
N ASN N 137 4.94 0.99 -23.01
CA ASN N 137 4.24 0.18 -24.00
C ASN N 137 4.81 0.35 -25.40
N ALA N 138 5.88 1.12 -25.57
CA ALA N 138 6.55 1.21 -26.86
C ALA N 138 7.56 0.08 -27.08
N GLY N 139 7.95 -0.62 -26.03
CA GLY N 139 9.12 -1.48 -26.10
C GLY N 139 10.38 -0.73 -25.70
N ASP N 140 11.34 -1.47 -25.15
CA ASP N 140 12.52 -0.82 -24.57
C ASP N 140 13.63 -0.79 -25.61
N SER N 141 13.64 0.27 -26.42
CA SER N 141 14.66 0.46 -27.44
C SER N 141 15.69 1.53 -27.03
N PHE N 142 15.81 1.82 -25.73
CA PHE N 142 16.80 2.77 -25.24
C PHE N 142 17.83 2.15 -24.31
N THR N 143 17.48 1.10 -23.58
CA THR N 143 18.40 0.58 -22.55
C THR N 143 19.72 0.11 -23.16
N TRP N 144 19.70 -0.43 -24.39
CA TRP N 144 20.93 -0.86 -25.05
C TRP N 144 21.94 0.28 -25.17
N HIS N 145 21.48 1.52 -25.15
CA HIS N 145 22.34 2.68 -25.22
C HIS N 145 22.86 3.12 -23.85
N ASN N 146 22.40 2.46 -22.79
CA ASN N 146 22.80 2.87 -21.45
C ASN N 146 24.31 2.75 -21.30
N GLY N 147 24.91 3.79 -20.73
CA GLY N 147 26.34 3.80 -20.47
C GLY N 147 27.21 4.14 -21.66
N LYS N 148 26.64 4.54 -22.78
CA LYS N 148 27.44 4.88 -23.95
C LYS N 148 27.62 6.38 -24.03
N GLN N 149 28.77 6.79 -24.56
CA GLN N 149 29.06 8.19 -24.73
C GLN N 149 28.28 8.75 -25.91
N PHE N 150 28.12 10.07 -25.90
CA PHE N 150 27.48 10.75 -27.01
C PHE N 150 28.43 10.80 -28.20
N THR N 151 27.88 10.55 -29.39
CA THR N 151 28.65 10.51 -30.63
C THR N 151 27.97 11.43 -31.64
N THR N 152 28.76 12.24 -32.33
CA THR N 152 28.28 13.10 -33.40
C THR N 152 29.10 12.83 -34.65
N LEU N 153 28.72 13.50 -35.75
CA LEU N 153 29.39 13.26 -37.03
C LEU N 153 30.86 13.64 -36.98
N ASP N 154 31.24 14.57 -36.12
CA ASP N 154 32.63 15.02 -36.02
C ASP N 154 33.36 14.44 -34.81
N ARG N 155 32.69 13.67 -33.96
CA ARG N 155 33.33 13.08 -32.79
C ARG N 155 32.75 11.68 -32.57
N ASP N 156 33.54 10.68 -32.91
CA ASP N 156 33.15 9.27 -32.81
C ASP N 156 33.54 8.75 -31.43
N HIS N 157 32.55 8.46 -30.59
CA HIS N 157 32.80 7.85 -29.29
C HIS N 157 31.98 6.57 -29.11
N ASP N 158 31.53 5.94 -30.20
CA ASP N 158 30.76 4.72 -30.11
C ASP N 158 31.68 3.50 -30.19
N VAL N 159 31.09 2.31 -30.12
CA VAL N 159 31.85 1.07 -30.15
C VAL N 159 31.74 0.37 -31.51
N TYR N 160 31.28 1.08 -32.54
CA TYR N 160 31.27 0.59 -33.91
C TYR N 160 32.59 1.00 -34.58
N THR N 161 33.03 0.16 -35.52
CA THR N 161 34.27 0.43 -36.24
C THR N 161 34.17 1.70 -37.09
N GLY N 162 32.97 2.00 -37.61
CA GLY N 162 32.70 3.28 -38.21
C GLY N 162 32.21 4.28 -37.18
N ASN N 163 31.78 5.44 -37.69
CA ASN N 163 31.11 6.45 -36.87
C ASN N 163 29.61 6.29 -37.13
N CYS N 164 28.88 5.80 -36.12
CA CYS N 164 27.45 5.55 -36.30
C CYS N 164 26.71 6.79 -36.75
N ALA N 165 27.18 7.97 -36.33
CA ALA N 165 26.47 9.19 -36.71
C ALA N 165 26.54 9.44 -38.21
N HIS N 166 27.58 8.93 -38.88
CA HIS N 166 27.65 9.07 -40.33
C HIS N 166 26.50 8.36 -41.02
N TYR N 167 26.03 7.25 -40.45
CA TYR N 167 25.00 6.43 -41.07
C TYR N 167 23.60 6.81 -40.59
N GLN N 168 23.43 7.07 -39.30
CA GLN N 168 22.10 7.30 -38.74
C GLN N 168 21.81 8.77 -38.49
N LYS N 169 22.82 9.64 -38.59
CA LYS N 169 22.69 11.07 -38.87
C LYS N 169 22.18 11.90 -37.71
N GLY N 170 22.19 11.37 -36.49
CA GLY N 170 21.91 12.15 -35.31
C GLY N 170 23.15 12.32 -34.44
N GLY N 171 22.97 13.10 -33.38
CA GLY N 171 23.82 12.99 -32.21
C GLY N 171 23.10 12.09 -31.22
N TRP N 172 23.78 11.05 -30.78
CA TRP N 172 23.12 10.03 -29.95
C TRP N 172 24.18 9.24 -29.20
N TRP N 173 23.71 8.53 -28.17
CA TRP N 173 24.54 7.58 -27.43
C TRP N 173 24.66 6.27 -28.20
N TYR N 174 25.17 6.37 -29.42
CA TYR N 174 25.18 5.22 -30.31
C TYR N 174 26.00 4.07 -29.73
N ASN N 175 25.57 2.84 -30.05
CA ASN N 175 26.25 1.62 -29.63
C ASN N 175 26.86 1.02 -30.86
N ALA N 176 26.24 0.02 -31.50
CA ALA N 176 26.73 -0.51 -32.79
C ALA N 176 25.57 -1.04 -33.65
N CYS N 177 24.63 -0.19 -34.03
CA CYS N 177 24.68 1.23 -33.72
C CYS N 177 23.52 1.72 -32.87
N ALA N 178 22.28 1.33 -33.20
CA ALA N 178 21.16 1.93 -32.48
C ALA N 178 19.91 1.06 -32.50
N HIS N 179 19.23 1.04 -31.35
CA HIS N 179 17.85 0.55 -31.28
C HIS N 179 16.84 1.68 -31.38
N SER N 180 17.24 2.90 -31.07
CA SER N 180 16.42 4.09 -31.23
C SER N 180 17.29 5.18 -31.84
N ASN N 181 16.67 6.08 -32.60
CA ASN N 181 17.41 7.12 -33.31
C ASN N 181 16.56 8.40 -33.36
N LEU N 182 16.16 8.88 -32.18
CA LEU N 182 15.18 9.95 -32.12
C LEU N 182 15.73 11.29 -32.62
N ASN N 183 17.04 11.43 -32.76
CA ASN N 183 17.63 12.62 -33.34
C ASN N 183 17.99 12.41 -34.82
N GLY N 184 17.42 11.40 -35.46
CA GLY N 184 17.70 11.11 -36.85
C GLY N 184 16.87 11.96 -37.80
N VAL N 185 16.72 11.48 -39.03
CA VAL N 185 16.11 12.25 -40.11
C VAL N 185 14.60 12.01 -40.10
N TRP N 186 13.84 13.10 -40.12
CA TRP N 186 12.38 13.07 -40.09
C TRP N 186 11.86 12.91 -41.52
N TYR N 187 11.23 11.77 -41.79
CA TYR N 187 10.66 11.49 -43.11
C TYR N 187 9.15 11.67 -43.03
N ARG N 188 8.58 12.40 -43.99
CA ARG N 188 7.13 12.56 -44.04
C ARG N 188 6.48 11.21 -44.36
N GLY N 189 5.42 10.88 -43.63
CA GLY N 189 4.63 9.70 -43.91
C GLY N 189 5.08 8.43 -43.21
N GLY N 190 6.20 8.46 -42.49
CA GLY N 190 6.62 7.31 -41.71
C GLY N 190 7.50 6.34 -42.47
N HIS N 191 6.87 5.49 -43.29
CA HIS N 191 7.64 4.58 -44.13
C HIS N 191 8.62 5.35 -45.01
N TYR N 192 9.87 4.93 -45.01
CA TYR N 192 10.88 5.55 -45.84
C TYR N 192 11.84 4.49 -46.31
N ARG N 193 12.55 4.78 -47.39
CA ARG N 193 13.62 3.90 -47.84
C ARG N 193 14.82 4.75 -48.22
N SER N 194 15.94 4.41 -47.61
CA SER N 194 17.19 5.14 -47.70
C SER N 194 18.30 4.10 -47.68
N ARG N 195 19.53 4.53 -47.94
CA ARG N 195 20.61 3.55 -47.93
C ARG N 195 20.77 2.93 -46.55
N TYR N 196 20.51 3.71 -45.50
CA TYR N 196 20.65 3.24 -44.13
C TYR N 196 19.43 3.63 -43.32
N GLN N 197 19.22 2.89 -42.23
CA GLN N 197 18.15 3.24 -41.29
C GLN N 197 18.57 4.47 -40.49
N ASP N 198 18.19 5.65 -40.98
CA ASP N 198 18.59 6.90 -40.33
C ASP N 198 17.40 7.77 -39.96
N GLY N 199 16.20 7.22 -39.95
CA GLY N 199 15.02 7.99 -39.59
C GLY N 199 14.85 8.16 -38.08
N VAL N 200 13.79 8.86 -37.73
CA VAL N 200 13.42 9.06 -36.33
C VAL N 200 12.72 7.79 -35.86
N TYR N 201 13.49 6.75 -35.50
CA TYR N 201 12.89 5.44 -35.26
C TYR N 201 13.09 4.97 -33.83
N TRP N 202 12.20 4.04 -33.45
CA TRP N 202 12.19 3.35 -32.17
C TRP N 202 11.92 1.90 -32.55
N ALA N 203 12.95 1.06 -32.51
CA ALA N 203 12.86 -0.23 -33.22
C ALA N 203 11.70 -1.07 -32.71
N GLU N 204 11.48 -1.11 -31.40
CA GLU N 204 10.46 -1.99 -30.84
C GLU N 204 9.04 -1.48 -31.11
N PHE N 205 8.87 -0.24 -31.56
CA PHE N 205 7.53 0.30 -31.85
C PHE N 205 7.15 0.05 -33.30
N ARG N 206 7.88 0.67 -34.24
CA ARG N 206 7.56 0.55 -35.65
C ARG N 206 8.76 0.11 -36.50
N GLY N 207 9.88 -0.22 -35.87
CA GLY N 207 11.01 -0.75 -36.60
C GLY N 207 11.94 0.35 -37.12
N GLY N 208 13.08 -0.10 -37.63
CA GLY N 208 14.13 0.81 -38.04
C GLY N 208 13.86 1.55 -39.33
N SER N 209 12.88 1.12 -40.12
CA SER N 209 12.60 1.76 -41.40
C SER N 209 11.31 2.57 -41.38
N TYR N 210 10.93 3.07 -40.21
CA TYR N 210 9.71 3.87 -40.05
C TYR N 210 10.02 5.09 -39.18
N SER N 211 9.78 6.28 -39.71
CA SER N 211 10.08 7.53 -39.01
C SER N 211 8.85 8.02 -38.25
N LEU N 212 9.02 8.26 -36.96
CA LEU N 212 7.90 8.67 -36.12
C LEU N 212 7.54 10.13 -36.38
N LYS N 213 6.25 10.42 -36.28
CA LYS N 213 5.76 11.75 -36.65
C LYS N 213 6.02 12.76 -35.54
N LYS N 214 5.70 12.41 -34.29
CA LYS N 214 5.87 13.31 -33.17
C LYS N 214 6.59 12.56 -32.06
N VAL N 215 7.63 13.18 -31.51
CA VAL N 215 8.46 12.57 -30.49
C VAL N 215 8.77 13.64 -29.46
N VAL N 216 8.67 13.30 -28.17
CA VAL N 216 9.05 14.24 -27.12
C VAL N 216 9.83 13.47 -26.06
N MET N 217 11.01 14.00 -25.70
CA MET N 217 11.79 13.53 -24.57
C MET N 217 11.69 14.58 -23.47
N MET N 218 11.18 14.18 -22.31
CA MET N 218 10.94 15.12 -21.22
C MET N 218 11.31 14.46 -19.89
N ILE N 219 11.74 15.30 -18.94
CA ILE N 219 12.27 14.82 -17.68
C ILE N 219 11.60 15.55 -16.52
N ARG N 220 11.64 14.90 -15.35
CA ARG N 220 10.95 15.38 -14.17
C ARG N 220 11.62 14.75 -12.95
N PRO N 221 11.70 15.48 -11.83
CA PRO N 221 12.29 14.88 -10.62
C PRO N 221 11.56 13.60 -10.23
N ASN N 222 12.35 12.58 -9.85
CA ASN N 222 11.81 11.29 -9.40
C ASN N 222 12.48 10.90 -8.09
N PRO N 223 12.08 11.53 -6.97
CA PRO N 223 12.54 11.09 -5.65
C PRO N 223 11.94 9.74 -5.23
N PRO O 8 21.67 48.09 12.54
CA PRO O 8 22.17 47.22 13.61
C PRO O 8 21.97 47.83 15.01
N TRP O 9 20.72 47.90 15.44
CA TRP O 9 20.32 48.62 16.63
C TRP O 9 19.73 47.67 17.65
N ARG O 10 19.62 48.13 18.90
CA ARG O 10 18.91 47.33 19.89
C ARG O 10 17.41 47.27 19.58
N ASP O 11 16.84 48.33 19.01
CA ASP O 11 15.42 48.32 18.63
C ASP O 11 15.17 49.52 17.73
N CYS O 12 13.90 49.72 17.37
CA CYS O 12 13.54 50.84 16.51
C CYS O 12 13.53 52.16 17.25
N LEU O 13 13.38 52.16 18.58
CA LEU O 13 13.48 53.41 19.31
C LEU O 13 14.89 53.98 19.18
N GLN O 14 15.91 53.13 19.29
CA GLN O 14 17.27 53.60 19.16
C GLN O 14 17.68 53.77 17.71
N ALA O 15 16.94 53.22 16.76
CA ALA O 15 17.06 53.66 15.39
C ALA O 15 16.58 55.08 15.26
N LEU O 16 15.38 55.38 15.78
CA LEU O 16 14.81 56.72 15.69
C LEU O 16 15.68 57.73 16.42
N GLU O 17 16.24 57.34 17.58
CA GLU O 17 17.08 58.25 18.35
C GLU O 17 18.24 58.77 17.53
N ASP O 18 18.74 57.97 16.58
CA ASP O 18 19.85 58.35 15.71
C ASP O 18 19.36 58.83 14.34
N GLY O 19 18.15 59.37 14.28
CA GLY O 19 17.72 60.17 13.15
C GLY O 19 16.81 59.51 12.14
N HIS O 20 16.45 58.25 12.31
CA HIS O 20 15.73 57.52 11.28
C HIS O 20 14.23 57.71 11.48
N ASP O 21 13.67 58.51 10.58
CA ASP O 21 12.35 59.10 10.61
C ASP O 21 11.40 58.32 9.72
N THR O 22 11.82 57.13 9.30
CA THR O 22 11.21 56.38 8.21
C THR O 22 10.42 55.21 8.78
N SER O 23 9.18 55.04 8.32
CA SER O 23 8.45 53.80 8.57
C SER O 23 8.95 52.76 7.58
N SER O 24 9.71 51.76 8.06
CA SER O 24 10.31 50.81 7.13
C SER O 24 10.92 49.65 7.90
N ILE O 25 11.77 48.88 7.21
CA ILE O 25 12.35 47.64 7.72
C ILE O 25 13.71 47.95 8.33
N TYR O 26 14.03 47.28 9.42
CA TYR O 26 15.26 47.56 10.12
C TYR O 26 15.82 46.29 10.75
N LEU O 27 17.14 46.29 10.91
CA LEU O 27 17.88 45.15 11.42
C LEU O 27 18.20 45.40 12.88
N VAL O 28 18.11 44.35 13.69
CA VAL O 28 18.10 44.50 15.15
C VAL O 28 18.83 43.36 15.83
N LYS O 29 19.50 43.69 16.95
CA LYS O 29 20.24 42.69 17.72
C LYS O 29 20.13 42.98 19.22
N PRO O 30 19.33 42.21 19.97
CA PRO O 30 19.20 42.47 21.40
C PRO O 30 20.52 42.26 22.16
N GLU O 31 20.55 42.79 23.38
CA GLU O 31 21.81 42.94 24.10
C GLU O 31 22.42 41.60 24.49
N ASN O 32 21.62 40.66 25.00
CA ASN O 32 22.15 39.50 25.71
C ASN O 32 22.25 38.25 24.83
N THR O 33 22.43 38.42 23.53
CA THR O 33 22.68 37.31 22.62
C THR O 33 23.16 37.94 21.31
N ASN O 34 23.57 37.08 20.38
CA ASN O 34 24.01 37.58 19.08
C ASN O 34 23.01 37.31 17.97
N ARG O 35 21.80 36.92 18.33
CA ARG O 35 20.74 36.73 17.33
C ARG O 35 20.45 38.04 16.61
N LEU O 36 20.31 37.97 15.29
CA LEU O 36 19.91 39.12 14.49
C LEU O 36 18.55 38.85 13.87
N MET O 37 17.77 39.91 13.70
CA MET O 37 16.43 39.80 13.15
C MET O 37 16.12 41.04 12.31
N GLN O 38 15.07 40.90 11.50
CA GLN O 38 14.49 41.98 10.72
C GLN O 38 13.16 42.37 11.36
N VAL O 39 12.88 43.67 11.44
CA VAL O 39 11.66 44.17 12.07
C VAL O 39 11.13 45.36 11.29
N TRP O 40 9.82 45.59 11.37
CA TRP O 40 9.19 46.77 10.81
C TRP O 40 8.99 47.78 11.94
N CYS O 41 9.37 49.04 11.68
CA CYS O 41 9.27 50.09 12.68
C CYS O 41 8.22 51.11 12.25
N ASP O 42 7.24 51.35 13.13
CA ASP O 42 6.29 52.44 12.94
C ASP O 42 6.86 53.66 13.65
N GLN O 43 7.39 54.61 12.88
CA GLN O 43 8.03 55.79 13.44
C GLN O 43 7.16 57.04 13.32
N ARG O 44 5.88 56.88 12.97
CA ARG O 44 4.95 57.99 12.82
C ARG O 44 3.82 57.97 13.84
N HIS O 45 3.43 56.80 14.35
CA HIS O 45 2.46 56.74 15.42
C HIS O 45 3.10 57.21 16.72
N ASP O 46 2.54 58.25 17.32
CA ASP O 46 3.20 58.90 18.44
C ASP O 46 3.49 57.91 19.56
N PRO O 47 4.66 57.99 20.21
CA PRO O 47 5.72 58.97 19.91
C PRO O 47 6.76 58.47 18.90
N GLY O 48 6.39 57.47 18.11
CA GLY O 48 7.32 56.86 17.18
C GLY O 48 8.27 55.90 17.87
N GLY O 49 9.05 55.20 17.06
CA GLY O 49 9.98 54.22 17.59
C GLY O 49 9.35 52.90 17.93
N TRP O 50 8.23 52.56 17.30
CA TRP O 50 7.51 51.33 17.60
C TRP O 50 8.06 50.19 16.74
N THR O 51 8.35 49.06 17.37
CA THR O 51 8.75 47.84 16.68
C THR O 51 7.51 46.97 16.48
N VAL O 52 7.08 46.80 15.23
CA VAL O 52 5.90 46.00 14.92
C VAL O 52 6.25 44.52 15.04
N ILE O 53 5.56 43.82 15.93
CA ILE O 53 5.77 42.38 16.10
C ILE O 53 4.65 41.54 15.51
N GLN O 54 3.54 42.15 15.10
CA GLN O 54 2.41 41.42 14.54
C GLN O 54 1.52 42.44 13.84
N ARG O 55 0.98 42.05 12.69
CA ARG O 55 0.08 42.92 11.95
C ARG O 55 -0.82 42.07 11.07
N ARG O 56 -2.11 42.40 11.08
CA ARG O 56 -3.11 41.82 10.21
C ARG O 56 -3.74 42.92 9.38
N LEU O 57 -4.06 42.63 8.12
CA LEU O 57 -4.63 43.67 7.28
C LEU O 57 -5.55 43.18 6.17
N ASP O 58 -5.31 41.99 5.63
CA ASP O 58 -6.01 41.61 4.41
C ASP O 58 -6.14 40.11 4.20
N GLY O 59 -5.79 39.29 5.19
CA GLY O 59 -5.99 37.86 5.05
C GLY O 59 -5.08 37.21 4.04
N SER O 60 -4.02 37.89 3.62
CA SER O 60 -3.11 37.34 2.63
C SER O 60 -2.19 36.28 3.19
N VAL O 61 -2.00 36.25 4.50
CA VAL O 61 -1.01 35.39 5.14
C VAL O 61 -1.73 34.39 6.05
N ASN O 62 -1.15 33.19 6.14
CA ASN O 62 -1.74 32.11 6.91
C ASN O 62 -1.13 32.08 8.31
N PHE O 63 -1.98 32.23 9.33
CA PHE O 63 -1.53 32.28 10.72
C PHE O 63 -1.80 30.99 11.48
N PHE O 64 -2.47 30.02 10.86
CA PHE O 64 -2.67 28.69 11.44
C PHE O 64 -1.38 27.90 11.23
N ARG O 65 -0.40 28.14 12.10
CA ARG O 65 0.95 27.62 11.91
C ARG O 65 1.45 26.90 13.16
N ASN O 66 2.49 26.10 12.97
CA ASN O 66 3.01 25.27 14.05
C ASN O 66 4.08 26.03 14.84
N TRP O 67 4.60 25.35 15.86
CA TRP O 67 5.50 25.99 16.82
C TRP O 67 6.75 26.57 16.14
N GLU O 68 7.38 25.79 15.26
CA GLU O 68 8.63 26.26 14.67
C GLU O 68 8.40 27.48 13.80
N THR O 69 7.29 27.53 13.07
CA THR O 69 6.98 28.71 12.29
C THR O 69 6.66 29.89 13.20
N TYR O 70 5.96 29.64 14.31
CA TYR O 70 5.69 30.71 15.26
C TYR O 70 6.95 31.09 16.04
N LYS O 71 7.81 30.13 16.34
CA LYS O 71 9.05 30.48 17.02
C LYS O 71 9.95 31.34 16.14
N GLN O 72 9.97 31.05 14.83
CA GLN O 72 10.92 31.71 13.94
C GLN O 72 10.38 32.98 13.31
N GLY O 73 9.09 33.02 13.02
CA GLY O 73 8.49 34.14 12.32
C GLY O 73 8.02 33.75 10.93
N PHE O 74 7.07 34.51 10.43
CA PHE O 74 6.50 34.20 9.11
C PHE O 74 5.73 35.40 8.59
N GLY O 75 5.48 35.37 7.30
CA GLY O 75 4.71 36.38 6.61
C GLY O 75 5.57 37.29 5.76
N ASN O 76 5.00 38.46 5.44
CA ASN O 76 5.70 39.51 4.70
C ASN O 76 5.94 40.67 5.65
N ILE O 77 7.22 40.92 5.97
CA ILE O 77 7.60 42.09 6.75
C ILE O 77 7.01 43.36 6.13
N ASP O 78 6.63 43.30 4.86
CA ASP O 78 5.97 44.32 4.07
C ASP O 78 4.47 44.41 4.32
N GLY O 79 3.92 43.44 5.05
CA GLY O 79 2.48 43.38 5.21
C GLY O 79 2.16 42.61 6.47
N GLU O 80 1.29 41.60 6.38
CA GLU O 80 0.96 40.80 7.55
C GLU O 80 2.13 39.91 7.95
N TYR O 81 2.47 39.90 9.23
CA TYR O 81 3.53 39.02 9.68
C TYR O 81 3.47 38.81 11.18
N TRP O 82 4.18 37.77 11.61
CA TRP O 82 4.45 37.47 13.00
C TRP O 82 5.97 37.44 13.16
N LEU O 83 6.48 38.13 14.18
CA LEU O 83 7.92 38.34 14.26
C LEU O 83 8.67 37.10 14.73
N GLY O 84 8.07 36.31 15.62
CA GLY O 84 8.73 35.10 16.14
C GLY O 84 8.94 35.17 17.63
N LEU O 85 8.59 34.07 18.30
CA LEU O 85 8.65 34.03 19.76
C LEU O 85 10.07 34.27 20.28
N GLU O 86 11.05 33.54 19.75
CA GLU O 86 12.41 33.65 20.30
C GLU O 86 12.95 35.07 20.12
N ASN O 87 12.73 35.68 18.96
CA ASN O 87 13.07 37.08 18.77
C ASN O 87 12.43 37.95 19.85
N ILE O 88 11.11 37.83 20.03
CA ILE O 88 10.41 38.70 20.96
C ILE O 88 10.87 38.46 22.38
N TYR O 89 11.34 37.25 22.68
CA TYR O 89 11.87 37.00 24.01
C TYR O 89 13.11 37.83 24.27
N TRP O 90 14.06 37.80 23.32
CA TRP O 90 15.30 38.56 23.48
C TRP O 90 15.00 40.03 23.65
N LEU O 91 14.04 40.54 22.86
CA LEU O 91 13.71 41.96 22.92
C LEU O 91 13.21 42.32 24.31
N THR O 92 12.21 41.62 24.78
CA THR O 92 11.53 42.08 25.98
C THR O 92 12.28 41.74 27.25
N ASN O 93 13.37 40.99 27.17
CA ASN O 93 14.12 40.62 28.36
C ASN O 93 15.42 41.40 28.52
N GLN O 94 15.75 42.27 27.56
CA GLN O 94 16.87 43.19 27.75
C GLN O 94 16.50 44.42 28.54
N GLY O 95 15.20 44.66 28.71
CA GLY O 95 14.71 45.83 29.42
C GLY O 95 13.20 45.83 29.41
N ASN O 96 12.62 46.92 29.91
CA ASN O 96 11.17 47.01 30.05
C ASN O 96 10.56 47.63 28.80
N TYR O 97 9.75 46.85 28.09
CA TYR O 97 9.03 47.31 26.91
C TYR O 97 7.54 47.38 27.22
N LYS O 98 6.87 48.37 26.65
CA LYS O 98 5.42 48.46 26.69
C LYS O 98 4.86 47.92 25.38
N LEU O 99 3.60 47.51 25.42
CA LEU O 99 2.90 47.01 24.25
C LEU O 99 1.70 47.89 23.92
N LEU O 100 1.58 48.27 22.65
CA LEU O 100 0.41 48.94 22.11
C LEU O 100 -0.23 48.04 21.07
N VAL O 101 -1.52 47.76 21.25
CA VAL O 101 -2.32 47.04 20.26
C VAL O 101 -3.31 48.03 19.67
N THR O 102 -3.21 48.25 18.36
CA THR O 102 -4.19 49.06 17.64
C THR O 102 -5.13 48.15 16.85
N MET O 103 -6.41 48.52 16.83
CA MET O 103 -7.42 47.70 16.15
C MET O 103 -8.40 48.61 15.43
N GLU O 104 -8.81 48.20 14.23
CA GLU O 104 -9.80 48.91 13.42
C GLU O 104 -10.86 47.91 12.97
N ASP O 105 -12.14 48.25 13.15
CA ASP O 105 -13.22 47.38 12.68
C ASP O 105 -13.56 47.74 11.23
N TRP O 106 -14.59 47.08 10.69
CA TRP O 106 -14.93 47.23 9.27
C TRP O 106 -15.76 48.48 8.99
N SER O 107 -16.07 49.27 10.01
CA SER O 107 -16.71 50.56 9.84
C SER O 107 -15.74 51.72 10.08
N GLY O 108 -14.45 51.44 10.25
CA GLY O 108 -13.44 52.46 10.41
C GLY O 108 -13.21 52.95 11.82
N ARG O 109 -13.86 52.36 12.81
CA ARG O 109 -13.65 52.76 14.20
C ARG O 109 -12.34 52.15 14.70
N LYS O 110 -11.52 52.97 15.37
CA LYS O 110 -10.19 52.56 15.81
C LYS O 110 -10.11 52.66 17.32
N VAL O 111 -9.62 51.59 17.94
CA VAL O 111 -9.43 51.53 19.39
C VAL O 111 -8.03 51.00 19.64
N PHE O 112 -7.64 51.03 20.91
CA PHE O 112 -6.33 50.54 21.29
C PHE O 112 -6.37 49.94 22.68
N ALA O 113 -5.37 49.11 22.96
CA ALA O 113 -5.12 48.57 24.29
C ALA O 113 -3.61 48.66 24.51
N GLU O 114 -3.20 49.24 25.63
CA GLU O 114 -1.79 49.49 25.92
C GLU O 114 -1.45 48.85 27.26
N TYR O 115 -0.26 48.25 27.34
CA TYR O 115 0.15 47.50 28.51
C TYR O 115 1.52 47.98 28.96
N ALA O 116 1.64 48.30 30.24
CA ALA O 116 2.80 49.04 30.73
C ALA O 116 4.08 48.21 30.60
N SER O 117 3.96 46.89 30.64
CA SER O 117 5.10 46.01 30.39
C SER O 117 4.60 44.80 29.62
N PHE O 118 5.42 44.35 28.68
CA PHE O 118 5.13 43.19 27.85
C PHE O 118 6.44 42.43 27.69
N ARG O 119 6.48 41.20 28.21
CA ARG O 119 7.69 40.39 28.18
C ARG O 119 7.32 38.94 27.96
N LEU O 120 8.13 38.25 27.18
CA LEU O 120 8.01 36.83 26.94
C LEU O 120 9.18 36.10 27.60
N GLU O 121 8.87 35.07 28.37
CA GLU O 121 9.90 34.22 28.93
C GLU O 121 10.48 33.38 27.81
N PRO O 122 11.57 32.64 28.07
CA PRO O 122 12.22 31.91 26.98
C PRO O 122 11.40 30.69 26.60
N GLU O 123 11.72 30.15 25.42
CA GLU O 123 11.05 28.92 25.01
C GLU O 123 11.12 27.88 26.12
N SER O 124 12.17 27.91 26.93
CA SER O 124 12.35 26.91 27.98
C SER O 124 11.16 26.87 28.92
N GLU O 125 10.42 27.97 29.07
CA GLU O 125 9.16 27.98 29.81
C GLU O 125 7.99 28.27 28.88
N TYR O 126 8.14 27.94 27.60
CA TYR O 126 7.07 27.99 26.59
C TYR O 126 6.64 29.41 26.27
N TYR O 127 7.56 30.36 26.33
CA TYR O 127 7.29 31.75 25.94
C TYR O 127 6.09 32.30 26.70
N LYS O 128 6.02 31.97 27.99
CA LYS O 128 4.97 32.46 28.86
C LYS O 128 4.86 33.97 28.78
N LEU O 129 3.63 34.47 28.77
CA LEU O 129 3.37 35.89 28.63
C LEU O 129 3.42 36.57 29.99
N ARG O 130 4.14 37.69 30.05
CA ARG O 130 4.18 38.54 31.23
C ARG O 130 3.67 39.92 30.80
N LEU O 131 2.50 40.30 31.33
CA LEU O 131 1.82 41.53 30.95
C LEU O 131 1.72 42.47 32.13
N GLY O 132 1.97 43.75 31.88
CA GLY O 132 1.82 44.78 32.88
C GLY O 132 0.44 45.41 32.86
N ARG O 133 0.35 46.59 33.47
CA ARG O 133 -0.95 47.22 33.67
C ARG O 133 -1.54 47.71 32.36
N TYR O 134 -2.87 47.61 32.27
CA TYR O 134 -3.62 47.98 31.07
C TYR O 134 -4.09 49.42 31.14
N HIS O 135 -4.03 50.11 30.00
CA HIS O 135 -4.77 51.33 29.73
C HIS O 135 -5.29 51.25 28.31
N GLY O 136 -6.56 51.55 28.10
CA GLY O 136 -7.05 51.55 26.73
C GLY O 136 -8.49 51.99 26.62
N ASN O 137 -8.95 52.08 25.38
CA ASN O 137 -10.36 52.27 25.09
C ASN O 137 -10.97 51.12 24.31
N ALA O 138 -10.22 50.04 24.07
CA ALA O 138 -10.78 48.86 23.43
C ALA O 138 -11.40 47.90 24.44
N GLY O 139 -11.08 48.07 25.71
CA GLY O 139 -11.36 47.04 26.70
C GLY O 139 -10.19 46.09 26.81
N ASP O 140 -10.04 45.50 27.99
CA ASP O 140 -8.89 44.65 28.27
C ASP O 140 -9.24 43.19 28.02
N SER O 141 -8.95 42.72 26.80
CA SER O 141 -9.15 41.33 26.42
C SER O 141 -7.85 40.53 26.37
N PHE O 142 -6.78 41.05 26.97
CA PHE O 142 -5.47 40.40 26.95
C PHE O 142 -4.97 39.99 28.32
N THR O 143 -5.38 40.69 29.39
CA THR O 143 -4.85 40.37 30.71
C THR O 143 -5.29 38.97 31.18
N TRP O 144 -6.45 38.49 30.72
CA TRP O 144 -6.83 37.10 31.02
C TRP O 144 -5.80 36.10 30.53
N HIS O 145 -4.97 36.48 29.58
CA HIS O 145 -3.94 35.61 29.02
C HIS O 145 -2.60 35.77 29.73
N ASN O 146 -2.52 36.68 30.70
CA ASN O 146 -1.28 36.91 31.43
C ASN O 146 -0.85 35.64 32.16
N GLY O 147 0.42 35.32 32.08
CA GLY O 147 0.95 34.15 32.74
C GLY O 147 0.66 32.84 32.04
N LYS O 148 0.07 32.89 30.85
CA LYS O 148 -0.20 31.67 30.11
C LYS O 148 0.92 31.36 29.13
N GLN O 149 1.16 30.06 28.95
CA GLN O 149 2.13 29.61 27.98
C GLN O 149 1.58 29.77 26.56
N PHE O 150 2.48 29.87 25.60
CA PHE O 150 2.10 29.88 24.19
C PHE O 150 1.68 28.48 23.77
N THR O 151 0.74 28.42 22.82
CA THR O 151 0.23 27.15 22.33
C THR O 151 0.07 27.24 20.82
N THR O 152 0.37 26.13 20.13
CA THR O 152 0.18 26.03 18.69
C THR O 152 -0.52 24.72 18.37
N LEU O 153 -0.91 24.57 17.11
CA LEU O 153 -1.74 23.42 16.72
C LEU O 153 -1.02 22.11 17.00
N ASP O 154 0.32 22.12 17.03
CA ASP O 154 1.09 20.92 17.29
C ASP O 154 1.70 20.87 18.68
N ARG O 155 1.49 21.89 19.51
CA ARG O 155 2.06 21.90 20.86
C ARG O 155 1.05 22.55 21.81
N ASP O 156 0.39 21.72 22.61
CA ASP O 156 -0.71 22.15 23.47
C ASP O 156 -0.16 22.48 24.86
N HIS O 157 -0.14 23.76 25.21
CA HIS O 157 0.31 24.19 26.53
C HIS O 157 -0.75 25.01 27.27
N ASP O 158 -2.01 24.97 26.83
CA ASP O 158 -3.07 25.75 27.46
C ASP O 158 -3.66 24.96 28.63
N VAL O 159 -4.69 25.50 29.26
CA VAL O 159 -5.34 24.83 30.38
C VAL O 159 -6.72 24.30 30.00
N TYR O 160 -6.99 24.15 28.70
CA TYR O 160 -8.20 23.49 28.23
C TYR O 160 -7.90 22.00 28.03
N THR O 161 -8.93 21.17 28.20
CA THR O 161 -8.76 19.74 27.94
C THR O 161 -8.37 19.50 26.49
N GLY O 162 -8.93 20.29 25.56
CA GLY O 162 -8.53 20.26 24.18
C GLY O 162 -7.30 21.13 23.93
N ASN O 163 -6.97 21.27 22.65
CA ASN O 163 -5.94 22.20 22.18
C ASN O 163 -6.66 23.43 21.63
N CYS O 164 -6.54 24.57 22.33
CA CYS O 164 -7.27 25.76 21.91
C CYS O 164 -6.91 26.18 20.48
N ALA O 165 -5.68 25.89 20.04
CA ALA O 165 -5.29 26.29 18.69
C ALA O 165 -6.08 25.52 17.63
N HIS O 166 -6.55 24.32 17.96
CA HIS O 166 -7.41 23.60 17.02
C HIS O 166 -8.72 24.34 16.81
N TYR O 167 -9.22 25.02 17.83
CA TYR O 167 -10.50 25.72 17.76
C TYR O 167 -10.34 27.15 17.26
N GLN O 168 -9.42 27.92 17.86
CA GLN O 168 -9.30 29.33 17.53
C GLN O 168 -8.30 29.59 16.41
N LYS O 169 -7.48 28.61 16.08
CA LYS O 169 -6.70 28.53 14.85
C LYS O 169 -5.49 29.45 14.80
N GLY O 170 -5.01 29.93 15.95
CA GLY O 170 -3.81 30.74 16.00
C GLY O 170 -2.72 30.10 16.84
N GLY O 171 -1.57 30.78 16.84
CA GLY O 171 -0.61 30.64 17.91
C GLY O 171 -0.85 31.79 18.89
N TRP O 172 -0.98 31.43 20.16
CA TRP O 172 -1.41 32.41 21.16
C TRP O 172 -1.17 31.85 22.55
N TRP O 173 -1.22 32.75 23.55
CA TRP O 173 -1.15 32.35 24.95
C TRP O 173 -2.55 31.98 25.46
N TYR O 174 -3.09 30.92 24.85
CA TYR O 174 -4.46 30.52 25.11
C TYR O 174 -4.66 30.09 26.56
N ASN O 175 -5.82 30.45 27.11
CA ASN O 175 -6.26 30.07 28.45
C ASN O 175 -7.24 28.91 28.31
N ALA O 176 -8.54 29.21 28.31
CA ALA O 176 -9.54 28.20 27.99
C ALA O 176 -10.83 28.81 27.45
N CYS O 177 -10.77 29.50 26.30
CA CYS O 177 -9.57 29.54 25.49
C CYS O 177 -9.05 30.96 25.19
N ALA O 178 -9.94 31.91 24.84
CA ALA O 178 -9.41 33.22 24.51
C ALA O 178 -10.43 34.34 24.70
N HIS O 179 -9.94 35.45 25.25
CA HIS O 179 -10.64 36.72 25.19
C HIS O 179 -10.17 37.57 24.01
N SER O 180 -8.97 37.32 23.50
CA SER O 180 -8.49 37.92 22.26
C SER O 180 -7.84 36.83 21.42
N ASN O 181 -7.93 36.98 20.11
CA ASN O 181 -7.48 35.94 19.18
C ASN O 181 -6.90 36.60 17.93
N LEU O 182 -5.93 37.50 18.13
CA LEU O 182 -5.46 38.36 17.04
C LEU O 182 -4.70 37.59 15.98
N ASN O 183 -4.24 36.36 16.28
CA ASN O 183 -3.59 35.51 15.30
C ASN O 183 -4.55 34.51 14.67
N GLY O 184 -5.84 34.76 14.78
CA GLY O 184 -6.84 33.85 14.25
C GLY O 184 -7.11 34.09 12.77
N VAL O 185 -8.28 33.63 12.34
CA VAL O 185 -8.65 33.67 10.93
C VAL O 185 -9.23 35.04 10.60
N TRP O 186 -8.72 35.65 9.54
CA TRP O 186 -9.19 36.95 9.07
C TRP O 186 -10.40 36.75 8.18
N TYR O 187 -11.58 37.18 8.66
CA TYR O 187 -12.82 37.12 7.89
C TYR O 187 -13.11 38.50 7.31
N ARG O 188 -13.44 38.54 6.02
CA ARG O 188 -13.82 39.79 5.38
C ARG O 188 -15.17 40.28 5.92
N GLY O 189 -15.28 41.59 6.10
CA GLY O 189 -16.54 42.19 6.49
C GLY O 189 -16.87 42.13 7.97
N GLY O 190 -16.04 41.49 8.79
CA GLY O 190 -16.22 41.52 10.23
C GLY O 190 -17.10 40.41 10.77
N HIS O 191 -18.42 40.57 10.64
CA HIS O 191 -19.33 39.56 11.17
C HIS O 191 -19.08 38.24 10.45
N TYR O 192 -19.01 37.16 11.21
CA TYR O 192 -18.83 35.83 10.64
C TYR O 192 -19.57 34.83 11.50
N ARG O 193 -20.02 33.74 10.87
CA ARG O 193 -20.61 32.60 11.55
C ARG O 193 -19.76 31.38 11.22
N SER O 194 -19.13 30.81 12.23
CA SER O 194 -18.33 29.61 12.10
C SER O 194 -18.73 28.67 13.23
N ARG O 195 -18.33 27.40 13.10
CA ARG O 195 -18.62 26.46 14.18
C ARG O 195 -17.99 26.91 15.48
N TYR O 196 -16.78 27.46 15.42
CA TYR O 196 -16.11 28.02 16.58
C TYR O 196 -15.70 29.47 16.30
N GLN O 197 -15.55 30.24 17.38
CA GLN O 197 -15.12 31.64 17.28
C GLN O 197 -13.62 31.64 17.08
N ASP O 198 -13.19 31.68 15.81
CA ASP O 198 -11.78 31.59 15.46
C ASP O 198 -11.33 32.80 14.64
N GLY O 199 -12.10 33.89 14.66
CA GLY O 199 -11.75 35.09 13.93
C GLY O 199 -10.72 35.93 14.67
N VAL O 200 -10.28 36.99 13.99
CA VAL O 200 -9.33 37.94 14.58
C VAL O 200 -10.10 38.86 15.51
N TYR O 201 -10.36 38.40 16.73
CA TYR O 201 -11.31 39.10 17.58
C TYR O 201 -10.68 39.60 18.87
N TRP O 202 -11.35 40.61 19.42
CA TRP O 202 -11.00 41.27 20.68
C TRP O 202 -12.33 41.41 21.41
N ALA O 203 -12.56 40.56 22.41
CA ALA O 203 -13.92 40.34 22.89
C ALA O 203 -14.54 41.62 23.44
N GLU O 204 -13.78 42.38 24.23
CA GLU O 204 -14.33 43.58 24.85
C GLU O 204 -14.67 44.66 23.83
N PHE O 205 -14.18 44.54 22.60
CA PHE O 205 -14.39 45.56 21.56
C PHE O 205 -15.62 45.20 20.73
N ARG O 206 -15.52 44.17 19.88
CA ARG O 206 -16.63 43.78 19.03
C ARG O 206 -17.08 42.33 19.26
N GLY O 207 -16.61 41.68 20.32
CA GLY O 207 -17.09 40.36 20.65
C GLY O 207 -16.37 39.27 19.87
N GLY O 208 -16.69 38.02 20.24
CA GLY O 208 -15.99 36.88 19.70
C GLY O 208 -16.36 36.54 18.26
N SER O 209 -17.50 37.02 17.77
CA SER O 209 -17.96 36.67 16.44
C SER O 209 -17.74 37.79 15.43
N TYR O 210 -16.75 38.65 15.68
CA TYR O 210 -16.44 39.76 14.79
C TYR O 210 -14.94 39.77 14.55
N SER O 211 -14.56 39.71 13.28
CA SER O 211 -13.17 39.72 12.87
C SER O 211 -12.74 41.14 12.49
N LEU O 212 -11.66 41.61 13.10
CA LEU O 212 -11.20 42.98 12.90
C LEU O 212 -10.51 43.13 11.55
N LYS O 213 -10.77 44.26 10.88
CA LYS O 213 -10.22 44.47 9.54
C LYS O 213 -8.72 44.72 9.60
N LYS O 214 -8.25 45.42 10.63
CA LYS O 214 -6.85 45.79 10.70
C LYS O 214 -6.37 45.79 12.13
N VAL O 215 -5.21 45.15 12.34
CA VAL O 215 -4.65 44.96 13.67
C VAL O 215 -3.14 45.14 13.61
N VAL O 216 -2.57 45.79 14.61
CA VAL O 216 -1.12 45.86 14.77
C VAL O 216 -0.78 45.72 16.25
N MET O 217 0.19 44.86 16.55
CA MET O 217 0.82 44.77 17.87
C MET O 217 2.24 45.32 17.73
N MET O 218 2.61 46.26 18.60
CA MET O 218 3.93 46.87 18.50
C MET O 218 4.42 47.29 19.88
N ILE O 219 5.75 47.31 20.03
CA ILE O 219 6.37 47.50 21.33
C ILE O 219 7.39 48.64 21.26
N ARG O 220 7.73 49.17 22.43
CA ARG O 220 8.58 50.34 22.54
C ARG O 220 9.19 50.34 23.93
N PRO O 221 10.44 50.77 24.09
CA PRO O 221 10.96 51.02 25.44
C PRO O 221 10.03 51.98 26.16
N ASN O 222 9.66 51.63 27.39
CA ASN O 222 8.71 52.44 28.14
C ASN O 222 9.46 53.54 28.87
N PRO O 223 9.13 54.83 28.65
CA PRO O 223 9.83 55.92 29.33
C PRO O 223 9.56 55.93 30.83
N PRO P 8 44.81 32.08 -6.59
CA PRO P 8 45.12 32.73 -7.87
C PRO P 8 45.91 31.96 -8.94
N TRP P 9 46.34 30.71 -8.71
CA TRP P 9 47.06 29.96 -9.73
C TRP P 9 46.28 28.72 -10.14
N ARG P 10 46.37 28.38 -11.42
CA ARG P 10 45.67 27.18 -11.91
C ARG P 10 46.32 25.90 -11.41
N ASP P 11 47.62 25.95 -11.09
CA ASP P 11 48.37 24.81 -10.59
C ASP P 11 49.75 25.36 -10.24
N CYS P 12 50.64 24.50 -9.74
CA CYS P 12 51.93 24.99 -9.25
C CYS P 12 52.92 25.28 -10.38
N LEU P 13 52.66 24.78 -11.59
CA LEU P 13 53.52 25.16 -12.71
C LEU P 13 53.33 26.62 -13.07
N GLN P 14 52.08 27.10 -13.00
CA GLN P 14 51.83 28.51 -13.27
C GLN P 14 52.54 29.40 -12.26
N ALA P 15 52.61 28.96 -11.00
CA ALA P 15 53.34 29.73 -10.00
C ALA P 15 54.82 29.77 -10.30
N LEU P 16 55.40 28.65 -10.72
CA LEU P 16 56.83 28.61 -11.03
C LEU P 16 57.16 29.57 -12.16
N GLU P 17 56.33 29.59 -13.21
CA GLU P 17 56.60 30.43 -14.37
C GLU P 17 56.75 31.89 -13.96
N ASP P 18 55.96 32.34 -13.00
CA ASP P 18 55.94 33.74 -12.57
C ASP P 18 56.84 34.00 -11.38
N GLY P 19 57.88 33.19 -11.20
CA GLY P 19 58.97 33.51 -10.30
C GLY P 19 58.99 32.75 -8.99
N HIS P 20 58.00 31.92 -8.71
CA HIS P 20 57.89 31.26 -7.41
C HIS P 20 58.60 29.91 -7.51
N ASP P 21 59.87 29.93 -7.12
CA ASP P 21 60.81 28.83 -7.26
C ASP P 21 61.01 28.05 -5.97
N THR P 22 60.33 28.42 -4.90
CA THR P 22 60.54 27.84 -3.59
C THR P 22 59.40 26.87 -3.28
N SER P 23 59.75 25.67 -2.84
CA SER P 23 58.73 24.69 -2.44
C SER P 23 58.10 25.13 -1.12
N SER P 24 56.81 25.45 -1.17
CA SER P 24 56.08 25.91 0.01
C SER P 24 54.59 25.77 -0.28
N ILE P 25 53.78 26.46 0.52
CA ILE P 25 52.33 26.42 0.39
C ILE P 25 51.90 27.51 -0.58
N TYR P 26 50.93 27.17 -1.44
CA TYR P 26 50.49 28.08 -2.49
C TYR P 26 48.99 27.88 -2.68
N LEU P 27 48.32 28.92 -3.15
CA LEU P 27 46.87 28.92 -3.32
C LEU P 27 46.53 28.71 -4.79
N VAL P 28 45.58 27.82 -5.03
CA VAL P 28 45.29 27.34 -6.38
C VAL P 28 43.78 27.25 -6.58
N LYS P 29 43.33 27.65 -7.76
CA LYS P 29 41.92 27.56 -8.15
C LYS P 29 41.82 27.04 -9.58
N PRO P 30 41.30 25.83 -9.80
CA PRO P 30 41.19 25.30 -11.16
C PRO P 30 40.35 26.21 -12.06
N GLU P 31 40.52 26.02 -13.36
CA GLU P 31 40.02 26.98 -14.34
C GLU P 31 38.49 27.07 -14.28
N ASN P 32 37.81 25.96 -14.53
CA ASN P 32 36.34 25.92 -14.63
C ASN P 32 35.67 25.66 -13.28
N THR P 33 36.22 26.26 -12.23
CA THR P 33 35.70 26.19 -10.88
C THR P 33 36.10 27.48 -10.19
N ASN P 34 35.45 27.73 -9.05
CA ASN P 34 35.92 28.71 -8.09
C ASN P 34 36.23 28.05 -6.76
N ARG P 35 36.28 26.72 -6.73
CA ARG P 35 36.85 25.99 -5.61
C ARG P 35 38.29 26.45 -5.42
N LEU P 36 38.57 27.05 -4.27
CA LEU P 36 39.92 27.46 -3.94
C LEU P 36 40.53 26.47 -2.95
N MET P 37 41.82 26.21 -3.11
CA MET P 37 42.48 25.19 -2.30
C MET P 37 43.93 25.58 -1.99
N GLN P 38 44.41 25.08 -0.86
CA GLN P 38 45.81 25.18 -0.46
C GLN P 38 46.55 23.94 -0.92
N VAL P 39 47.73 24.11 -1.51
CA VAL P 39 48.55 22.99 -1.97
C VAL P 39 50.01 23.26 -1.66
N TRP P 40 50.76 22.17 -1.52
CA TRP P 40 52.22 22.25 -1.45
C TRP P 40 52.77 22.06 -2.86
N CYS P 41 53.61 23.00 -3.30
CA CYS P 41 54.25 22.92 -4.60
C CYS P 41 55.68 22.43 -4.41
N ASP P 42 56.05 21.37 -5.11
CA ASP P 42 57.43 20.88 -5.10
C ASP P 42 58.12 21.49 -6.31
N GLN P 43 58.93 22.52 -6.07
CA GLN P 43 59.56 23.27 -7.15
C GLN P 43 61.00 22.82 -7.41
N ARG P 44 61.40 21.63 -6.93
CA ARG P 44 62.80 21.22 -7.06
C ARG P 44 63.00 19.80 -7.61
N HIS P 45 62.01 18.91 -7.57
CA HIS P 45 62.10 17.68 -8.37
C HIS P 45 61.94 18.04 -9.85
N ASP P 46 62.85 17.56 -10.69
CA ASP P 46 62.81 17.94 -12.09
C ASP P 46 61.42 17.65 -12.68
N PRO P 47 60.84 18.56 -13.48
CA PRO P 47 61.38 19.86 -13.89
C PRO P 47 60.78 21.02 -13.10
N GLY P 48 60.31 20.74 -11.89
CA GLY P 48 59.64 21.73 -11.07
C GLY P 48 58.19 21.87 -11.45
N GLY P 49 57.48 22.67 -10.65
CA GLY P 49 56.07 22.92 -10.90
C GLY P 49 55.15 21.77 -10.54
N TRP P 50 55.56 20.92 -9.61
CA TRP P 50 54.77 19.77 -9.19
C TRP P 50 53.79 20.21 -8.11
N THR P 51 52.52 19.87 -8.29
CA THR P 51 51.52 20.08 -7.24
C THR P 51 51.32 18.77 -6.47
N VAL P 52 51.60 18.80 -5.18
CA VAL P 52 51.50 17.61 -4.35
C VAL P 52 50.03 17.36 -4.01
N ILE P 53 49.57 16.13 -4.28
CA ILE P 53 48.21 15.73 -3.94
C ILE P 53 48.16 14.75 -2.79
N GLN P 54 49.30 14.17 -2.40
CA GLN P 54 49.33 13.20 -1.31
C GLN P 54 50.76 13.10 -0.81
N ARG P 55 50.93 12.92 0.50
CA ARG P 55 52.26 12.80 1.06
C ARG P 55 52.21 12.06 2.39
N ARG P 56 53.12 11.09 2.54
CA ARG P 56 53.34 10.36 3.77
C ARG P 56 54.78 10.58 4.21
N LEU P 57 54.99 10.79 5.50
CA LEU P 57 56.36 11.01 5.97
C LEU P 57 56.63 10.50 7.38
N ASP P 58 55.62 10.54 8.27
CA ASP P 58 55.91 10.30 9.67
C ASP P 58 54.77 9.66 10.45
N GLY P 59 53.70 9.23 9.81
CA GLY P 59 52.60 8.60 10.53
C GLY P 59 51.85 9.53 11.45
N SER P 60 52.02 10.84 11.30
CA SER P 60 51.33 11.78 12.17
C SER P 60 49.84 11.87 11.86
N VAL P 61 49.41 11.52 10.66
CA VAL P 61 48.05 11.76 10.20
C VAL P 61 47.36 10.42 9.95
N ASN P 62 46.08 10.35 10.32
CA ASN P 62 45.27 9.16 10.17
C ASN P 62 44.65 9.15 8.78
N PHE P 63 44.97 8.12 7.99
CA PHE P 63 44.45 7.99 6.64
C PHE P 63 43.33 6.96 6.53
N PHE P 64 42.91 6.36 7.64
CA PHE P 64 41.79 5.42 7.65
C PHE P 64 40.50 6.23 7.81
N ARG P 65 40.08 6.88 6.72
CA ARG P 65 39.06 7.92 6.77
C ARG P 65 37.90 7.60 5.85
N ASN P 66 36.76 8.26 6.10
CA ASN P 66 35.53 7.94 5.39
C ASN P 66 35.44 8.72 4.07
N TRP P 67 34.35 8.50 3.34
CA TRP P 67 34.21 9.05 2.00
C TRP P 67 34.24 10.57 2.01
N GLU P 68 33.42 11.19 2.85
CA GLU P 68 33.35 12.65 2.87
C GLU P 68 34.71 13.26 3.19
N THR P 69 35.46 12.64 4.10
CA THR P 69 36.79 13.14 4.43
C THR P 69 37.74 13.01 3.24
N TYR P 70 37.70 11.86 2.55
CA TYR P 70 38.55 11.71 1.37
C TYR P 70 38.07 12.60 0.23
N LYS P 71 36.78 12.92 0.18
CA LYS P 71 36.30 13.83 -0.86
C LYS P 71 36.84 15.23 -0.65
N GLN P 72 36.87 15.71 0.59
CA GLN P 72 37.22 17.09 0.87
C GLN P 72 38.71 17.31 1.11
N GLY P 73 39.40 16.32 1.64
CA GLY P 73 40.80 16.45 1.97
C GLY P 73 41.02 16.48 3.47
N PHE P 74 42.26 16.20 3.87
CA PHE P 74 42.60 16.15 5.28
C PHE P 74 44.11 16.13 5.46
N GLY P 75 44.53 16.44 6.67
CA GLY P 75 45.92 16.39 7.05
C GLY P 75 46.54 17.76 7.22
N ASN P 76 47.87 17.80 7.14
CA ASN P 76 48.65 19.02 7.29
C ASN P 76 49.35 19.31 5.98
N ILE P 77 48.98 20.41 5.33
CA ILE P 77 49.70 20.88 4.15
C ILE P 77 51.19 20.98 4.44
N ASP P 78 51.54 21.18 5.71
CA ASP P 78 52.86 21.22 6.29
C ASP P 78 53.57 19.88 6.33
N GLY P 79 52.84 18.80 6.12
CA GLY P 79 53.34 17.48 6.44
C GLY P 79 52.61 16.44 5.62
N GLU P 80 51.98 15.48 6.29
CA GLU P 80 51.21 14.46 5.58
C GLU P 80 49.81 14.98 5.27
N TYR P 81 49.34 14.71 4.05
CA TYR P 81 47.98 15.12 3.73
C TYR P 81 47.46 14.39 2.50
N TRP P 82 46.15 14.49 2.33
CA TRP P 82 45.44 14.07 1.13
C TRP P 82 44.64 15.27 0.63
N LEU P 83 44.87 15.66 -0.62
CA LEU P 83 44.34 16.94 -1.09
C LEU P 83 42.82 16.92 -1.22
N GLY P 84 42.22 15.75 -1.43
CA GLY P 84 40.79 15.66 -1.58
C GLY P 84 40.35 15.30 -2.98
N LEU P 85 39.44 14.32 -3.10
CA LEU P 85 39.06 13.83 -4.41
C LEU P 85 38.41 14.91 -5.27
N GLU P 86 37.59 15.76 -4.66
CA GLU P 86 36.92 16.82 -5.43
C GLU P 86 37.94 17.81 -5.99
N ASN P 87 38.87 18.26 -5.15
CA ASN P 87 39.96 19.11 -5.63
C ASN P 87 40.73 18.43 -6.77
N ILE P 88 41.11 17.17 -6.58
CA ILE P 88 41.90 16.46 -7.58
C ILE P 88 41.10 16.29 -8.87
N TYR P 89 39.79 16.10 -8.77
CA TYR P 89 38.98 16.01 -9.97
C TYR P 89 39.14 17.28 -10.81
N TRP P 90 39.01 18.44 -10.17
CA TRP P 90 39.02 19.70 -10.90
C TRP P 90 40.41 20.03 -11.44
N LEU P 91 41.45 19.66 -10.71
CA LEU P 91 42.80 19.87 -11.22
C LEU P 91 43.06 19.02 -12.45
N THR P 92 42.76 17.72 -12.36
CA THR P 92 43.14 16.82 -13.44
C THR P 92 42.22 16.88 -14.65
N ASN P 93 41.14 17.65 -14.61
CA ASN P 93 40.24 17.76 -15.75
C ASN P 93 40.29 19.12 -16.43
N GLN P 94 41.16 20.02 -15.97
CA GLN P 94 41.41 21.28 -16.67
C GLN P 94 42.52 21.14 -17.72
N GLY P 95 43.08 19.95 -17.87
CA GLY P 95 44.16 19.70 -18.81
C GLY P 95 44.71 18.31 -18.58
N ASN P 96 45.63 17.92 -19.45
CA ASN P 96 46.27 16.62 -19.29
C ASN P 96 47.42 16.74 -18.30
N TYR P 97 47.36 15.95 -17.23
CA TYR P 97 48.37 15.97 -16.18
C TYR P 97 49.07 14.62 -16.12
N LYS P 98 50.37 14.65 -15.86
CA LYS P 98 51.14 13.46 -15.52
C LYS P 98 51.19 13.32 -14.00
N LEU P 99 51.50 12.12 -13.55
CA LEU P 99 51.63 11.81 -12.13
C LEU P 99 53.02 11.24 -11.86
N LEU P 100 53.69 11.79 -10.86
CA LEU P 100 54.96 11.29 -10.37
C LEU P 100 54.78 10.83 -8.92
N VAL P 101 55.09 9.56 -8.68
CA VAL P 101 55.06 8.98 -7.34
C VAL P 101 56.51 8.70 -6.94
N THR P 102 56.99 9.39 -5.91
CA THR P 102 58.32 9.14 -5.36
C THR P 102 58.19 8.35 -4.07
N MET P 103 59.10 7.40 -3.85
CA MET P 103 59.04 6.50 -2.72
C MET P 103 60.43 6.28 -2.15
N GLU P 104 60.52 6.29 -0.82
CA GLU P 104 61.76 6.04 -0.10
C GLU P 104 61.51 4.98 0.96
N ASP P 105 62.36 3.96 1.00
CA ASP P 105 62.24 2.92 2.01
C ASP P 105 62.98 3.37 3.27
N TRP P 106 63.07 2.50 4.26
CA TRP P 106 63.69 2.84 5.55
C TRP P 106 65.20 2.71 5.54
N SER P 107 65.79 2.26 4.43
CA SER P 107 67.23 2.25 4.25
C SER P 107 67.71 3.33 3.30
N GLY P 108 66.87 4.30 2.96
CA GLY P 108 67.28 5.42 2.15
C GLY P 108 67.21 5.21 0.65
N ARG P 109 66.84 4.02 0.18
CA ARG P 109 66.75 3.77 -1.25
C ARG P 109 65.51 4.46 -1.80
N LYS P 110 65.68 5.23 -2.88
CA LYS P 110 64.61 6.02 -3.48
C LYS P 110 64.28 5.50 -4.87
N VAL P 111 62.98 5.39 -5.16
CA VAL P 111 62.50 4.97 -6.46
C VAL P 111 61.30 5.83 -6.83
N PHE P 112 60.82 5.66 -8.06
CA PHE P 112 59.70 6.45 -8.53
C PHE P 112 58.90 5.67 -9.57
N ALA P 113 57.65 6.09 -9.75
CA ALA P 113 56.77 5.63 -10.82
C ALA P 113 56.13 6.85 -11.45
N GLU P 114 56.11 6.90 -12.78
CA GLU P 114 55.59 8.05 -13.52
C GLU P 114 54.54 7.57 -14.51
N TYR P 115 53.47 8.36 -14.67
CA TYR P 115 52.31 8.01 -15.48
C TYR P 115 51.99 9.19 -16.37
N ALA P 116 51.94 8.94 -17.69
CA ALA P 116 51.85 10.04 -18.65
C ALA P 116 50.53 10.79 -18.53
N SER P 117 49.49 10.13 -18.05
CA SER P 117 48.18 10.74 -17.84
C SER P 117 47.64 10.29 -16.50
N PHE P 118 46.99 11.21 -15.79
CA PHE P 118 46.37 10.92 -14.50
C PHE P 118 45.13 11.80 -14.40
N ARG P 119 43.95 11.16 -14.38
CA ARG P 119 42.69 11.89 -14.34
C ARG P 119 41.67 11.10 -13.53
N LEU P 120 40.79 11.83 -12.85
CA LEU P 120 39.68 11.25 -12.10
C LEU P 120 38.35 11.62 -12.76
N GLU P 121 37.47 10.64 -12.92
CA GLU P 121 36.10 10.90 -13.34
C GLU P 121 35.35 11.55 -12.17
N PRO P 122 34.11 11.99 -12.38
CA PRO P 122 33.41 12.74 -11.33
C PRO P 122 32.93 11.83 -10.21
N GLU P 123 32.48 12.46 -9.13
CA GLU P 123 31.90 11.70 -8.02
C GLU P 123 30.73 10.84 -8.51
N SER P 124 29.99 11.32 -9.51
CA SER P 124 28.94 10.51 -10.13
C SER P 124 29.47 9.17 -10.61
N GLU P 125 30.75 9.12 -10.97
CA GLU P 125 31.44 7.89 -11.35
C GLU P 125 32.36 7.41 -10.25
N TYR P 126 32.17 7.91 -9.02
CA TYR P 126 32.94 7.48 -7.86
C TYR P 126 34.43 7.72 -8.07
N TYR P 127 34.74 8.83 -8.73
CA TYR P 127 36.11 9.27 -8.93
C TYR P 127 36.95 8.17 -9.57
N LYS P 128 36.41 7.54 -10.60
CA LYS P 128 37.12 6.49 -11.31
C LYS P 128 38.48 6.99 -11.76
N LEU P 129 39.49 6.13 -11.63
CA LEU P 129 40.85 6.48 -12.02
C LEU P 129 41.08 6.17 -13.49
N ARG P 130 41.65 7.15 -14.19
CA ARG P 130 42.09 7.00 -15.58
C ARG P 130 43.59 7.25 -15.61
N LEU P 131 44.37 6.22 -15.90
CA LEU P 131 45.82 6.31 -15.85
C LEU P 131 46.43 6.06 -17.22
N GLY P 132 47.53 6.75 -17.51
CA GLY P 132 48.23 6.63 -18.76
C GLY P 132 49.43 5.70 -18.68
N ARG P 133 50.33 5.85 -19.65
CA ARG P 133 51.46 4.95 -19.80
C ARG P 133 52.46 5.14 -18.67
N TYR P 134 53.02 4.03 -18.20
CA TYR P 134 53.94 4.01 -17.07
C TYR P 134 55.39 4.01 -17.53
N HIS P 135 56.22 4.73 -16.77
CA HIS P 135 57.66 4.60 -16.78
C HIS P 135 58.15 4.76 -15.35
N GLY P 136 59.12 3.93 -14.94
CA GLY P 136 59.68 4.10 -13.60
C GLY P 136 60.72 3.05 -13.30
N ASN P 137 61.35 3.21 -12.14
CA ASN P 137 62.27 2.20 -11.62
C ASN P 137 61.75 1.55 -10.36
N ALA P 138 60.53 1.90 -9.95
CA ALA P 138 59.89 1.26 -8.80
C ALA P 138 59.14 -0.01 -9.17
N GLY P 139 58.85 -0.21 -10.45
CA GLY P 139 57.87 -1.21 -10.87
C GLY P 139 56.47 -0.62 -10.90
N ASP P 140 55.65 -1.13 -11.82
CA ASP P 140 54.33 -0.55 -12.04
C ASP P 140 53.30 -1.27 -11.19
N SER P 141 53.09 -0.76 -9.96
CA SER P 141 52.09 -1.32 -9.06
C SER P 141 50.85 -0.43 -8.94
N PHE P 142 50.57 0.39 -9.96
CA PHE P 142 49.40 1.26 -9.99
C PHE P 142 48.51 1.05 -11.20
N THR P 143 49.03 0.53 -12.32
CA THR P 143 48.21 0.41 -13.52
C THR P 143 47.07 -0.57 -13.34
N TRP P 144 47.23 -1.56 -12.47
CA TRP P 144 46.14 -2.50 -12.16
C TRP P 144 44.93 -1.80 -11.56
N HIS P 145 45.11 -0.59 -11.04
CA HIS P 145 44.03 0.19 -10.47
C HIS P 145 43.37 1.10 -11.49
N ASN P 146 43.90 1.15 -12.71
CA ASN P 146 43.29 1.95 -13.76
C ASN P 146 41.85 1.50 -14.00
N GLY P 147 40.97 2.48 -14.15
CA GLY P 147 39.58 2.19 -14.42
C GLY P 147 38.78 1.69 -13.23
N LYS P 148 39.34 1.70 -12.03
CA LYS P 148 38.60 1.31 -10.86
C LYS P 148 38.10 2.54 -10.12
N GLN P 149 36.94 2.40 -9.49
CA GLN P 149 36.38 3.49 -8.71
C GLN P 149 37.07 3.55 -7.35
N PHE P 150 36.90 4.69 -6.69
CA PHE P 150 37.45 4.92 -5.36
C PHE P 150 36.56 4.28 -4.31
N THR P 151 37.18 3.70 -3.30
CA THR P 151 36.48 2.98 -2.24
C THR P 151 37.01 3.43 -0.88
N THR P 152 36.08 3.60 0.07
CA THR P 152 36.43 3.95 1.44
C THR P 152 35.73 2.96 2.37
N LEU P 153 36.05 3.07 3.67
CA LEU P 153 35.55 2.11 4.63
C LEU P 153 34.02 2.11 4.69
N ASP P 154 33.39 3.22 4.31
CA ASP P 154 31.93 3.32 4.33
C ASP P 154 31.31 3.29 2.93
N ARG P 155 32.11 3.16 1.87
CA ARG P 155 31.57 3.13 0.51
C ARG P 155 32.36 2.10 -0.30
N ASP P 156 31.75 0.92 -0.49
CA ASP P 156 32.37 -0.19 -1.20
C ASP P 156 32.06 -0.05 -2.69
N HIS P 157 33.09 0.28 -3.49
CA HIS P 157 32.93 0.37 -4.93
C HIS P 157 33.94 -0.49 -5.68
N ASP P 158 34.56 -1.46 -5.03
CA ASP P 158 35.53 -2.32 -5.69
C ASP P 158 34.85 -3.58 -6.22
N VAL P 159 35.64 -4.47 -6.81
CA VAL P 159 35.13 -5.71 -7.38
C VAL P 159 35.48 -6.91 -6.50
N TYR P 160 35.82 -6.65 -5.25
CA TYR P 160 35.99 -7.68 -4.23
C TYR P 160 34.65 -7.93 -3.56
N THR P 161 34.43 -9.17 -3.14
CA THR P 161 33.17 -9.47 -2.45
C THR P 161 33.08 -8.72 -1.13
N GLY P 162 34.21 -8.47 -0.49
CA GLY P 162 34.25 -7.60 0.68
C GLY P 162 34.53 -6.16 0.30
N ASN P 163 34.82 -5.36 1.32
CA ASN P 163 35.24 -3.97 1.16
C ASN P 163 36.75 -3.93 1.38
N CYS P 164 37.51 -3.69 0.30
CA CYS P 164 38.96 -3.72 0.40
C CYS P 164 39.47 -2.74 1.44
N ALA P 165 38.79 -1.61 1.60
CA ALA P 165 39.23 -0.60 2.55
C ALA P 165 39.18 -1.10 3.98
N HIS P 166 38.26 -2.02 4.27
CA HIS P 166 38.20 -2.62 5.59
C HIS P 166 39.50 -3.35 5.92
N TYR P 167 40.15 -3.91 4.91
CA TYR P 167 41.36 -4.70 5.12
C TYR P 167 42.63 -3.92 4.90
N GLN P 168 42.68 -3.07 3.88
CA GLN P 168 43.87 -2.31 3.54
C GLN P 168 43.87 -0.93 4.16
N LYS P 169 42.74 -0.48 4.70
CA LYS P 169 42.63 0.63 5.64
C LYS P 169 42.90 1.99 5.02
N GLY P 170 42.80 2.11 3.70
CA GLY P 170 42.94 3.39 3.03
C GLY P 170 41.67 3.79 2.30
N GLY P 171 41.72 4.99 1.74
CA GLY P 171 40.89 5.35 0.59
C GLY P 171 41.72 5.16 -0.66
N TRP P 172 41.19 4.39 -1.61
CA TRP P 172 41.99 4.02 -2.78
C TRP P 172 41.08 3.46 -3.87
N TRP P 173 41.64 3.38 -5.08
CA TRP P 173 40.96 2.77 -6.23
C TRP P 173 41.17 1.24 -6.19
N TYR P 174 40.65 0.63 -5.13
CA TYR P 174 40.88 -0.78 -4.88
C TYR P 174 40.29 -1.63 -6.00
N ASN P 175 40.98 -2.73 -6.30
CA ASN P 175 40.56 -3.67 -7.31
C ASN P 175 40.10 -4.93 -6.56
N ALA P 176 40.94 -5.95 -6.42
CA ALA P 176 40.62 -7.09 -5.56
C ALA P 176 41.91 -7.71 -5.02
N CYS P 177 42.69 -6.97 -4.23
CA CYS P 177 42.34 -5.62 -3.81
C CYS P 177 43.37 -4.55 -4.22
N ALA P 178 44.67 -4.85 -4.12
CA ALA P 178 45.63 -3.81 -4.43
C ALA P 178 47.03 -4.34 -4.74
N HIS P 179 47.69 -3.62 -5.65
CA HIS P 179 49.13 -3.70 -5.86
C HIS P 179 49.88 -2.57 -5.16
N SER P 180 49.19 -1.45 -4.89
CA SER P 180 49.74 -0.30 -4.18
C SER P 180 48.72 0.14 -3.14
N ASN P 181 49.22 0.67 -2.04
CA ASN P 181 48.35 1.07 -0.93
C ASN P 181 48.92 2.28 -0.20
N LEU P 182 49.14 3.37 -0.94
CA LEU P 182 49.90 4.48 -0.39
C LEU P 182 49.14 5.28 0.67
N ASN P 183 47.82 5.13 0.73
CA ASN P 183 47.02 5.73 1.79
C ASN P 183 46.82 4.81 2.98
N GLY P 184 47.61 3.74 3.06
CA GLY P 184 47.48 2.74 4.11
C GLY P 184 48.11 3.17 5.42
N VAL P 185 48.37 2.17 6.26
CA VAL P 185 48.89 2.42 7.61
C VAL P 185 50.40 2.56 7.56
N TRP P 186 50.90 3.65 8.16
CA TRP P 186 52.33 3.92 8.21
C TRP P 186 52.95 3.18 9.40
N TYR P 187 53.83 2.23 9.11
CA TYR P 187 54.50 1.43 10.13
C TYR P 187 55.93 1.90 10.28
N ARG P 188 56.38 2.05 11.53
CA ARG P 188 57.77 2.42 11.78
C ARG P 188 58.69 1.26 11.41
N GLY P 189 59.76 1.56 10.69
CA GLY P 189 60.77 0.58 10.37
C GLY P 189 60.55 -0.22 9.12
N GLY P 190 59.46 0.01 8.40
CA GLY P 190 59.22 -0.68 7.15
C GLY P 190 58.58 -2.03 7.32
N HIS P 191 59.38 -3.03 7.68
CA HIS P 191 58.86 -4.38 7.85
C HIS P 191 57.76 -4.39 8.91
N TYR P 192 56.69 -5.11 8.62
CA TYR P 192 55.58 -5.25 9.55
C TYR P 192 54.91 -6.60 9.31
N ARG P 193 54.28 -7.12 10.35
CA ARG P 193 53.51 -8.35 10.29
C ARG P 193 52.11 -8.03 10.80
N SER P 194 51.12 -8.23 9.95
CA SER P 194 49.75 -7.93 10.31
C SER P 194 48.84 -8.95 9.62
N ARG P 195 47.63 -9.08 10.15
CA ARG P 195 46.70 -10.06 9.57
C ARG P 195 46.55 -9.82 8.07
N TYR P 196 46.49 -8.56 7.66
CA TYR P 196 46.35 -8.19 6.26
C TYR P 196 47.44 -7.21 5.89
N GLN P 197 47.72 -7.14 4.59
CA GLN P 197 48.69 -6.19 4.04
C GLN P 197 48.00 -4.85 3.94
N ASP P 198 48.19 -4.01 4.96
CA ASP P 198 47.51 -2.73 5.05
C ASP P 198 48.48 -1.58 5.26
N GLY P 199 49.78 -1.80 5.08
CA GLY P 199 50.75 -0.75 5.18
C GLY P 199 50.82 0.10 3.93
N VAL P 200 51.69 1.11 4.00
CA VAL P 200 51.92 2.02 2.87
C VAL P 200 52.88 1.33 1.91
N TYR P 201 52.36 0.40 1.11
CA TYR P 201 53.22 -0.46 0.31
C TYR P 201 53.04 -0.20 -1.18
N TRP P 202 54.05 -0.65 -1.92
CA TRP P 202 54.11 -0.57 -3.38
C TRP P 202 54.71 -1.91 -3.77
N ALA P 203 53.88 -2.84 -4.23
CA ALA P 203 54.25 -4.25 -4.23
C ALA P 203 55.53 -4.49 -5.03
N GLU P 204 55.65 -3.87 -6.20
CA GLU P 204 56.82 -4.15 -7.04
C GLU P 204 58.10 -3.54 -6.48
N PHE P 205 58.01 -2.68 -5.45
CA PHE P 205 59.22 -2.08 -4.89
C PHE P 205 59.73 -2.90 -3.70
N ARG P 206 58.94 -2.99 -2.63
CA ARG P 206 59.37 -3.71 -1.45
C ARG P 206 58.35 -4.75 -0.97
N GLY P 207 57.30 -4.99 -1.76
CA GLY P 207 56.33 -6.01 -1.42
C GLY P 207 55.21 -5.50 -0.52
N GLY P 208 54.20 -6.35 -0.35
CA GLY P 208 52.99 -5.99 0.35
C GLY P 208 53.13 -5.90 1.85
N SER P 209 54.24 -6.36 2.42
CA SER P 209 54.44 -6.34 3.86
C SER P 209 55.62 -5.48 4.26
N TYR P 210 55.82 -4.38 3.53
CA TYR P 210 56.84 -3.38 3.84
C TYR P 210 56.23 -2.00 3.68
N SER P 211 56.27 -1.21 4.75
CA SER P 211 55.68 0.13 4.78
C SER P 211 56.74 1.16 4.41
N LEU P 212 56.45 1.98 3.41
CA LEU P 212 57.41 2.97 2.93
C LEU P 212 57.49 4.16 3.88
N LYS P 213 58.71 4.68 4.06
CA LYS P 213 58.95 5.76 5.00
C LYS P 213 58.44 7.09 4.48
N LYS P 214 58.69 7.40 3.21
CA LYS P 214 58.28 8.66 2.62
C LYS P 214 57.69 8.40 1.25
N VAL P 215 56.51 8.97 1.02
CA VAL P 215 55.79 8.84 -0.23
C VAL P 215 55.24 10.21 -0.60
N VAL P 216 55.30 10.53 -1.88
CA VAL P 216 54.70 11.76 -2.39
C VAL P 216 54.05 11.43 -3.73
N MET P 217 52.79 11.82 -3.87
CA MET P 217 52.10 11.82 -5.16
C MET P 217 51.99 13.26 -5.61
N MET P 218 52.50 13.57 -6.80
CA MET P 218 52.53 14.92 -7.32
C MET P 218 52.17 14.88 -8.80
N ILE P 219 51.52 15.95 -9.26
CA ILE P 219 51.06 16.05 -10.64
C ILE P 219 51.56 17.34 -11.26
N ARG P 220 51.51 17.39 -12.59
CA ARG P 220 52.08 18.46 -13.37
C ARG P 220 51.49 18.43 -14.77
N PRO P 221 51.26 19.58 -15.40
CA PRO P 221 50.76 19.57 -16.78
C PRO P 221 51.70 18.80 -17.69
N ASN P 222 51.12 17.97 -18.55
CA ASN P 222 51.86 17.22 -19.57
C ASN P 222 51.19 17.46 -20.91
N PRO P 223 51.37 18.64 -21.51
CA PRO P 223 50.86 18.89 -22.86
C PRO P 223 51.69 18.19 -23.94
CA CA Q . 6.89 -12.00 6.85
CA CA R . -29.10 -33.08 -11.85
CA CA S . -48.61 9.33 -43.73
CA CA T . 1.19 -20.26 -5.08
C1 EDO U . 46.59 1.49 13.90
O1 EDO U . 46.91 0.22 14.51
C2 EDO U . 45.69 1.27 12.69
O2 EDO U . 44.43 0.71 13.10
H11 EDO U . 47.52 1.98 13.59
H12 EDO U . 46.09 2.12 14.62
HO1 EDO U . 47.48 0.37 15.28
H21 EDO U . 46.17 0.61 11.98
H22 EDO U . 45.52 2.24 12.19
HO2 EDO U . 43.87 0.59 12.32
CA CA V . 3.27 -3.98 24.13
CA CA W . -52.11 -10.00 -17.38
C TRS X . -36.98 -24.16 26.57
C1 TRS X . -38.46 -23.82 26.71
C2 TRS X . -36.64 -23.01 25.60
C3 TRS X . -36.42 -23.50 27.81
N TRS X . -36.43 -25.64 26.61
O1 TRS X . -39.40 -24.81 26.43
O2 TRS X . -35.28 -22.85 25.28
O3 TRS X . -36.96 -24.14 28.94
H11 TRS X . -38.66 -22.99 26.05
H12 TRS X . -38.62 -23.49 27.73
H21 TRS X . -37.00 -22.08 26.03
H22 TRS X . -37.18 -23.18 24.67
H31 TRS X . -36.66 -22.44 27.82
H32 TRS X . -35.33 -23.60 27.82
HN1 TRS X . -36.70 -26.27 27.36
HN2 TRS X . -35.43 -25.82 26.66
HN3 TRS X . -36.64 -26.28 25.84
HO1 TRS X . -40.31 -24.45 26.56
HO2 TRS X . -35.18 -22.09 24.66
HO3 TRS X . -36.70 -23.64 29.75
CA CA Y . 1.49 -8.04 39.13
C TRS Z . -20.50 -9.61 -34.57
C1 TRS Z . -19.92 -8.24 -34.17
C2 TRS Z . -20.43 -9.46 -36.10
C3 TRS Z . -19.37 -10.61 -34.31
N TRS Z . -21.83 -9.94 -33.76
O1 TRS Z . -19.15 -8.28 -32.98
O2 TRS Z . -20.20 -10.64 -36.85
O3 TRS Z . -18.84 -11.25 -35.47
H11 TRS Z . -20.75 -7.54 -34.03
H12 TRS Z . -19.30 -7.88 -34.98
H21 TRS Z . -19.62 -8.77 -36.32
H22 TRS Z . -21.36 -9.01 -36.44
H31 TRS Z . -19.74 -11.37 -33.63
H32 TRS Z . -18.55 -10.07 -33.82
HN1 TRS Z . -22.08 -9.38 -32.96
HN2 TRS Z . -21.95 -10.85 -33.33
HN3 TRS Z . -22.72 -9.90 -34.23
HO1 TRS Z . -18.81 -7.39 -32.79
HO2 TRS Z . -20.17 -10.42 -37.80
HO3 TRS Z . -19.55 -11.78 -35.90
CA CA AA . -13.87 -32.14 -8.70
C1 EDO BA . -31.45 52.48 -36.34
O1 EDO BA . -32.15 52.70 -37.58
C2 EDO BA . -32.45 52.45 -35.17
O2 EDO BA . -31.70 52.29 -33.96
H11 EDO BA . -30.73 53.29 -36.18
H12 EDO BA . -30.91 51.55 -36.39
HO1 EDO BA . -31.51 52.73 -38.31
H21 EDO BA . -33.13 51.62 -35.30
H22 EDO BA . -33.02 53.38 -35.13
HO2 EDO BA . -32.32 52.18 -33.22
CA CA CA . -43.63 52.75 -16.23
CA CA DA . 17.27 -12.76 -24.69
CA CA EA . -17.30 39.45 38.12
CA CA FA . 52.11 -11.90 -17.89
CA CA GA . 12.39 41.32 49.95
CA CA HA . 33.19 4.29 -33.88
CA CA IA . -5.01 21.71 26.32
CA CA JA . 33.38 -4.97 -2.68
#